data_3TOS
#
_entry.id   3TOS
#
_cell.length_a   78.321
_cell.length_b   106.080
_cell.length_c   106.330
_cell.angle_alpha   68.69
_cell.angle_beta   69.63
_cell.angle_gamma   88.56
#
_symmetry.space_group_name_H-M   'P 1'
#
loop_
_entity.id
_entity.type
_entity.pdbx_description
1 polymer CalS11
2 non-polymer S-ADENOSYL-L-HOMOCYSTEINE
3 non-polymer 'GLUTAMIC ACID'
4 non-polymer 'SODIUM ION'
5 non-polymer 1,2-ETHANEDIOL
6 water water
#
_entity_poly.entity_id   1
_entity_poly.type   'polypeptide(L)'
_entity_poly.pdbx_seq_one_letter_code
;SDSGDGQDLRAFVHDSPEETETTQRLTKLLTNSPIPTEELVNNLPLFLRRHQ(MSE)TDLLS(MSE)DALYRQVLDVPGV
I(MSE)EFGVRFGRHLGTFAALRGVYEPYNPLRRIVGFDTFTGFPDVNDVDRVGPTAYQGRFAVPGGYPAYLKEVLDAHE
CSDFFGHVTQRSVLVEGDVRETVPRYLAENPQTVIALAYFDLDLYEPTKAVLEAIRPYLTKGSIVAFDELDNPKWPGENI
A(MSE)RKVLGLDHAPLRLLPGRPAPAYLRWGD
;
_entity_poly.pdbx_strand_id   A,B,C,D,E,F,G,H,I,J
#
loop_
_chem_comp.id
_chem_comp.type
_chem_comp.name
_chem_comp.formula
EDO non-polymer 1,2-ETHANEDIOL 'C2 H6 O2'
NA non-polymer 'SODIUM ION' 'Na 1'
SAH non-polymer S-ADENOSYL-L-HOMOCYSTEINE 'C14 H20 N6 O5 S'
#
# COMPACT_ATOMS: atom_id res chain seq x y z
N GLN A 7 -18.71 27.28 41.65
CA GLN A 7 -18.58 26.52 40.40
C GLN A 7 -19.02 27.31 39.15
N ASP A 8 -18.11 27.42 38.18
CA ASP A 8 -18.46 27.97 36.87
C ASP A 8 -19.15 26.93 35.96
N LEU A 9 -20.48 27.04 35.83
CA LEU A 9 -21.20 26.15 34.92
C LEU A 9 -20.77 26.34 33.47
N ARG A 10 -20.13 27.45 33.17
CA ARG A 10 -19.69 27.69 31.76
C ARG A 10 -18.51 26.82 31.35
N ALA A 11 -17.86 26.18 32.31
CA ALA A 11 -16.75 25.26 32.01
C ALA A 11 -17.22 23.88 31.60
N PHE A 12 -18.54 23.62 31.70
CA PHE A 12 -19.10 22.40 31.17
C PHE A 12 -19.55 22.70 29.72
N VAL A 13 -19.52 21.66 28.88
CA VAL A 13 -20.04 21.81 27.52
C VAL A 13 -21.51 22.25 27.58
N HIS A 14 -21.86 23.26 26.83
CA HIS A 14 -23.22 23.73 26.76
C HIS A 14 -23.47 24.41 25.40
N ASP A 15 -24.75 24.50 25.02
CA ASP A 15 -25.08 25.09 23.73
C ASP A 15 -24.80 26.58 23.67
N SER A 16 -24.23 27.03 22.56
CA SER A 16 -24.12 28.46 22.29
C SER A 16 -25.50 29.02 22.00
N PRO A 17 -25.64 30.36 22.11
CA PRO A 17 -26.94 30.93 21.76
C PRO A 17 -27.36 30.56 20.35
N GLU A 18 -26.38 30.45 19.44
CA GLU A 18 -26.71 30.13 18.01
C GLU A 18 -27.13 28.72 17.86
N GLU A 19 -26.54 27.79 18.60
CA GLU A 19 -26.97 26.37 18.60
C GLU A 19 -28.42 26.27 19.11
N THR A 20 -28.68 27.00 20.19
CA THR A 20 -30.03 27.03 20.71
C THR A 20 -30.99 27.63 19.67
N GLU A 21 -30.58 28.70 19.01
CA GLU A 21 -31.44 29.29 17.94
C GLU A 21 -31.71 28.36 16.79
N THR A 22 -30.67 27.68 16.30
CA THR A 22 -30.90 26.71 15.21
C THR A 22 -31.90 25.62 15.65
N THR A 23 -31.68 25.07 16.84
CA THR A 23 -32.53 24.02 17.36
C THR A 23 -34.00 24.50 17.49
N GLN A 24 -34.22 25.66 18.10
CA GLN A 24 -35.58 26.16 18.24
C GLN A 24 -36.21 26.48 16.92
N ARG A 25 -35.46 27.08 15.98
CA ARG A 25 -36.03 27.39 14.66
C ARG A 25 -36.43 26.10 13.92
N LEU A 26 -35.52 25.12 13.89
CA LEU A 26 -35.85 23.85 13.20
C LEU A 26 -37.03 23.15 13.85
N THR A 27 -37.17 23.23 15.17
CA THR A 27 -38.34 22.65 15.81
C THR A 27 -39.61 23.31 15.32
N LYS A 28 -39.60 24.63 15.23
N LYS A 28 -39.61 24.63 15.23
CA LYS A 28 -40.77 25.39 14.77
CA LYS A 28 -40.78 25.38 14.76
C LYS A 28 -41.08 25.08 13.31
C LYS A 28 -41.09 25.04 13.32
N LEU A 29 -40.03 24.98 12.50
CA LEU A 29 -40.22 24.71 11.07
C LEU A 29 -40.69 23.27 10.82
N LEU A 30 -40.31 22.34 11.67
CA LEU A 30 -40.80 20.94 11.53
C LEU A 30 -42.26 20.86 11.96
N THR A 31 -42.61 21.53 13.07
CA THR A 31 -43.95 21.37 13.60
C THR A 31 -44.95 22.25 12.88
N ASN A 32 -44.47 23.20 12.10
CA ASN A 32 -45.34 24.09 11.30
C ASN A 32 -45.01 24.07 9.83
N SER A 33 -44.85 22.88 9.29
CA SER A 33 -44.28 22.71 7.95
C SER A 33 -45.39 22.70 6.87
N PRO A 34 -45.15 23.37 5.73
CA PRO A 34 -46.08 23.17 4.61
C PRO A 34 -45.84 21.89 3.81
N ILE A 35 -44.82 21.12 4.17
CA ILE A 35 -44.61 19.80 3.52
C ILE A 35 -45.84 18.94 3.87
N PRO A 36 -46.45 18.30 2.85
CA PRO A 36 -47.57 17.40 3.12
C PRO A 36 -47.19 16.37 4.18
N THR A 37 -48.11 16.03 5.09
CA THR A 37 -47.77 15.14 6.21
C THR A 37 -47.06 13.85 5.77
N GLU A 38 -47.54 13.22 4.71
CA GLU A 38 -46.98 11.93 4.23
C GLU A 38 -45.58 12.04 3.62
N GLU A 39 -45.09 13.26 3.41
CA GLU A 39 -43.74 13.49 2.86
C GLU A 39 -42.73 13.94 3.94
N LEU A 40 -43.18 14.22 5.17
CA LEU A 40 -42.21 14.63 6.23
C LEU A 40 -41.09 13.59 6.39
N VAL A 41 -41.45 12.31 6.45
CA VAL A 41 -40.44 11.27 6.69
C VAL A 41 -39.56 11.03 5.43
N ASN A 42 -39.84 11.73 4.33
CA ASN A 42 -38.94 11.68 3.16
C ASN A 42 -38.04 12.89 3.07
N ASN A 43 -38.11 13.76 4.08
CA ASN A 43 -37.36 15.02 4.09
C ASN A 43 -36.80 15.41 5.45
N LEU A 44 -36.55 14.42 6.30
CA LEU A 44 -36.05 14.69 7.63
C LEU A 44 -34.70 15.40 7.72
N PRO A 45 -33.81 15.20 6.74
CA PRO A 45 -32.55 15.94 6.81
C PRO A 45 -32.73 17.46 6.81
N LEU A 46 -33.87 17.96 6.35
CA LEU A 46 -34.11 19.40 6.49
C LEU A 46 -33.95 19.85 7.95
N PHE A 47 -34.26 18.95 8.88
CA PHE A 47 -34.38 19.34 10.30
C PHE A 47 -33.26 18.77 11.17
N LEU A 48 -32.30 18.10 10.51
CA LEU A 48 -31.23 17.38 11.15
C LEU A 48 -29.98 18.26 11.12
N ARG A 49 -29.71 18.95 12.22
CA ARG A 49 -28.62 19.93 12.25
C ARG A 49 -27.26 19.26 12.43
N ARG A 50 -26.21 20.04 12.18
CA ARG A 50 -24.82 19.56 12.30
C ARG A 50 -24.56 18.65 13.50
N HIS A 51 -24.91 19.13 14.69
CA HIS A 51 -24.56 18.38 15.88
C HIS A 51 -25.18 16.96 15.85
N GLN A 52 -26.44 16.86 15.41
CA GLN A 52 -27.12 15.56 15.37
C GLN A 52 -26.68 14.73 14.15
N MSE A 53 -26.41 15.40 13.03
CA MSE A 53 -25.84 14.67 11.87
C MSE A 53 -24.51 14.01 12.21
O MSE A 53 -24.23 12.91 11.76
CB MSE A 53 -25.65 15.65 10.70
CG MSE A 53 -24.86 15.07 9.49
SE MSE A 53 -25.81 13.63 8.61
CE MSE A 53 -26.76 14.72 7.36
N THR A 54 -23.73 14.69 13.03
CA THR A 54 -22.43 14.19 13.45
C THR A 54 -22.62 12.91 14.26
N ASP A 55 -23.60 12.92 15.17
CA ASP A 55 -23.92 11.73 15.92
C ASP A 55 -24.26 10.56 14.99
N LEU A 56 -25.10 10.83 13.99
CA LEU A 56 -25.51 9.78 13.06
C LEU A 56 -24.25 9.21 12.34
N LEU A 57 -23.39 10.09 11.84
CA LEU A 57 -22.23 9.65 11.09
C LEU A 57 -21.28 8.83 12.02
N SER A 58 -21.17 9.24 13.28
CA SER A 58 -20.40 8.44 14.21
C SER A 58 -20.96 7.06 14.48
N MSE A 59 -22.27 6.95 14.65
CA MSE A 59 -22.85 5.61 14.83
C MSE A 59 -22.61 4.72 13.59
O MSE A 59 -22.28 3.52 13.71
CB MSE A 59 -24.34 5.73 15.14
CG MSE A 59 -24.67 6.43 16.50
SE MSE A 59 -23.71 5.77 18.05
CE MSE A 59 -22.38 7.26 18.14
N ASP A 60 -22.73 5.35 12.40
CA ASP A 60 -22.43 4.65 11.15
C ASP A 60 -20.98 4.17 11.11
N ALA A 61 -20.04 5.03 11.53
CA ALA A 61 -18.62 4.65 11.55
C ALA A 61 -18.38 3.47 12.51
N LEU A 62 -18.98 3.49 13.72
CA LEU A 62 -18.82 2.36 14.61
C LEU A 62 -19.42 1.08 14.05
N TYR A 63 -20.62 1.17 13.51
CA TYR A 63 -21.24 0.00 12.96
C TYR A 63 -20.39 -0.56 11.81
N ARG A 64 -19.92 0.30 10.93
CA ARG A 64 -19.09 -0.18 9.82
C ARG A 64 -17.88 -0.98 10.27
N GLN A 65 -17.35 -0.67 11.45
CA GLN A 65 -16.19 -1.38 11.97
C GLN A 65 -16.48 -2.77 12.51
N VAL A 66 -17.76 -3.11 12.68
CA VAL A 66 -18.10 -4.46 13.17
C VAL A 66 -18.90 -5.28 12.16
N LEU A 67 -18.93 -4.81 10.91
CA LEU A 67 -19.62 -5.60 9.88
C LEU A 67 -19.00 -6.99 9.64
N ASP A 68 -17.72 -7.17 9.99
CA ASP A 68 -17.10 -8.51 9.88
C ASP A 68 -16.91 -9.14 11.28
N VAL A 69 -17.68 -8.68 12.27
CA VAL A 69 -17.56 -9.24 13.65
C VAL A 69 -18.93 -9.89 14.03
N PRO A 70 -18.94 -11.12 14.51
CA PRO A 70 -20.24 -11.70 14.86
C PRO A 70 -20.84 -11.05 16.10
N GLY A 71 -22.13 -11.26 16.32
CA GLY A 71 -22.68 -10.85 17.61
C GLY A 71 -23.68 -9.72 17.51
N VAL A 72 -23.99 -9.19 18.69
CA VAL A 72 -25.09 -8.24 18.79
C VAL A 72 -24.56 -6.82 19.09
N ILE A 73 -25.45 -5.85 18.94
CA ILE A 73 -25.22 -4.43 19.31
C ILE A 73 -25.97 -4.15 20.60
N MSE A 74 -25.29 -3.59 21.59
CA MSE A 74 -25.94 -3.22 22.84
C MSE A 74 -25.70 -1.74 23.11
O MSE A 74 -24.56 -1.25 22.93
CB MSE A 74 -25.35 -4.01 24.04
CG MSE A 74 -25.67 -5.51 23.98
SE MSE A 74 -25.02 -6.39 25.57
CE MSE A 74 -25.90 -8.02 25.18
N GLU A 75 -26.73 -1.05 23.55
CA GLU A 75 -26.56 0.31 24.09
C GLU A 75 -27.00 0.29 25.52
N PHE A 76 -26.14 0.80 26.40
CA PHE A 76 -26.47 0.99 27.79
C PHE A 76 -26.73 2.48 28.03
N GLY A 77 -28.02 2.82 28.16
CA GLY A 77 -28.49 4.21 28.30
C GLY A 77 -29.07 4.64 26.95
N VAL A 78 -30.41 4.52 26.85
CA VAL A 78 -31.17 4.67 25.59
C VAL A 78 -31.89 5.99 25.52
N ARG A 79 -32.43 6.43 26.66
CA ARG A 79 -33.30 7.62 26.70
C ARG A 79 -34.42 7.49 25.67
N PHE A 80 -34.55 8.39 24.69
CA PHE A 80 -35.69 8.30 23.74
C PHE A 80 -35.36 7.31 22.58
N GLY A 81 -34.10 6.86 22.51
CA GLY A 81 -33.74 5.83 21.54
C GLY A 81 -33.07 6.37 20.26
N ARG A 82 -32.54 7.59 20.29
CA ARG A 82 -31.79 8.14 19.14
C ARG A 82 -30.84 7.14 18.48
N HIS A 83 -29.99 6.50 19.28
CA HIS A 83 -29.03 5.58 18.71
C HIS A 83 -29.66 4.30 18.24
N LEU A 84 -30.73 3.84 18.89
CA LEU A 84 -31.37 2.57 18.47
C LEU A 84 -32.07 2.73 17.13
N GLY A 85 -32.71 3.86 16.91
CA GLY A 85 -33.32 4.20 15.62
C GLY A 85 -32.22 4.16 14.55
N THR A 86 -31.09 4.82 14.82
CA THR A 86 -29.99 4.84 13.86
C THR A 86 -29.52 3.41 13.55
N PHE A 87 -29.27 2.62 14.60
CA PHE A 87 -28.81 1.25 14.36
C PHE A 87 -29.83 0.41 13.58
N ALA A 88 -31.12 0.58 13.88
CA ALA A 88 -32.13 -0.18 13.15
C ALA A 88 -32.13 0.12 11.63
N ALA A 89 -31.97 1.38 11.29
CA ALA A 89 -31.90 1.76 9.85
C ALA A 89 -30.58 1.30 9.22
N LEU A 90 -29.48 1.41 9.94
CA LEU A 90 -28.17 1.01 9.38
C LEU A 90 -28.10 -0.51 9.18
N ARG A 91 -28.78 -1.22 10.07
CA ARG A 91 -28.81 -2.67 9.97
C ARG A 91 -29.54 -3.06 8.65
N GLY A 92 -30.53 -2.25 8.28
CA GLY A 92 -31.17 -2.49 7.00
C GLY A 92 -30.25 -2.13 5.85
N VAL A 93 -29.51 -1.03 5.92
CA VAL A 93 -28.59 -0.67 4.84
C VAL A 93 -27.54 -1.76 4.66
N TYR A 94 -26.94 -2.25 5.77
CA TYR A 94 -25.72 -3.09 5.65
C TYR A 94 -25.95 -4.59 5.75
N GLU A 95 -27.02 -5.00 6.44
CA GLU A 95 -27.20 -6.43 6.80
C GLU A 95 -28.61 -6.97 6.61
N PRO A 96 -29.17 -6.85 5.39
CA PRO A 96 -30.46 -7.47 5.14
C PRO A 96 -30.50 -8.94 5.49
N TYR A 97 -29.39 -9.66 5.33
CA TYR A 97 -29.40 -11.09 5.52
C TYR A 97 -28.93 -11.63 6.86
N ASN A 98 -28.75 -10.74 7.84
CA ASN A 98 -28.27 -11.09 9.17
C ASN A 98 -29.36 -10.96 10.25
N PRO A 99 -30.13 -12.02 10.50
CA PRO A 99 -31.18 -11.97 11.53
C PRO A 99 -30.63 -12.22 12.91
N LEU A 100 -29.30 -12.43 13.02
CA LEU A 100 -28.70 -12.64 14.34
C LEU A 100 -28.17 -11.34 14.94
N ARG A 101 -28.13 -10.28 14.14
CA ARG A 101 -27.65 -9.01 14.64
C ARG A 101 -28.76 -8.32 15.42
N ARG A 102 -28.90 -8.73 16.68
CA ARG A 102 -29.91 -8.19 17.56
C ARG A 102 -29.40 -6.80 18.03
N ILE A 103 -30.33 -5.87 18.21
CA ILE A 103 -30.06 -4.56 18.86
C ILE A 103 -30.74 -4.64 20.22
N VAL A 104 -29.95 -4.46 21.27
CA VAL A 104 -30.47 -4.59 22.64
C VAL A 104 -30.23 -3.24 23.33
N GLY A 105 -31.29 -2.61 23.82
CA GLY A 105 -31.16 -1.34 24.51
C GLY A 105 -31.54 -1.48 25.98
N PHE A 106 -30.68 -1.03 26.87
CA PHE A 106 -30.94 -1.14 28.33
C PHE A 106 -31.15 0.23 28.94
N ASP A 107 -32.22 0.39 29.71
CA ASP A 107 -32.39 1.63 30.45
C ASP A 107 -33.43 1.37 31.56
N THR A 108 -33.41 2.22 32.58
CA THR A 108 -34.52 2.20 33.51
C THR A 108 -35.79 2.80 32.83
N PHE A 109 -35.53 3.72 31.90
CA PHE A 109 -36.51 4.56 31.23
C PHE A 109 -37.16 5.54 32.23
N THR A 110 -36.57 5.62 33.40
CA THR A 110 -37.08 6.52 34.45
C THR A 110 -35.93 7.38 34.96
N GLY A 111 -34.87 7.45 34.16
CA GLY A 111 -33.74 8.31 34.48
C GLY A 111 -32.77 7.67 35.46
N PHE A 112 -31.78 8.44 35.87
CA PHE A 112 -30.74 7.86 36.70
C PHE A 112 -31.40 7.26 37.98
N PRO A 113 -30.96 6.07 38.37
N PRO A 113 -31.10 6.01 38.35
CA PRO A 113 -31.11 5.66 39.77
CA PRO A 113 -31.83 5.43 39.51
C PRO A 113 -30.29 6.59 40.67
C PRO A 113 -31.20 5.75 40.90
N ASP A 114 -30.18 6.26 41.94
N ASP A 114 -29.92 6.15 40.83
CA ASP A 114 -29.22 6.92 42.82
CA ASP A 114 -29.13 6.58 41.96
C ASP A 114 -27.80 6.95 42.24
C ASP A 114 -27.91 7.34 41.41
N VAL A 115 -27.24 8.16 42.23
CA VAL A 115 -25.89 8.50 41.79
C VAL A 115 -24.87 8.33 42.86
N ASN A 116 -23.60 8.23 42.45
CA ASN A 116 -22.48 8.14 43.37
C ASN A 116 -21.92 9.56 43.56
N ASP A 117 -21.23 9.80 44.67
CA ASP A 117 -20.58 11.09 44.89
C ASP A 117 -19.64 11.49 43.73
N VAL A 118 -18.98 10.52 43.09
CA VAL A 118 -18.02 10.89 42.04
C VAL A 118 -18.77 11.44 40.82
N ASP A 119 -20.08 11.16 40.70
CA ASP A 119 -20.85 11.66 39.58
C ASP A 119 -21.37 13.05 39.83
N ARG A 120 -21.30 13.54 41.08
N ARG A 120 -21.30 13.51 41.08
CA ARG A 120 -21.97 14.80 41.43
CA ARG A 120 -21.89 14.79 41.46
C ARG A 120 -21.08 16.02 41.15
C ARG A 120 -20.87 15.89 41.20
N VAL A 121 -20.64 16.17 39.92
CA VAL A 121 -19.77 17.26 39.53
C VAL A 121 -20.59 18.47 39.17
N GLY A 122 -21.59 18.26 38.31
CA GLY A 122 -22.48 19.34 37.88
C GLY A 122 -23.90 19.19 38.41
N PRO A 123 -24.80 20.10 37.99
CA PRO A 123 -26.09 20.14 38.72
C PRO A 123 -27.19 19.25 38.14
N THR A 124 -26.88 18.40 37.18
CA THR A 124 -27.85 17.49 36.58
C THR A 124 -27.61 16.05 37.03
N ALA A 125 -26.71 15.86 37.97
CA ALA A 125 -26.49 14.50 38.47
C ALA A 125 -27.44 14.24 39.66
N TYR A 126 -28.70 13.93 39.33
CA TYR A 126 -29.70 13.64 40.36
C TYR A 126 -30.55 12.47 39.92
N GLN A 127 -31.14 11.73 40.90
N GLN A 127 -31.11 11.73 40.88
CA GLN A 127 -32.03 10.60 40.62
CA GLN A 127 -31.99 10.61 40.58
C GLN A 127 -33.14 11.10 39.70
C GLN A 127 -33.15 11.08 39.71
N GLY A 128 -33.40 10.36 38.63
CA GLY A 128 -34.49 10.70 37.71
C GLY A 128 -34.12 11.58 36.53
N ARG A 129 -32.91 12.14 36.51
CA ARG A 129 -32.47 12.93 35.35
C ARG A 129 -32.52 12.03 34.11
N PHE A 130 -33.05 12.59 33.02
CA PHE A 130 -33.21 11.91 31.71
C PHE A 130 -34.38 10.96 31.69
N ALA A 131 -35.24 10.98 32.72
CA ALA A 131 -36.49 10.22 32.64
C ALA A 131 -37.21 10.49 31.32
N VAL A 132 -37.83 9.44 30.75
CA VAL A 132 -38.71 9.62 29.59
C VAL A 132 -40.14 9.31 30.05
N PRO A 133 -41.13 9.70 29.24
CA PRO A 133 -42.52 9.58 29.73
C PRO A 133 -42.95 8.15 30.12
N GLY A 134 -43.94 8.06 31.01
CA GLY A 134 -44.58 6.78 31.31
C GLY A 134 -45.02 6.03 30.06
N GLY A 135 -44.68 4.74 29.96
CA GLY A 135 -45.10 3.92 28.82
C GLY A 135 -44.23 4.16 27.58
N TYR A 136 -43.13 4.93 27.73
CA TYR A 136 -42.29 5.25 26.56
C TYR A 136 -41.71 3.98 25.88
N PRO A 137 -41.26 2.97 26.68
CA PRO A 137 -40.71 1.77 26.00
C PRO A 137 -41.64 1.14 24.98
N ALA A 138 -42.96 1.10 25.23
CA ALA A 138 -43.85 0.53 24.24
C ALA A 138 -43.85 1.35 22.95
N TYR A 139 -43.78 2.68 23.08
CA TYR A 139 -43.66 3.51 21.90
C TYR A 139 -42.36 3.29 21.14
N LEU A 140 -41.26 3.17 21.85
CA LEU A 140 -39.97 2.97 21.18
C LEU A 140 -39.98 1.62 20.50
N LYS A 141 -40.55 0.62 21.17
CA LYS A 141 -40.68 -0.70 20.55
C LYS A 141 -41.55 -0.64 19.30
N GLU A 142 -42.61 0.15 19.34
CA GLU A 142 -43.47 0.33 18.09
C GLU A 142 -42.68 0.95 16.95
N VAL A 143 -41.85 1.95 17.29
CA VAL A 143 -40.94 2.56 16.30
C VAL A 143 -39.96 1.52 15.69
N LEU A 144 -39.30 0.75 16.55
CA LEU A 144 -38.37 -0.26 16.06
C LEU A 144 -39.12 -1.32 15.23
N ASP A 145 -40.30 -1.73 15.70
CA ASP A 145 -41.13 -2.63 14.91
C ASP A 145 -41.52 -2.08 13.53
N ALA A 146 -41.72 -0.75 13.45
CA ALA A 146 -42.09 -0.09 12.20
C ALA A 146 -40.94 -0.24 11.18
N HIS A 147 -39.70 -0.01 11.64
CA HIS A 147 -38.52 -0.28 10.79
C HIS A 147 -38.47 -1.75 10.35
N GLU A 148 -38.68 -2.63 11.34
CA GLU A 148 -38.44 -4.08 11.09
C GLU A 148 -39.48 -4.72 10.16
N CYS A 149 -40.63 -4.09 9.99
N CYS A 149 -40.62 -4.06 10.04
N CYS A 149 -40.64 -4.08 10.02
CA CYS A 149 -41.63 -4.76 9.19
CA CYS A 149 -41.72 -4.51 9.19
CA CYS A 149 -41.70 -4.54 9.13
C CYS A 149 -41.31 -4.70 7.71
C CYS A 149 -41.26 -4.73 7.74
C CYS A 149 -41.13 -4.83 7.76
N SER A 150 -40.32 -3.90 7.30
CA SER A 150 -39.81 -3.98 5.92
C SER A 150 -38.39 -4.55 5.84
N ASP A 151 -37.90 -5.14 6.91
CA ASP A 151 -36.62 -5.88 6.81
C ASP A 151 -36.80 -7.20 6.07
N PHE A 152 -35.74 -7.60 5.39
CA PHE A 152 -35.73 -8.88 4.69
C PHE A 152 -36.07 -9.99 5.68
N PHE A 153 -35.51 -9.87 6.89
CA PHE A 153 -35.85 -10.82 7.97
C PHE A 153 -36.89 -10.30 8.96
N GLY A 154 -37.82 -9.48 8.45
CA GLY A 154 -38.90 -8.98 9.28
C GLY A 154 -39.79 -10.02 9.96
N HIS A 155 -39.68 -11.27 9.51
CA HIS A 155 -40.53 -12.31 10.08
C HIS A 155 -39.89 -12.90 11.36
N VAL A 156 -38.61 -12.57 11.65
CA VAL A 156 -37.98 -13.06 12.85
C VAL A 156 -38.13 -12.00 13.90
N THR A 157 -38.74 -12.38 15.05
CA THR A 157 -38.98 -11.42 16.09
C THR A 157 -37.79 -11.35 17.05
N GLN A 158 -37.91 -10.44 18.03
N GLN A 158 -37.87 -10.40 17.99
CA GLN A 158 -36.86 -10.22 19.03
CA GLN A 158 -36.80 -10.20 18.99
C GLN A 158 -35.54 -9.92 18.35
C GLN A 158 -35.47 -9.71 18.41
N ARG A 159 -35.57 -9.12 17.29
N ARG A 159 -35.52 -9.20 17.18
CA ARG A 159 -34.30 -8.65 16.73
CA ARG A 159 -34.33 -8.61 16.56
C ARG A 159 -34.01 -7.26 17.24
C ARG A 159 -33.98 -7.29 17.20
N SER A 160 -34.98 -6.67 17.96
N SER A 160 -34.96 -6.62 17.80
CA SER A 160 -34.80 -5.44 18.71
CA SER A 160 -34.70 -5.51 18.71
C SER A 160 -35.42 -5.68 20.08
C SER A 160 -35.35 -5.83 20.06
N VAL A 161 -34.63 -5.53 21.14
CA VAL A 161 -35.07 -5.85 22.50
C VAL A 161 -34.83 -4.66 23.40
N LEU A 162 -35.88 -4.21 24.09
CA LEU A 162 -35.68 -3.18 25.11
C LEU A 162 -35.76 -3.85 26.46
N VAL A 163 -34.71 -3.67 27.25
CA VAL A 163 -34.63 -4.30 28.57
C VAL A 163 -34.75 -3.22 29.64
N GLU A 164 -35.83 -3.28 30.42
CA GLU A 164 -36.18 -2.18 31.36
C GLU A 164 -35.69 -2.54 32.74
N GLY A 165 -34.93 -1.59 33.33
CA GLY A 165 -34.57 -1.71 34.72
C GLY A 165 -33.14 -1.27 34.92
N ASP A 166 -32.58 -1.50 36.13
CA ASP A 166 -31.23 -1.04 36.44
C ASP A 166 -30.27 -2.07 35.83
N VAL A 167 -29.34 -1.57 34.99
CA VAL A 167 -28.39 -2.46 34.30
C VAL A 167 -27.54 -3.32 35.25
N ARG A 168 -27.36 -2.89 36.50
CA ARG A 168 -26.62 -3.72 37.47
C ARG A 168 -27.26 -5.11 37.60
N GLU A 169 -28.61 -5.16 37.48
CA GLU A 169 -29.33 -6.46 37.52
C GLU A 169 -29.66 -6.94 36.11
N THR A 170 -30.10 -6.04 35.21
CA THR A 170 -30.65 -6.51 33.95
C THR A 170 -29.59 -6.98 32.97
N VAL A 171 -28.37 -6.44 33.02
CA VAL A 171 -27.40 -6.91 32.04
C VAL A 171 -26.91 -8.31 32.41
N PRO A 172 -26.53 -8.54 33.68
CA PRO A 172 -26.18 -9.94 34.01
C PRO A 172 -27.31 -10.92 33.75
N ARG A 173 -28.55 -10.49 33.98
N ARG A 173 -28.55 -10.50 33.97
CA ARG A 173 -29.68 -11.38 33.73
CA ARG A 173 -29.66 -11.40 33.72
C ARG A 173 -29.87 -11.64 32.23
C ARG A 173 -29.87 -11.64 32.23
N TYR A 174 -29.79 -10.56 31.43
CA TYR A 174 -29.85 -10.76 29.97
C TYR A 174 -28.80 -11.77 29.50
N LEU A 175 -27.58 -11.59 29.95
CA LEU A 175 -26.51 -12.46 29.50
C LEU A 175 -26.69 -13.90 29.98
N ALA A 176 -27.13 -14.07 31.22
CA ALA A 176 -27.41 -15.44 31.71
C ALA A 176 -28.53 -16.14 30.88
N GLU A 177 -29.54 -15.39 30.45
CA GLU A 177 -30.66 -15.95 29.64
C GLU A 177 -30.27 -16.11 28.16
N ASN A 178 -29.11 -15.57 27.79
CA ASN A 178 -28.68 -15.59 26.37
C ASN A 178 -27.23 -16.03 26.20
N PRO A 179 -26.96 -17.32 26.48
CA PRO A 179 -25.57 -17.82 26.51
C PRO A 179 -24.99 -17.95 25.06
N GLN A 180 -25.81 -17.66 24.04
CA GLN A 180 -25.30 -17.60 22.67
C GLN A 180 -24.64 -16.22 22.35
N THR A 181 -24.69 -15.30 23.31
CA THR A 181 -24.33 -13.93 22.98
C THR A 181 -22.87 -13.76 22.62
N VAL A 182 -22.64 -13.10 21.50
CA VAL A 182 -21.36 -12.45 21.30
C VAL A 182 -21.69 -10.98 21.17
N ILE A 183 -20.86 -10.14 21.74
CA ILE A 183 -21.11 -8.71 21.63
C ILE A 183 -20.17 -8.11 20.61
N ALA A 184 -20.75 -7.58 19.53
CA ALA A 184 -19.96 -6.96 18.49
C ALA A 184 -19.66 -5.48 18.79
N LEU A 185 -20.66 -4.80 19.35
CA LEU A 185 -20.55 -3.35 19.61
C LEU A 185 -21.28 -3.05 20.92
N ALA A 186 -20.55 -2.52 21.87
CA ALA A 186 -21.11 -2.17 23.16
C ALA A 186 -20.97 -0.67 23.33
N TYR A 187 -22.10 0.03 23.35
CA TYR A 187 -22.11 1.49 23.40
C TYR A 187 -22.51 1.96 24.80
N PHE A 188 -21.54 2.49 25.53
CA PHE A 188 -21.79 2.96 26.89
C PHE A 188 -22.21 4.40 26.92
N ASP A 189 -23.46 4.63 27.36
CA ASP A 189 -24.00 5.99 27.46
C ASP A 189 -24.86 6.14 28.72
N LEU A 190 -24.32 5.61 29.84
CA LEU A 190 -25.00 5.65 31.18
C LEU A 190 -24.64 6.86 32.01
N ASP A 191 -23.50 7.48 31.66
CA ASP A 191 -22.90 8.63 32.39
C ASP A 191 -22.29 8.28 33.76
N LEU A 192 -22.95 7.42 34.52
CA LEU A 192 -22.60 7.18 35.92
C LEU A 192 -21.57 6.10 36.15
N TYR A 193 -20.78 6.30 37.19
CA TYR A 193 -19.68 5.41 37.54
C TYR A 193 -20.13 3.96 37.83
N GLU A 194 -21.05 3.77 38.77
CA GLU A 194 -21.35 2.41 39.29
C GLU A 194 -21.92 1.49 38.19
N PRO A 195 -22.95 1.95 37.44
CA PRO A 195 -23.45 1.00 36.45
C PRO A 195 -22.47 0.80 35.28
N THR A 196 -21.63 1.79 34.94
CA THR A 196 -20.61 1.57 33.92
C THR A 196 -19.64 0.47 34.34
N LYS A 197 -19.17 0.55 35.56
CA LYS A 197 -18.24 -0.45 36.08
C LYS A 197 -18.87 -1.86 36.12
N ALA A 198 -20.11 -1.97 36.59
CA ALA A 198 -20.80 -3.26 36.65
C ALA A 198 -20.99 -3.85 35.24
N VAL A 199 -21.35 -2.99 34.27
CA VAL A 199 -21.62 -3.53 32.93
C VAL A 199 -20.34 -3.90 32.23
N LEU A 200 -19.30 -3.07 32.37
CA LEU A 200 -18.00 -3.46 31.83
C LEU A 200 -17.54 -4.83 32.32
N GLU A 201 -17.70 -5.08 33.62
CA GLU A 201 -17.32 -6.38 34.21
C GLU A 201 -18.18 -7.49 33.65
N ALA A 202 -19.47 -7.25 33.49
CA ALA A 202 -20.40 -8.29 32.99
C ALA A 202 -20.13 -8.69 31.53
N ILE A 203 -19.82 -7.72 30.68
CA ILE A 203 -19.80 -8.00 29.24
C ILE A 203 -18.51 -8.62 28.78
N ARG A 204 -17.46 -8.64 29.64
CA ARG A 204 -16.14 -9.04 29.15
C ARG A 204 -16.07 -10.45 28.54
N PRO A 205 -16.75 -11.48 29.15
CA PRO A 205 -16.62 -12.83 28.58
C PRO A 205 -17.27 -13.01 27.20
N TYR A 206 -18.00 -11.98 26.76
CA TYR A 206 -18.80 -12.06 25.53
C TYR A 206 -18.21 -11.23 24.38
N LEU A 207 -17.11 -10.50 24.64
CA LEU A 207 -16.40 -9.79 23.60
C LEU A 207 -15.45 -10.73 22.84
N THR A 208 -15.20 -10.42 21.57
CA THR A 208 -14.10 -11.07 20.87
C THR A 208 -13.04 -10.05 20.50
N LYS A 209 -11.83 -10.47 20.09
CA LYS A 209 -10.87 -9.47 19.58
C LYS A 209 -11.51 -8.87 18.32
N GLY A 210 -11.61 -7.53 18.29
CA GLY A 210 -12.27 -6.85 17.19
C GLY A 210 -13.61 -6.27 17.57
N SER A 211 -14.18 -6.74 18.69
CA SER A 211 -15.38 -6.09 19.22
C SER A 211 -15.04 -4.63 19.52
N ILE A 212 -16.03 -3.77 19.33
CA ILE A 212 -15.84 -2.37 19.66
C ILE A 212 -16.55 -2.03 20.97
N VAL A 213 -15.82 -1.38 21.86
CA VAL A 213 -16.42 -0.78 23.10
C VAL A 213 -16.31 0.70 23.00
N ALA A 214 -17.44 1.41 23.04
CA ALA A 214 -17.45 2.86 22.89
C ALA A 214 -18.07 3.55 24.10
N PHE A 215 -17.57 4.76 24.37
CA PHE A 215 -18.04 5.56 25.50
C PHE A 215 -18.50 6.92 25.03
N ASP A 216 -19.63 7.39 25.54
CA ASP A 216 -20.21 8.66 25.08
C ASP A 216 -19.64 9.86 25.82
N GLU A 217 -19.11 9.65 27.04
N GLU A 217 -19.11 9.66 27.03
CA GLU A 217 -18.64 10.80 27.89
CA GLU A 217 -18.64 10.79 27.88
C GLU A 217 -17.35 10.49 28.64
C GLU A 217 -17.39 10.45 28.66
N LEU A 218 -16.44 9.74 28.02
CA LEU A 218 -15.27 9.23 28.71
C LEU A 218 -14.44 10.32 29.36
N ASP A 219 -14.24 11.42 28.66
CA ASP A 219 -13.31 12.46 29.12
C ASP A 219 -14.01 13.80 29.40
N ASN A 220 -15.30 13.74 29.67
CA ASN A 220 -16.09 14.95 29.92
C ASN A 220 -16.00 15.28 31.43
N PRO A 221 -15.54 16.49 31.77
CA PRO A 221 -15.46 16.87 33.19
C PRO A 221 -16.78 16.69 33.97
N LYS A 222 -17.93 16.80 33.30
CA LYS A 222 -19.22 16.75 34.02
C LYS A 222 -19.48 15.30 34.45
N TRP A 223 -18.94 14.33 33.69
CA TRP A 223 -19.29 12.92 33.90
C TRP A 223 -18.05 12.06 33.93
N PRO A 224 -17.30 12.08 35.04
CA PRO A 224 -16.05 11.31 35.11
C PRO A 224 -16.25 9.82 35.39
N GLY A 225 -17.49 9.38 35.57
CA GLY A 225 -17.73 8.00 35.98
C GLY A 225 -17.26 6.92 35.01
N GLU A 226 -17.40 7.17 33.71
CA GLU A 226 -16.90 6.17 32.71
C GLU A 226 -15.38 6.01 32.84
N ASN A 227 -14.66 7.13 32.97
CA ASN A 227 -13.21 7.14 33.13
C ASN A 227 -12.82 6.40 34.43
N ILE A 228 -13.42 6.80 35.55
CA ILE A 228 -13.13 6.15 36.84
C ILE A 228 -13.39 4.65 36.72
N ALA A 229 -14.47 4.28 36.07
CA ALA A 229 -14.79 2.86 35.89
C ALA A 229 -13.75 2.14 35.03
N MSE A 230 -13.41 2.72 33.88
N MSE A 230 -13.42 2.72 33.88
CA MSE A 230 -12.35 2.16 33.02
CA MSE A 230 -12.39 2.14 33.03
C MSE A 230 -11.04 1.99 33.75
C MSE A 230 -11.06 1.96 33.78
O MSE A 230 -10.37 0.96 33.64
O MSE A 230 -10.42 0.92 33.69
CB MSE A 230 -12.15 3.08 31.80
CB MSE A 230 -12.18 3.00 31.79
CG MSE A 230 -13.03 2.68 30.65
CG MSE A 230 -11.04 2.49 30.96
SE MSE A 230 -12.61 0.89 29.92
SE MSE A 230 -11.38 2.34 29.07
CE MSE A 230 -10.79 1.09 29.30
CE MSE A 230 -12.04 4.15 28.81
N ARG A 231 -10.67 2.98 34.55
CA ARG A 231 -9.42 2.89 35.26
C ARG A 231 -9.42 1.81 36.31
N LYS A 232 -10.59 1.52 36.89
CA LYS A 232 -10.66 0.45 37.86
C LYS A 232 -10.72 -0.93 37.27
N VAL A 233 -11.42 -1.06 36.14
CA VAL A 233 -11.65 -2.37 35.57
C VAL A 233 -10.51 -2.83 34.63
N LEU A 234 -10.04 -1.94 33.76
CA LEU A 234 -9.11 -2.32 32.69
C LEU A 234 -7.84 -1.49 32.67
N GLY A 235 -7.94 -0.22 33.04
CA GLY A 235 -6.86 0.74 32.80
C GLY A 235 -7.07 1.44 31.45
N LEU A 236 -6.72 2.73 31.38
CA LEU A 236 -6.92 3.49 30.14
C LEU A 236 -5.98 3.05 29.01
N ASP A 237 -4.90 2.35 29.34
CA ASP A 237 -3.97 1.86 28.32
C ASP A 237 -4.12 0.34 28.09
N HIS A 238 -5.25 -0.25 28.54
CA HIS A 238 -5.55 -1.68 28.24
C HIS A 238 -5.63 -1.91 26.72
N ALA A 239 -6.26 -0.97 26.04
CA ALA A 239 -6.39 -0.99 24.60
C ALA A 239 -6.29 0.46 24.13
N PRO A 240 -6.17 0.67 22.82
CA PRO A 240 -6.03 2.03 22.31
C PRO A 240 -7.37 2.73 22.20
N LEU A 241 -7.59 3.75 23.04
CA LEU A 241 -8.83 4.54 22.88
C LEU A 241 -8.67 5.57 21.77
N ARG A 242 -9.71 5.72 20.95
CA ARG A 242 -9.62 6.58 19.76
C ARG A 242 -10.85 7.47 19.66
N LEU A 243 -10.65 8.62 19.02
CA LEU A 243 -11.75 9.44 18.55
C LEU A 243 -11.87 9.24 17.05
N LEU A 244 -13.05 9.61 16.54
CA LEU A 244 -13.24 9.94 15.11
C LEU A 244 -12.82 11.39 15.01
N PRO A 245 -11.78 11.72 14.20
CA PRO A 245 -11.23 13.08 14.21
C PRO A 245 -12.28 14.16 14.05
N GLY A 246 -12.10 15.19 14.90
CA GLY A 246 -12.94 16.37 14.93
C GLY A 246 -14.15 16.25 15.84
N ARG A 247 -14.30 15.09 16.46
CA ARG A 247 -15.52 14.82 17.27
C ARG A 247 -15.10 14.43 18.67
N PRO A 248 -15.55 15.17 19.68
CA PRO A 248 -15.03 14.93 21.05
C PRO A 248 -15.49 13.57 21.62
N ALA A 249 -16.57 13.01 21.10
CA ALA A 249 -17.09 11.68 21.49
C ALA A 249 -17.73 11.11 20.23
N PRO A 250 -17.85 9.79 20.13
CA PRO A 250 -17.47 8.80 21.16
C PRO A 250 -15.95 8.59 21.23
N ALA A 251 -15.50 8.03 22.35
CA ALA A 251 -14.19 7.41 22.44
C ALA A 251 -14.39 5.93 22.34
N TYR A 252 -13.63 5.24 21.51
CA TYR A 252 -13.88 3.81 21.33
C TYR A 252 -12.58 3.05 21.24
N LEU A 253 -12.64 1.79 21.59
CA LEU A 253 -11.46 0.90 21.46
C LEU A 253 -11.86 -0.37 20.76
N ARG A 254 -10.89 -1.02 20.14
N ARG A 254 -10.90 -1.00 20.10
CA ARG A 254 -11.09 -2.32 19.50
CA ARG A 254 -11.07 -2.32 19.51
C ARG A 254 -10.50 -3.37 20.45
C ARG A 254 -10.51 -3.31 20.54
N TRP A 255 -11.36 -4.23 20.98
CA TRP A 255 -10.98 -5.17 22.01
C TRP A 255 -9.82 -6.03 21.50
N GLY A 256 -8.76 -6.15 22.32
CA GLY A 256 -7.59 -6.94 21.96
C GLY A 256 -6.47 -6.15 21.28
N ASP A 257 -6.73 -4.90 20.88
CA ASP A 257 -5.68 -4.13 20.20
C ASP A 257 -4.67 -3.52 21.17
N SER B 1 -36.64 58.77 -6.58
CA SER B 1 -36.89 57.97 -7.78
C SER B 1 -36.53 56.53 -7.48
N ASP B 2 -36.99 55.61 -8.33
CA ASP B 2 -36.81 54.19 -7.98
C ASP B 2 -35.33 53.84 -8.04
N SER B 3 -34.94 52.85 -7.24
CA SER B 3 -33.56 52.34 -7.18
C SER B 3 -33.63 50.82 -7.18
N GLY B 4 -32.68 50.18 -7.83
CA GLY B 4 -32.55 48.72 -7.74
C GLY B 4 -31.95 48.26 -6.40
N ASP B 5 -32.01 46.96 -6.13
CA ASP B 5 -31.36 46.39 -4.95
C ASP B 5 -29.89 46.18 -5.28
N GLY B 6 -29.01 46.81 -4.52
CA GLY B 6 -27.59 46.65 -4.79
C GLY B 6 -27.02 45.33 -4.29
N GLN B 7 -25.70 45.20 -4.40
CA GLN B 7 -25.00 44.04 -3.90
C GLN B 7 -25.13 43.90 -2.37
N ASP B 8 -25.34 42.69 -1.84
CA ASP B 8 -25.30 42.47 -0.41
C ASP B 8 -23.84 42.25 -0.06
N LEU B 9 -23.22 43.22 0.62
CA LEU B 9 -21.78 43.08 0.95
C LEU B 9 -21.51 41.95 1.91
N ARG B 10 -22.53 41.51 2.65
CA ARG B 10 -22.35 40.39 3.59
C ARG B 10 -22.24 39.06 2.84
N ALA B 11 -22.45 39.06 1.52
CA ALA B 11 -22.26 37.84 0.74
C ALA B 11 -20.79 37.55 0.42
N PHE B 12 -19.96 38.54 0.65
CA PHE B 12 -18.50 38.36 0.55
C PHE B 12 -17.93 37.91 1.87
N VAL B 13 -16.84 37.15 1.80
CA VAL B 13 -16.13 36.79 3.02
C VAL B 13 -15.71 38.05 3.78
N HIS B 14 -15.97 38.08 5.09
CA HIS B 14 -15.57 39.20 5.94
C HIS B 14 -15.43 38.70 7.34
N ASP B 15 -14.68 39.45 8.15
CA ASP B 15 -14.39 39.05 9.52
C ASP B 15 -15.67 39.09 10.38
N SER B 16 -15.86 38.07 11.20
CA SER B 16 -16.88 38.12 12.21
C SER B 16 -16.45 39.15 13.28
N PRO B 17 -17.38 39.62 14.13
CA PRO B 17 -16.98 40.48 15.24
C PRO B 17 -15.95 39.81 16.15
N GLU B 18 -16.09 38.47 16.28
CA GLU B 18 -15.13 37.74 17.16
C GLU B 18 -13.78 37.67 16.51
N GLU B 19 -13.71 37.47 15.20
CA GLU B 19 -12.37 37.44 14.53
C GLU B 19 -11.71 38.81 14.66
N THR B 20 -12.53 39.86 14.52
CA THR B 20 -12.01 41.22 14.65
C THR B 20 -11.50 41.42 16.08
N GLU B 21 -12.26 40.96 17.07
CA GLU B 21 -11.86 41.06 18.50
C GLU B 21 -10.58 40.33 18.81
N THR B 22 -10.45 39.12 18.27
CA THR B 22 -9.20 38.36 18.48
C THR B 22 -8.00 39.16 17.91
N THR B 23 -8.15 39.64 16.68
CA THR B 23 -7.10 40.34 15.98
C THR B 23 -6.68 41.58 16.75
N GLN B 24 -7.68 42.38 17.17
CA GLN B 24 -7.38 43.62 17.88
C GLN B 24 -6.78 43.33 19.25
N ARG B 25 -7.29 42.32 19.95
CA ARG B 25 -6.73 41.95 21.26
C ARG B 25 -5.27 41.53 21.13
N LEU B 26 -4.96 40.64 20.20
CA LEU B 26 -3.59 40.17 20.03
C LEU B 26 -2.67 41.29 19.60
N THR B 27 -3.14 42.24 18.77
CA THR B 27 -2.32 43.38 18.43
C THR B 27 -1.92 44.17 19.68
N LYS B 28 -2.88 44.42 20.56
N LYS B 28 -2.89 44.44 20.54
CA LYS B 28 -2.62 45.18 21.79
CA LYS B 28 -2.59 45.19 21.78
C LYS B 28 -1.75 44.37 22.77
C LYS B 28 -1.64 44.35 22.65
N LEU B 29 -1.92 43.05 22.78
CA LEU B 29 -1.07 42.19 23.64
C LEU B 29 0.38 42.12 23.12
N LEU B 30 0.56 42.17 21.82
CA LEU B 30 1.91 42.19 21.24
C LEU B 30 2.61 43.52 21.49
N THR B 31 1.91 44.62 21.26
CA THR B 31 2.57 45.92 21.35
C THR B 31 2.77 46.37 22.79
N ASN B 32 2.04 45.78 23.72
CA ASN B 32 2.19 46.12 25.15
C ASN B 32 2.56 44.88 25.97
N SER B 33 3.48 44.08 25.47
CA SER B 33 3.84 42.80 26.12
C SER B 33 4.85 43.00 27.27
N PRO B 34 4.70 42.24 28.35
CA PRO B 34 5.72 42.14 29.37
C PRO B 34 6.88 41.23 28.99
N ILE B 35 6.79 40.51 27.89
N ILE B 35 6.79 40.55 27.86
CA ILE B 35 7.91 39.66 27.49
CA ILE B 35 7.91 39.79 27.34
C ILE B 35 9.08 40.62 27.13
C ILE B 35 9.11 40.71 27.11
N PRO B 36 10.30 40.29 27.56
CA PRO B 36 11.48 41.14 27.26
C PRO B 36 11.59 41.35 25.75
N THR B 37 11.98 42.54 25.31
CA THR B 37 12.09 42.84 23.90
C THR B 37 12.77 41.75 23.07
N GLU B 38 13.90 41.26 23.59
CA GLU B 38 14.76 40.33 22.84
C GLU B 38 14.14 38.93 22.77
N GLU B 39 13.04 38.70 23.50
CA GLU B 39 12.39 37.35 23.50
C GLU B 39 11.12 37.34 22.66
N LEU B 40 10.72 38.48 22.14
CA LEU B 40 9.47 38.54 21.38
C LEU B 40 9.55 37.62 20.18
N VAL B 41 10.69 37.63 19.51
CA VAL B 41 10.86 36.76 18.33
C VAL B 41 11.01 35.29 18.63
N ASN B 42 10.95 34.91 19.91
CA ASN B 42 11.02 33.51 20.36
C ASN B 42 9.66 33.06 20.89
N ASN B 43 8.67 33.94 20.73
CA ASN B 43 7.32 33.65 21.23
C ASN B 43 6.22 34.17 20.33
N LEU B 44 6.51 34.33 19.04
CA LEU B 44 5.50 34.86 18.13
C LEU B 44 4.21 34.03 17.99
N PRO B 45 4.26 32.70 18.20
CA PRO B 45 2.98 32.00 18.10
C PRO B 45 1.94 32.45 19.13
N LEU B 46 2.36 33.08 20.25
CA LEU B 46 1.34 33.70 21.13
C LEU B 46 0.40 34.62 20.36
N PHE B 47 0.87 35.27 19.28
CA PHE B 47 0.09 36.28 18.60
C PHE B 47 -0.44 35.87 17.22
N LEU B 48 -0.20 34.60 16.89
CA LEU B 48 -0.47 34.04 15.57
C LEU B 48 -1.81 33.28 15.64
N ARG B 49 -2.91 33.92 15.22
CA ARG B 49 -4.25 33.36 15.41
C ARG B 49 -4.54 32.30 14.35
N ARG B 50 -5.57 31.53 14.59
CA ARG B 50 -5.98 30.40 13.74
C ARG B 50 -5.90 30.79 12.26
N HIS B 51 -6.53 31.90 11.86
CA HIS B 51 -6.64 32.22 10.45
C HIS B 51 -5.24 32.37 9.82
N GLN B 52 -4.31 33.03 10.55
CA GLN B 52 -2.93 33.20 10.04
C GLN B 52 -2.11 31.93 10.15
N MSE B 53 -2.28 31.18 11.23
CA MSE B 53 -1.65 29.87 11.35
C MSE B 53 -2.01 28.98 10.16
O MSE B 53 -1.19 28.25 9.61
CB MSE B 53 -2.04 29.19 12.68
CG MSE B 53 -1.57 27.68 12.80
SE MSE B 53 0.35 27.54 12.87
CE MSE B 53 0.51 27.80 14.79
N THR B 54 -3.28 29.03 9.76
CA THR B 54 -3.77 28.20 8.67
C THR B 54 -3.00 28.57 7.37
N ASP B 55 -2.81 29.86 7.15
CA ASP B 55 -2.04 30.32 5.99
C ASP B 55 -0.61 29.77 6.01
N LEU B 56 0.01 29.79 7.18
CA LEU B 56 1.34 29.26 7.36
C LEU B 56 1.43 27.77 7.04
N LEU B 57 0.48 27.00 7.55
CA LEU B 57 0.48 25.59 7.34
C LEU B 57 0.22 25.31 5.86
N SER B 58 -0.64 26.13 5.18
CA SER B 58 -0.90 25.91 3.75
C SER B 58 0.35 26.21 2.90
N MSE B 59 1.08 27.27 3.24
CA MSE B 59 2.34 27.54 2.52
C MSE B 59 3.35 26.39 2.69
O MSE B 59 4.05 26.02 1.73
CB MSE B 59 2.96 28.87 2.93
CG MSE B 59 2.10 30.10 2.60
SE MSE B 59 1.49 30.25 0.76
CE MSE B 59 -0.34 29.59 0.98
N ASP B 60 3.40 25.86 3.91
CA ASP B 60 4.25 24.73 4.19
C ASP B 60 3.84 23.49 3.38
N ALA B 61 2.53 23.27 3.23
CA ALA B 61 2.04 22.12 2.47
C ALA B 61 2.42 22.28 0.98
N LEU B 62 2.28 23.49 0.43
CA LEU B 62 2.69 23.69 -0.98
C LEU B 62 4.19 23.51 -1.16
N TYR B 63 4.97 24.06 -0.22
CA TYR B 63 6.43 23.96 -0.33
C TYR B 63 6.85 22.50 -0.25
N ARG B 64 6.28 21.74 0.69
CA ARG B 64 6.64 20.33 0.80
C ARG B 64 6.37 19.54 -0.48
N GLN B 65 5.39 19.97 -1.25
CA GLN B 65 5.07 19.26 -2.51
C GLN B 65 6.07 19.49 -3.62
N VAL B 66 6.94 20.50 -3.50
CA VAL B 66 7.94 20.75 -4.55
C VAL B 66 9.40 20.55 -4.06
N LEU B 67 9.58 19.89 -2.91
CA LEU B 67 10.93 19.65 -2.42
C LEU B 67 11.69 18.71 -3.40
N ASP B 68 10.97 17.95 -4.23
CA ASP B 68 11.65 17.12 -5.23
C ASP B 68 11.45 17.68 -6.65
N VAL B 69 11.15 18.99 -6.78
CA VAL B 69 11.00 19.61 -8.09
C VAL B 69 12.09 20.72 -8.20
N PRO B 70 12.85 20.79 -9.31
CA PRO B 70 13.87 21.85 -9.46
C PRO B 70 13.18 23.20 -9.64
N GLY B 71 13.94 24.25 -9.45
CA GLY B 71 13.44 25.59 -9.77
C GLY B 71 13.21 26.51 -8.61
N VAL B 72 12.55 27.59 -8.92
CA VAL B 72 12.33 28.74 -8.00
C VAL B 72 10.90 28.80 -7.52
N ILE B 73 10.72 29.63 -6.50
CA ILE B 73 9.39 29.98 -5.92
C ILE B 73 9.12 31.42 -6.31
N MSE B 74 7.97 31.63 -6.95
CA MSE B 74 7.51 32.98 -7.32
C MSE B 74 6.20 33.32 -6.66
O MSE B 74 5.31 32.46 -6.66
CB MSE B 74 7.36 33.11 -8.84
CG MSE B 74 8.69 32.98 -9.57
SE MSE B 74 8.34 33.31 -11.46
CE MSE B 74 10.18 33.50 -11.91
N GLU B 75 6.07 34.53 -6.11
CA GLU B 75 4.76 35.02 -5.62
C GLU B 75 4.43 36.24 -6.43
N PHE B 76 3.26 36.24 -7.04
CA PHE B 76 2.77 37.42 -7.76
C PHE B 76 1.72 38.06 -6.83
N GLY B 77 2.11 39.18 -6.23
CA GLY B 77 1.23 39.88 -5.27
C GLY B 77 1.80 39.61 -3.88
N VAL B 78 2.63 40.55 -3.40
CA VAL B 78 3.43 40.34 -2.17
C VAL B 78 2.87 41.16 -1.03
N ARG B 79 2.41 42.37 -1.27
CA ARG B 79 1.98 43.30 -0.20
C ARG B 79 3.06 43.49 0.86
N PHE B 80 2.81 43.19 2.14
CA PHE B 80 3.88 43.39 3.16
C PHE B 80 4.87 42.20 3.19
N GLY B 81 4.56 41.10 2.48
CA GLY B 81 5.53 40.02 2.41
C GLY B 81 5.23 38.82 3.28
N ARG B 82 4.00 38.68 3.78
CA ARG B 82 3.67 37.53 4.61
C ARG B 82 4.19 36.19 4.09
N HIS B 83 3.87 35.91 2.83
CA HIS B 83 4.26 34.62 2.27
C HIS B 83 5.76 34.51 2.00
N LEU B 84 6.44 35.64 1.66
CA LEU B 84 7.88 35.56 1.36
C LEU B 84 8.66 35.26 2.63
N GLY B 85 8.20 35.85 3.76
CA GLY B 85 8.77 35.56 5.09
C GLY B 85 8.63 34.09 5.35
N THR B 86 7.41 33.57 5.14
CA THR B 86 7.14 32.16 5.38
C THR B 86 8.08 31.25 4.56
N PHE B 87 8.14 31.51 3.23
CA PHE B 87 9.05 30.75 2.35
C PHE B 87 10.52 30.86 2.75
N ALA B 88 10.98 32.06 3.17
CA ALA B 88 12.36 32.19 3.57
C ALA B 88 12.70 31.29 4.77
N ALA B 89 11.79 31.20 5.74
CA ALA B 89 12.02 30.37 6.90
C ALA B 89 11.94 28.89 6.53
N LEU B 90 10.93 28.54 5.73
CA LEU B 90 10.78 27.15 5.33
C LEU B 90 11.94 26.65 4.47
N ARG B 91 12.49 27.52 3.64
CA ARG B 91 13.66 27.13 2.85
C ARG B 91 14.83 26.80 3.76
N GLY B 92 14.91 27.48 4.91
CA GLY B 92 15.96 27.11 5.90
C GLY B 92 15.62 25.74 6.51
N VAL B 93 14.36 25.54 6.89
CA VAL B 93 14.00 24.24 7.42
C VAL B 93 14.30 23.06 6.50
N TYR B 94 13.92 23.20 5.21
CA TYR B 94 13.95 22.00 4.33
C TYR B 94 15.16 21.92 3.41
N GLU B 95 15.77 23.07 3.11
CA GLU B 95 16.79 23.15 2.00
C GLU B 95 18.06 23.94 2.30
N PRO B 96 18.73 23.62 3.41
CA PRO B 96 20.00 24.30 3.73
C PRO B 96 20.97 24.26 2.57
N TYR B 97 20.97 23.16 1.80
CA TYR B 97 22.02 22.98 0.81
C TYR B 97 21.58 23.34 -0.61
N ASN B 98 20.44 24.03 -0.76
CA ASN B 98 19.95 24.40 -2.10
C ASN B 98 20.01 25.92 -2.36
N PRO B 99 21.16 26.40 -2.91
CA PRO B 99 21.35 27.82 -3.17
C PRO B 99 20.62 28.23 -4.45
N LEU B 100 20.05 27.27 -5.17
CA LEU B 100 19.31 27.62 -6.40
C LEU B 100 17.82 27.89 -6.18
N ARG B 101 17.34 27.59 -4.98
CA ARG B 101 15.93 27.79 -4.69
C ARG B 101 15.69 29.27 -4.42
N ARG B 102 15.68 30.07 -5.47
CA ARG B 102 15.41 31.49 -5.37
C ARG B 102 13.94 31.74 -5.01
N ILE B 103 13.71 32.79 -4.22
CA ILE B 103 12.35 33.28 -3.92
C ILE B 103 12.20 34.62 -4.57
N VAL B 104 11.22 34.76 -5.46
CA VAL B 104 11.08 35.99 -6.27
C VAL B 104 9.68 36.53 -6.02
N GLY B 105 9.61 37.74 -5.50
CA GLY B 105 8.32 38.37 -5.21
C GLY B 105 8.08 39.55 -6.12
N PHE B 106 6.95 39.56 -6.79
CA PHE B 106 6.61 40.64 -7.73
C PHE B 106 5.44 41.45 -7.20
N ASP B 107 5.57 42.77 -7.23
CA ASP B 107 4.44 43.63 -6.86
C ASP B 107 4.75 45.03 -7.38
N THR B 108 3.76 45.88 -7.54
CA THR B 108 4.01 47.30 -7.72
C THR B 108 4.52 47.92 -6.42
N PHE B 109 4.09 47.32 -5.30
CA PHE B 109 4.24 47.88 -3.94
C PHE B 109 3.51 49.19 -3.78
N THR B 110 2.67 49.54 -4.77
CA THR B 110 1.83 50.73 -4.68
C THR B 110 0.37 50.37 -4.90
N GLY B 111 0.06 49.11 -4.70
CA GLY B 111 -1.34 48.72 -4.83
C GLY B 111 -1.77 48.40 -6.24
N PHE B 112 -3.03 48.04 -6.41
CA PHE B 112 -3.48 47.73 -7.77
C PHE B 112 -3.18 48.87 -8.76
N PRO B 113 -2.57 48.58 -9.93
N PRO B 113 -2.63 48.49 -9.90
CA PRO B 113 -2.24 49.71 -10.82
CA PRO B 113 -2.83 49.31 -11.09
C PRO B 113 -3.38 50.15 -11.75
C PRO B 113 -4.34 49.41 -11.37
N ASP B 114 -4.32 49.23 -11.99
N ASP B 114 -4.68 50.15 -12.40
CA ASP B 114 -5.56 49.51 -12.73
CA ASP B 114 -6.03 50.17 -12.89
C ASP B 114 -6.47 48.37 -12.38
C ASP B 114 -6.57 48.75 -13.16
N VAL B 115 -7.78 48.50 -12.65
CA VAL B 115 -8.57 47.28 -12.65
C VAL B 115 -9.44 47.16 -13.88
N ASN B 116 -9.95 45.94 -14.14
CA ASN B 116 -10.85 45.72 -15.27
C ASN B 116 -12.27 45.71 -14.69
N ASP B 117 -13.23 46.03 -15.55
CA ASP B 117 -14.63 45.92 -15.14
C ASP B 117 -14.99 44.58 -14.48
N VAL B 118 -14.42 43.46 -14.95
CA VAL B 118 -14.78 42.19 -14.33
C VAL B 118 -14.27 42.06 -12.89
N ASP B 119 -13.31 42.92 -12.51
CA ASP B 119 -12.78 42.88 -11.11
C ASP B 119 -13.63 43.72 -10.18
N ARG B 120 -14.57 44.52 -10.73
N ARG B 120 -14.52 44.54 -10.76
CA ARG B 120 -15.29 45.54 -9.96
CA ARG B 120 -15.34 45.51 -10.02
C ARG B 120 -16.56 45.02 -9.28
C ARG B 120 -16.59 44.81 -9.49
N VAL B 121 -16.40 43.98 -8.48
CA VAL B 121 -17.52 43.25 -7.85
C VAL B 121 -17.73 43.77 -6.41
N GLY B 122 -16.64 43.78 -5.63
CA GLY B 122 -16.67 44.30 -4.27
C GLY B 122 -16.15 45.71 -4.19
N PRO B 123 -16.07 46.26 -2.97
CA PRO B 123 -15.80 47.69 -2.78
C PRO B 123 -14.31 48.01 -2.64
N THR B 124 -13.46 47.02 -2.86
CA THR B 124 -12.01 47.32 -2.77
C THR B 124 -11.25 47.16 -4.08
N ALA B 125 -12.00 47.04 -5.17
CA ALA B 125 -11.37 46.92 -6.50
C ALA B 125 -11.16 48.31 -7.13
N TYR B 126 -10.13 49.01 -6.66
CA TYR B 126 -9.81 50.32 -7.20
C TYR B 126 -8.31 50.53 -7.20
N GLN B 127 -7.84 51.40 -8.09
CA GLN B 127 -6.38 51.71 -8.16
C GLN B 127 -5.80 52.14 -6.78
N GLY B 128 -4.69 51.50 -6.42
CA GLY B 128 -3.99 51.80 -5.19
C GLY B 128 -4.35 50.95 -4.00
N ARG B 129 -5.40 50.15 -4.10
N ARG B 129 -5.39 50.14 -4.11
CA ARG B 129 -5.78 49.26 -3.01
CA ARG B 129 -5.77 49.26 -3.03
C ARG B 129 -4.62 48.34 -2.73
C ARG B 129 -4.62 48.30 -2.72
N PHE B 130 -4.31 48.13 -1.44
CA PHE B 130 -3.19 47.31 -1.01
C PHE B 130 -1.80 47.96 -1.10
N ALA B 131 -1.73 49.26 -1.40
CA ALA B 131 -0.47 50.00 -1.39
C ALA B 131 0.25 49.78 -0.04
N VAL B 132 1.58 49.65 -0.07
CA VAL B 132 2.34 49.65 1.13
C VAL B 132 3.21 50.93 1.11
N PRO B 133 3.79 51.30 2.26
CA PRO B 133 4.39 52.62 2.32
C PRO B 133 5.55 52.84 1.39
N GLY B 134 5.79 54.10 1.00
CA GLY B 134 7.05 54.44 0.36
C GLY B 134 8.28 53.92 1.08
N GLY B 135 9.16 53.26 0.31
CA GLY B 135 10.35 52.70 0.88
C GLY B 135 10.16 51.29 1.42
N TYR B 136 8.94 50.76 1.35
CA TYR B 136 8.73 49.45 1.90
C TYR B 136 9.64 48.28 1.30
N PRO B 137 9.85 48.24 -0.01
CA PRO B 137 10.64 47.12 -0.53
C PRO B 137 12.03 47.06 0.08
N ALA B 138 12.66 48.21 0.37
CA ALA B 138 13.94 48.17 1.06
C ALA B 138 13.86 47.53 2.43
N TYR B 139 12.79 47.83 3.16
CA TYR B 139 12.53 47.22 4.46
C TYR B 139 12.30 45.72 4.30
N LEU B 140 11.45 45.30 3.37
CA LEU B 140 11.25 43.89 3.19
C LEU B 140 12.53 43.19 2.78
N LYS B 141 13.36 43.85 1.93
CA LYS B 141 14.65 43.24 1.60
C LYS B 141 15.54 43.12 2.86
N GLU B 142 15.45 44.09 3.78
CA GLU B 142 16.24 43.96 5.05
C GLU B 142 15.77 42.73 5.83
N VAL B 143 14.46 42.52 5.87
CA VAL B 143 13.91 41.37 6.57
C VAL B 143 14.39 40.06 5.96
N LEU B 144 14.30 39.95 4.65
CA LEU B 144 14.72 38.70 3.95
C LEU B 144 16.23 38.52 4.13
N ASP B 145 17.00 39.61 4.03
CA ASP B 145 18.43 39.50 4.25
C ASP B 145 18.76 39.06 5.68
N ALA B 146 17.93 39.44 6.64
CA ALA B 146 18.15 38.98 8.03
C ALA B 146 18.00 37.48 8.18
N HIS B 147 16.98 36.91 7.52
CA HIS B 147 16.85 35.44 7.51
C HIS B 147 18.05 34.81 6.87
N GLU B 148 18.46 35.38 5.70
CA GLU B 148 19.55 34.76 4.89
C GLU B 148 20.93 34.80 5.54
N CYS B 149 21.13 35.69 6.50
N CYS B 149 21.11 35.72 6.51
N CYS B 149 21.08 35.70 6.50
CA CYS B 149 22.47 35.79 7.04
CA CYS B 149 22.39 35.83 7.22
CA CYS B 149 22.32 35.88 7.20
C CYS B 149 22.82 34.62 7.98
C CYS B 149 22.82 34.50 7.78
C CYS B 149 22.79 34.60 7.90
N SER B 150 21.83 33.76 8.30
CA SER B 150 22.10 32.51 8.98
C SER B 150 21.82 31.26 8.18
N ASP B 151 21.57 31.46 6.89
CA ASP B 151 21.40 30.32 5.98
C ASP B 151 22.76 29.63 5.76
N PHE B 152 22.73 28.31 5.53
CA PHE B 152 23.97 27.67 5.14
C PHE B 152 24.63 28.33 3.93
N PHE B 153 23.79 28.68 2.95
CA PHE B 153 24.31 29.37 1.73
C PHE B 153 24.12 30.89 1.78
N GLY B 154 24.20 31.44 2.99
CA GLY B 154 24.05 32.89 3.15
C GLY B 154 25.08 33.75 2.45
N HIS B 155 26.18 33.15 2.02
CA HIS B 155 27.18 33.87 1.22
C HIS B 155 26.76 34.04 -0.27
N VAL B 156 25.72 33.32 -0.72
CA VAL B 156 25.25 33.49 -2.07
C VAL B 156 24.14 34.53 -2.07
N THR B 157 24.34 35.57 -2.87
CA THR B 157 23.36 36.66 -2.93
C THR B 157 22.25 36.37 -3.96
N GLN B 158 21.25 37.26 -4.01
N GLN B 158 21.23 37.24 -3.95
CA GLN B 158 20.15 37.13 -4.97
CA GLN B 158 20.14 37.12 -4.90
C GLN B 158 19.33 35.87 -4.80
C GLN B 158 19.43 35.77 -4.81
N ARG B 159 19.37 35.29 -3.60
N ARG B 159 19.35 35.26 -3.58
CA ARG B 159 18.48 34.18 -3.33
CA ARG B 159 18.51 34.11 -3.30
C ARG B 159 17.06 34.62 -2.97
C ARG B 159 17.08 34.52 -2.98
N SER B 160 16.88 35.90 -2.58
N SER B 160 16.88 35.80 -2.67
CA SER B 160 15.56 36.52 -2.46
CA SER B 160 15.56 36.37 -2.64
C SER B 160 15.54 37.81 -3.27
C SER B 160 15.63 37.66 -3.45
N VAL B 161 14.61 37.91 -4.22
CA VAL B 161 14.61 39.03 -5.12
C VAL B 161 13.23 39.65 -5.11
N LEU B 162 13.16 40.96 -4.86
CA LEU B 162 11.92 41.69 -5.00
C LEU B 162 11.93 42.42 -6.34
N VAL B 163 10.89 42.19 -7.12
CA VAL B 163 10.85 42.81 -8.44
C VAL B 163 9.71 43.82 -8.44
N GLU B 164 10.05 45.10 -8.56
CA GLU B 164 9.03 46.17 -8.40
C GLU B 164 8.50 46.63 -9.73
N GLY B 165 7.17 46.68 -9.83
CA GLY B 165 6.48 47.20 -11.00
C GLY B 165 5.29 46.34 -11.40
N ASP B 166 4.70 46.66 -12.56
CA ASP B 166 3.52 45.93 -13.04
C ASP B 166 3.96 44.61 -13.64
N VAL B 167 3.41 43.50 -13.12
CA VAL B 167 3.78 42.13 -13.58
C VAL B 167 3.63 41.93 -15.07
N ARG B 168 2.74 42.67 -15.70
CA ARG B 168 2.60 42.56 -17.17
C ARG B 168 3.91 42.85 -17.89
N GLU B 169 4.72 43.71 -17.28
CA GLU B 169 6.06 44.03 -17.82
C GLU B 169 7.19 43.28 -17.13
N THR B 170 7.11 43.22 -15.79
CA THR B 170 8.27 42.78 -15.02
C THR B 170 8.42 41.27 -15.04
N VAL B 171 7.33 40.49 -15.21
CA VAL B 171 7.46 39.02 -15.23
C VAL B 171 8.10 38.54 -16.54
N PRO B 172 7.61 39.03 -17.71
CA PRO B 172 8.33 38.70 -18.96
C PRO B 172 9.80 39.17 -18.94
N ARG B 173 10.09 40.34 -18.37
N ARG B 173 10.08 40.34 -18.37
CA ARG B 173 11.48 40.81 -18.35
CA ARG B 173 11.44 40.85 -18.31
C ARG B 173 12.36 39.96 -17.43
C ARG B 173 12.33 39.97 -17.44
N TYR B 174 11.83 39.61 -16.25
CA TYR B 174 12.58 38.72 -15.34
C TYR B 174 12.91 37.42 -16.04
N LEU B 175 11.91 36.86 -16.71
CA LEU B 175 12.14 35.58 -17.37
C LEU B 175 13.18 35.71 -18.52
N ALA B 176 13.09 36.79 -19.29
CA ALA B 176 14.06 37.01 -20.38
C ALA B 176 15.48 37.14 -19.87
N GLU B 177 15.63 37.76 -18.69
CA GLU B 177 16.93 37.93 -18.04
C GLU B 177 17.42 36.67 -17.32
N ASN B 178 16.55 35.68 -17.14
CA ASN B 178 16.85 34.47 -16.34
C ASN B 178 16.47 33.21 -17.11
N PRO B 179 17.16 32.96 -18.22
CA PRO B 179 16.83 31.80 -19.06
C PRO B 179 17.14 30.45 -18.41
N GLN B 180 17.79 30.46 -17.24
CA GLN B 180 18.01 29.26 -16.44
C GLN B 180 16.76 28.87 -15.65
N THR B 181 15.71 29.73 -15.69
CA THR B 181 14.60 29.55 -14.75
C THR B 181 13.80 28.24 -14.98
N VAL B 182 13.63 27.48 -13.90
CA VAL B 182 12.55 26.51 -13.85
C VAL B 182 11.66 27.01 -12.69
N ILE B 183 10.33 26.95 -12.81
CA ILE B 183 9.43 27.42 -11.72
C ILE B 183 8.90 26.23 -11.03
N ALA B 184 9.29 26.05 -9.76
CA ALA B 184 8.73 24.95 -8.96
C ALA B 184 7.36 25.25 -8.37
N LEU B 185 7.20 26.49 -7.90
CA LEU B 185 5.95 26.90 -7.25
C LEU B 185 5.65 28.33 -7.69
N ALA B 186 4.47 28.54 -8.28
CA ALA B 186 4.00 29.85 -8.74
C ALA B 186 2.76 30.17 -7.94
N TYR B 187 2.88 31.15 -7.03
CA TYR B 187 1.77 31.54 -6.13
C TYR B 187 1.09 32.80 -6.64
N PHE B 188 -0.12 32.64 -7.18
CA PHE B 188 -0.87 33.79 -7.69
C PHE B 188 -1.71 34.44 -6.61
N ASP B 189 -1.39 35.67 -6.31
CA ASP B 189 -2.15 36.45 -5.33
C ASP B 189 -2.29 37.90 -5.77
N LEU B 190 -2.63 38.09 -7.04
CA LEU B 190 -2.80 39.45 -7.59
C LEU B 190 -4.23 39.89 -7.55
N ASP B 191 -5.17 38.95 -7.38
CA ASP B 191 -6.64 39.23 -7.36
C ASP B 191 -7.28 39.52 -8.72
N LEU B 192 -6.56 40.28 -9.56
CA LEU B 192 -7.16 40.91 -10.75
C LEU B 192 -6.97 40.05 -11.98
N TYR B 193 -7.96 40.13 -12.87
CA TYR B 193 -7.98 39.36 -14.12
C TYR B 193 -6.79 39.60 -15.04
N GLU B 194 -6.55 40.84 -15.43
CA GLU B 194 -5.53 41.10 -16.52
C GLU B 194 -4.10 40.64 -16.15
N PRO B 195 -3.60 41.03 -14.98
CA PRO B 195 -2.24 40.61 -14.70
C PRO B 195 -2.16 39.11 -14.45
N THR B 196 -3.21 38.51 -13.87
CA THR B 196 -3.21 37.06 -13.73
C THR B 196 -3.05 36.36 -15.08
N LYS B 197 -3.88 36.74 -16.02
CA LYS B 197 -3.83 36.18 -17.36
C LYS B 197 -2.46 36.34 -18.01
N ALA B 198 -1.91 37.55 -17.94
CA ALA B 198 -0.59 37.80 -18.53
C ALA B 198 0.49 36.93 -17.89
N VAL B 199 0.44 36.77 -16.56
CA VAL B 199 1.50 36.04 -15.92
C VAL B 199 1.33 34.55 -16.17
N LEU B 200 0.09 34.05 -16.19
CA LEU B 200 -0.09 32.63 -16.51
C LEU B 200 0.49 32.34 -17.88
N GLU B 201 0.23 33.22 -18.83
CA GLU B 201 0.78 33.01 -20.23
C GLU B 201 2.33 33.02 -20.25
N ALA B 202 2.91 33.94 -19.49
CA ALA B 202 4.37 34.10 -19.42
C ALA B 202 5.11 32.91 -18.75
N ILE B 203 4.52 32.34 -17.69
CA ILE B 203 5.27 31.34 -16.94
C ILE B 203 5.21 29.96 -17.57
N ARG B 204 4.29 29.73 -18.52
CA ARG B 204 4.09 28.39 -19.01
C ARG B 204 5.35 27.67 -19.49
N PRO B 205 6.28 28.36 -20.24
CA PRO B 205 7.41 27.57 -20.78
C PRO B 205 8.41 27.16 -19.70
N TYR B 206 8.21 27.64 -18.46
CA TYR B 206 9.22 27.41 -17.41
C TYR B 206 8.74 26.43 -16.36
N LEU B 207 7.54 25.87 -16.55
CA LEU B 207 6.98 24.88 -15.62
C LEU B 207 7.42 23.47 -16.06
N THR B 208 7.60 22.56 -15.10
CA THR B 208 7.75 21.16 -15.45
C THR B 208 6.54 20.36 -14.97
N LYS B 209 6.39 19.10 -15.42
CA LYS B 209 5.33 18.28 -14.83
C LYS B 209 5.66 18.12 -13.36
N GLY B 210 4.70 18.46 -12.48
CA GLY B 210 4.97 18.40 -11.06
C GLY B 210 5.13 19.80 -10.43
N SER B 211 5.45 20.82 -11.26
CA SER B 211 5.38 22.19 -10.74
C SER B 211 4.00 22.48 -10.16
N ILE B 212 3.96 23.27 -9.10
CA ILE B 212 2.64 23.59 -8.56
C ILE B 212 2.27 25.02 -8.94
N VAL B 213 1.02 25.19 -9.35
CA VAL B 213 0.45 26.50 -9.63
C VAL B 213 -0.70 26.71 -8.65
N ALA B 214 -0.57 27.71 -7.79
CA ALA B 214 -1.57 27.97 -6.75
C ALA B 214 -2.24 29.34 -6.86
N PHE B 215 -3.49 29.40 -6.45
CA PHE B 215 -4.30 30.63 -6.57
C PHE B 215 -4.91 30.94 -5.22
N ASP B 216 -4.83 32.21 -4.84
CA ASP B 216 -5.31 32.66 -3.52
C ASP B 216 -6.81 32.94 -3.49
N GLU B 217 -7.40 33.23 -4.66
N GLU B 217 -7.40 33.23 -4.64
CA GLU B 217 -8.85 33.65 -4.70
CA GLU B 217 -8.85 33.61 -4.69
C GLU B 217 -9.60 33.07 -5.91
C GLU B 217 -9.53 33.10 -5.96
N LEU B 218 -9.27 31.85 -6.31
CA LEU B 218 -9.72 31.30 -7.60
C LEU B 218 -11.26 31.33 -7.69
N ASP B 219 -11.94 30.91 -6.63
CA ASP B 219 -13.40 30.72 -6.66
C ASP B 219 -14.12 31.70 -5.70
N ASN B 220 -13.46 32.83 -5.40
CA ASN B 220 -14.05 33.84 -4.52
C ASN B 220 -14.96 34.82 -5.30
N PRO B 221 -16.24 34.89 -4.93
CA PRO B 221 -17.12 35.80 -5.66
C PRO B 221 -16.63 37.26 -5.71
N LYS B 222 -15.86 37.69 -4.70
CA LYS B 222 -15.38 39.06 -4.69
C LYS B 222 -14.29 39.30 -5.76
N TRP B 223 -13.60 38.21 -6.19
CA TRP B 223 -12.44 38.37 -7.08
C TRP B 223 -12.45 37.31 -8.14
N PRO B 224 -13.34 37.46 -9.12
CA PRO B 224 -13.49 36.42 -10.14
C PRO B 224 -12.35 36.46 -11.19
N GLY B 225 -11.37 37.37 -11.07
CA GLY B 225 -10.39 37.54 -12.15
C GLY B 225 -9.50 36.32 -12.39
N GLU B 226 -9.07 35.65 -11.32
CA GLU B 226 -8.22 34.44 -11.50
C GLU B 226 -8.96 33.34 -12.25
N ASN B 227 -10.25 33.16 -11.94
CA ASN B 227 -11.05 32.16 -12.60
C ASN B 227 -11.25 32.54 -14.08
N ILE B 228 -11.61 33.78 -14.33
CA ILE B 228 -11.82 34.21 -15.71
C ILE B 228 -10.51 34.06 -16.50
N ALA B 229 -9.38 34.37 -15.87
CA ALA B 229 -8.08 34.21 -16.49
C ALA B 229 -7.80 32.73 -16.82
N MSE B 230 -8.03 31.86 -15.83
N MSE B 230 -8.01 31.84 -15.83
CA MSE B 230 -7.81 30.44 -15.99
CA MSE B 230 -7.75 30.44 -16.05
C MSE B 230 -8.67 29.86 -17.10
C MSE B 230 -8.66 29.88 -17.14
O MSE B 230 -8.22 29.03 -17.89
O MSE B 230 -8.23 29.07 -17.96
CB MSE B 230 -8.10 29.71 -14.66
CB MSE B 230 -7.93 29.61 -14.77
CG MSE B 230 -6.84 29.61 -13.81
CG MSE B 230 -7.77 28.11 -15.03
SE MSE B 230 -5.50 28.37 -14.57
SE MSE B 230 -7.04 27.07 -13.54
CE MSE B 230 -6.49 26.69 -14.67
CE MSE B 230 -5.14 27.28 -13.92
N ARG B 231 -9.93 30.28 -17.15
CA ARG B 231 -10.82 29.74 -18.16
C ARG B 231 -10.44 30.20 -19.57
N LYS B 232 -9.84 31.38 -19.65
CA LYS B 232 -9.31 31.85 -20.96
C LYS B 232 -8.01 31.20 -21.40
N VAL B 233 -7.12 30.92 -20.47
CA VAL B 233 -5.77 30.50 -20.86
C VAL B 233 -5.69 28.97 -20.98
N LEU B 234 -6.26 28.29 -19.96
CA LEU B 234 -6.08 26.85 -19.83
C LEU B 234 -7.37 26.02 -19.83
N GLY B 235 -8.41 26.57 -19.21
CA GLY B 235 -9.61 25.81 -18.87
C GLY B 235 -9.50 25.27 -17.45
N LEU B 236 -10.62 25.24 -16.72
CA LEU B 236 -10.59 24.76 -15.34
C LEU B 236 -10.33 23.27 -15.23
N ASP B 237 -10.50 22.51 -16.34
CA ASP B 237 -10.25 21.06 -16.27
C ASP B 237 -8.96 20.71 -17.04
N HIS B 238 -8.12 21.72 -17.31
CA HIS B 238 -6.81 21.44 -17.87
C HIS B 238 -5.98 20.54 -16.97
N ALA B 239 -6.05 20.80 -15.66
CA ALA B 239 -5.37 20.01 -14.63
C ALA B 239 -6.33 19.90 -13.45
N PRO B 240 -6.03 19.02 -12.46
CA PRO B 240 -6.95 18.89 -11.33
C PRO B 240 -6.70 19.97 -10.31
N LEU B 241 -7.68 20.85 -10.13
CA LEU B 241 -7.56 21.86 -9.06
C LEU B 241 -7.96 21.23 -7.72
N ARG B 242 -7.19 21.54 -6.67
CA ARG B 242 -7.39 20.92 -5.36
C ARG B 242 -7.37 21.98 -4.28
N LEU B 243 -8.05 21.65 -3.17
CA LEU B 243 -7.93 22.37 -1.90
C LEU B 243 -7.10 21.54 -0.94
N LEU B 244 -6.50 22.19 0.06
CA LEU B 244 -6.09 21.47 1.27
C LEU B 244 -7.39 21.36 2.12
N PRO B 245 -7.85 20.13 2.49
CA PRO B 245 -9.20 19.98 3.07
C PRO B 245 -9.44 20.91 4.25
N GLY B 246 -10.63 21.54 4.25
CA GLY B 246 -11.04 22.42 5.34
C GLY B 246 -10.69 23.86 5.12
N ARG B 247 -9.97 24.15 4.02
CA ARG B 247 -9.44 25.50 3.75
C ARG B 247 -9.94 25.97 2.40
N PRO B 248 -10.65 27.10 2.36
CA PRO B 248 -11.22 27.53 1.08
C PRO B 248 -10.18 27.95 0.04
N ALA B 249 -8.97 28.27 0.50
CA ALA B 249 -7.85 28.71 -0.37
C ALA B 249 -6.60 28.26 0.36
N PRO B 250 -5.52 28.00 -0.39
CA PRO B 250 -5.41 28.15 -1.85
C PRO B 250 -6.05 27.01 -2.63
N ALA B 251 -6.31 27.27 -3.91
CA ALA B 251 -6.60 26.21 -4.85
C ALA B 251 -5.32 25.98 -5.63
N TYR B 252 -4.95 24.73 -5.87
CA TYR B 252 -3.66 24.52 -6.52
C TYR B 252 -3.75 23.30 -7.42
N LEU B 253 -2.91 23.34 -8.45
CA LEU B 253 -2.82 22.22 -9.38
C LEU B 253 -1.35 21.78 -9.54
N ARG B 254 -1.15 20.50 -9.88
N ARG B 254 -1.16 20.53 -9.95
CA ARG B 254 0.16 19.95 -10.19
CA ARG B 254 0.16 19.96 -10.19
C ARG B 254 0.21 19.97 -11.70
C ARG B 254 0.25 19.93 -11.70
N TRP B 255 1.13 20.75 -12.26
CA TRP B 255 1.23 20.86 -13.72
C TRP B 255 1.41 19.49 -14.38
N GLY B 256 0.57 19.22 -15.39
CA GLY B 256 0.65 18.03 -16.20
C GLY B 256 -0.22 16.91 -15.68
N ASP B 257 -0.84 17.06 -14.51
CA ASP B 257 -1.68 16.01 -13.98
C ASP B 257 -3.08 16.00 -14.62
N GLN C 7 35.41 23.45 32.39
CA GLN C 7 34.73 22.75 31.28
C GLN C 7 34.62 23.60 30.03
N ASP C 8 34.41 22.93 28.90
CA ASP C 8 34.25 23.60 27.61
C ASP C 8 32.78 23.93 27.37
N LEU C 9 32.39 25.20 27.54
CA LEU C 9 31.00 25.60 27.28
C LEU C 9 30.67 25.45 25.80
N ARG C 10 31.69 25.40 24.95
CA ARG C 10 31.48 25.26 23.51
C ARG C 10 30.87 23.92 23.11
N ALA C 11 30.96 22.94 24.01
CA ALA C 11 30.45 21.58 23.76
C ALA C 11 28.94 21.51 24.03
N PHE C 12 28.38 22.54 24.65
CA PHE C 12 26.91 22.64 24.75
C PHE C 12 26.36 23.34 23.51
N VAL C 13 25.14 23.02 23.14
CA VAL C 13 24.50 23.70 22.04
C VAL C 13 24.41 25.20 22.38
N HIS C 14 24.77 26.06 21.43
CA HIS C 14 24.68 27.49 21.59
C HIS C 14 24.53 28.12 20.21
N ASP C 15 24.07 29.40 20.19
CA ASP C 15 23.84 30.11 18.94
C ASP C 15 25.14 30.47 18.25
N SER C 16 25.20 30.21 16.95
CA SER C 16 26.29 30.77 16.13
C SER C 16 26.20 32.30 16.12
N PRO C 17 27.29 32.98 15.81
CA PRO C 17 27.19 34.42 15.63
C PRO C 17 26.12 34.81 14.60
N GLU C 18 26.00 34.02 13.51
N GLU C 18 25.97 34.00 13.55
CA GLU C 18 24.96 34.32 12.49
CA GLU C 18 24.95 34.30 12.49
C GLU C 18 23.56 34.14 13.01
C GLU C 18 23.55 34.14 13.01
N GLU C 19 23.33 33.13 13.84
CA GLU C 19 21.98 32.92 14.43
C GLU C 19 21.65 34.11 15.35
N THR C 20 22.63 34.55 16.14
CA THR C 20 22.46 35.74 16.96
C THR C 20 22.17 36.99 16.12
N GLU C 21 22.91 37.15 15.04
CA GLU C 21 22.66 38.26 14.12
C GLU C 21 21.26 38.25 13.53
N THR C 22 20.81 37.10 13.04
CA THR C 22 19.46 37.02 12.52
C THR C 22 18.43 37.42 13.56
N THR C 23 18.58 36.88 14.77
CA THR C 23 17.63 37.11 15.86
C THR C 23 17.60 38.60 16.21
N GLN C 24 18.80 39.21 16.37
CA GLN C 24 18.84 40.63 16.70
C GLN C 24 18.29 41.50 15.58
N ARG C 25 18.58 41.16 14.34
CA ARG C 25 18.07 42.01 13.24
C ARG C 25 16.55 41.89 13.17
N LEU C 26 16.01 40.67 13.28
CA LEU C 26 14.55 40.50 13.22
C LEU C 26 13.86 41.21 14.39
N THR C 27 14.47 41.18 15.60
CA THR C 27 13.96 41.96 16.70
C THR C 27 13.87 43.45 16.37
N LYS C 28 14.94 44.01 15.81
N LYS C 28 14.94 44.00 15.78
CA LYS C 28 14.93 45.42 15.42
CA LYS C 28 14.97 45.41 15.40
C LYS C 28 13.86 45.71 14.41
C LYS C 28 13.98 45.78 14.32
N LEU C 29 13.84 44.91 13.34
CA LEU C 29 12.85 45.12 12.27
C LEU C 29 11.41 44.97 12.73
N LEU C 30 11.18 44.11 13.74
CA LEU C 30 9.81 43.98 14.27
C LEU C 30 9.43 45.21 15.09
N THR C 31 10.35 45.70 15.92
CA THR C 31 10.01 46.79 16.79
C THR C 31 10.13 48.16 16.14
N ASN C 32 10.74 48.22 14.96
CA ASN C 32 10.87 49.45 14.18
C ASN C 32 10.27 49.32 12.81
N SER C 33 9.10 48.72 12.69
CA SER C 33 8.57 48.34 11.36
C SER C 33 7.72 49.46 10.80
N PRO C 34 7.76 49.68 9.47
CA PRO C 34 6.79 50.56 8.76
C PRO C 34 5.46 49.87 8.50
N ILE C 35 5.34 48.59 8.84
CA ILE C 35 4.01 47.96 8.72
C ILE C 35 3.05 48.67 9.67
N PRO C 36 1.84 49.06 9.19
CA PRO C 36 0.92 49.71 10.10
C PRO C 36 0.61 48.80 11.31
N THR C 37 0.46 49.39 12.50
CA THR C 37 0.32 48.57 13.69
C THR C 37 -0.71 47.45 13.60
N GLU C 38 -1.85 47.73 12.98
CA GLU C 38 -2.97 46.74 12.96
C GLU C 38 -2.72 45.60 11.97
N GLU C 39 -1.66 45.72 11.16
CA GLU C 39 -1.27 44.64 10.20
C GLU C 39 -0.12 43.78 10.70
N LEU C 40 0.52 44.16 11.79
CA LEU C 40 1.63 43.33 12.27
C LEU C 40 1.22 41.87 12.48
N VAL C 41 0.06 41.62 13.13
CA VAL C 41 -0.34 40.26 13.44
C VAL C 41 -0.85 39.54 12.21
N ASN C 42 -0.80 40.21 11.05
CA ASN C 42 -1.12 39.56 9.76
C ASN C 42 0.16 39.23 8.98
N ASN C 43 1.32 39.52 9.58
CA ASN C 43 2.60 39.37 8.87
C ASN C 43 3.71 38.87 9.78
N LEU C 44 3.33 38.13 10.83
CA LEU C 44 4.35 37.64 11.80
C LEU C 44 5.42 36.71 11.18
N PRO C 45 5.11 35.95 10.10
CA PRO C 45 6.15 35.09 9.58
C PRO C 45 7.37 35.89 9.05
N LEU C 46 7.20 37.17 8.74
CA LEU C 46 8.39 38.00 8.44
C LEU C 46 9.45 37.85 9.55
N PHE C 47 9.00 37.63 10.80
CA PHE C 47 9.94 37.68 11.94
C PHE C 47 10.23 36.35 12.58
N LEU C 48 9.69 35.30 11.93
CA LEU C 48 9.73 33.95 12.47
C LEU C 48 10.84 33.18 11.77
N ARG C 49 12.01 33.13 12.40
CA ARG C 49 13.20 32.54 11.78
C ARG C 49 13.16 31.02 11.77
N ARG C 50 14.02 30.42 10.95
CA ARG C 50 14.11 28.97 10.81
C ARG C 50 13.99 28.20 12.12
N HIS C 51 14.82 28.55 13.11
CA HIS C 51 14.83 27.78 14.35
C HIS C 51 13.44 27.77 15.02
N GLN C 52 12.76 28.92 15.05
CA GLN C 52 11.44 28.99 15.67
C GLN C 52 10.34 28.43 14.75
N MSE C 53 10.52 28.58 13.43
CA MSE C 53 9.59 27.92 12.52
C MSE C 53 9.65 26.42 12.72
O MSE C 53 8.61 25.73 12.65
CB MSE C 53 9.97 28.29 11.04
CG MSE C 53 9.14 27.49 10.00
SE MSE C 53 7.23 27.82 10.02
CE MSE C 53 7.35 29.36 8.84
N THR C 54 10.85 25.88 12.93
CA THR C 54 10.99 24.44 13.10
C THR C 54 10.18 23.97 14.34
N ASP C 55 10.27 24.76 15.45
CA ASP C 55 9.57 24.41 16.66
C ASP C 55 8.08 24.34 16.37
N LEU C 56 7.58 25.32 15.59
CA LEU C 56 6.12 25.38 15.29
C LEU C 56 5.72 24.14 14.48
N LEU C 57 6.52 23.81 13.48
CA LEU C 57 6.22 22.63 12.66
C LEU C 57 6.26 21.36 13.49
N SER C 58 7.18 21.29 14.46
CA SER C 58 7.21 20.09 15.31
C SER C 58 5.99 19.98 16.22
N MSE C 59 5.54 21.10 16.80
CA MSE C 59 4.32 21.03 17.62
C MSE C 59 3.13 20.63 16.77
O MSE C 59 2.26 19.85 17.21
CB MSE C 59 4.04 22.38 18.31
CG MSE C 59 5.11 22.85 19.33
SE MSE C 59 5.61 21.50 20.67
CE MSE C 59 7.31 21.00 19.84
N ASP C 60 3.08 21.14 15.54
CA ASP C 60 1.99 20.74 14.64
C ASP C 60 2.05 19.23 14.32
N ALA C 61 3.25 18.67 14.12
CA ALA C 61 3.42 17.25 13.83
C ALA C 61 2.95 16.44 15.04
N LEU C 62 3.28 16.90 16.25
CA LEU C 62 2.82 16.13 17.43
C LEU C 62 1.31 16.16 17.60
N TYR C 63 0.73 17.34 17.42
CA TYR C 63 -0.70 17.50 17.55
C TYR C 63 -1.43 16.69 16.49
N ARG C 64 -0.93 16.71 15.26
CA ARG C 64 -1.58 15.89 14.22
C ARG C 64 -1.61 14.39 14.56
N GLN C 65 -0.61 13.90 15.30
CA GLN C 65 -0.61 12.48 15.71
C GLN C 65 -1.63 12.11 16.77
N VAL C 66 -2.24 13.10 17.44
CA VAL C 66 -3.24 12.77 18.47
C VAL C 66 -4.64 13.28 18.14
N LEU C 67 -4.88 13.68 16.86
CA LEU C 67 -6.22 14.13 16.44
C LEU C 67 -7.28 12.98 16.55
N ASP C 68 -6.81 11.73 16.55
CA ASP C 68 -7.71 10.63 16.77
C ASP C 68 -7.56 9.99 18.15
N VAL C 69 -7.02 10.75 19.12
CA VAL C 69 -6.86 10.22 20.49
C VAL C 69 -7.65 11.15 21.45
N PRO C 70 -8.46 10.57 22.38
CA PRO C 70 -9.21 11.44 23.29
C PRO C 70 -8.27 12.08 24.31
N GLY C 71 -8.77 13.11 24.97
CA GLY C 71 -8.05 13.69 26.08
C GLY C 71 -7.44 15.06 25.84
N VAL C 72 -6.59 15.44 26.77
CA VAL C 72 -6.11 16.80 26.82
C VAL C 72 -4.67 16.92 26.42
N ILE C 73 -4.18 18.16 26.28
CA ILE C 73 -2.77 18.45 25.96
C ILE C 73 -2.17 19.08 27.20
N MSE C 74 -1.06 18.53 27.70
CA MSE C 74 -0.38 19.14 28.85
C MSE C 74 1.05 19.54 28.44
O MSE C 74 1.73 18.79 27.76
CB MSE C 74 -0.26 18.18 30.01
CG MSE C 74 -1.65 17.77 30.52
SE MSE C 74 -1.50 16.65 32.15
CE MSE C 74 -3.32 16.78 32.74
N GLU C 75 1.48 20.70 28.89
CA GLU C 75 2.90 21.09 28.81
C GLU C 75 3.40 21.28 30.22
N PHE C 76 4.47 20.59 30.56
CA PHE C 76 5.14 20.79 31.83
C PHE C 76 6.40 21.64 31.54
N GLY C 77 6.33 22.94 31.93
CA GLY C 77 7.37 23.92 31.64
C GLY C 77 6.97 24.83 30.48
N VAL C 78 6.39 25.97 30.84
CA VAL C 78 5.67 26.84 29.89
C VAL C 78 6.52 28.07 29.57
N ARG C 79 7.25 28.60 30.55
CA ARG C 79 7.92 29.89 30.40
C ARG C 79 7.00 30.99 29.87
N PHE C 80 7.28 31.63 28.72
CA PHE C 80 6.40 32.67 28.20
C PHE C 80 5.15 32.13 27.49
N GLY C 81 5.14 30.82 27.20
CA GLY C 81 3.98 30.19 26.61
C GLY C 81 4.09 29.93 25.13
N ARG C 82 5.29 29.96 24.53
CA ARG C 82 5.46 29.69 23.09
C ARG C 82 4.62 28.50 22.60
N HIS C 83 4.74 27.39 23.30
CA HIS C 83 4.03 26.17 22.84
C HIS C 83 2.54 26.23 23.10
N LEU C 84 2.13 26.87 24.19
CA LEU C 84 0.67 27.00 24.47
C LEU C 84 -0.03 27.83 23.41
N GLY C 85 0.60 28.94 22.97
CA GLY C 85 0.05 29.79 21.90
C GLY C 85 -0.07 28.94 20.65
N THR C 86 0.95 28.16 20.37
CA THR C 86 0.93 27.28 19.20
C THR C 86 -0.25 26.29 19.24
N PHE C 87 -0.36 25.57 20.36
CA PHE C 87 -1.46 24.65 20.49
C PHE C 87 -2.82 25.31 20.42
N ALA C 88 -2.96 26.50 21.04
CA ALA C 88 -4.25 27.20 20.98
C ALA C 88 -4.67 27.45 19.50
N ALA C 89 -3.74 27.95 18.70
CA ALA C 89 -4.06 28.18 17.30
C ALA C 89 -4.29 26.90 16.52
N LEU C 90 -3.47 25.88 16.74
CA LEU C 90 -3.64 24.60 16.05
C LEU C 90 -4.97 23.95 16.44
N ARG C 91 -5.40 24.09 17.69
CA ARG C 91 -6.70 23.56 18.08
C ARG C 91 -7.82 24.21 17.27
N GLY C 92 -7.66 25.50 16.98
CA GLY C 92 -8.58 26.20 16.07
C GLY C 92 -8.57 25.58 14.68
N VAL C 93 -7.37 25.39 14.14
CA VAL C 93 -7.25 24.79 12.79
C VAL C 93 -7.92 23.43 12.70
N TYR C 94 -7.65 22.56 13.67
CA TYR C 94 -7.97 21.13 13.57
C TYR C 94 -9.27 20.71 14.28
N GLU C 95 -9.68 21.43 15.33
CA GLU C 95 -10.73 20.90 16.22
C GLU C 95 -11.73 21.98 16.68
N PRO C 96 -12.35 22.69 15.72
CA PRO C 96 -13.39 23.65 16.08
C PRO C 96 -14.48 23.04 16.99
N TYR C 97 -14.79 21.76 16.80
CA TYR C 97 -15.94 21.16 17.47
C TYR C 97 -15.57 20.34 18.69
N ASN C 98 -14.32 20.44 19.16
CA ASN C 98 -13.90 19.64 20.31
C ASN C 98 -13.65 20.53 21.56
N PRO C 99 -14.68 20.71 22.39
CA PRO C 99 -14.54 21.57 23.57
C PRO C 99 -13.85 20.81 24.72
N LEU C 100 -13.55 19.53 24.53
CA LEU C 100 -12.94 18.71 25.59
C LEU C 100 -11.39 18.72 25.51
N ARG C 101 -10.87 19.20 24.38
CA ARG C 101 -9.42 19.26 24.19
C ARG C 101 -8.87 20.48 24.97
N ARG C 102 -8.70 20.28 26.24
CA ARG C 102 -8.19 21.32 27.13
C ARG C 102 -6.70 21.35 26.94
N ILE C 103 -6.11 22.55 27.00
CA ILE C 103 -4.68 22.76 27.02
C ILE C 103 -4.29 23.19 28.44
N VAL C 104 -3.40 22.46 29.09
CA VAL C 104 -3.07 22.73 30.51
C VAL C 104 -1.59 22.98 30.55
N GLY C 105 -1.19 24.16 31.05
CA GLY C 105 0.23 24.51 31.13
C GLY C 105 0.62 24.63 32.59
N PHE C 106 1.65 23.87 32.99
CA PHE C 106 2.17 23.87 34.36
C PHE C 106 3.52 24.57 34.45
N ASP C 107 3.66 25.49 35.41
CA ASP C 107 4.98 26.08 35.61
C ASP C 107 4.92 26.78 36.99
N THR C 108 6.08 27.01 37.62
CA THR C 108 6.11 27.90 38.77
C THR C 108 5.89 29.34 38.30
N PHE C 109 6.39 29.62 37.10
CA PHE C 109 6.37 30.95 36.50
C PHE C 109 7.38 31.85 37.21
N THR C 110 8.23 31.22 38.04
CA THR C 110 9.36 31.92 38.70
C THR C 110 10.65 31.16 38.52
N GLY C 111 10.71 30.36 37.46
CA GLY C 111 11.93 29.63 37.16
C GLY C 111 12.13 28.37 38.00
N PHE C 112 13.26 27.72 37.79
CA PHE C 112 13.48 26.46 38.46
C PHE C 112 13.35 26.63 39.98
N PRO C 113 12.57 25.80 40.67
N PRO C 113 12.70 25.66 40.64
CA PRO C 113 12.36 26.10 42.13
CA PRO C 113 12.96 25.40 42.05
C PRO C 113 13.44 25.47 43.00
C PRO C 113 14.39 24.88 42.21
N ASP C 114 14.21 24.57 42.38
N ASP C 114 14.74 24.55 43.45
CA ASP C 114 15.36 23.87 42.97
CA ASP C 114 16.02 23.92 43.70
C ASP C 114 16.06 23.09 41.86
C ASP C 114 16.27 22.65 42.86
N VAL C 115 17.34 22.72 42.09
CA VAL C 115 17.91 21.71 41.20
C VAL C 115 18.54 20.55 41.92
N ASN C 116 18.69 19.41 41.23
CA ASN C 116 19.36 18.26 41.77
C ASN C 116 20.83 18.33 41.29
N ASP C 117 21.73 17.70 42.03
CA ASP C 117 23.13 17.66 41.58
C ASP C 117 23.30 17.08 40.15
N VAL C 118 22.43 16.15 39.73
CA VAL C 118 22.56 15.58 38.37
C VAL C 118 22.23 16.62 37.33
N ASP C 119 21.48 17.67 37.69
CA ASP C 119 21.15 18.72 36.73
C ASP C 119 22.26 19.78 36.57
N ARG C 120 23.24 19.79 37.46
N ARG C 120 23.23 19.75 37.46
CA ARG C 120 24.23 20.88 37.48
CA ARG C 120 24.27 20.77 37.50
C ARG C 120 25.43 20.65 36.56
C ARG C 120 25.43 20.39 36.59
N VAL C 121 25.16 20.41 35.30
CA VAL C 121 26.20 20.13 34.29
C VAL C 121 26.73 21.44 33.71
N GLY C 122 25.83 22.35 33.32
CA GLY C 122 26.22 23.64 32.78
C GLY C 122 25.92 24.79 33.77
N PRO C 123 26.20 26.02 33.35
CA PRO C 123 26.17 27.15 34.27
C PRO C 123 24.78 27.74 34.45
N THR C 124 23.77 27.23 33.72
CA THR C 124 22.40 27.81 33.84
C THR C 124 21.44 26.95 34.71
N ALA C 125 22.00 25.96 35.39
CA ALA C 125 21.22 25.09 36.29
C ALA C 125 21.20 25.67 37.73
N TYR C 126 20.36 26.68 37.94
CA TYR C 126 20.27 27.40 39.23
C TYR C 126 18.84 27.79 39.49
N GLN C 127 18.52 27.94 40.77
N GLN C 127 18.52 27.94 40.77
CA GLN C 127 17.17 28.28 41.17
CA GLN C 127 17.17 28.28 41.17
C GLN C 127 16.79 29.64 40.56
C GLN C 127 16.79 29.64 40.55
N GLY C 128 15.58 29.72 39.99
CA GLY C 128 15.15 30.93 39.34
C GLY C 128 15.44 31.08 37.85
N ARG C 129 16.27 30.21 37.28
CA ARG C 129 16.50 30.27 35.85
C ARG C 129 15.14 30.08 35.10
N PHE C 130 14.94 30.92 34.09
CA PHE C 130 13.76 30.97 33.22
C PHE C 130 12.56 31.65 33.89
N ALA C 131 12.77 32.33 35.04
CA ALA C 131 11.69 33.11 35.66
C ALA C 131 11.09 34.10 34.65
N VAL C 132 9.76 34.29 34.71
CA VAL C 132 9.12 35.24 33.87
C VAL C 132 8.57 36.38 34.79
N PRO C 133 8.21 37.51 34.19
CA PRO C 133 7.89 38.67 35.06
C PRO C 133 6.75 38.44 36.04
N GLY C 134 6.76 39.20 37.13
CA GLY C 134 5.64 39.12 38.07
C GLY C 134 4.31 39.37 37.43
N GLY C 135 3.35 38.52 37.72
CA GLY C 135 2.00 38.62 37.14
C GLY C 135 1.91 38.16 35.69
N TYR C 136 2.94 37.46 35.21
CA TYR C 136 2.93 37.01 33.82
C TYR C 136 1.78 36.04 33.49
N PRO C 137 1.42 35.15 34.44
CA PRO C 137 0.33 34.22 34.11
C PRO C 137 -0.95 34.93 33.72
N ALA C 138 -1.31 36.03 34.37
CA ALA C 138 -2.52 36.75 33.94
C ALA C 138 -2.40 37.23 32.48
N TYR C 139 -1.24 37.76 32.09
CA TYR C 139 -1.03 38.13 30.69
C TYR C 139 -1.15 36.95 29.72
N LEU C 140 -0.51 35.84 30.08
CA LEU C 140 -0.55 34.65 29.21
C LEU C 140 -2.02 34.18 29.11
N LYS C 141 -2.76 34.24 30.23
CA LYS C 141 -4.17 33.85 30.18
C LYS C 141 -4.97 34.82 29.32
N GLU C 142 -4.62 36.12 29.33
CA GLU C 142 -5.29 37.09 28.41
C GLU C 142 -5.02 36.80 26.94
N VAL C 143 -3.81 36.40 26.64
CA VAL C 143 -3.46 35.97 25.27
C VAL C 143 -4.28 34.75 24.87
N LEU C 144 -4.30 33.73 25.71
CA LEU C 144 -5.07 32.52 25.39
C LEU C 144 -6.56 32.84 25.26
N ASP C 145 -7.07 33.70 26.15
CA ASP C 145 -8.46 34.13 26.02
C ASP C 145 -8.71 34.89 24.72
N ALA C 146 -7.72 35.60 24.23
CA ALA C 146 -7.90 36.33 22.99
C ALA C 146 -8.06 35.35 21.84
N HIS C 147 -7.30 34.25 21.83
CA HIS C 147 -7.49 33.23 20.75
C HIS C 147 -8.88 32.59 20.89
N GLU C 148 -9.24 32.26 22.13
CA GLU C 148 -10.52 31.53 22.39
C GLU C 148 -11.78 32.31 22.04
N CYS C 149 -11.71 33.63 22.02
N CYS C 149 -11.68 33.64 22.05
N CYS C 149 -11.64 33.62 22.04
CA CYS C 149 -12.97 34.39 21.85
CA CYS C 149 -12.81 34.51 21.74
CA CYS C 149 -12.74 34.56 21.78
C CYS C 149 -13.50 34.24 20.41
C CYS C 149 -13.49 34.06 20.48
C CYS C 149 -13.43 34.27 20.44
N SER C 150 -12.67 33.72 19.51
CA SER C 150 -13.19 33.40 18.15
C SER C 150 -13.22 31.91 17.88
N ASP C 151 -13.05 31.10 18.92
CA ASP C 151 -13.24 29.64 18.73
C ASP C 151 -14.76 29.35 18.62
N PHE C 152 -15.06 28.31 17.85
CA PHE C 152 -16.42 27.87 17.74
C PHE C 152 -17.04 27.58 19.14
N PHE C 153 -16.24 27.02 20.05
CA PHE C 153 -16.63 26.72 21.42
C PHE C 153 -16.09 27.74 22.40
N GLY C 154 -15.91 28.98 21.91
CA GLY C 154 -15.51 30.09 22.77
C GLY C 154 -16.36 30.40 24.00
N HIS C 155 -17.60 29.88 24.02
CA HIS C 155 -18.48 30.07 25.15
C HIS C 155 -18.19 29.09 26.29
N VAL C 156 -17.40 28.05 26.01
CA VAL C 156 -17.00 27.11 27.06
C VAL C 156 -15.68 27.57 27.68
N THR C 157 -15.69 27.80 29.00
CA THR C 157 -14.48 28.26 29.68
C THR C 157 -13.59 27.12 30.17
N GLN C 158 -12.41 27.46 30.71
N GLN C 158 -12.42 27.47 30.72
CA GLN C 158 -11.45 26.45 31.17
CA GLN C 158 -11.47 26.50 31.24
C GLN C 158 -11.04 25.50 30.04
C GLN C 158 -11.01 25.51 30.16
N ARG C 159 -11.01 26.00 28.80
N ARG C 159 -10.98 25.96 28.90
CA ARG C 159 -10.38 25.22 27.71
CA ARG C 159 -10.39 25.13 27.84
C ARG C 159 -8.88 25.44 27.68
C ARG C 159 -8.89 25.37 27.73
N SER C 160 -8.42 26.50 28.33
N SER C 160 -8.41 26.43 28.35
CA SER C 160 -6.98 26.68 28.57
CA SER C 160 -6.96 26.62 28.55
C SER C 160 -6.85 26.92 30.05
C SER C 160 -6.72 27.03 30.00
N VAL C 161 -5.91 26.24 30.69
CA VAL C 161 -5.74 26.37 32.13
C VAL C 161 -4.25 26.48 32.41
N LEU C 162 -3.86 27.55 33.06
CA LEU C 162 -2.53 27.68 33.61
C LEU C 162 -2.49 27.29 35.10
N VAL C 163 -1.63 26.34 35.43
CA VAL C 163 -1.55 25.82 36.79
C VAL C 163 -0.20 26.28 37.35
N GLU C 164 -0.26 27.13 38.38
CA GLU C 164 0.93 27.81 38.89
C GLU C 164 1.44 27.06 40.12
N GLY C 165 2.76 26.79 40.11
CA GLY C 165 3.44 26.16 41.24
C GLY C 165 4.35 25.02 40.83
N ASP C 166 4.82 24.28 41.84
CA ASP C 166 5.77 23.17 41.59
C ASP C 166 5.00 21.94 41.12
N VAL C 167 5.34 21.42 39.93
CA VAL C 167 4.66 20.29 39.37
C VAL C 167 4.60 19.06 40.28
N ARG C 168 5.55 18.93 41.21
CA ARG C 168 5.53 17.81 42.13
C ARG C 168 4.25 17.81 42.92
N GLU C 169 3.69 19.03 43.15
CA GLU C 169 2.43 19.12 43.90
C GLU C 169 1.26 19.38 42.97
N THR C 170 1.49 20.18 41.94
CA THR C 170 0.36 20.65 41.18
C THR C 170 -0.14 19.62 40.20
N VAL C 171 0.72 18.75 39.70
CA VAL C 171 0.23 17.82 38.70
C VAL C 171 -0.62 16.74 39.40
N PRO C 172 -0.14 16.15 40.53
CA PRO C 172 -1.05 15.21 41.21
C PRO C 172 -2.35 15.86 41.65
N ARG C 173 -2.29 17.12 42.08
N ARG C 173 -2.29 17.12 42.08
CA ARG C 173 -3.50 17.80 42.52
CA ARG C 173 -3.50 17.79 42.52
C ARG C 173 -4.44 18.03 41.36
C ARG C 173 -4.44 18.01 41.35
N TYR C 174 -3.90 18.46 40.22
CA TYR C 174 -4.75 18.64 39.04
C TYR C 174 -5.45 17.33 38.69
N LEU C 175 -4.69 16.25 38.67
CA LEU C 175 -5.26 14.97 38.27
C LEU C 175 -6.34 14.48 39.26
N ALA C 176 -6.11 14.68 40.55
CA ALA C 176 -7.08 14.27 41.56
C ALA C 176 -8.38 15.07 41.40
N GLU C 177 -8.25 16.34 40.97
CA GLU C 177 -9.42 17.24 40.77
C GLU C 177 -10.13 16.99 39.44
N ASN C 178 -9.49 16.20 38.57
CA ASN C 178 -9.99 16.00 37.19
C ASN C 178 -9.95 14.51 36.85
N PRO C 179 -10.81 13.70 37.53
CA PRO C 179 -10.80 12.24 37.30
C PRO C 179 -11.31 11.86 35.90
N GLN C 180 -11.84 12.80 35.15
CA GLN C 180 -12.23 12.53 33.75
C GLN C 180 -11.04 12.56 32.81
N THR C 181 -9.85 12.94 33.30
CA THR C 181 -8.71 13.20 32.40
C THR C 181 -8.28 11.94 31.62
N VAL C 182 -8.12 12.14 30.31
CA VAL C 182 -7.27 11.27 29.48
C VAL C 182 -6.18 12.21 28.94
N ILE C 183 -4.93 11.79 28.94
CA ILE C 183 -3.89 12.65 28.40
C ILE C 183 -3.57 12.16 26.99
N ALA C 184 -3.82 13.03 26.01
CA ALA C 184 -3.49 12.72 24.63
C ALA C 184 -2.05 13.05 24.31
N LEU C 185 -1.57 14.18 24.77
CA LEU C 185 -0.20 14.64 24.47
C LEU C 185 0.37 15.21 25.75
N ALA C 186 1.52 14.68 26.20
CA ALA C 186 2.21 15.19 27.36
C ALA C 186 3.60 15.69 26.93
N TYR C 187 3.82 16.98 27.02
CA TYR C 187 5.02 17.62 26.53
C TYR C 187 5.91 18.04 27.73
N PHE C 188 7.04 17.36 27.88
CA PHE C 188 7.96 17.54 28.97
C PHE C 188 9.06 18.53 28.61
N ASP C 189 9.02 19.70 29.24
CA ASP C 189 10.02 20.74 28.99
C ASP C 189 10.40 21.39 30.30
N LEU C 190 10.64 20.54 31.30
CA LEU C 190 11.03 21.01 32.65
C LEU C 190 12.54 21.06 32.86
N ASP C 191 13.28 20.37 31.99
CA ASP C 191 14.76 20.21 32.02
C ASP C 191 15.29 19.37 33.16
N LEU C 192 14.69 19.46 34.35
CA LEU C 192 15.27 18.89 35.56
C LEU C 192 14.76 17.48 35.87
N TYR C 193 15.67 16.68 36.44
CA TYR C 193 15.43 15.33 36.86
C TYR C 193 14.23 15.10 37.77
N GLU C 194 14.21 15.76 38.92
CA GLU C 194 13.17 15.43 39.96
C GLU C 194 11.72 15.70 39.51
N PRO C 195 11.44 16.89 38.96
CA PRO C 195 10.04 17.09 38.53
C PRO C 195 9.68 16.24 37.33
N THR C 196 10.65 15.94 36.46
CA THR C 196 10.36 15.03 35.34
C THR C 196 9.94 13.68 35.84
N LYS C 197 10.70 13.14 36.77
CA LYS C 197 10.39 11.83 37.34
C LYS C 197 9.02 11.80 38.02
N ALA C 198 8.73 12.85 38.81
CA ALA C 198 7.46 12.90 39.57
C ALA C 198 6.27 12.96 38.59
N VAL C 199 6.42 13.75 37.52
CA VAL C 199 5.30 13.95 36.58
C VAL C 199 5.09 12.67 35.79
N LEU C 200 6.18 12.03 35.34
CA LEU C 200 6.01 10.76 34.59
C LEU C 200 5.24 9.76 35.45
N GLU C 201 5.57 9.67 36.74
CA GLU C 201 4.91 8.70 37.62
C GLU C 201 3.44 9.06 37.74
N ALA C 202 3.18 10.36 37.86
CA ALA C 202 1.81 10.83 38.08
C ALA C 202 0.90 10.61 36.83
N ILE C 203 1.40 10.88 35.63
CA ILE C 203 0.50 10.85 34.46
C ILE C 203 0.17 9.43 33.93
N ARG C 204 0.95 8.43 34.35
CA ARG C 204 0.85 7.10 33.77
C ARG C 204 -0.59 6.54 33.69
N PRO C 205 -1.38 6.66 34.77
CA PRO C 205 -2.71 5.99 34.71
C PRO C 205 -3.68 6.71 33.76
N TYR C 206 -3.28 7.85 33.20
CA TYR C 206 -4.21 8.63 32.38
C TYR C 206 -3.85 8.63 30.92
N LEU C 207 -2.84 7.85 30.59
CA LEU C 207 -2.44 7.66 29.18
C LEU C 207 -3.22 6.51 28.58
N THR C 208 -3.46 6.59 27.27
CA THR C 208 -3.97 5.44 26.53
C THR C 208 -2.94 4.96 25.54
N LYS C 209 -3.15 3.77 24.96
CA LYS C 209 -2.25 3.38 23.86
C LYS C 209 -2.48 4.35 22.71
N GLY C 210 -1.39 4.97 22.20
CA GLY C 210 -1.51 6.02 21.24
C GLY C 210 -1.30 7.43 21.77
N SER C 211 -1.39 7.61 23.09
CA SER C 211 -1.00 8.90 23.63
C SER C 211 0.45 9.19 23.29
N ILE C 212 0.79 10.45 23.11
CA ILE C 212 2.17 10.82 22.81
C ILE C 212 2.82 11.45 24.05
N VAL C 213 4.01 10.95 24.37
CA VAL C 213 4.83 11.54 25.45
C VAL C 213 6.09 12.07 24.77
N ALA C 214 6.35 13.35 24.91
CA ALA C 214 7.46 14.02 24.23
C ALA C 214 8.38 14.73 25.21
N PHE C 215 9.67 14.82 24.85
CA PHE C 215 10.70 15.42 25.71
C PHE C 215 11.45 16.45 24.90
N ASP C 216 11.67 17.62 25.47
CA ASP C 216 12.33 18.69 24.74
C ASP C 216 13.87 18.60 24.84
N GLU C 217 14.39 17.87 25.83
N GLU C 217 14.38 17.89 25.85
CA GLU C 217 15.85 17.81 26.03
CA GLU C 217 15.85 17.81 26.06
C GLU C 217 16.35 16.43 26.44
C GLU C 217 16.32 16.43 26.49
N LEU C 218 15.77 15.38 25.87
CA LEU C 218 16.03 14.04 26.33
C LEU C 218 17.51 13.66 26.26
N ASP C 219 18.19 14.05 25.18
CA ASP C 219 19.54 13.55 24.94
C ASP C 219 20.57 14.69 24.93
N ASN C 220 20.21 15.81 25.58
CA ASN C 220 21.09 16.99 25.61
C ASN C 220 22.09 16.86 26.78
N PRO C 221 23.40 16.88 26.49
CA PRO C 221 24.41 16.82 27.57
C PRO C 221 24.22 17.84 28.69
N LYS C 222 23.68 19.03 28.36
CA LYS C 222 23.46 20.08 29.39
C LYS C 222 22.37 19.70 30.38
N TRP C 223 21.37 18.93 29.92
CA TRP C 223 20.18 18.61 30.74
C TRP C 223 19.91 17.08 30.75
N PRO C 224 20.66 16.29 31.54
CA PRO C 224 20.47 14.84 31.48
C PRO C 224 19.28 14.38 32.35
N GLY C 225 18.59 15.29 33.04
CA GLY C 225 17.52 14.91 33.96
C GLY C 225 16.38 14.15 33.35
N GLU C 226 15.94 14.49 32.12
CA GLU C 226 14.83 13.75 31.53
C GLU C 226 15.25 12.30 31.23
N ASN C 227 16.48 12.09 30.71
CA ASN C 227 16.97 10.75 30.42
C ASN C 227 17.12 9.96 31.75
N ILE C 228 17.75 10.57 32.77
CA ILE C 228 17.93 9.86 34.05
C ILE C 228 16.54 9.48 34.60
N ALA C 229 15.57 10.38 34.46
CA ALA C 229 14.18 10.09 34.89
C ALA C 229 13.53 8.94 34.07
N MSE C 230 13.66 8.99 32.75
N MSE C 230 13.64 9.01 32.75
CA MSE C 230 13.10 7.95 31.92
CA MSE C 230 13.11 7.98 31.88
C MSE C 230 13.72 6.60 32.22
C MSE C 230 13.71 6.63 32.27
O MSE C 230 13.02 5.60 32.27
O MSE C 230 12.97 5.69 32.45
CB MSE C 230 13.32 8.32 30.47
CB MSE C 230 13.45 8.28 30.42
CG MSE C 230 12.18 9.12 29.92
CG MSE C 230 12.28 8.83 29.59
SE MSE C 230 10.54 8.04 29.71
SE MSE C 230 11.70 7.68 28.06
CE MSE C 230 10.99 6.48 28.64
CE MSE C 230 10.72 6.29 29.06
N ARG C 231 15.03 6.58 32.43
CA ARG C 231 15.70 5.32 32.78
C ARG C 231 15.26 4.76 34.12
N LYS C 232 14.93 5.64 35.06
CA LYS C 232 14.54 5.20 36.38
C LYS C 232 13.10 4.70 36.35
N VAL C 233 12.21 5.43 35.64
CA VAL C 233 10.77 5.13 35.71
C VAL C 233 10.33 4.03 34.74
N LEU C 234 10.81 4.12 33.49
CA LEU C 234 10.30 3.20 32.44
C LEU C 234 11.38 2.39 31.74
N GLY C 235 12.60 2.95 31.60
CA GLY C 235 13.58 2.44 30.65
C GLY C 235 13.49 3.07 29.29
N LEU C 236 14.64 3.30 28.64
CA LEU C 236 14.62 3.93 27.32
C LEU C 236 14.03 3.06 26.25
N ASP C 237 13.93 1.76 26.49
CA ASP C 237 13.34 0.87 25.47
C ASP C 237 11.96 0.38 25.91
N HIS C 238 11.34 1.08 26.86
CA HIS C 238 9.95 0.75 27.23
C HIS C 238 9.07 0.95 25.98
N ALA C 239 9.35 2.01 25.24
CA ALA C 239 8.58 2.36 24.03
C ALA C 239 9.58 2.86 22.99
N PRO C 240 9.14 3.05 21.75
CA PRO C 240 10.11 3.55 20.73
C PRO C 240 10.23 5.06 20.72
N LEU C 241 11.36 5.58 21.19
CA LEU C 241 11.60 7.02 21.08
C LEU C 241 11.97 7.41 19.64
N ARG C 242 11.44 8.55 19.19
CA ARG C 242 11.61 8.94 17.82
C ARG C 242 11.94 10.45 17.76
N LEU C 243 12.64 10.84 16.68
CA LEU C 243 12.78 12.24 16.31
C LEU C 243 11.89 12.50 15.09
N LEU C 244 11.54 13.77 14.87
CA LEU C 244 11.07 14.20 13.56
C LEU C 244 12.41 14.41 12.80
N PRO C 245 12.62 13.72 11.64
CA PRO C 245 13.92 13.74 10.97
C PRO C 245 14.49 15.16 10.80
N GLY C 246 15.77 15.30 11.10
CA GLY C 246 16.44 16.57 10.89
C GLY C 246 16.43 17.53 12.09
N ARG C 247 15.71 17.14 13.14
CA ARG C 247 15.50 18.01 14.31
C ARG C 247 15.96 17.25 15.53
N PRO C 248 16.90 17.81 16.29
CA PRO C 248 17.45 17.09 17.43
C PRO C 248 16.39 16.88 18.54
N ALA C 249 15.35 17.72 18.58
CA ALA C 249 14.27 17.62 19.58
C ALA C 249 13.01 18.15 18.88
N PRO C 250 11.82 17.66 19.32
CA PRO C 250 11.65 16.79 20.49
C PRO C 250 11.92 15.30 20.21
N ALA C 251 12.10 14.54 21.28
CA ALA C 251 12.07 13.11 21.20
C ALA C 251 10.72 12.66 21.71
N TYR C 252 10.04 11.72 21.06
CA TYR C 252 8.66 11.42 21.47
C TYR C 252 8.37 9.94 21.28
N LEU C 253 7.44 9.45 22.08
CA LEU C 253 7.06 8.05 21.98
C LEU C 253 5.55 7.92 21.96
N ARG C 254 5.07 6.88 21.30
N ARG C 254 5.07 6.87 21.32
CA ARG C 254 3.65 6.54 21.29
CA ARG C 254 3.63 6.58 21.29
C ARG C 254 3.45 5.51 22.40
C ARG C 254 3.36 5.50 22.33
N TRP C 255 2.64 5.87 23.40
CA TRP C 255 2.43 4.98 24.53
C TRP C 255 1.90 3.64 24.05
N GLY C 256 2.53 2.55 24.50
CA GLY C 256 2.08 1.20 24.16
C GLY C 256 2.77 0.56 22.96
N ASP C 257 3.53 1.36 22.20
CA ASP C 257 4.16 0.80 20.99
C ASP C 257 5.44 0.03 21.37
N GLN D 7 -48.95 -1.57 -20.94
CA GLN D 7 -47.67 -1.63 -20.24
C GLN D 7 -47.85 -2.03 -18.77
N ASP D 8 -47.00 -2.96 -18.34
CA ASP D 8 -47.06 -3.38 -16.96
C ASP D 8 -46.36 -2.34 -16.03
N LEU D 9 -47.17 -1.61 -15.24
CA LEU D 9 -46.57 -0.65 -14.22
C LEU D 9 -45.72 -1.35 -13.19
N ARG D 10 -45.88 -2.66 -13.01
CA ARG D 10 -45.07 -3.39 -12.00
C ARG D 10 -43.60 -3.51 -12.41
N ALA D 11 -43.28 -3.20 -13.67
CA ALA D 11 -41.88 -3.26 -14.14
C ALA D 11 -41.10 -2.01 -13.78
N PHE D 12 -41.79 -1.01 -13.27
CA PHE D 12 -41.09 0.17 -12.77
C PHE D 12 -40.84 -0.01 -11.30
N VAL D 13 -39.78 0.63 -10.81
N VAL D 13 -39.77 0.61 -10.78
CA VAL D 13 -39.50 0.64 -9.37
CA VAL D 13 -39.51 0.50 -9.34
C VAL D 13 -40.75 1.16 -8.62
C VAL D 13 -40.63 1.18 -8.54
N HIS D 14 -41.19 0.46 -7.57
CA HIS D 14 -42.27 0.96 -6.73
C HIS D 14 -42.11 0.33 -5.36
N ASP D 15 -42.75 0.98 -4.39
CA ASP D 15 -42.72 0.49 -2.99
C ASP D 15 -43.44 -0.84 -2.78
N SER D 16 -42.80 -1.77 -2.08
CA SER D 16 -43.50 -2.95 -1.59
C SER D 16 -44.55 -2.54 -0.57
N PRO D 17 -45.50 -3.44 -0.31
CA PRO D 17 -46.52 -3.15 0.70
C PRO D 17 -45.83 -2.91 2.05
N GLU D 18 -44.73 -3.62 2.30
CA GLU D 18 -43.95 -3.44 3.58
C GLU D 18 -43.27 -2.09 3.65
N GLU D 19 -42.72 -1.60 2.54
CA GLU D 19 -42.09 -0.26 2.54
C GLU D 19 -43.17 0.83 2.80
N THR D 20 -44.34 0.65 2.19
CA THR D 20 -45.42 1.59 2.39
C THR D 20 -45.86 1.53 3.84
N GLU D 21 -45.96 0.32 4.42
CA GLU D 21 -46.38 0.16 5.84
C GLU D 21 -45.37 0.83 6.77
N THR D 22 -44.07 0.61 6.56
CA THR D 22 -43.06 1.30 7.38
C THR D 22 -43.22 2.81 7.29
N THR D 23 -43.37 3.32 6.07
CA THR D 23 -43.44 4.76 5.88
C THR D 23 -44.63 5.36 6.55
N GLN D 24 -45.80 4.70 6.39
CA GLN D 24 -47.03 5.21 7.01
C GLN D 24 -46.98 5.09 8.54
N ARG D 25 -46.44 4.01 9.04
CA ARG D 25 -46.30 3.87 10.51
C ARG D 25 -45.36 4.89 11.11
N LEU D 26 -44.20 5.11 10.49
CA LEU D 26 -43.27 6.12 11.02
C LEU D 26 -43.89 7.52 10.94
N THR D 27 -44.67 7.82 9.90
CA THR D 27 -45.30 9.13 9.81
C THR D 27 -46.23 9.30 11.00
N LYS D 28 -47.02 8.26 11.30
N LYS D 28 -47.01 8.26 11.31
CA LYS D 28 -47.94 8.38 12.45
CA LYS D 28 -47.95 8.40 12.44
C LYS D 28 -47.15 8.56 13.74
C LYS D 28 -47.23 8.45 13.79
N LEU D 29 -46.09 7.79 13.91
CA LEU D 29 -45.33 7.83 15.20
C LEU D 29 -44.63 9.18 15.39
N LEU D 30 -44.24 9.78 14.29
CA LEU D 30 -43.61 11.09 14.32
C LEU D 30 -44.64 12.19 14.66
N THR D 31 -45.84 12.13 14.08
CA THR D 31 -46.79 13.23 14.30
C THR D 31 -47.56 13.06 15.61
N ASN D 32 -47.52 11.86 16.19
CA ASN D 32 -48.16 11.57 17.49
C ASN D 32 -47.22 11.06 18.52
N SER D 33 -46.08 11.71 18.64
CA SER D 33 -45.03 11.18 19.49
C SER D 33 -45.18 11.63 20.93
N PRO D 34 -44.86 10.75 21.88
CA PRO D 34 -44.75 11.22 23.29
C PRO D 34 -43.45 11.97 23.54
N ILE D 35 -42.52 12.03 22.58
CA ILE D 35 -41.29 12.82 22.83
C ILE D 35 -41.65 14.31 22.98
N PRO D 36 -41.11 14.97 24.01
CA PRO D 36 -41.45 16.39 24.14
C PRO D 36 -41.13 17.11 22.87
N THR D 37 -41.93 18.09 22.50
CA THR D 37 -41.76 18.72 21.21
C THR D 37 -40.35 19.25 21.01
N GLU D 38 -39.74 19.85 22.03
CA GLU D 38 -38.39 20.44 21.83
C GLU D 38 -37.26 19.34 21.69
N GLU D 39 -37.59 18.08 21.93
CA GLU D 39 -36.62 16.97 21.75
C GLU D 39 -36.80 16.21 20.45
N LEU D 40 -37.82 16.53 19.68
CA LEU D 40 -38.03 15.80 18.39
C LEU D 40 -36.77 15.91 17.49
N VAL D 41 -36.20 17.09 17.35
CA VAL D 41 -35.08 17.30 16.43
C VAL D 41 -33.80 16.75 16.99
N ASN D 42 -33.88 16.16 18.20
CA ASN D 42 -32.73 15.41 18.75
C ASN D 42 -32.89 13.91 18.64
N ASN D 43 -33.96 13.46 17.93
CA ASN D 43 -34.25 12.05 17.85
C ASN D 43 -34.79 11.64 16.49
N LEU D 44 -34.44 12.42 15.48
CA LEU D 44 -35.00 12.17 14.12
C LEU D 44 -34.65 10.80 13.51
N PRO D 45 -33.49 10.22 13.88
CA PRO D 45 -33.20 8.90 13.29
C PRO D 45 -34.23 7.82 13.70
N LEU D 46 -34.99 8.07 14.78
CA LEU D 46 -36.16 7.21 15.01
C LEU D 46 -37.07 7.03 13.78
N PHE D 47 -37.19 8.08 12.96
CA PHE D 47 -38.17 8.13 11.91
C PHE D 47 -37.56 7.99 10.51
N LEU D 48 -36.23 7.80 10.47
CA LEU D 48 -35.42 7.76 9.22
C LEU D 48 -35.24 6.31 8.78
N ARG D 49 -36.10 5.85 7.88
CA ARG D 49 -36.06 4.42 7.49
C ARG D 49 -34.89 4.10 6.55
N ARG D 50 -34.63 2.82 6.37
CA ARG D 50 -33.50 2.36 5.59
C ARG D 50 -33.37 3.13 4.25
N HIS D 51 -34.46 3.20 3.47
CA HIS D 51 -34.35 3.83 2.15
C HIS D 51 -33.87 5.29 2.22
N GLN D 52 -34.38 6.07 3.20
CA GLN D 52 -33.92 7.45 3.37
C GLN D 52 -32.54 7.58 3.99
N MSE D 53 -32.24 6.71 4.94
CA MSE D 53 -30.90 6.61 5.49
C MSE D 53 -29.87 6.35 4.40
O MSE D 53 -28.77 6.92 4.42
CB MSE D 53 -30.86 5.46 6.56
CG MSE D 53 -29.40 5.24 7.11
SE MSE D 53 -28.59 6.76 8.02
CE MSE D 53 -29.15 6.23 9.83
N THR D 54 -30.24 5.48 3.44
CA THR D 54 -29.32 5.15 2.33
C THR D 54 -28.99 6.42 1.51
N ASP D 55 -30.05 7.20 1.25
CA ASP D 55 -29.86 8.44 0.52
C ASP D 55 -28.90 9.38 1.25
N LEU D 56 -29.04 9.44 2.58
CA LEU D 56 -28.24 10.32 3.37
C LEU D 56 -26.75 9.88 3.27
N LEU D 57 -26.54 8.57 3.44
CA LEU D 57 -25.20 8.03 3.40
C LEU D 57 -24.56 8.23 1.99
N SER D 58 -25.38 8.13 0.92
CA SER D 58 -24.87 8.41 -0.40
C SER D 58 -24.47 9.87 -0.62
N MSE D 59 -25.30 10.82 -0.17
CA MSE D 59 -24.91 12.25 -0.28
C MSE D 59 -23.64 12.51 0.51
O MSE D 59 -22.74 13.24 0.04
CB MSE D 59 -26.04 13.18 0.23
CG MSE D 59 -27.36 13.10 -0.55
SE MSE D 59 -27.16 13.28 -2.50
CE MSE D 59 -27.27 11.38 -2.92
N ASP D 60 -23.54 11.91 1.70
CA ASP D 60 -22.28 11.99 2.46
C ASP D 60 -21.05 11.45 1.70
N ALA D 61 -21.20 10.30 1.07
CA ALA D 61 -20.11 9.71 0.26
C ALA D 61 -19.71 10.64 -0.90
N LEU D 62 -20.67 11.25 -1.56
CA LEU D 62 -20.34 12.16 -2.67
C LEU D 62 -19.66 13.40 -2.13
N TYR D 63 -20.18 14.01 -1.05
CA TYR D 63 -19.56 15.17 -0.50
C TYR D 63 -18.13 14.85 -0.04
N ARG D 64 -17.91 13.73 0.65
CA ARG D 64 -16.55 13.40 1.08
C ARG D 64 -15.55 13.33 -0.07
N GLN D 65 -16.01 12.96 -1.27
CA GLN D 65 -15.12 12.82 -2.41
C GLN D 65 -14.69 14.17 -2.98
N VAL D 66 -15.35 15.26 -2.57
CA VAL D 66 -14.94 16.58 -3.06
C VAL D 66 -14.43 17.55 -2.00
N LEU D 67 -14.14 17.00 -0.82
CA LEU D 67 -13.59 17.83 0.24
C LEU D 67 -12.24 18.49 -0.14
N ASP D 68 -11.50 17.88 -1.07
CA ASP D 68 -10.25 18.48 -1.54
C ASP D 68 -10.38 19.09 -2.93
N VAL D 69 -11.60 19.45 -3.35
CA VAL D 69 -11.87 20.06 -4.66
C VAL D 69 -12.51 21.44 -4.38
N PRO D 70 -12.02 22.50 -5.05
CA PRO D 70 -12.61 23.84 -4.82
C PRO D 70 -13.99 23.89 -5.46
N GLY D 71 -14.76 24.90 -5.10
CA GLY D 71 -16.00 25.19 -5.80
C GLY D 71 -17.27 24.87 -5.00
N VAL D 72 -18.37 24.90 -5.69
CA VAL D 72 -19.71 24.86 -5.11
C VAL D 72 -20.40 23.53 -5.33
N ILE D 73 -21.49 23.35 -4.59
CA ILE D 73 -22.36 22.19 -4.73
C ILE D 73 -23.63 22.67 -5.41
N MSE D 74 -23.99 22.04 -6.52
CA MSE D 74 -25.26 22.35 -7.20
C MSE D 74 -26.19 21.16 -7.23
O MSE D 74 -25.76 20.05 -7.47
CB MSE D 74 -25.01 22.81 -8.64
CG MSE D 74 -24.28 24.13 -8.70
SE MSE D 74 -24.13 24.75 -10.54
CE MSE D 74 -23.50 26.57 -10.11
N GLU D 75 -27.48 21.37 -6.99
CA GLU D 75 -28.50 20.34 -7.22
C GLU D 75 -29.49 20.91 -8.22
N PHE D 76 -29.69 20.14 -9.30
CA PHE D 76 -30.73 20.46 -10.30
C PHE D 76 -31.91 19.53 -10.06
N GLY D 77 -32.99 20.11 -9.49
CA GLY D 77 -34.15 19.33 -9.07
C GLY D 77 -34.15 19.14 -7.57
N VAL D 78 -34.84 20.07 -6.90
CA VAL D 78 -34.78 20.19 -5.44
C VAL D 78 -36.02 19.64 -4.73
N ARG D 79 -37.22 19.85 -5.31
CA ARG D 79 -38.47 19.47 -4.65
C ARG D 79 -38.57 20.08 -3.26
N PHE D 80 -38.75 19.26 -2.21
CA PHE D 80 -38.88 19.83 -0.87
C PHE D 80 -37.55 20.16 -0.24
N GLY D 81 -36.45 19.73 -0.87
CA GLY D 81 -35.14 20.09 -0.37
C GLY D 81 -34.38 19.04 0.40
N ARG D 82 -34.82 17.79 0.34
CA ARG D 82 -34.13 16.69 1.05
C ARG D 82 -32.60 16.79 0.98
N HIS D 83 -32.10 16.86 -0.26
CA HIS D 83 -30.64 16.87 -0.41
C HIS D 83 -30.00 18.17 0.05
N LEU D 84 -30.69 19.30 -0.12
CA LEU D 84 -30.11 20.59 0.32
C LEU D 84 -29.94 20.62 1.83
N GLY D 85 -30.90 20.09 2.57
CA GLY D 85 -30.78 20.05 4.05
C GLY D 85 -29.63 19.11 4.40
N THR D 86 -29.48 18.01 3.64
CA THR D 86 -28.38 17.09 3.92
C THR D 86 -27.02 17.78 3.72
N PHE D 87 -26.88 18.48 2.58
CA PHE D 87 -25.65 19.16 2.28
C PHE D 87 -25.35 20.26 3.28
N ALA D 88 -26.39 20.99 3.71
CA ALA D 88 -26.19 22.06 4.68
C ALA D 88 -25.65 21.52 6.02
N ALA D 89 -26.17 20.40 6.50
CA ALA D 89 -25.65 19.79 7.73
C ALA D 89 -24.23 19.23 7.52
N LEU D 90 -24.00 18.58 6.37
CA LEU D 90 -22.68 17.98 6.15
C LEU D 90 -21.62 19.04 6.00
N ARG D 91 -21.99 20.19 5.43
CA ARG D 91 -21.05 21.28 5.31
C ARG D 91 -20.61 21.75 6.68
N GLY D 92 -21.54 21.76 7.62
CA GLY D 92 -21.18 22.04 9.00
C GLY D 92 -20.22 21.02 9.58
N VAL D 93 -20.47 19.73 9.30
CA VAL D 93 -19.58 18.68 9.84
C VAL D 93 -18.16 18.78 9.30
N TYR D 94 -18.05 19.02 7.98
CA TYR D 94 -16.76 18.89 7.32
C TYR D 94 -16.06 20.19 7.05
N GLU D 95 -16.79 21.29 6.95
CA GLU D 95 -16.16 22.56 6.44
C GLU D 95 -16.60 23.82 7.18
N PRO D 96 -16.37 23.84 8.49
CA PRO D 96 -16.71 25.06 9.25
C PRO D 96 -16.02 26.29 8.67
N TYR D 97 -14.78 26.15 8.14
CA TYR D 97 -14.01 27.29 7.72
C TYR D 97 -14.05 27.59 6.26
N ASN D 98 -15.01 26.99 5.55
CA ASN D 98 -15.11 27.22 4.10
C ASN D 98 -16.39 27.99 3.72
N PRO D 99 -16.33 29.32 3.70
CA PRO D 99 -17.49 30.12 3.34
C PRO D 99 -17.68 30.18 1.85
N LEU D 100 -16.77 29.58 1.06
CA LEU D 100 -16.92 29.60 -0.39
C LEU D 100 -17.72 28.40 -0.93
N ARG D 101 -17.95 27.41 -0.07
CA ARG D 101 -18.72 26.22 -0.47
C ARG D 101 -20.21 26.55 -0.48
N ARG D 102 -20.65 27.23 -1.52
CA ARG D 102 -22.04 27.62 -1.64
C ARG D 102 -22.83 26.38 -2.06
N ILE D 103 -24.06 26.27 -1.57
CA ILE D 103 -24.99 25.22 -2.00
C ILE D 103 -26.06 25.92 -2.84
N VAL D 104 -26.19 25.55 -4.10
CA VAL D 104 -27.15 26.19 -5.01
C VAL D 104 -28.19 25.18 -5.48
N GLY D 105 -29.47 25.45 -5.21
CA GLY D 105 -30.53 24.54 -5.57
C GLY D 105 -31.40 25.16 -6.64
N PHE D 106 -31.57 24.47 -7.77
CA PHE D 106 -32.37 24.99 -8.86
C PHE D 106 -33.65 24.19 -9.04
N ASP D 107 -34.78 24.89 -9.20
CA ASP D 107 -36.03 24.18 -9.47
C ASP D 107 -37.04 25.21 -9.92
N THR D 108 -38.08 24.77 -10.64
CA THR D 108 -39.22 25.65 -10.89
C THR D 108 -39.98 25.86 -9.57
N PHE D 109 -39.89 24.85 -8.70
CA PHE D 109 -40.73 24.67 -7.52
C PHE D 109 -42.22 24.55 -7.85
N THR D 110 -42.53 24.36 -9.14
CA THR D 110 -43.91 24.15 -9.54
C THR D 110 -43.97 22.86 -10.37
N GLY D 111 -42.98 21.98 -10.18
CA GLY D 111 -42.99 20.70 -10.90
C GLY D 111 -42.49 20.78 -12.33
N PHE D 112 -42.54 19.65 -13.04
CA PHE D 112 -42.00 19.64 -14.40
C PHE D 112 -42.62 20.72 -15.27
N PRO D 113 -41.82 21.60 -15.90
N PRO D 113 -41.79 21.44 -16.03
CA PRO D 113 -42.49 22.71 -16.63
CA PRO D 113 -42.33 22.09 -17.24
C PRO D 113 -43.01 22.31 -18.04
C PRO D 113 -42.84 21.03 -18.25
N ASP D 114 -42.49 21.19 -18.53
N ASP D 114 -43.40 21.47 -19.36
CA ASP D 114 -42.86 20.58 -19.80
CA ASP D 114 -43.70 20.53 -20.43
C ASP D 114 -42.30 19.17 -19.82
C ASP D 114 -42.46 19.60 -20.70
N VAL D 115 -42.76 18.29 -20.73
CA VAL D 115 -41.90 17.12 -20.92
C VAL D 115 -41.65 16.84 -22.39
N ASN D 116 -40.61 16.07 -22.68
CA ASN D 116 -40.30 15.68 -24.03
C ASN D 116 -40.97 14.31 -24.23
N ASP D 117 -41.28 13.97 -25.47
CA ASP D 117 -41.86 12.64 -25.75
C ASP D 117 -40.99 11.47 -25.27
N VAL D 118 -39.66 11.64 -25.23
CA VAL D 118 -38.83 10.54 -24.71
C VAL D 118 -38.99 10.34 -23.23
N ASP D 119 -39.52 11.36 -22.51
CA ASP D 119 -39.69 11.19 -21.08
C ASP D 119 -40.99 10.47 -20.74
N ARG D 120 -41.86 10.28 -21.73
N ARG D 120 -41.86 10.33 -21.73
CA ARG D 120 -43.23 9.82 -21.46
CA ARG D 120 -43.20 9.79 -21.50
C ARG D 120 -43.38 8.28 -21.43
C ARG D 120 -43.19 8.27 -21.58
N VAL D 121 -42.61 7.63 -20.56
CA VAL D 121 -42.55 6.17 -20.48
C VAL D 121 -43.61 5.66 -19.48
N GLY D 122 -43.66 6.29 -18.32
CA GLY D 122 -44.66 5.96 -17.30
C GLY D 122 -45.69 7.09 -17.07
N PRO D 123 -46.63 6.85 -16.13
CA PRO D 123 -47.77 7.73 -15.99
C PRO D 123 -47.52 9.01 -15.19
N THR D 124 -46.29 9.23 -14.71
CA THR D 124 -46.04 10.44 -13.94
C THR D 124 -45.21 11.50 -14.70
N ALA D 125 -44.97 11.29 -15.98
CA ALA D 125 -44.34 12.29 -16.83
C ALA D 125 -45.35 13.29 -17.38
N TYR D 126 -45.71 14.24 -16.55
CA TYR D 126 -46.63 15.30 -16.94
C TYR D 126 -46.25 16.63 -16.34
N GLN D 127 -46.65 17.71 -17.01
N GLN D 127 -46.65 17.71 -17.01
CA GLN D 127 -46.35 19.05 -16.52
CA GLN D 127 -46.33 19.03 -16.54
C GLN D 127 -46.92 19.19 -15.11
C GLN D 127 -46.92 19.22 -15.13
N GLY D 128 -46.10 19.72 -14.22
CA GLY D 128 -46.53 20.00 -12.85
C GLY D 128 -46.24 18.89 -11.89
N ARG D 129 -45.83 17.71 -12.38
CA ARG D 129 -45.49 16.63 -11.44
C ARG D 129 -44.36 17.12 -10.54
N PHE D 130 -44.46 16.82 -9.24
CA PHE D 130 -43.51 17.21 -8.19
C PHE D 130 -43.64 18.65 -7.74
N ALA D 131 -44.67 19.37 -8.19
CA ALA D 131 -44.93 20.69 -7.64
C ALA D 131 -44.94 20.71 -6.10
N VAL D 132 -44.43 21.78 -5.55
CA VAL D 132 -44.49 21.98 -4.10
C VAL D 132 -45.35 23.24 -3.85
N PRO D 133 -45.83 23.43 -2.62
CA PRO D 133 -46.83 24.49 -2.37
C PRO D 133 -46.36 25.89 -2.73
N GLY D 134 -47.30 26.79 -3.03
CA GLY D 134 -47.00 28.18 -3.19
C GLY D 134 -46.34 28.71 -1.94
N GLY D 135 -45.27 29.50 -2.13
CA GLY D 135 -44.48 30.02 -1.03
C GLY D 135 -43.45 29.05 -0.47
N TYR D 136 -43.35 27.85 -1.04
CA TYR D 136 -42.43 26.84 -0.50
C TYR D 136 -40.97 27.31 -0.50
N PRO D 137 -40.49 27.97 -1.57
CA PRO D 137 -39.08 28.38 -1.55
C PRO D 137 -38.72 29.27 -0.34
N ALA D 138 -39.62 30.17 0.08
CA ALA D 138 -39.30 31.00 1.24
C ALA D 138 -39.23 30.15 2.52
N TYR D 139 -40.07 29.12 2.63
CA TYR D 139 -39.95 28.18 3.76
C TYR D 139 -38.62 27.39 3.74
N LEU D 140 -38.25 26.89 2.58
CA LEU D 140 -36.99 26.16 2.50
C LEU D 140 -35.84 27.07 2.81
N LYS D 141 -35.93 28.33 2.37
CA LYS D 141 -34.89 29.31 2.69
C LYS D 141 -34.83 29.54 4.22
N GLU D 142 -35.99 29.53 4.88
CA GLU D 142 -35.98 29.66 6.37
C GLU D 142 -35.28 28.48 6.99
N VAL D 143 -35.53 27.28 6.49
CA VAL D 143 -34.87 26.08 6.99
C VAL D 143 -33.34 26.15 6.80
N LEU D 144 -32.89 26.52 5.61
CA LEU D 144 -31.43 26.63 5.36
C LEU D 144 -30.81 27.74 6.22
N ASP D 145 -31.52 28.87 6.33
CA ASP D 145 -31.03 29.94 7.19
C ASP D 145 -30.96 29.47 8.65
N ALA D 146 -31.85 28.57 9.08
CA ALA D 146 -31.81 28.09 10.47
C ALA D 146 -30.53 27.27 10.71
N HIS D 147 -30.13 26.41 9.74
CA HIS D 147 -28.87 25.71 9.86
C HIS D 147 -27.72 26.68 9.93
N GLU D 148 -27.76 27.68 9.04
CA GLU D 148 -26.62 28.59 8.86
C GLU D 148 -26.38 29.52 10.07
N CYS D 149 -27.38 29.76 10.90
N CYS D 149 -27.41 29.75 10.88
N CYS D 149 -27.42 29.72 10.86
CA CYS D 149 -27.16 30.72 11.96
CA CYS D 149 -27.30 30.58 12.07
CA CYS D 149 -27.35 30.58 12.01
C CYS D 149 -26.27 30.16 13.07
C CYS D 149 -26.11 30.17 12.89
C CYS D 149 -26.24 30.16 12.97
N SER D 150 -25.95 28.86 13.00
CA SER D 150 -24.92 28.33 13.91
C SER D 150 -23.68 27.90 13.19
N ASP D 151 -23.56 28.23 11.91
CA ASP D 151 -22.30 27.93 11.21
C ASP D 151 -21.19 28.92 11.68
N PHE D 152 -19.94 28.47 11.66
CA PHE D 152 -18.81 29.34 11.97
C PHE D 152 -18.80 30.59 11.09
N PHE D 153 -19.16 30.40 9.78
CA PHE D 153 -19.30 31.51 8.83
C PHE D 153 -20.73 31.96 8.62
N GLY D 154 -21.55 31.81 9.66
CA GLY D 154 -22.94 32.23 9.54
C GLY D 154 -23.20 33.71 9.26
N HIS D 155 -22.18 34.56 9.44
CA HIS D 155 -22.27 35.98 9.08
C HIS D 155 -22.15 36.24 7.59
N VAL D 156 -21.74 35.22 6.83
CA VAL D 156 -21.64 35.40 5.39
C VAL D 156 -22.95 34.88 4.75
N THR D 157 -23.58 35.73 3.96
CA THR D 157 -24.87 35.38 3.39
C THR D 157 -24.67 34.75 2.02
N GLN D 158 -25.77 34.32 1.41
CA GLN D 158 -25.72 33.67 0.08
C GLN D 158 -24.81 32.44 0.07
N ARG D 159 -24.73 31.73 1.19
N ARG D 159 -24.69 31.76 1.22
CA ARG D 159 -24.07 30.43 1.16
CA ARG D 159 -23.96 30.50 1.28
C ARG D 159 -25.01 29.31 0.85
C ARG D 159 -24.84 29.36 0.83
N SER D 160 -26.31 29.58 0.90
N SER D 160 -26.14 29.57 0.91
CA SER D 160 -27.34 28.70 0.35
CA SER D 160 -27.11 28.73 0.19
C SER D 160 -28.23 29.54 -0.55
C SER D 160 -27.99 29.63 -0.65
N VAL D 161 -28.33 29.15 -1.82
CA VAL D 161 -29.05 29.96 -2.78
C VAL D 161 -30.09 29.09 -3.48
N LEU D 162 -31.33 29.52 -3.47
CA LEU D 162 -32.38 28.85 -4.19
C LEU D 162 -32.67 29.67 -5.46
N VAL D 163 -32.54 29.02 -6.60
CA VAL D 163 -32.74 29.69 -7.87
C VAL D 163 -34.02 29.12 -8.48
N GLU D 164 -35.04 29.99 -8.58
CA GLU D 164 -36.37 29.58 -9.02
C GLU D 164 -36.55 29.84 -10.51
N GLY D 165 -36.98 28.81 -11.24
CA GLY D 165 -37.31 28.95 -12.65
C GLY D 165 -36.87 27.70 -13.44
N ASP D 166 -36.98 27.77 -14.76
CA ASP D 166 -36.59 26.66 -15.63
C ASP D 166 -35.07 26.69 -15.78
N VAL D 167 -34.41 25.59 -15.41
CA VAL D 167 -32.94 25.51 -15.48
C VAL D 167 -32.34 25.83 -16.84
N ARG D 168 -33.12 25.63 -17.91
CA ARG D 168 -32.63 25.97 -19.25
C ARG D 168 -32.27 27.46 -19.33
N GLU D 169 -32.96 28.29 -18.54
CA GLU D 169 -32.60 29.73 -18.47
C GLU D 169 -31.81 30.06 -17.21
N THR D 170 -32.16 29.47 -16.08
CA THR D 170 -31.60 29.95 -14.84
C THR D 170 -30.19 29.47 -14.58
N VAL D 171 -29.82 28.30 -15.11
CA VAL D 171 -28.43 27.83 -14.90
C VAL D 171 -27.41 28.68 -15.71
N PRO D 172 -27.66 28.88 -17.03
CA PRO D 172 -26.78 29.81 -17.76
C PRO D 172 -26.77 31.21 -17.13
N ARG D 173 -27.92 31.73 -16.71
N ARG D 173 -27.92 31.73 -16.68
CA ARG D 173 -27.90 33.04 -16.07
CA ARG D 173 -27.93 33.05 -16.04
C ARG D 173 -27.07 33.03 -14.77
C ARG D 173 -27.15 33.08 -14.72
N TYR D 174 -27.30 32.05 -13.89
CA TYR D 174 -26.51 31.96 -12.67
C TYR D 174 -25.01 31.97 -13.00
N LEU D 175 -24.61 31.14 -13.95
CA LEU D 175 -23.19 31.06 -14.28
C LEU D 175 -22.67 32.37 -14.82
N ALA D 176 -23.43 33.04 -15.70
CA ALA D 176 -23.01 34.37 -16.19
C ALA D 176 -22.82 35.38 -15.08
N GLU D 177 -23.69 35.30 -14.05
CA GLU D 177 -23.61 36.28 -12.90
C GLU D 177 -22.54 35.92 -11.89
N ASN D 178 -21.98 34.72 -12.04
CA ASN D 178 -21.01 34.17 -11.07
C ASN D 178 -19.78 33.60 -11.78
N PRO D 179 -18.98 34.49 -12.41
CA PRO D 179 -17.80 34.01 -13.15
C PRO D 179 -16.69 33.45 -12.28
N GLN D 180 -16.82 33.56 -10.95
CA GLN D 180 -15.87 32.92 -10.03
C GLN D 180 -16.14 31.43 -9.89
N THR D 181 -17.22 30.94 -10.50
CA THR D 181 -17.73 29.60 -10.16
C THR D 181 -16.74 28.51 -10.55
N VAL D 182 -16.45 27.64 -9.58
CA VAL D 182 -15.97 26.31 -9.91
C VAL D 182 -17.06 25.36 -9.37
N ILE D 183 -17.36 24.30 -10.08
CA ILE D 183 -18.35 23.34 -9.60
C ILE D 183 -17.64 22.10 -9.07
N ALA D 184 -17.77 21.84 -7.73
CA ALA D 184 -17.20 20.65 -7.16
C ALA D 184 -18.10 19.43 -7.30
N LEU D 185 -19.40 19.61 -7.15
CA LEU D 185 -20.36 18.52 -7.14
C LEU D 185 -21.59 19.04 -7.85
N ALA D 186 -21.98 18.36 -8.90
CA ALA D 186 -23.17 18.66 -9.62
C ALA D 186 -24.11 17.47 -9.53
N TYR D 187 -25.27 17.66 -8.91
CA TYR D 187 -26.22 16.56 -8.67
C TYR D 187 -27.44 16.72 -9.53
N PHE D 188 -27.57 15.83 -10.51
CA PHE D 188 -28.66 15.89 -11.49
C PHE D 188 -29.85 15.07 -11.00
N ASP D 189 -30.96 15.77 -10.66
CA ASP D 189 -32.19 15.11 -10.27
C ASP D 189 -33.38 15.76 -10.92
N LEU D 190 -33.28 16.03 -12.23
CA LEU D 190 -34.37 16.66 -12.97
C LEU D 190 -35.27 15.65 -13.62
N ASP D 191 -34.80 14.40 -13.74
CA ASP D 191 -35.51 13.30 -14.49
C ASP D 191 -35.59 13.46 -16.00
N LEU D 192 -35.83 14.69 -16.47
CA LEU D 192 -36.19 14.92 -17.87
C LEU D 192 -34.99 15.12 -18.80
N TYR D 193 -35.14 14.68 -20.04
CA TYR D 193 -34.10 14.79 -21.07
C TYR D 193 -33.61 16.22 -21.35
N GLU D 194 -34.55 17.12 -21.71
CA GLU D 194 -34.14 18.46 -22.23
C GLU D 194 -33.37 19.31 -21.21
N PRO D 195 -33.87 19.44 -19.97
CA PRO D 195 -33.12 20.24 -18.99
C PRO D 195 -31.81 19.56 -18.62
N THR D 196 -31.78 18.22 -18.56
CA THR D 196 -30.49 17.53 -18.26
C THR D 196 -29.46 17.88 -19.32
N LYS D 197 -29.84 17.80 -20.62
CA LYS D 197 -28.92 18.09 -21.67
C LYS D 197 -28.44 19.54 -21.58
N ALA D 198 -29.38 20.49 -21.39
CA ALA D 198 -29.00 21.88 -21.39
C ALA D 198 -28.04 22.21 -20.22
N VAL D 199 -28.31 21.65 -19.05
CA VAL D 199 -27.49 21.95 -17.88
C VAL D 199 -26.12 21.27 -18.01
N LEU D 200 -26.07 20.03 -18.52
CA LEU D 200 -24.74 19.35 -18.73
C LEU D 200 -23.88 20.23 -19.62
N GLU D 201 -24.48 20.74 -20.71
CA GLU D 201 -23.73 21.59 -21.64
C GLU D 201 -23.26 22.87 -20.92
N ALA D 202 -24.15 23.49 -20.14
CA ALA D 202 -23.82 24.74 -19.47
C ALA D 202 -22.70 24.61 -18.43
N ILE D 203 -22.69 23.52 -17.65
CA ILE D 203 -21.75 23.44 -16.53
C ILE D 203 -20.34 23.05 -16.93
N ARG D 204 -20.15 22.52 -18.14
CA ARG D 204 -18.85 21.96 -18.52
C ARG D 204 -17.63 22.88 -18.30
N PRO D 205 -17.69 24.17 -18.70
CA PRO D 205 -16.51 25.02 -18.52
C PRO D 205 -16.14 25.27 -17.03
N TYR D 206 -17.01 24.90 -16.10
CA TYR D 206 -16.80 25.24 -14.66
C TYR D 206 -16.40 24.04 -13.86
N LEU D 207 -16.25 22.88 -14.50
CA LEU D 207 -15.79 21.66 -13.79
C LEU D 207 -14.27 21.63 -13.80
N THR D 208 -13.69 20.97 -12.82
CA THR D 208 -12.26 20.67 -12.86
C THR D 208 -12.08 19.14 -12.89
N LYS D 209 -10.88 18.69 -13.20
CA LYS D 209 -10.60 17.24 -13.03
C LYS D 209 -10.73 16.92 -11.56
N GLY D 210 -11.60 15.98 -11.25
CA GLY D 210 -11.91 15.61 -9.86
C GLY D 210 -13.27 16.09 -9.39
N SER D 211 -13.89 17.01 -10.15
CA SER D 211 -15.29 17.38 -9.85
C SER D 211 -16.16 16.14 -10.00
N ILE D 212 -17.23 16.05 -9.20
CA ILE D 212 -18.10 14.89 -9.28
C ILE D 212 -19.42 15.31 -9.98
N VAL D 213 -19.81 14.57 -10.99
CA VAL D 213 -21.14 14.72 -11.60
C VAL D 213 -21.97 13.47 -11.31
N ALA D 214 -23.13 13.64 -10.71
CA ALA D 214 -23.94 12.52 -10.27
C ALA D 214 -25.34 12.60 -10.87
N PHE D 215 -25.94 11.42 -11.11
CA PHE D 215 -27.27 11.36 -11.68
C PHE D 215 -28.14 10.50 -10.79
N ASP D 216 -29.38 10.93 -10.60
CA ASP D 216 -30.28 10.23 -9.68
C ASP D 216 -31.06 9.08 -10.34
N GLU D 217 -31.21 9.12 -11.67
N GLU D 217 -31.18 9.13 -11.67
CA GLU D 217 -32.04 8.11 -12.40
CA GLU D 217 -32.03 8.17 -12.42
C GLU D 217 -31.42 7.70 -13.73
C GLU D 217 -31.41 7.81 -13.77
N LEU D 218 -30.09 7.64 -13.82
CA LEU D 218 -29.43 7.50 -15.10
C LEU D 218 -29.88 6.21 -15.83
N ASP D 219 -30.12 5.14 -15.12
CA ASP D 219 -30.41 3.88 -15.80
C ASP D 219 -31.81 3.39 -15.42
N ASN D 220 -32.66 4.30 -15.01
CA ASN D 220 -34.04 3.89 -14.65
C ASN D 220 -34.99 3.85 -15.88
N PRO D 221 -35.58 2.68 -16.17
CA PRO D 221 -36.48 2.60 -17.31
C PRO D 221 -37.57 3.65 -17.37
N LYS D 222 -38.04 4.11 -16.22
CA LYS D 222 -39.10 5.13 -16.20
C LYS D 222 -38.61 6.50 -16.69
N TRP D 223 -37.31 6.78 -16.50
CA TRP D 223 -36.76 8.08 -16.79
C TRP D 223 -35.48 7.99 -17.56
N PRO D 224 -35.59 7.70 -18.87
CA PRO D 224 -34.38 7.53 -19.70
C PRO D 224 -33.73 8.87 -20.12
N GLY D 225 -34.31 10.02 -19.76
CA GLY D 225 -33.80 11.31 -20.26
C GLY D 225 -32.39 11.67 -19.88
N GLU D 226 -31.98 11.31 -18.66
CA GLU D 226 -30.56 11.56 -18.28
C GLU D 226 -29.59 10.70 -19.12
N ASN D 227 -29.95 9.46 -19.37
CA ASN D 227 -29.12 8.61 -20.25
C ASN D 227 -29.05 9.12 -21.69
N ILE D 228 -30.22 9.41 -22.25
CA ILE D 228 -30.26 9.97 -23.59
C ILE D 228 -29.42 11.27 -23.66
N ALA D 229 -29.54 12.12 -22.64
CA ALA D 229 -28.74 13.33 -22.62
C ALA D 229 -27.24 13.03 -22.50
N MSE D 230 -26.86 12.13 -21.60
N MSE D 230 -26.87 12.13 -21.60
CA MSE D 230 -25.46 11.77 -21.48
CA MSE D 230 -25.48 11.76 -21.45
C MSE D 230 -24.89 11.21 -22.77
C MSE D 230 -24.93 11.27 -22.80
O MSE D 230 -23.74 11.47 -23.10
O MSE D 230 -23.85 11.68 -23.23
CB MSE D 230 -25.29 10.74 -20.34
CB MSE D 230 -25.34 10.68 -20.37
CG MSE D 230 -25.03 11.43 -19.03
CG MSE D 230 -23.95 10.09 -20.25
SE MSE D 230 -23.29 12.35 -18.99
SE MSE D 230 -22.94 10.42 -18.60
CE MSE D 230 -22.00 10.88 -19.27
CE MSE D 230 -24.11 9.43 -17.38
N ARG D 231 -25.67 10.41 -23.46
CA ARG D 231 -25.19 9.81 -24.71
C ARG D 231 -25.02 10.83 -25.82
N LYS D 232 -25.85 11.87 -25.85
CA LYS D 232 -25.74 12.89 -26.84
C LYS D 232 -24.61 13.85 -26.55
N VAL D 233 -24.45 14.26 -25.29
CA VAL D 233 -23.50 15.34 -24.95
C VAL D 233 -22.05 14.80 -24.79
N LEU D 234 -21.90 13.65 -24.11
CA LEU D 234 -20.59 13.17 -23.70
C LEU D 234 -20.26 11.74 -24.16
N GLY D 235 -21.28 10.88 -24.20
CA GLY D 235 -21.06 9.45 -24.30
C GLY D 235 -20.96 8.80 -22.94
N LEU D 236 -21.55 7.62 -22.79
CA LEU D 236 -21.49 6.91 -21.49
C LEU D 236 -20.08 6.47 -21.07
N ASP D 237 -19.15 6.37 -22.02
CA ASP D 237 -17.76 6.00 -21.73
C ASP D 237 -16.78 7.18 -21.74
N HIS D 238 -17.34 8.41 -21.74
CA HIS D 238 -16.50 9.62 -21.61
C HIS D 238 -15.67 9.59 -20.28
N ALA D 239 -16.32 9.13 -19.21
CA ALA D 239 -15.68 8.99 -17.90
C ALA D 239 -16.24 7.76 -17.28
N PRO D 240 -15.66 7.27 -16.20
CA PRO D 240 -16.18 6.04 -15.59
C PRO D 240 -17.39 6.28 -14.67
N LEU D 241 -18.56 5.80 -15.09
CA LEU D 241 -19.72 5.91 -14.22
C LEU D 241 -19.69 4.83 -13.12
N ARG D 242 -20.03 5.22 -11.89
CA ARG D 242 -19.94 4.31 -10.76
C ARG D 242 -21.20 4.35 -9.93
N LEU D 243 -21.43 3.24 -9.24
CA LEU D 243 -22.39 3.19 -8.13
C LEU D 243 -21.65 3.15 -6.82
N LEU D 244 -22.30 3.58 -5.73
CA LEU D 244 -21.93 3.13 -4.38
C LEU D 244 -22.49 1.71 -4.24
N PRO D 245 -21.64 0.68 -4.06
CA PRO D 245 -22.16 -0.71 -4.09
C PRO D 245 -23.42 -0.91 -3.24
N GLY D 246 -24.36 -1.65 -3.83
CA GLY D 246 -25.59 -2.02 -3.15
C GLY D 246 -26.74 -1.05 -3.40
N ARG D 247 -26.46 0.07 -4.04
CA ARG D 247 -27.43 1.16 -4.19
C ARG D 247 -27.58 1.45 -5.66
N PRO D 248 -28.80 1.42 -6.15
CA PRO D 248 -29.03 1.58 -7.59
C PRO D 248 -28.69 2.94 -8.13
N ALA D 249 -28.72 3.95 -7.27
CA ALA D 249 -28.53 5.35 -7.58
C ALA D 249 -27.94 5.95 -6.29
N PRO D 250 -27.14 7.00 -6.42
CA PRO D 250 -26.80 7.72 -7.68
C PRO D 250 -25.78 6.95 -8.54
N ALA D 251 -25.71 7.31 -9.80
CA ALA D 251 -24.59 6.94 -10.66
C ALA D 251 -23.73 8.19 -10.72
N TYR D 252 -22.41 8.04 -10.59
CA TYR D 252 -21.62 9.27 -10.54
C TYR D 252 -20.28 9.04 -11.25
N LEU D 253 -19.71 10.13 -11.75
CA LEU D 253 -18.41 10.10 -12.39
C LEU D 253 -17.49 11.18 -11.85
N ARG D 254 -16.19 10.92 -11.85
N ARG D 254 -16.20 10.92 -11.90
CA ARG D 254 -15.17 11.91 -11.51
CA ARG D 254 -15.22 11.90 -11.51
C ARG D 254 -14.68 12.49 -12.82
C ARG D 254 -14.65 12.50 -12.80
N TRP D 255 -14.93 13.78 -13.00
CA TRP D 255 -14.55 14.48 -14.22
C TRP D 255 -13.08 14.30 -14.54
N GLY D 256 -12.79 13.87 -15.79
CA GLY D 256 -11.42 13.70 -16.23
C GLY D 256 -10.86 12.30 -16.10
N ASP D 257 -11.55 11.40 -15.39
CA ASP D 257 -11.06 10.06 -15.17
C ASP D 257 -11.34 9.14 -16.37
N GLN E 7 -1.99 -51.59 5.36
CA GLN E 7 -2.93 -52.34 4.53
C GLN E 7 -2.87 -51.86 3.07
N ASP E 8 -3.64 -50.80 2.78
CA ASP E 8 -3.73 -50.27 1.42
C ASP E 8 -2.60 -49.29 1.06
N LEU E 9 -1.62 -49.80 0.29
CA LEU E 9 -0.49 -48.94 -0.15
C LEU E 9 -0.93 -47.80 -1.04
N ARG E 10 -2.15 -47.85 -1.56
CA ARG E 10 -2.58 -46.86 -2.52
C ARG E 10 -2.96 -45.57 -1.78
N ALA E 11 -3.08 -45.64 -0.45
CA ALA E 11 -3.34 -44.44 0.33
C ALA E 11 -2.12 -43.57 0.58
N PHE E 12 -0.96 -44.09 0.27
CA PHE E 12 0.25 -43.30 0.30
C PHE E 12 0.46 -42.60 -1.02
N VAL E 13 1.12 -41.43 -0.97
CA VAL E 13 1.50 -40.72 -2.18
C VAL E 13 2.35 -41.66 -3.05
N HIS E 14 2.04 -41.81 -4.32
CA HIS E 14 2.84 -42.65 -5.20
C HIS E 14 2.60 -42.15 -6.63
N ASP E 15 3.54 -42.45 -7.53
CA ASP E 15 3.44 -41.92 -8.90
C ASP E 15 2.28 -42.53 -9.69
N SER E 16 1.58 -41.68 -10.42
CA SER E 16 0.58 -42.19 -11.36
C SER E 16 1.29 -42.95 -12.51
N PRO E 17 0.53 -43.75 -13.26
CA PRO E 17 1.17 -44.45 -14.39
C PRO E 17 1.75 -43.46 -15.41
N GLU E 18 1.06 -42.33 -15.57
CA GLU E 18 1.55 -41.26 -16.45
C GLU E 18 2.84 -40.61 -15.96
N GLU E 19 2.94 -40.36 -14.66
CA GLU E 19 4.16 -39.73 -14.10
C GLU E 19 5.34 -40.70 -14.31
N THR E 20 5.09 -42.00 -14.10
CA THR E 20 6.10 -43.01 -14.33
C THR E 20 6.52 -43.02 -15.81
N GLU E 21 5.55 -42.96 -16.71
CA GLU E 21 5.81 -42.91 -18.18
C GLU E 21 6.62 -41.69 -18.55
N THR E 22 6.27 -40.51 -18.05
CA THR E 22 7.09 -39.32 -18.30
C THR E 22 8.54 -39.50 -17.81
N THR E 23 8.70 -39.97 -16.59
CA THR E 23 10.03 -40.18 -16.01
C THR E 23 10.87 -41.12 -16.82
N GLN E 24 10.30 -42.25 -17.19
CA GLN E 24 11.01 -43.28 -17.96
C GLN E 24 11.31 -42.79 -19.36
N ARG E 25 10.38 -42.08 -19.97
CA ARG E 25 10.64 -41.52 -21.31
C ARG E 25 11.74 -40.46 -21.29
N LEU E 26 11.71 -39.52 -20.34
CA LEU E 26 12.73 -38.49 -20.34
C LEU E 26 14.10 -39.10 -20.01
N THR E 27 14.14 -40.14 -19.19
CA THR E 27 15.40 -40.83 -18.94
C THR E 27 15.97 -41.38 -20.24
N LYS E 28 15.14 -42.04 -21.03
N LYS E 28 15.15 -42.03 -21.05
CA LYS E 28 15.66 -42.62 -22.26
CA LYS E 28 15.67 -42.62 -22.28
C LYS E 28 16.10 -41.51 -23.23
C LYS E 28 16.09 -41.51 -23.25
N LEU E 29 15.34 -40.41 -23.28
CA LEU E 29 15.65 -39.32 -24.25
C LEU E 29 16.94 -38.58 -23.85
N LEU E 30 17.17 -38.50 -22.56
CA LEU E 30 18.42 -37.95 -22.06
C LEU E 30 19.63 -38.85 -22.38
N THR E 31 19.49 -40.16 -22.19
CA THR E 31 20.67 -40.99 -22.34
C THR E 31 20.91 -41.38 -23.79
N ASN E 32 19.92 -41.14 -24.65
CA ASN E 32 20.09 -41.39 -26.10
C ASN E 32 19.78 -40.18 -26.92
N SER E 33 20.33 -39.05 -26.52
CA SER E 33 20.04 -37.77 -27.14
C SER E 33 20.92 -37.51 -28.37
N PRO E 34 20.35 -36.89 -29.39
CA PRO E 34 21.21 -36.40 -30.49
C PRO E 34 21.88 -35.09 -30.18
N ILE E 35 21.58 -34.45 -29.05
CA ILE E 35 22.29 -33.22 -28.68
C ILE E 35 23.76 -33.56 -28.47
N PRO E 36 24.66 -32.75 -29.05
CA PRO E 36 26.10 -33.00 -28.82
C PRO E 36 26.37 -33.06 -27.36
N THR E 37 27.24 -33.97 -26.94
CA THR E 37 27.48 -34.14 -25.52
C THR E 37 27.78 -32.83 -24.79
N GLU E 38 28.57 -31.94 -25.40
CA GLU E 38 29.00 -30.73 -24.68
C GLU E 38 27.84 -29.69 -24.53
N GLU E 39 26.73 -29.94 -25.24
CA GLU E 39 25.55 -29.04 -25.08
C GLU E 39 24.46 -29.62 -24.17
N LEU E 40 24.60 -30.84 -23.65
CA LEU E 40 23.55 -31.37 -22.75
C LEU E 40 23.34 -30.42 -21.56
N VAL E 41 24.43 -29.91 -20.97
CA VAL E 41 24.30 -29.08 -19.75
C VAL E 41 23.78 -27.70 -20.07
N ASN E 42 23.54 -27.42 -21.36
CA ASN E 42 22.91 -26.17 -21.76
C ASN E 42 21.44 -26.38 -22.13
N ASN E 43 20.92 -27.58 -21.94
CA ASN E 43 19.55 -27.89 -22.35
C ASN E 43 18.86 -28.81 -21.36
N LEU E 44 19.29 -28.76 -20.10
CA LEU E 44 18.72 -29.69 -19.11
C LEU E 44 17.20 -29.54 -18.86
N PRO E 45 16.64 -28.31 -19.04
CA PRO E 45 15.19 -28.19 -18.88
C PRO E 45 14.38 -29.09 -19.81
N LEU E 46 14.95 -29.50 -20.96
CA LEU E 46 14.28 -30.55 -21.74
C LEU E 46 13.88 -31.76 -20.89
N PHE E 47 14.69 -32.09 -19.87
CA PHE E 47 14.50 -33.32 -19.14
C PHE E 47 13.94 -33.17 -17.75
N LEU E 48 13.61 -31.92 -17.41
CA LEU E 48 13.19 -31.51 -16.05
C LEU E 48 11.66 -31.39 -16.03
N ARG E 49 11.03 -32.47 -15.57
CA ARG E 49 9.56 -32.55 -15.62
C ARG E 49 8.90 -31.70 -14.53
N ARG E 50 7.60 -31.50 -14.68
CA ARG E 50 6.82 -30.64 -13.76
C ARG E 50 7.16 -30.93 -12.26
N HIS E 51 7.09 -32.18 -11.81
CA HIS E 51 7.35 -32.50 -10.39
C HIS E 51 8.71 -32.01 -9.91
N GLN E 52 9.74 -32.21 -10.74
CA GLN E 52 11.10 -31.75 -10.35
C GLN E 52 11.29 -30.23 -10.51
N MSE E 53 10.70 -29.66 -11.54
CA MSE E 53 10.65 -28.19 -11.69
C MSE E 53 10.03 -27.54 -10.47
O MSE E 53 10.49 -26.49 -10.03
CB MSE E 53 9.89 -27.77 -12.99
CG MSE E 53 9.68 -26.29 -13.13
SE MSE E 53 11.32 -25.29 -13.31
CE MSE E 53 11.37 -25.36 -15.26
N THR E 54 8.93 -28.12 -9.98
CA THR E 54 8.21 -27.63 -8.79
C THR E 54 9.15 -27.57 -7.58
N ASP E 55 9.92 -28.66 -7.40
CA ASP E 55 10.90 -28.70 -6.31
C ASP E 55 11.93 -27.57 -6.43
N LEU E 56 12.40 -27.35 -7.65
CA LEU E 56 13.41 -26.35 -7.89
C LEU E 56 12.86 -24.95 -7.55
N LEU E 57 11.64 -24.68 -8.00
CA LEU E 57 11.00 -23.39 -7.76
C LEU E 57 10.75 -23.20 -6.26
N SER E 58 10.41 -24.29 -5.56
CA SER E 58 10.21 -24.18 -4.11
C SER E 58 11.51 -23.87 -3.39
N MSE E 59 12.61 -24.56 -3.77
CA MSE E 59 13.91 -24.22 -3.16
C MSE E 59 14.30 -22.75 -3.41
O MSE E 59 14.78 -22.05 -2.52
CB MSE E 59 15.02 -25.15 -3.69
CG MSE E 59 14.85 -26.64 -3.27
SE MSE E 59 14.46 -27.02 -1.39
CE MSE E 59 12.52 -27.35 -1.58
N ASP E 60 14.04 -22.27 -4.63
CA ASP E 60 14.27 -20.86 -4.95
C ASP E 60 13.41 -19.93 -4.08
N ALA E 61 12.13 -20.25 -3.88
CA ALA E 61 11.27 -19.46 -3.00
C ALA E 61 11.82 -19.41 -1.57
N LEU E 62 12.30 -20.53 -1.06
CA LEU E 62 12.82 -20.52 0.32
C LEU E 62 14.10 -19.72 0.41
N TYR E 63 14.99 -19.89 -0.59
CA TYR E 63 16.21 -19.12 -0.57
C TYR E 63 15.93 -17.63 -0.67
N ARG E 64 15.02 -17.23 -1.53
CA ARG E 64 14.72 -15.80 -1.64
C ARG E 64 14.22 -15.19 -0.33
N GLN E 65 13.63 -16.00 0.52
CA GLN E 65 13.12 -15.48 1.80
C GLN E 65 14.22 -15.22 2.81
N VAL E 66 15.44 -15.72 2.56
CA VAL E 66 16.52 -15.50 3.53
C VAL E 66 17.66 -14.68 2.97
N LEU E 67 17.47 -14.04 1.82
CA LEU E 67 18.54 -13.22 1.21
C LEU E 67 18.91 -12.05 2.13
N ASP E 68 18.00 -11.65 3.01
CA ASP E 68 18.33 -10.62 4.01
C ASP E 68 18.54 -11.16 5.43
N VAL E 69 18.90 -12.44 5.56
CA VAL E 69 19.12 -13.04 6.89
C VAL E 69 20.57 -13.57 6.87
N PRO E 70 21.37 -13.29 7.92
CA PRO E 70 22.77 -13.82 7.95
C PRO E 70 22.76 -15.33 8.11
N GLY E 71 23.91 -15.96 7.87
CA GLY E 71 24.08 -17.36 8.22
C GLY E 71 24.07 -18.33 7.06
N VAL E 72 23.99 -19.59 7.43
CA VAL E 72 24.23 -20.72 6.50
C VAL E 72 22.94 -21.42 6.07
N ILE E 73 23.07 -22.27 5.06
CA ILE E 73 21.99 -23.09 4.63
C ILE E 73 22.36 -24.53 5.02
N MSE E 74 21.45 -25.22 5.75
CA MSE E 74 21.71 -26.62 6.09
C MSE E 74 20.63 -27.50 5.50
O MSE E 74 19.45 -27.15 5.55
CB MSE E 74 21.70 -26.82 7.61
CG MSE E 74 22.87 -26.16 8.26
SE MSE E 74 22.92 -26.52 10.14
CE MSE E 74 24.67 -25.76 10.43
N GLU E 75 21.00 -28.65 4.94
CA GLU E 75 20.03 -29.70 4.60
C GLU E 75 20.36 -30.94 5.43
N PHE E 76 19.33 -31.46 6.11
CA PHE E 76 19.43 -32.75 6.84
C PHE E 76 18.70 -33.79 6.02
N GLY E 77 19.48 -34.65 5.37
CA GLY E 77 18.99 -35.65 4.44
C GLY E 77 19.24 -35.19 3.04
N VAL E 78 20.35 -35.69 2.46
CA VAL E 78 20.88 -35.17 1.19
C VAL E 78 20.62 -36.14 0.04
N ARG E 79 20.75 -37.45 0.32
CA ARG E 79 20.67 -38.48 -0.72
C ARG E 79 21.65 -38.18 -1.85
N PHE E 80 21.18 -38.05 -3.09
CA PHE E 80 22.11 -37.77 -4.21
C PHE E 80 22.50 -36.30 -4.32
N GLY E 81 21.85 -35.43 -3.55
CA GLY E 81 22.23 -34.02 -3.55
C GLY E 81 21.36 -33.07 -4.36
N ARG E 82 20.19 -33.51 -4.80
CA ARG E 82 19.27 -32.65 -5.58
C ARG E 82 19.22 -31.22 -5.05
N HIS E 83 18.93 -31.07 -3.76
CA HIS E 83 18.76 -29.72 -3.25
C HIS E 83 20.06 -28.97 -3.11
N LEU E 84 21.16 -29.68 -2.80
CA LEU E 84 22.45 -29.00 -2.66
C LEU E 84 22.90 -28.42 -3.99
N GLY E 85 22.72 -29.16 -5.11
CA GLY E 85 23.04 -28.61 -6.43
C GLY E 85 22.19 -27.37 -6.69
N THR E 86 20.90 -27.44 -6.34
CA THR E 86 20.02 -26.28 -6.50
C THR E 86 20.53 -25.08 -5.71
N PHE E 87 20.83 -25.31 -4.43
CA PHE E 87 21.31 -24.19 -3.61
C PHE E 87 22.64 -23.62 -4.13
N ALA E 88 23.53 -24.49 -4.62
CA ALA E 88 24.81 -24.00 -5.09
C ALA E 88 24.64 -23.08 -6.30
N ALA E 89 23.72 -23.45 -7.21
CA ALA E 89 23.47 -22.59 -8.37
C ALA E 89 22.78 -21.28 -7.96
N LEU E 90 21.78 -21.39 -7.07
CA LEU E 90 21.02 -20.20 -6.63
C LEU E 90 21.93 -19.25 -5.91
N ARG E 91 22.88 -19.78 -5.14
CA ARG E 91 23.83 -18.92 -4.46
C ARG E 91 24.64 -18.09 -5.45
N GLY E 92 24.98 -18.70 -6.59
CA GLY E 92 25.63 -17.94 -7.66
C GLY E 92 24.70 -16.84 -8.22
N VAL E 93 23.42 -17.17 -8.42
CA VAL E 93 22.50 -16.19 -8.96
C VAL E 93 22.35 -15.00 -8.04
N TYR E 94 22.16 -15.27 -6.74
CA TYR E 94 21.76 -14.23 -5.81
C TYR E 94 22.87 -13.63 -5.00
N GLU E 95 23.97 -14.37 -4.78
CA GLU E 95 24.98 -13.94 -3.74
C GLU E 95 26.42 -14.11 -4.18
N PRO E 96 26.78 -13.53 -5.33
CA PRO E 96 28.19 -13.56 -5.77
C PRO E 96 29.16 -13.08 -4.70
N TYR E 97 28.77 -12.08 -3.89
CA TYR E 97 29.70 -11.48 -2.95
C TYR E 97 29.58 -11.96 -1.52
N ASN E 98 28.88 -13.07 -1.31
CA ASN E 98 28.70 -13.59 0.04
C ASN E 98 29.44 -14.93 0.25
N PRO E 99 30.71 -14.88 0.70
CA PRO E 99 31.48 -16.10 0.90
C PRO E 99 31.13 -16.76 2.22
N LEU E 100 30.26 -16.12 3.02
CA LEU E 100 29.90 -16.69 4.33
C LEU E 100 28.66 -17.58 4.24
N ARG E 101 27.96 -17.55 3.11
CA ARG E 101 26.76 -18.36 2.95
C ARG E 101 27.20 -19.81 2.61
N ARG E 102 27.62 -20.53 3.62
CA ARG E 102 28.03 -21.91 3.46
C ARG E 102 26.80 -22.79 3.25
N ILE E 103 26.93 -23.83 2.46
CA ILE E 103 25.89 -24.84 2.27
C ILE E 103 26.40 -26.10 2.92
N VAL E 104 25.68 -26.61 3.95
CA VAL E 104 26.13 -27.79 4.68
C VAL E 104 25.13 -28.90 4.55
N GLY E 105 25.55 -30.05 4.00
CA GLY E 105 24.66 -31.16 3.79
C GLY E 105 25.03 -32.31 4.72
N PHE E 106 24.04 -32.84 5.47
CA PHE E 106 24.29 -33.92 6.44
C PHE E 106 23.57 -35.16 5.99
N ASP E 107 24.27 -36.29 6.00
CA ASP E 107 23.66 -37.57 5.69
C ASP E 107 24.56 -38.66 6.14
N THR E 108 24.03 -39.84 6.41
CA THR E 108 24.88 -41.02 6.57
C THR E 108 25.50 -41.40 5.22
N PHE E 109 24.77 -41.09 4.14
CA PHE E 109 25.05 -41.52 2.77
C PHE E 109 24.97 -43.05 2.65
N THR E 110 24.42 -43.69 3.68
CA THR E 110 24.19 -45.12 3.67
C THR E 110 22.74 -45.43 3.98
N GLY E 111 21.85 -44.44 3.80
CA GLY E 111 20.43 -44.65 4.03
C GLY E 111 20.07 -44.56 5.53
N PHE E 112 18.81 -44.82 5.85
CA PHE E 112 18.34 -44.68 7.26
C PHE E 112 19.19 -45.55 8.18
N PRO E 113 19.53 -45.00 9.35
N PRO E 113 19.67 -44.99 9.30
CA PRO E 113 19.85 -45.84 10.51
CA PRO E 113 20.59 -45.80 10.12
C PRO E 113 18.61 -46.64 10.93
C PRO E 113 19.86 -46.78 11.08
N ASP E 114 18.75 -47.44 11.96
N ASP E 114 18.59 -46.49 11.31
CA ASP E 114 17.56 -48.11 12.51
CA ASP E 114 17.71 -47.23 12.21
C ASP E 114 16.48 -47.03 12.85
C ASP E 114 16.33 -46.61 12.08
N VAL E 115 15.26 -47.31 12.45
CA VAL E 115 14.04 -46.51 12.56
C VAL E 115 13.31 -46.74 13.85
N ASN E 116 12.45 -45.77 14.23
CA ASN E 116 11.64 -45.92 15.41
C ASN E 116 10.32 -46.59 15.02
N ASP E 117 9.64 -47.21 15.98
CA ASP E 117 8.33 -47.82 15.68
C ASP E 117 7.38 -46.80 15.04
N VAL E 118 7.44 -45.52 15.44
CA VAL E 118 6.49 -44.57 14.87
C VAL E 118 6.76 -44.32 13.38
N ASP E 119 7.98 -44.68 12.89
CA ASP E 119 8.25 -44.44 11.48
C ASP E 119 7.75 -45.56 10.62
N ARG E 120 7.29 -46.63 11.24
N ARG E 120 7.34 -46.65 11.26
CA ARG E 120 7.06 -47.87 10.49
CA ARG E 120 7.02 -47.86 10.52
C ARG E 120 5.61 -47.99 9.99
C ARG E 120 5.54 -47.86 10.16
N VAL E 121 5.20 -47.03 9.17
CA VAL E 121 3.85 -46.94 8.69
C VAL E 121 3.76 -47.66 7.32
N GLY E 122 4.71 -47.33 6.43
CA GLY E 122 4.81 -48.02 5.14
C GLY E 122 6.01 -48.95 5.04
N PRO E 123 6.17 -49.54 3.84
CA PRO E 123 7.09 -50.67 3.67
C PRO E 123 8.53 -50.21 3.37
N THR E 124 8.78 -48.90 3.33
CA THR E 124 10.11 -48.43 3.02
C THR E 124 10.86 -47.90 4.24
N ALA E 125 10.26 -48.01 5.42
CA ALA E 125 10.89 -47.66 6.66
C ALA E 125 11.76 -48.76 7.21
N TYR E 126 12.95 -48.89 6.66
CA TYR E 126 13.92 -49.87 7.13
C TYR E 126 15.34 -49.34 6.99
N GLN E 127 16.23 -49.92 7.79
CA GLN E 127 17.60 -49.48 7.85
C GLN E 127 18.20 -49.67 6.45
N GLY E 128 18.90 -48.64 5.99
CA GLY E 128 19.55 -48.68 4.68
C GLY E 128 18.76 -48.13 3.53
N ARG E 129 17.48 -47.87 3.74
CA ARG E 129 16.68 -47.27 2.68
C ARG E 129 17.27 -45.94 2.30
N PHE E 130 17.36 -45.69 1.00
CA PHE E 130 17.87 -44.44 0.41
C PHE E 130 19.39 -44.34 0.43
N ALA E 131 20.07 -45.44 0.70
CA ALA E 131 21.53 -45.46 0.55
C ALA E 131 21.94 -45.01 -0.85
N VAL E 132 23.11 -44.38 -0.94
CA VAL E 132 23.71 -44.03 -2.23
C VAL E 132 25.05 -44.80 -2.37
N PRO E 133 25.62 -44.84 -3.57
CA PRO E 133 26.78 -45.73 -3.83
C PRO E 133 27.96 -45.43 -2.95
N GLY E 134 28.78 -46.46 -2.69
CA GLY E 134 30.07 -46.24 -2.06
C GLY E 134 30.88 -45.21 -2.85
N GLY E 135 31.51 -44.28 -2.12
CA GLY E 135 32.29 -43.22 -2.71
C GLY E 135 31.43 -42.03 -3.15
N TYR E 136 30.12 -42.11 -2.94
CA TYR E 136 29.27 -41.03 -3.44
C TYR E 136 29.59 -39.62 -2.91
N PRO E 137 29.86 -39.49 -1.61
CA PRO E 137 30.14 -38.13 -1.16
C PRO E 137 31.30 -37.43 -1.90
N ALA E 138 32.35 -38.19 -2.26
CA ALA E 138 33.44 -37.58 -3.02
C ALA E 138 32.99 -37.10 -4.39
N TYR E 139 32.10 -37.86 -5.01
CA TYR E 139 31.51 -37.43 -6.28
C TYR E 139 30.65 -36.18 -6.14
N LEU E 140 29.82 -36.16 -5.11
CA LEU E 140 28.97 -34.98 -4.89
C LEU E 140 29.82 -33.77 -4.59
N LYS E 141 30.90 -33.98 -3.82
CA LYS E 141 31.84 -32.91 -3.58
C LYS E 141 32.49 -32.45 -4.88
N GLU E 142 32.78 -33.38 -5.80
CA GLU E 142 33.31 -32.91 -7.14
C GLU E 142 32.30 -32.04 -7.87
N VAL E 143 31.03 -32.41 -7.81
CA VAL E 143 29.99 -31.64 -8.44
C VAL E 143 29.90 -30.25 -7.83
N LEU E 144 29.83 -30.18 -6.51
CA LEU E 144 29.77 -28.85 -5.86
C LEU E 144 31.01 -28.03 -6.18
N ASP E 145 32.18 -28.66 -6.11
CA ASP E 145 33.43 -27.95 -6.49
C ASP E 145 33.37 -27.41 -7.91
N ALA E 146 32.73 -28.13 -8.81
CA ALA E 146 32.66 -27.69 -10.22
C ALA E 146 31.82 -26.40 -10.33
N HIS E 147 30.71 -26.31 -9.59
CA HIS E 147 29.96 -25.06 -9.53
C HIS E 147 30.83 -23.97 -8.97
N GLU E 148 31.50 -24.27 -7.87
CA GLU E 148 32.25 -23.23 -7.13
C GLU E 148 33.45 -22.64 -7.90
N CYS E 149 33.97 -23.38 -8.88
N CYS E 149 33.95 -23.42 -8.87
N CYS E 149 33.93 -23.42 -8.87
CA CYS E 149 35.18 -22.88 -9.51
CA CYS E 149 35.08 -22.99 -9.70
CA CYS E 149 35.06 -23.04 -9.67
C CYS E 149 34.91 -21.72 -10.49
C CYS E 149 34.87 -21.61 -10.26
C CYS E 149 34.88 -21.67 -10.33
N SER E 150 33.64 -21.35 -10.68
CA SER E 150 33.31 -20.11 -11.37
C SER E 150 32.56 -19.15 -10.51
N ASP E 151 32.54 -19.39 -9.20
CA ASP E 151 31.93 -18.39 -8.27
C ASP E 151 32.90 -17.20 -8.12
N PHE E 152 32.35 -16.02 -7.88
CA PHE E 152 33.20 -14.88 -7.59
C PHE E 152 34.13 -15.15 -6.41
N PHE E 153 33.63 -15.90 -5.39
CA PHE E 153 34.47 -16.26 -4.24
C PHE E 153 34.95 -17.71 -4.31
N GLY E 154 35.13 -18.21 -5.52
CA GLY E 154 35.63 -19.56 -5.68
C GLY E 154 37.00 -19.84 -5.12
N HIS E 155 37.77 -18.81 -4.73
CA HIS E 155 39.04 -19.02 -4.07
C HIS E 155 38.89 -19.31 -2.58
N VAL E 156 37.68 -19.13 -2.02
CA VAL E 156 37.43 -19.48 -0.59
C VAL E 156 36.88 -20.91 -0.52
N THR E 157 37.57 -21.77 0.20
CA THR E 157 37.14 -23.16 0.33
C THR E 157 36.15 -23.36 1.46
N GLN E 158 35.64 -24.59 1.56
N GLN E 158 35.63 -24.58 1.57
CA GLN E 158 34.62 -24.95 2.57
CA GLN E 158 34.64 -24.92 2.61
C GLN E 158 33.41 -24.06 2.53
C GLN E 158 33.36 -24.11 2.49
N ARG E 159 33.02 -23.61 1.33
N ARG E 159 33.04 -23.64 1.30
CA ARG E 159 31.74 -22.97 1.20
CA ARG E 159 31.76 -22.98 1.07
C ARG E 159 30.65 -24.00 0.94
C ARG E 159 30.64 -24.00 0.89
N SER E 160 31.04 -25.22 0.57
N SER E 160 30.99 -25.26 0.60
CA SER E 160 30.11 -26.36 0.60
CA SER E 160 30.03 -26.36 0.63
C SER E 160 30.74 -27.41 1.47
C SER E 160 30.65 -27.55 1.32
N VAL E 161 29.97 -28.06 2.34
CA VAL E 161 30.55 -29.03 3.28
C VAL E 161 29.59 -30.19 3.36
N LEU E 162 30.08 -31.39 3.08
CA LEU E 162 29.32 -32.61 3.30
C LEU E 162 29.78 -33.23 4.60
N VAL E 163 28.81 -33.45 5.48
CA VAL E 163 29.11 -34.03 6.80
C VAL E 163 28.50 -35.42 6.84
N GLU E 164 29.37 -36.44 6.91
CA GLU E 164 28.94 -37.83 6.82
C GLU E 164 28.79 -38.43 8.19
N GLY E 165 27.63 -39.06 8.40
CA GLY E 165 27.35 -39.77 9.64
C GLY E 165 25.94 -39.56 10.11
N ASP E 166 25.63 -40.05 11.32
CA ASP E 166 24.30 -39.91 11.88
C ASP E 166 24.15 -38.49 12.46
N VAL E 167 23.14 -37.75 12.00
CA VAL E 167 22.95 -36.37 12.46
C VAL E 167 22.80 -36.23 13.96
N ARG E 168 22.36 -37.28 14.66
CA ARG E 168 22.28 -37.18 16.12
C ARG E 168 23.64 -36.86 16.76
N GLU E 169 24.70 -37.30 16.09
CA GLU E 169 26.09 -37.00 16.54
C GLU E 169 26.68 -35.87 15.72
N THR E 170 26.49 -35.90 14.40
CA THR E 170 27.24 -34.96 13.57
C THR E 170 26.74 -33.55 13.59
N VAL E 171 25.44 -33.34 13.83
CA VAL E 171 24.98 -31.96 13.90
C VAL E 171 25.47 -31.23 15.16
N PRO E 172 25.29 -31.86 16.33
CA PRO E 172 25.89 -31.20 17.52
C PRO E 172 27.42 -30.97 17.37
N ARG E 173 28.12 -31.95 16.81
N ARG E 173 28.13 -31.94 16.79
CA ARG E 173 29.55 -31.81 16.60
CA ARG E 173 29.55 -31.77 16.61
C ARG E 173 29.90 -30.65 15.66
C ARG E 173 29.89 -30.62 15.66
N TYR E 174 29.22 -30.55 14.52
CA TYR E 174 29.44 -29.46 13.59
C TYR E 174 29.21 -28.12 14.32
N LEU E 175 28.10 -28.01 15.03
CA LEU E 175 27.81 -26.73 15.67
C LEU E 175 28.88 -26.39 16.71
N ALA E 176 29.34 -27.38 17.48
CA ALA E 176 30.37 -27.12 18.50
C ALA E 176 31.68 -26.64 17.82
N GLU E 177 31.96 -27.17 16.62
CA GLU E 177 33.19 -26.79 15.88
C GLU E 177 33.04 -25.46 15.16
N ASN E 178 31.81 -24.94 15.08
CA ASN E 178 31.48 -23.75 14.29
C ASN E 178 30.66 -22.77 15.11
N PRO E 179 31.28 -22.18 16.16
CA PRO E 179 30.53 -21.28 17.04
C PRO E 179 30.15 -19.95 16.37
N GLN E 180 30.67 -19.68 15.18
CA GLN E 180 30.23 -18.52 14.39
C GLN E 180 28.86 -18.72 13.74
N THR E 181 28.32 -19.95 13.83
CA THR E 181 27.17 -20.31 12.99
C THR E 181 25.92 -19.49 13.31
N VAL E 182 25.34 -18.91 12.27
CA VAL E 182 23.95 -18.54 12.31
C VAL E 182 23.28 -19.39 11.24
N ILE E 183 22.10 -19.93 11.50
CA ILE E 183 21.39 -20.70 10.48
C ILE E 183 20.28 -19.88 9.84
N ALA E 184 20.43 -19.60 8.53
CA ALA E 184 19.42 -18.90 7.79
C ALA E 184 18.27 -19.77 7.32
N LEU E 185 18.57 -20.97 6.84
CA LEU E 185 17.65 -21.90 6.28
C LEU E 185 18.06 -23.29 6.74
N ALA E 186 17.13 -23.97 7.41
CA ALA E 186 17.29 -25.34 7.82
C ALA E 186 16.26 -26.19 7.13
N TYR E 187 16.73 -27.09 6.26
CA TYR E 187 15.82 -27.92 5.44
C TYR E 187 15.83 -29.35 5.96
N PHE E 188 14.71 -29.76 6.56
CA PHE E 188 14.56 -31.08 7.16
C PHE E 188 14.00 -32.08 6.16
N ASP E 189 14.83 -33.05 5.77
CA ASP E 189 14.44 -34.09 4.85
C ASP E 189 14.97 -35.43 5.28
N LEU E 190 14.80 -35.73 6.58
CA LEU E 190 15.33 -36.97 7.13
C LEU E 190 14.25 -38.03 7.20
N ASP E 191 12.97 -37.63 7.04
CA ASP E 191 11.79 -38.52 7.18
C ASP E 191 11.52 -39.05 8.62
N LEU E 192 12.57 -39.47 9.34
CA LEU E 192 12.45 -40.20 10.61
C LEU E 192 12.30 -39.30 11.85
N TYR E 193 11.52 -39.80 12.82
CA TYR E 193 11.25 -39.08 14.06
C TYR E 193 12.50 -38.72 14.86
N GLU E 194 13.32 -39.71 15.19
CA GLU E 194 14.36 -39.47 16.21
C GLU E 194 15.40 -38.44 15.74
N PRO E 195 15.90 -38.55 14.49
CA PRO E 195 16.92 -37.56 14.08
C PRO E 195 16.33 -36.20 13.87
N THR E 196 15.06 -36.15 13.44
CA THR E 196 14.39 -34.85 13.30
C THR E 196 14.34 -34.15 14.64
N LYS E 197 13.90 -34.89 15.66
CA LYS E 197 13.76 -34.28 16.99
C LYS E 197 15.12 -33.79 17.51
N ALA E 198 16.15 -34.64 17.38
CA ALA E 198 17.50 -34.31 17.85
C ALA E 198 18.04 -33.04 17.16
N VAL E 199 17.83 -32.95 15.85
CA VAL E 199 18.39 -31.82 15.12
C VAL E 199 17.61 -30.55 15.43
N LEU E 200 16.27 -30.62 15.49
CA LEU E 200 15.47 -29.43 15.91
C LEU E 200 15.98 -28.90 17.23
N GLU E 201 16.23 -29.82 18.18
CA GLU E 201 16.76 -29.38 19.51
C GLU E 201 18.14 -28.70 19.36
N ALA E 202 19.00 -29.30 18.54
CA ALA E 202 20.33 -28.78 18.39
C ALA E 202 20.42 -27.43 17.71
N ILE E 203 19.60 -27.19 16.69
CA ILE E 203 19.76 -25.97 15.89
C ILE E 203 19.15 -24.72 16.56
N ARG E 204 18.33 -24.92 17.58
CA ARG E 204 17.56 -23.77 18.11
C ARG E 204 18.40 -22.56 18.52
N PRO E 205 19.54 -22.76 19.21
CA PRO E 205 20.29 -21.56 19.64
C PRO E 205 20.94 -20.79 18.49
N TYR E 206 20.93 -21.35 17.26
CA TYR E 206 21.62 -20.70 16.14
C TYR E 206 20.68 -20.05 15.16
N LEU E 207 19.37 -20.10 15.44
CA LEU E 207 18.38 -19.43 14.58
C LEU E 207 18.23 -17.98 14.99
N THR E 208 17.86 -17.13 14.06
CA THR E 208 17.41 -15.77 14.41
C THR E 208 15.95 -15.63 14.02
N LYS E 209 15.30 -14.58 14.50
CA LYS E 209 13.91 -14.26 14.04
C LYS E 209 14.04 -13.96 12.55
N GLY E 210 13.31 -14.70 11.73
CA GLY E 210 13.37 -14.61 10.27
C GLY E 210 14.08 -15.79 9.60
N SER E 211 14.82 -16.57 10.38
CA SER E 211 15.35 -17.84 9.85
C SER E 211 14.22 -18.70 9.37
N ILE E 212 14.44 -19.47 8.30
CA ILE E 212 13.40 -20.32 7.79
C ILE E 212 13.70 -21.80 8.18
N VAL E 213 12.72 -22.47 8.78
CA VAL E 213 12.79 -23.90 9.04
C VAL E 213 11.77 -24.61 8.18
N ALA E 214 12.20 -25.54 7.31
CA ALA E 214 11.28 -26.17 6.37
C ALA E 214 11.31 -27.68 6.54
N PHE E 215 10.18 -28.30 6.23
CA PHE E 215 10.06 -29.74 6.36
C PHE E 215 9.56 -30.34 5.07
N ASP E 216 10.12 -31.48 4.71
CA ASP E 216 9.79 -32.08 3.41
C ASP E 216 8.57 -33.00 3.45
N GLU E 217 8.25 -33.55 4.63
N GLU E 217 8.24 -33.55 4.63
CA GLU E 217 7.15 -34.55 4.77
CA GLU E 217 7.13 -34.52 4.78
C GLU E 217 6.31 -34.32 6.03
C GLU E 217 6.41 -34.31 6.11
N LEU E 218 6.12 -33.07 6.45
CA LEU E 218 5.56 -32.80 7.78
C LEU E 218 4.17 -33.46 7.97
N ASP E 219 3.35 -33.48 6.94
CA ASP E 219 1.99 -33.98 7.12
C ASP E 219 1.75 -35.20 6.25
N ASN E 220 2.80 -35.90 5.88
CA ASN E 220 2.62 -37.09 5.03
C ASN E 220 2.32 -38.34 5.91
N PRO E 221 1.17 -39.00 5.68
CA PRO E 221 0.86 -40.23 6.41
C PRO E 221 1.95 -41.28 6.42
N LYS E 222 2.74 -41.39 5.36
CA LYS E 222 3.79 -42.41 5.37
C LYS E 222 4.92 -42.07 6.38
N TRP E 223 5.15 -40.77 6.65
CA TRP E 223 6.27 -40.35 7.47
C TRP E 223 5.84 -39.35 8.54
N PRO E 224 5.20 -39.85 9.61
CA PRO E 224 4.72 -38.93 10.64
C PRO E 224 5.80 -38.41 11.59
N GLY E 225 7.06 -38.82 11.41
CA GLY E 225 8.10 -38.50 12.39
C GLY E 225 8.41 -37.02 12.57
N GLU E 226 8.42 -36.27 11.48
CA GLU E 226 8.67 -34.81 11.59
C GLU E 226 7.53 -34.14 12.37
N ASN E 227 6.26 -34.53 12.14
CA ASN E 227 5.15 -33.96 12.93
C ASN E 227 5.26 -34.34 14.42
N ILE E 228 5.47 -35.61 14.68
CA ILE E 228 5.59 -36.08 16.06
C ILE E 228 6.72 -35.30 16.73
N ALA E 229 7.86 -35.11 16.01
CA ALA E 229 9.00 -34.40 16.59
C ALA E 229 8.64 -32.92 16.83
N MSE E 230 8.01 -32.30 15.85
N MSE E 230 8.00 -32.30 15.84
CA MSE E 230 7.57 -30.91 16.04
CA MSE E 230 7.59 -30.91 16.01
C MSE E 230 6.66 -30.79 17.22
C MSE E 230 6.58 -30.72 17.14
O MSE E 230 6.82 -29.90 18.05
O MSE E 230 6.61 -29.70 17.82
CB MSE E 230 6.88 -30.37 14.79
CB MSE E 230 7.05 -30.31 14.71
CG MSE E 230 7.86 -29.81 13.79
CG MSE E 230 6.47 -28.93 14.90
SE MSE E 230 8.60 -28.12 14.47
SE MSE E 230 6.67 -27.65 13.43
CE MSE E 230 6.99 -27.07 14.71
CE MSE E 230 7.25 -26.10 14.48
N ARG E 231 5.70 -31.69 17.32
CA ARG E 231 4.73 -31.60 18.44
C ARG E 231 5.38 -31.77 19.82
N LYS E 232 6.44 -32.57 19.90
CA LYS E 232 7.17 -32.74 21.15
C LYS E 232 8.07 -31.52 21.45
N VAL E 233 8.75 -30.98 20.44
CA VAL E 233 9.80 -29.97 20.70
C VAL E 233 9.23 -28.57 20.81
N LEU E 234 8.30 -28.25 19.93
CA LEU E 234 7.83 -26.86 19.79
C LEU E 234 6.32 -26.68 19.89
N GLY E 235 5.60 -27.69 19.39
CA GLY E 235 4.18 -27.54 19.09
C GLY E 235 3.91 -26.98 17.71
N LEU E 236 2.86 -27.47 17.06
CA LEU E 236 2.60 -27.09 15.67
C LEU E 236 2.17 -25.62 15.56
N ASP E 237 1.70 -25.00 16.68
CA ASP E 237 1.35 -23.58 16.67
C ASP E 237 2.41 -22.65 17.31
N HIS E 238 3.62 -23.20 17.50
CA HIS E 238 4.73 -22.37 17.95
C HIS E 238 4.97 -21.19 16.97
N ALA E 239 4.92 -21.49 15.67
CA ALA E 239 5.09 -20.49 14.61
C ALA E 239 4.11 -20.83 13.52
N PRO E 240 3.90 -19.92 12.55
CA PRO E 240 2.95 -20.26 11.49
C PRO E 240 3.56 -21.17 10.39
N LEU E 241 3.07 -22.39 10.29
CA LEU E 241 3.55 -23.30 9.21
C LEU E 241 2.81 -22.95 7.95
N ARG E 242 3.54 -22.90 6.82
CA ARG E 242 2.95 -22.48 5.56
C ARG E 242 3.34 -23.42 4.45
N LEU E 243 2.52 -23.42 3.41
CA LEU E 243 2.85 -24.05 2.13
C LEU E 243 3.10 -22.95 1.12
N LEU E 244 3.88 -23.26 0.08
CA LEU E 244 3.81 -22.47 -1.17
C LEU E 244 2.53 -22.99 -1.86
N PRO E 245 1.54 -22.11 -2.16
CA PRO E 245 0.23 -22.62 -2.62
C PRO E 245 0.36 -23.57 -3.82
N GLY E 246 -0.42 -24.65 -3.77
CA GLY E 246 -0.47 -25.60 -4.85
C GLY E 246 0.49 -26.77 -4.67
N ARG E 247 1.35 -26.68 -3.64
CA ARG E 247 2.40 -27.69 -3.45
C ARG E 247 2.29 -28.29 -2.06
N PRO E 248 2.18 -29.59 -1.97
CA PRO E 248 1.92 -30.22 -0.68
C PRO E 248 3.09 -30.07 0.28
N ALA E 249 4.29 -29.87 -0.27
CA ALA E 249 5.52 -29.76 0.47
C ALA E 249 6.42 -28.82 -0.33
N PRO E 250 7.32 -28.12 0.34
CA PRO E 250 7.61 -28.16 1.78
C PRO E 250 6.57 -27.38 2.62
N ALA E 251 6.57 -27.69 3.92
CA ALA E 251 5.88 -26.89 4.92
C ALA E 251 6.98 -26.09 5.59
N TYR E 252 6.81 -24.78 5.79
CA TYR E 252 7.93 -24.02 6.32
C TYR E 252 7.40 -22.93 7.28
N LEU E 253 8.24 -22.56 8.22
CA LEU E 253 7.95 -21.50 9.16
C LEU E 253 9.06 -20.47 9.22
N ARG E 254 8.68 -19.25 9.54
N ARG E 254 8.69 -19.23 9.54
CA ARG E 254 9.62 -18.17 9.81
CA ARG E 254 9.66 -18.13 9.75
C ARG E 254 9.78 -18.12 11.31
C ARG E 254 9.82 -17.94 11.26
N TRP E 255 11.00 -18.31 11.76
CA TRP E 255 11.28 -18.36 13.20
C TRP E 255 10.89 -17.04 13.83
N GLY E 256 10.10 -17.10 14.92
CA GLY E 256 9.72 -15.92 15.64
C GLY E 256 8.35 -15.37 15.26
N ASP E 257 7.75 -15.84 14.17
CA ASP E 257 6.50 -15.26 13.71
C ASP E 257 5.30 -15.87 14.46
N GLN F 7 45.02 -26.73 9.48
CA GLN F 7 43.86 -25.94 9.06
C GLN F 7 44.08 -25.30 7.70
N ASP F 8 43.00 -25.11 6.97
CA ASP F 8 43.15 -24.64 5.61
C ASP F 8 42.89 -23.13 5.64
N LEU F 9 43.95 -22.32 5.48
CA LEU F 9 43.75 -20.86 5.51
C LEU F 9 42.84 -20.39 4.38
N ARG F 10 42.70 -21.19 3.33
CA ARG F 10 41.85 -20.77 2.20
C ARG F 10 40.37 -20.85 2.56
N ALA F 11 40.02 -21.46 3.70
CA ALA F 11 38.61 -21.50 4.10
C ALA F 11 38.17 -20.19 4.79
N PHE F 12 39.11 -19.31 5.10
CA PHE F 12 38.79 -17.97 5.59
C PHE F 12 38.61 -17.04 4.41
N VAL F 13 37.75 -16.04 4.59
CA VAL F 13 37.64 -15.02 3.57
C VAL F 13 39.01 -14.37 3.34
N HIS F 14 39.40 -14.21 2.06
CA HIS F 14 40.68 -13.56 1.73
C HIS F 14 40.56 -13.01 0.33
N ASP F 15 41.43 -12.07 -0.01
CA ASP F 15 41.37 -11.42 -1.30
C ASP F 15 41.79 -12.38 -2.42
N SER F 16 41.04 -12.32 -3.52
CA SER F 16 41.48 -12.96 -4.74
C SER F 16 42.71 -12.24 -5.32
N PRO F 17 43.44 -12.92 -6.20
CA PRO F 17 44.54 -12.24 -6.87
C PRO F 17 44.08 -10.98 -7.59
N GLU F 18 42.86 -11.05 -8.14
CA GLU F 18 42.32 -9.87 -8.89
C GLU F 18 41.97 -8.76 -7.94
N GLU F 19 41.36 -9.05 -6.78
CA GLU F 19 41.09 -7.98 -5.77
C GLU F 19 42.42 -7.32 -5.32
N THR F 20 43.46 -8.13 -5.10
CA THR F 20 44.75 -7.59 -4.74
C THR F 20 45.28 -6.69 -5.83
N GLU F 21 45.19 -7.13 -7.09
N GLU F 21 45.20 -7.19 -7.08
CA GLU F 21 45.67 -6.32 -8.21
CA GLU F 21 45.58 -6.43 -8.30
C GLU F 21 44.88 -5.03 -8.34
C GLU F 21 44.90 -5.07 -8.29
N THR F 22 43.56 -5.07 -8.15
CA THR F 22 42.82 -3.83 -8.21
C THR F 22 43.31 -2.86 -7.11
N THR F 23 43.43 -3.38 -5.87
CA THR F 23 43.85 -2.57 -4.76
C THR F 23 45.23 -1.95 -5.00
N GLN F 24 46.19 -2.77 -5.44
CA GLN F 24 47.53 -2.24 -5.66
C GLN F 24 47.57 -1.25 -6.79
N ARG F 25 46.82 -1.52 -7.86
CA ARG F 25 46.83 -0.63 -9.01
C ARG F 25 46.28 0.73 -8.63
N LEU F 26 45.15 0.72 -7.95
CA LEU F 26 44.50 1.99 -7.54
C LEU F 26 45.39 2.74 -6.58
N THR F 27 46.12 2.04 -5.71
CA THR F 27 47.02 2.73 -4.81
C THR F 27 48.06 3.50 -5.61
N LYS F 28 48.64 2.86 -6.60
N LYS F 28 48.64 2.86 -6.62
CA LYS F 28 49.68 3.48 -7.41
CA LYS F 28 49.69 3.50 -7.43
C LYS F 28 49.08 4.67 -8.17
C LYS F 28 49.12 4.64 -8.26
N LEU F 29 47.89 4.46 -8.73
CA LEU F 29 47.23 5.51 -9.50
C LEU F 29 46.88 6.74 -8.66
N LEU F 30 46.56 6.51 -7.38
CA LEU F 30 46.28 7.59 -6.46
C LEU F 30 47.58 8.36 -6.12
N THR F 31 48.65 7.62 -5.82
CA THR F 31 49.86 8.26 -5.37
C THR F 31 50.62 8.91 -6.48
N ASN F 32 50.38 8.47 -7.73
CA ASN F 32 51.11 9.00 -8.88
C ASN F 32 50.13 9.59 -9.92
N SER F 33 49.20 10.39 -9.46
CA SER F 33 48.11 10.90 -10.29
C SER F 33 48.52 12.21 -11.00
N PRO F 34 48.09 12.41 -12.25
CA PRO F 34 48.27 13.69 -12.94
C PRO F 34 47.20 14.66 -12.53
N ILE F 35 46.21 14.22 -11.73
CA ILE F 35 45.19 15.20 -11.27
C ILE F 35 45.92 16.21 -10.36
N PRO F 36 45.65 17.50 -10.52
CA PRO F 36 46.26 18.54 -9.66
C PRO F 36 45.99 18.18 -8.19
N THR F 37 46.97 18.39 -7.33
CA THR F 37 46.87 18.12 -5.92
C THR F 37 45.55 18.57 -5.30
N GLU F 38 45.17 19.81 -5.60
CA GLU F 38 43.99 20.42 -4.93
C GLU F 38 42.67 19.81 -5.44
N GLU F 39 42.74 19.00 -6.50
CA GLU F 39 41.53 18.39 -7.05
C GLU F 39 41.38 16.93 -6.67
N LEU F 40 42.37 16.34 -6.01
CA LEU F 40 42.28 14.92 -5.65
C LEU F 40 41.03 14.67 -4.82
N VAL F 41 40.77 15.57 -3.84
CA VAL F 41 39.63 15.35 -2.92
C VAL F 41 38.27 15.60 -3.60
N ASN F 42 38.29 15.93 -4.90
CA ASN F 42 37.09 16.17 -5.70
C ASN F 42 36.89 14.99 -6.66
N ASN F 43 37.74 13.96 -6.55
CA ASN F 43 37.71 12.82 -7.51
C ASN F 43 38.05 11.49 -6.84
N LEU F 44 37.84 11.43 -5.52
CA LEU F 44 38.15 10.20 -4.78
C LEU F 44 37.45 8.93 -5.24
N PRO F 45 36.22 9.04 -5.83
CA PRO F 45 35.64 7.78 -6.29
C PRO F 45 36.43 7.09 -7.38
N LEU F 46 37.35 7.80 -8.06
CA LEU F 46 38.26 7.10 -9.01
C LEU F 46 38.97 5.94 -8.32
N PHE F 47 39.26 6.06 -7.02
CA PHE F 47 40.11 5.11 -6.36
C PHE F 47 39.35 4.23 -5.33
N LEU F 48 38.02 4.34 -5.33
CA LEU F 48 37.15 3.68 -4.36
C LEU F 48 36.56 2.44 -5.03
N ARG F 49 37.16 1.28 -4.76
CA ARG F 49 36.81 0.07 -5.49
C ARG F 49 35.52 -0.53 -4.91
N ARG F 50 34.90 -1.44 -5.68
CA ARG F 50 33.62 -2.10 -5.29
C ARG F 50 33.56 -2.45 -3.80
N HIS F 51 34.57 -3.16 -3.28
CA HIS F 51 34.48 -3.67 -1.92
C HIS F 51 34.32 -2.52 -0.92
N GLN F 52 35.11 -1.45 -1.14
CA GLN F 52 35.03 -0.28 -0.24
C GLN F 52 33.77 0.55 -0.47
N MSE F 53 33.38 0.74 -1.73
CA MSE F 53 32.09 1.37 -2.04
C MSE F 53 30.93 0.67 -1.34
O MSE F 53 30.00 1.29 -0.81
CB MSE F 53 31.87 1.41 -3.57
CG MSE F 53 30.41 1.88 -3.99
SE MSE F 53 30.13 3.74 -3.57
CE MSE F 53 30.82 4.50 -5.19
N THR F 54 30.98 -0.66 -1.34
CA THR F 54 29.93 -1.45 -0.68
C THR F 54 29.87 -1.10 0.83
N ASP F 55 31.04 -1.00 1.46
CA ASP F 55 31.09 -0.60 2.87
C ASP F 55 30.43 0.77 3.10
N LEU F 56 30.70 1.71 2.20
CA LEU F 56 30.17 3.07 2.25
C LEU F 56 28.63 3.05 2.17
N LEU F 57 28.10 2.32 1.18
CA LEU F 57 26.69 2.24 0.97
C LEU F 57 26.03 1.53 2.16
N SER F 58 26.72 0.55 2.76
CA SER F 58 26.14 -0.11 3.94
C SER F 58 26.09 0.82 5.14
N MSE F 59 27.13 1.64 5.37
CA MSE F 59 27.05 2.62 6.48
C MSE F 59 25.92 3.63 6.27
O MSE F 59 25.24 4.07 7.20
CB MSE F 59 28.41 3.34 6.67
CG MSE F 59 29.57 2.46 7.11
SE MSE F 59 29.24 1.26 8.62
CE MSE F 59 28.97 -0.37 7.64
N ASP F 60 25.75 4.01 5.01
CA ASP F 60 24.69 4.96 4.66
C ASP F 60 23.33 4.33 4.93
N ALA F 61 23.17 3.05 4.60
CA ALA F 61 21.90 2.34 4.86
C ALA F 61 21.57 2.23 6.36
N LEU F 62 22.60 1.99 7.16
CA LEU F 62 22.37 1.93 8.61
C LEU F 62 22.01 3.32 9.12
N TYR F 63 22.77 4.35 8.73
CA TYR F 63 22.51 5.71 9.20
C TYR F 63 21.08 6.14 8.82
N ARG F 64 20.68 5.87 7.56
CA ARG F 64 19.35 6.27 7.17
C ARG F 64 18.26 5.59 8.02
N GLN F 65 18.52 4.42 8.57
CA GLN F 65 17.52 3.77 9.41
C GLN F 65 17.31 4.41 10.79
N VAL F 66 18.27 5.27 11.21
CA VAL F 66 18.15 5.93 12.51
C VAL F 66 17.99 7.44 12.43
N LEU F 67 17.67 7.98 11.25
CA LEU F 67 17.47 9.41 11.13
C LEU F 67 16.23 9.87 11.94
N ASP F 68 15.32 8.95 12.28
CA ASP F 68 14.20 9.30 13.15
C ASP F 68 14.34 8.70 14.55
N VAL F 69 15.57 8.39 14.98
CA VAL F 69 15.81 7.85 16.34
C VAL F 69 16.75 8.83 17.06
N PRO F 70 16.45 9.25 18.30
CA PRO F 70 17.36 10.17 18.99
C PRO F 70 18.66 9.48 19.37
N GLY F 71 19.65 10.26 19.70
CA GLY F 71 20.89 9.69 20.27
C GLY F 71 22.12 9.74 19.41
N VAL F 72 23.12 9.01 19.85
CA VAL F 72 24.45 9.10 19.25
C VAL F 72 24.79 7.86 18.42
N ILE F 73 25.89 7.99 17.67
CA ILE F 73 26.47 6.90 16.85
C ILE F 73 27.76 6.50 17.54
N MSE F 74 27.88 5.22 17.87
CA MSE F 74 29.12 4.67 18.49
C MSE F 74 29.70 3.59 17.61
O MSE F 74 28.99 2.75 17.09
CB MSE F 74 28.81 4.04 19.86
CG MSE F 74 28.36 5.11 20.88
SE MSE F 74 28.20 4.23 22.61
CE MSE F 74 27.97 5.88 23.57
N GLU F 75 31.01 3.65 17.39
CA GLU F 75 31.75 2.54 16.76
C GLU F 75 32.72 1.96 17.75
N PHE F 76 32.62 0.68 18.00
CA PHE F 76 33.58 -0.05 18.84
C PHE F 76 34.56 -0.78 17.89
N GLY F 77 35.78 -0.23 17.75
CA GLY F 77 36.79 -0.79 16.84
C GLY F 77 36.89 0.17 15.67
N VAL F 78 37.84 1.09 15.76
CA VAL F 78 37.96 2.19 14.80
C VAL F 78 39.07 2.00 13.81
N ARG F 79 40.22 1.51 14.25
CA ARG F 79 41.42 1.43 13.40
C ARG F 79 41.80 2.79 12.81
N PHE F 80 41.87 2.92 11.49
CA PHE F 80 42.29 4.22 10.91
C PHE F 80 41.09 5.19 10.82
N GLY F 81 39.86 4.69 11.05
CA GLY F 81 38.69 5.55 11.11
C GLY F 81 37.82 5.51 9.89
N ARG F 82 37.97 4.49 9.02
CA ARG F 82 37.11 4.43 7.82
C ARG F 82 35.66 4.81 8.08
N HIS F 83 35.07 4.14 9.07
CA HIS F 83 33.64 4.37 9.30
C HIS F 83 33.33 5.71 9.94
N LEU F 84 34.22 6.22 10.79
CA LEU F 84 33.98 7.55 11.41
C LEU F 84 33.97 8.64 10.35
N GLY F 85 34.88 8.55 9.36
CA GLY F 85 34.92 9.51 8.26
C GLY F 85 33.60 9.42 7.53
N THR F 86 33.15 8.17 7.27
CA THR F 86 31.90 8.02 6.55
C THR F 86 30.71 8.68 7.31
N PHE F 87 30.62 8.36 8.62
CA PHE F 87 29.58 8.96 9.45
C PHE F 87 29.64 10.49 9.51
N ALA F 88 30.87 11.06 9.61
CA ALA F 88 30.99 12.47 9.67
C ALA F 88 30.46 13.16 8.42
N ALA F 89 30.72 12.57 7.25
CA ALA F 89 30.24 13.18 6.01
C ALA F 89 28.72 12.98 5.89
N LEU F 90 28.24 11.78 6.23
CA LEU F 90 26.79 11.49 6.18
C LEU F 90 25.97 12.37 7.11
N ARG F 91 26.51 12.66 8.29
CA ARG F 91 25.82 13.53 9.23
C ARG F 91 25.68 14.93 8.61
N GLY F 92 26.67 15.35 7.80
CA GLY F 92 26.51 16.61 7.04
C GLY F 92 25.41 16.51 5.99
N VAL F 93 25.39 15.41 5.24
CA VAL F 93 24.33 15.24 4.26
C VAL F 93 22.92 15.25 4.87
N TYR F 94 22.74 14.51 5.98
CA TYR F 94 21.36 14.26 6.45
C TYR F 94 20.95 15.15 7.62
N GLU F 95 21.90 15.65 8.41
CA GLU F 95 21.58 16.29 9.73
C GLU F 95 22.32 17.57 10.01
N PRO F 96 22.26 18.54 9.07
CA PRO F 96 22.89 19.82 9.36
C PRO F 96 22.42 20.46 10.68
N TYR F 97 21.18 20.25 11.07
CA TYR F 97 20.66 20.99 12.22
C TYR F 97 20.62 20.12 13.48
N ASN F 98 21.36 18.99 13.51
CA ASN F 98 21.36 18.12 14.72
C ASN F 98 22.73 18.14 15.38
N PRO F 99 22.94 19.06 16.35
CA PRO F 99 24.22 19.12 17.04
C PRO F 99 24.34 18.06 18.13
N LEU F 100 23.29 17.30 18.37
CA LEU F 100 23.31 16.26 19.42
C LEU F 100 23.73 14.89 18.87
N ARG F 101 23.79 14.75 17.56
CA ARG F 101 24.19 13.47 16.97
C ARG F 101 25.71 13.35 17.05
N ARG F 102 26.20 13.04 18.23
CA ARG F 102 27.63 12.83 18.45
C ARG F 102 28.08 11.51 17.81
N ILE F 103 29.30 11.52 17.30
CA ILE F 103 29.96 10.31 16.78
C ILE F 103 31.06 9.96 17.78
N VAL F 104 31.02 8.76 18.35
CA VAL F 104 31.99 8.36 19.40
C VAL F 104 32.69 7.09 18.93
N GLY F 105 34.01 7.15 18.81
CA GLY F 105 34.81 6.01 18.34
C GLY F 105 35.70 5.50 19.45
N PHE F 106 35.61 4.22 19.78
CA PHE F 106 36.38 3.62 20.85
C PHE F 106 37.42 2.66 20.28
N ASP F 107 38.67 2.78 20.73
CA ASP F 107 39.68 1.82 20.32
C ASP F 107 40.85 1.99 21.26
N THR F 108 41.67 0.96 21.39
CA THR F 108 42.97 1.15 22.03
C THR F 108 43.87 2.00 21.17
N PHE F 109 43.66 1.91 19.85
CA PHE F 109 44.55 2.41 18.82
C PHE F 109 45.92 1.75 18.83
N THR F 110 46.06 0.65 19.58
CA THR F 110 47.29 -0.11 19.61
C THR F 110 47.02 -1.58 19.29
N GLY F 111 45.88 -1.82 18.65
CA GLY F 111 45.50 -3.16 18.28
C GLY F 111 44.89 -3.97 19.42
N PHE F 112 44.59 -5.24 19.13
CA PHE F 112 43.97 -6.10 20.15
C PHE F 112 44.75 -6.08 21.47
N PRO F 113 44.10 -5.75 22.60
N PRO F 113 44.05 -5.89 22.58
CA PRO F 113 44.92 -5.66 23.84
CA PRO F 113 44.64 -6.43 23.78
C PRO F 113 45.13 -7.03 24.51
C PRO F 113 44.71 -7.96 23.70
N ASP F 114 44.28 -8.00 24.17
N ASP F 114 45.09 -8.55 24.81
CA ASP F 114 44.42 -9.40 24.56
CA ASP F 114 45.09 -9.99 24.93
C ASP F 114 43.55 -10.23 23.65
C ASP F 114 43.72 -10.59 24.54
N VAL F 115 43.77 -11.54 23.61
CA VAL F 115 42.66 -12.36 23.04
C VAL F 115 42.28 -13.58 23.84
N ASN F 116 41.08 -14.08 23.63
CA ASN F 116 40.61 -15.25 24.35
C ASN F 116 40.86 -16.47 23.41
N ASP F 117 40.97 -17.66 23.97
CA ASP F 117 41.17 -18.89 23.16
C ASP F 117 40.08 -19.01 22.08
N VAL F 118 38.85 -18.55 22.36
CA VAL F 118 37.76 -18.69 21.36
C VAL F 118 38.02 -17.82 20.17
N ASP F 119 38.84 -16.79 20.33
CA ASP F 119 39.16 -15.92 19.21
C ASP F 119 40.30 -16.44 18.30
N ARG F 120 41.01 -17.48 18.77
N ARG F 120 41.04 -17.44 18.81
CA ARG F 120 42.25 -17.96 18.15
CA ARG F 120 42.23 -17.96 18.15
C ARG F 120 42.05 -19.00 17.05
C ARG F 120 41.84 -19.07 17.18
N VAL F 121 41.20 -18.67 16.10
CA VAL F 121 40.82 -19.60 15.02
C VAL F 121 41.84 -19.47 13.87
N GLY F 122 42.09 -18.22 13.48
CA GLY F 122 43.10 -17.91 12.45
C GLY F 122 44.38 -17.32 12.98
N PRO F 123 45.30 -16.97 12.07
CA PRO F 123 46.66 -16.53 12.46
C PRO F 123 46.81 -15.02 12.70
N THR F 124 45.70 -14.27 12.64
CA THR F 124 45.82 -12.85 12.97
C THR F 124 45.23 -12.48 14.36
N ALA F 125 44.87 -13.49 15.15
CA ALA F 125 44.29 -13.25 16.49
C ALA F 125 45.43 -13.19 17.52
N TYR F 126 46.11 -12.05 17.57
CA TYR F 126 47.23 -11.88 18.48
C TYR F 126 47.25 -10.45 19.01
N GLN F 127 47.83 -10.25 20.19
N GLN F 127 47.84 -10.26 20.18
CA GLN F 127 47.90 -8.93 20.76
CA GLN F 127 47.97 -8.93 20.78
C GLN F 127 48.66 -7.98 19.82
C GLN F 127 48.68 -7.97 19.83
N GLY F 128 48.07 -6.80 19.63
CA GLY F 128 48.63 -5.76 18.81
C GLY F 128 48.17 -5.79 17.36
N ARG F 129 47.44 -6.83 16.94
CA ARG F 129 46.93 -6.86 15.59
C ARG F 129 46.04 -5.62 15.38
N PHE F 130 46.16 -4.96 14.20
CA PHE F 130 45.45 -3.74 13.88
C PHE F 130 45.98 -2.48 14.57
N ALA F 131 47.15 -2.54 15.24
CA ALA F 131 47.71 -1.33 15.79
C ALA F 131 47.84 -0.25 14.74
N VAL F 132 47.57 1.02 15.09
CA VAL F 132 47.88 2.12 14.20
C VAL F 132 49.03 2.92 14.79
N PRO F 133 49.61 3.83 14.02
CA PRO F 133 50.86 4.43 14.51
C PRO F 133 50.69 5.30 15.77
N GLY F 134 51.79 5.42 16.50
CA GLY F 134 51.80 6.43 17.55
C GLY F 134 51.38 7.81 17.09
N GLY F 135 50.47 8.44 17.85
CA GLY F 135 50.00 9.77 17.51
C GLY F 135 48.82 9.74 16.56
N TYR F 136 48.42 8.53 16.13
CA TYR F 136 47.32 8.44 15.20
C TYR F 136 46.01 9.13 15.63
N PRO F 137 45.56 8.96 16.90
CA PRO F 137 44.30 9.58 17.27
C PRO F 137 44.28 11.09 17.08
N ALA F 138 45.36 11.81 17.36
CA ALA F 138 45.41 13.22 17.02
C ALA F 138 45.25 13.53 15.56
N TYR F 139 45.81 12.68 14.71
CA TYR F 139 45.62 12.86 13.26
C TYR F 139 44.18 12.60 12.86
N LEU F 140 43.58 11.53 13.38
CA LEU F 140 42.17 11.26 13.07
C LEU F 140 41.27 12.35 13.62
N LYS F 141 41.59 12.91 14.81
CA LYS F 141 40.83 14.04 15.27
C LYS F 141 40.98 15.27 14.35
N GLU F 142 42.16 15.47 13.77
CA GLU F 142 42.36 16.53 12.78
C GLU F 142 41.44 16.33 11.59
N VAL F 143 41.37 15.09 11.10
CA VAL F 143 40.49 14.80 9.97
C VAL F 143 39.05 15.10 10.34
N LEU F 144 38.62 14.66 11.51
CA LEU F 144 37.20 14.85 11.86
C LEU F 144 36.94 16.34 12.06
N ASP F 145 37.88 17.06 12.67
CA ASP F 145 37.71 18.50 12.84
C ASP F 145 37.65 19.20 11.49
N ALA F 146 38.36 18.67 10.49
CA ALA F 146 38.29 19.32 9.15
C ALA F 146 36.90 19.22 8.56
N HIS F 147 36.25 18.06 8.70
CA HIS F 147 34.87 17.89 8.24
C HIS F 147 33.97 18.86 9.00
N GLU F 148 34.16 18.91 10.32
CA GLU F 148 33.28 19.73 11.19
C GLU F 148 33.39 21.25 10.98
N CYS F 149 34.49 21.72 10.44
N CYS F 149 34.51 21.69 10.43
N CYS F 149 34.53 21.67 10.46
CA CYS F 149 34.65 23.15 10.29
CA CYS F 149 34.74 23.10 10.12
CA CYS F 149 34.78 23.06 10.13
C CYS F 149 33.74 23.77 9.20
C CYS F 149 33.57 23.70 9.37
C CYS F 149 33.64 23.71 9.34
N SER F 150 33.04 22.92 8.43
CA SER F 150 32.01 23.40 7.51
C SER F 150 30.65 22.86 7.81
N ASP F 151 30.51 22.26 9.00
CA ASP F 151 29.15 21.84 9.46
C ASP F 151 28.33 23.09 9.85
N PHE F 152 27.00 23.02 9.64
CA PHE F 152 26.14 24.10 10.17
C PHE F 152 26.38 24.36 11.66
N PHE F 153 26.54 23.28 12.40
CA PHE F 153 26.83 23.39 13.84
C PHE F 153 28.31 23.22 14.20
N GLY F 154 29.17 23.64 13.28
CA GLY F 154 30.63 23.54 13.51
C GLY F 154 31.15 24.30 14.70
N HIS F 155 30.38 25.26 15.19
CA HIS F 155 30.72 25.94 16.45
C HIS F 155 30.52 25.12 17.74
N VAL F 156 29.77 24.03 17.67
CA VAL F 156 29.61 23.15 18.80
C VAL F 156 30.72 22.08 18.81
N THR F 157 31.49 22.04 19.90
CA THR F 157 32.58 21.10 19.97
C THR F 157 32.13 19.76 20.54
N GLN F 158 33.08 18.80 20.56
N GLN F 158 33.03 18.77 20.53
CA GLN F 158 32.80 17.44 21.05
CA GLN F 158 32.70 17.43 21.02
C GLN F 158 31.62 16.79 20.36
C GLN F 158 31.56 16.75 20.26
N ARG F 159 31.47 17.04 19.06
N ARG F 159 31.35 17.17 19.02
CA ARG F 159 30.52 16.26 18.27
CA ARG F 159 30.40 16.47 18.14
C ARG F 159 31.16 15.02 17.65
C ARG F 159 30.98 15.15 17.61
N SER F 160 32.51 14.96 17.66
N SER F 160 32.31 15.04 17.64
CA SER F 160 33.22 13.74 17.29
CA SER F 160 32.99 13.77 17.46
C SER F 160 34.21 13.51 18.40
C SER F 160 33.96 13.58 18.60
N VAL F 161 34.12 12.34 19.03
CA VAL F 161 34.92 12.07 20.25
C VAL F 161 35.63 10.75 19.99
N LEU F 162 36.95 10.75 20.15
CA LEU F 162 37.75 9.51 20.11
C LEU F 162 38.08 9.13 21.57
N VAL F 163 37.71 7.92 21.97
CA VAL F 163 37.92 7.46 23.34
C VAL F 163 39.00 6.36 23.29
N GLU F 164 40.15 6.64 23.88
CA GLU F 164 41.32 5.74 23.77
C GLU F 164 41.41 4.84 24.97
N GLY F 165 41.58 3.56 24.69
CA GLY F 165 41.80 2.53 25.69
C GLY F 165 40.94 1.30 25.49
N ASP F 166 40.95 0.44 26.52
CA ASP F 166 40.22 -0.84 26.42
C ASP F 166 38.75 -0.62 26.65
N VAL F 167 37.91 -0.95 25.66
CA VAL F 167 36.42 -0.72 25.83
C VAL F 167 35.81 -1.34 27.07
N ARG F 168 36.45 -2.36 27.66
CA ARG F 168 35.91 -2.94 28.90
C ARG F 168 35.87 -1.90 30.01
N GLU F 169 36.82 -0.96 29.95
CA GLU F 169 36.84 0.14 30.93
C GLU F 169 36.23 1.41 30.36
N THR F 170 36.57 1.73 29.12
CA THR F 170 36.25 3.07 28.61
C THR F 170 34.80 3.21 28.22
N VAL F 171 34.08 2.13 27.83
CA VAL F 171 32.68 2.27 27.45
C VAL F 171 31.82 2.51 28.69
N PRO F 172 32.02 1.72 29.78
CA PRO F 172 31.30 2.05 31.03
C PRO F 172 31.61 3.44 31.56
N ARG F 173 32.86 3.89 31.46
N ARG F 173 32.86 3.88 31.45
CA ARG F 173 33.20 5.20 31.97
CA ARG F 173 33.25 5.20 31.95
C ARG F 173 32.59 6.31 31.12
C ARG F 173 32.57 6.28 31.12
N TYR F 174 32.62 6.15 29.79
CA TYR F 174 31.97 7.15 28.93
C TYR F 174 30.48 7.24 29.29
N LEU F 175 29.83 6.08 29.44
CA LEU F 175 28.39 6.10 29.75
C LEU F 175 28.11 6.76 31.10
N ALA F 176 28.94 6.46 32.11
CA ALA F 176 28.75 7.08 33.43
C ALA F 176 28.92 8.61 33.38
N GLU F 177 29.83 9.06 32.53
CA GLU F 177 30.10 10.51 32.35
C GLU F 177 29.06 11.19 31.47
N ASN F 178 28.21 10.40 30.81
CA ASN F 178 27.26 10.95 29.82
C ASN F 178 25.86 10.39 30.02
N PRO F 179 25.25 10.70 31.18
CA PRO F 179 23.92 10.14 31.52
C PRO F 179 22.81 10.65 30.60
N GLN F 180 23.10 11.58 29.71
CA GLN F 180 22.13 12.01 28.69
C GLN F 180 22.08 11.07 27.52
N THR F 181 22.98 10.06 27.50
CA THR F 181 23.16 9.27 26.28
C THR F 181 21.90 8.48 25.91
N VAL F 182 21.51 8.59 24.62
CA VAL F 182 20.70 7.59 24.01
C VAL F 182 21.56 7.07 22.83
N ILE F 183 21.60 5.77 22.61
CA ILE F 183 22.40 5.22 21.49
C ILE F 183 21.50 4.88 20.32
N ALA F 184 21.67 5.64 19.22
CA ALA F 184 20.86 5.39 18.03
C ALA F 184 21.44 4.26 17.21
N LEU F 185 22.76 4.24 17.08
CA LEU F 185 23.40 3.22 16.24
C LEU F 185 24.68 2.78 16.97
N ALA F 186 24.81 1.48 17.22
CA ALA F 186 25.98 0.91 17.89
C ALA F 186 26.61 -0.06 16.90
N TYR F 187 27.83 0.28 16.45
CA TYR F 187 28.53 -0.51 15.40
C TYR F 187 29.67 -1.29 16.06
N PHE F 188 29.48 -2.59 16.14
CA PHE F 188 30.47 -3.48 16.71
C PHE F 188 31.46 -4.00 15.71
N ASP F 189 32.70 -3.60 15.88
CA ASP F 189 33.77 -4.05 14.97
C ASP F 189 35.04 -4.32 15.77
N LEU F 190 34.89 -5.05 16.86
CA LEU F 190 36.04 -5.34 17.76
C LEU F 190 36.62 -6.70 17.50
N ASP F 191 35.85 -7.52 16.80
CA ASP F 191 36.20 -8.93 16.40
C ASP F 191 36.18 -9.92 17.57
N LEU F 192 36.65 -9.47 18.76
CA LEU F 192 36.92 -10.39 19.88
C LEU F 192 35.73 -10.60 20.79
N TYR F 193 35.67 -11.80 21.38
CA TYR F 193 34.57 -12.18 22.28
C TYR F 193 34.43 -11.29 23.54
N GLU F 194 35.49 -11.15 24.33
CA GLU F 194 35.36 -10.52 25.66
C GLU F 194 34.90 -9.07 25.60
N PRO F 195 35.53 -8.26 24.75
CA PRO F 195 35.09 -6.86 24.73
C PRO F 195 33.74 -6.69 24.08
N THR F 196 33.42 -7.52 23.10
CA THR F 196 32.04 -7.48 22.53
C THR F 196 31.00 -7.74 23.61
N LYS F 197 31.21 -8.78 24.38
CA LYS F 197 30.27 -9.15 25.48
C LYS F 197 30.13 -8.00 26.50
N ALA F 198 31.27 -7.46 26.92
CA ALA F 198 31.27 -6.36 27.90
C ALA F 198 30.54 -5.11 27.40
N VAL F 199 30.76 -4.76 26.14
CA VAL F 199 30.12 -3.59 25.60
C VAL F 199 28.62 -3.83 25.36
N LEU F 200 28.23 -4.99 24.84
CA LEU F 200 26.79 -5.33 24.73
C LEU F 200 26.09 -5.15 26.07
N GLU F 201 26.69 -5.66 27.15
CA GLU F 201 26.06 -5.55 28.48
C GLU F 201 25.96 -4.08 28.88
N ALA F 202 27.02 -3.33 28.64
CA ALA F 202 27.04 -1.93 29.01
C ALA F 202 26.05 -1.03 28.28
N ILE F 203 25.87 -1.27 26.96
CA ILE F 203 25.05 -0.34 26.21
C ILE F 203 23.56 -0.53 26.37
N ARG F 204 23.16 -1.66 26.92
CA ARG F 204 21.73 -2.02 26.90
C ARG F 204 20.77 -0.95 27.49
N PRO F 205 21.14 -0.29 28.63
CA PRO F 205 20.17 0.66 29.22
C PRO F 205 20.01 1.91 28.37
N TYR F 206 20.82 2.05 27.31
CA TYR F 206 20.83 3.32 26.57
C TYR F 206 20.21 3.19 25.20
N LEU F 207 19.71 1.99 24.88
CA LEU F 207 19.06 1.71 23.58
C LEU F 207 17.58 2.04 23.72
N THR F 208 16.94 2.41 22.60
CA THR F 208 15.50 2.54 22.57
C THR F 208 14.97 1.54 21.59
N LYS F 209 13.66 1.28 21.58
CA LYS F 209 13.14 0.42 20.51
C LYS F 209 13.36 1.18 19.22
N GLY F 210 13.99 0.51 18.23
CA GLY F 210 14.33 1.22 17.01
C GLY F 210 15.83 1.53 16.92
N SER F 211 16.57 1.54 18.04
CA SER F 211 18.00 1.68 17.88
C SER F 211 18.55 0.51 17.05
N ILE F 212 19.62 0.78 16.31
CA ILE F 212 20.20 -0.30 15.50
C ILE F 212 21.50 -0.77 16.16
N VAL F 213 21.65 -2.09 16.26
CA VAL F 213 22.89 -2.72 16.74
C VAL F 213 23.40 -3.54 15.57
N ALA F 214 24.63 -3.25 15.14
CA ALA F 214 25.24 -3.90 13.97
C ALA F 214 26.58 -4.54 14.29
N PHE F 215 26.89 -5.61 13.58
CA PHE F 215 28.07 -6.46 13.85
C PHE F 215 28.79 -6.63 12.55
N ASP F 216 30.11 -6.43 12.58
CA ASP F 216 30.92 -6.50 11.36
C ASP F 216 31.33 -7.92 10.97
N GLU F 217 31.38 -8.84 11.95
N GLU F 217 31.41 -8.83 11.95
CA GLU F 217 31.91 -10.21 11.71
CA GLU F 217 31.89 -10.20 11.72
C GLU F 217 31.08 -11.30 12.41
C GLU F 217 31.09 -11.22 12.54
N LEU F 218 29.76 -11.08 12.53
CA LEU F 218 28.92 -11.93 13.37
C LEU F 218 29.04 -13.42 13.04
N ASP F 219 29.04 -13.74 11.74
CA ASP F 219 28.97 -15.14 11.32
C ASP F 219 30.23 -15.56 10.57
N ASN F 220 31.34 -14.83 10.84
CA ASN F 220 32.61 -15.15 10.18
C ASN F 220 33.39 -16.25 10.92
N PRO F 221 33.68 -17.39 10.26
CA PRO F 221 34.44 -18.46 10.94
C PRO F 221 35.75 -17.99 11.60
N LYS F 222 36.44 -16.99 11.04
CA LYS F 222 37.68 -16.52 11.63
C LYS F 222 37.46 -15.78 12.96
N TRP F 223 36.26 -15.21 13.14
CA TRP F 223 36.01 -14.35 14.30
C TRP F 223 34.67 -14.68 14.96
N PRO F 224 34.59 -15.82 15.67
CA PRO F 224 33.30 -16.24 16.26
C PRO F 224 32.97 -15.46 17.54
N GLY F 225 33.83 -14.54 18.00
CA GLY F 225 33.58 -13.84 19.29
C GLY F 225 32.28 -13.05 19.40
N GLU F 226 31.88 -12.40 18.32
CA GLU F 226 30.61 -11.60 18.37
C GLU F 226 29.41 -12.55 18.52
N ASN F 227 29.44 -13.69 17.81
CA ASN F 227 28.38 -14.65 17.88
C ASN F 227 28.33 -15.29 19.30
N ILE F 228 29.49 -15.72 19.79
CA ILE F 228 29.54 -16.32 21.13
C ILE F 228 29.04 -15.30 22.17
N ALA F 229 29.44 -14.04 22.01
CA ALA F 229 28.96 -12.97 22.89
C ALA F 229 27.42 -12.78 22.78
N MSE F 230 26.90 -12.65 21.57
N MSE F 230 26.92 -12.65 21.56
CA MSE F 230 25.46 -12.55 21.39
CA MSE F 230 25.48 -12.53 21.37
C MSE F 230 24.67 -13.70 21.98
C MSE F 230 24.69 -13.69 21.98
O MSE F 230 23.63 -13.50 22.64
O MSE F 230 23.68 -13.47 22.68
CB MSE F 230 25.18 -12.46 19.89
CB MSE F 230 25.16 -12.42 19.88
CG MSE F 230 25.20 -11.04 19.43
CG MSE F 230 23.68 -12.57 19.59
SE MSE F 230 23.74 -9.90 20.16
SE MSE F 230 22.90 -11.04 18.67
CE MSE F 230 22.06 -10.62 19.37
CE MSE F 230 23.96 -11.09 17.05
N ARG F 231 25.17 -14.93 21.77
CA ARG F 231 24.48 -16.09 22.30
C ARG F 231 24.50 -16.11 23.83
N LYS F 232 25.55 -15.58 24.43
CA LYS F 232 25.59 -15.53 25.88
C LYS F 232 24.72 -14.42 26.48
N VAL F 233 24.68 -13.26 25.84
CA VAL F 233 24.05 -12.07 26.47
C VAL F 233 22.56 -11.99 26.13
N LEU F 234 22.22 -12.21 24.84
CA LEU F 234 20.85 -11.98 24.39
C LEU F 234 20.16 -13.21 23.76
N GLY F 235 20.95 -14.02 23.04
CA GLY F 235 20.39 -15.05 22.16
C GLY F 235 20.29 -14.53 20.74
N LEU F 236 20.57 -15.39 19.77
CA LEU F 236 20.49 -14.96 18.36
C LEU F 236 19.09 -14.67 17.90
N ASP F 237 18.07 -15.20 18.61
CA ASP F 237 16.67 -14.89 18.23
C ASP F 237 16.01 -13.90 19.21
N HIS F 238 16.82 -13.18 19.98
CA HIS F 238 16.27 -12.10 20.79
C HIS F 238 15.58 -11.02 19.91
N ALA F 239 16.22 -10.72 18.77
CA ALA F 239 15.71 -9.75 17.79
C ALA F 239 16.02 -10.33 16.41
N PRO F 240 15.46 -9.74 15.35
CA PRO F 240 15.71 -10.29 14.01
C PRO F 240 17.00 -9.74 13.41
N LEU F 241 17.99 -10.64 13.23
CA LEU F 241 19.23 -10.21 12.61
C LEU F 241 19.02 -10.19 11.10
N ARG F 242 19.57 -9.17 10.46
CA ARG F 242 19.37 -8.98 9.01
C ARG F 242 20.68 -8.66 8.33
N LEU F 243 20.76 -8.98 7.02
CA LEU F 243 21.78 -8.48 6.12
C LEU F 243 21.18 -7.42 5.23
N LEU F 244 22.00 -6.52 4.71
CA LEU F 244 21.64 -5.82 3.49
C LEU F 244 21.88 -6.81 2.33
N PRO F 245 20.85 -7.13 1.50
CA PRO F 245 21.04 -8.27 0.60
C PRO F 245 22.26 -8.14 -0.29
N GLY F 246 22.94 -9.27 -0.48
CA GLY F 246 24.09 -9.32 -1.33
C GLY F 246 25.41 -9.03 -0.63
N ARG F 247 25.33 -8.68 0.66
CA ARG F 247 26.51 -8.27 1.45
C ARG F 247 26.63 -9.16 2.67
N PRO F 248 27.75 -9.84 2.85
CA PRO F 248 27.86 -10.80 3.97
C PRO F 248 27.83 -10.09 5.31
N ALA F 249 28.20 -8.82 5.33
CA ALA F 249 28.28 -8.03 6.58
C ALA F 249 27.98 -6.60 6.17
N PRO F 250 27.41 -5.77 7.07
CA PRO F 250 27.15 -6.10 8.48
C PRO F 250 25.86 -6.92 8.67
N ALA F 251 25.75 -7.53 9.85
CA ALA F 251 24.49 -8.12 10.29
C ALA F 251 23.96 -7.12 11.31
N TYR F 252 22.67 -6.81 11.27
CA TYR F 252 22.17 -5.77 12.16
C TYR F 252 20.78 -6.11 12.64
N LEU F 253 20.43 -5.59 13.79
CA LEU F 253 19.09 -5.79 14.33
C LEU F 253 18.52 -4.46 14.78
N ARG F 254 17.19 -4.37 14.81
N ARG F 254 17.19 -4.39 14.81
CA ARG F 254 16.50 -3.18 15.28
CA ARG F 254 16.47 -3.23 15.29
C ARG F 254 16.02 -3.57 16.66
C ARG F 254 16.04 -3.60 16.67
N TRP F 255 16.51 -2.85 17.65
CA TRP F 255 16.20 -3.18 19.03
C TRP F 255 14.69 -3.19 19.31
N GLY F 256 14.21 -4.29 19.90
CA GLY F 256 12.83 -4.41 20.29
C GLY F 256 11.97 -5.10 19.24
N ASP F 257 12.53 -5.36 18.05
CA ASP F 257 11.75 -6.02 16.99
C ASP F 257 11.66 -7.53 17.20
N GLY G 6 28.56 37.48 -14.24
CA GLY G 6 27.72 38.66 -14.13
C GLY G 6 28.50 39.75 -13.44
N GLN G 7 27.81 40.79 -12.96
CA GLN G 7 28.47 41.85 -12.19
C GLN G 7 28.77 41.40 -10.76
N ASP G 8 27.71 41.15 -9.97
CA ASP G 8 27.88 40.59 -8.62
C ASP G 8 28.20 39.09 -8.75
N LEU G 9 29.49 38.74 -8.66
CA LEU G 9 29.85 37.33 -8.73
C LEU G 9 29.35 36.56 -7.52
N ARG G 10 28.98 37.28 -6.45
CA ARG G 10 28.45 36.55 -5.27
C ARG G 10 27.06 35.94 -5.48
N ALA G 11 26.37 36.33 -6.55
CA ALA G 11 25.06 35.73 -6.85
C ALA G 11 25.19 34.38 -7.57
N PHE G 12 26.40 33.97 -7.95
CA PHE G 12 26.61 32.60 -8.46
C PHE G 12 27.00 31.72 -7.28
N VAL G 13 26.68 30.44 -7.38
CA VAL G 13 27.06 29.51 -6.35
C VAL G 13 28.59 29.50 -6.24
N HIS G 14 29.08 29.57 -5.01
CA HIS G 14 30.52 29.54 -4.75
C HIS G 14 30.79 29.01 -3.37
N ASP G 15 32.03 28.56 -3.13
CA ASP G 15 32.37 27.96 -1.85
C ASP G 15 32.40 29.01 -0.74
N SER G 16 31.85 28.66 0.43
CA SER G 16 32.05 29.49 1.63
C SER G 16 33.53 29.42 2.04
N PRO G 17 33.97 30.34 2.89
CA PRO G 17 35.33 30.20 3.42
C PRO G 17 35.51 28.86 4.16
N GLU G 18 34.45 28.40 4.83
CA GLU G 18 34.54 27.12 5.60
C GLU G 18 34.59 25.91 4.69
N GLU G 19 33.86 25.94 3.58
CA GLU G 19 33.94 24.83 2.59
C GLU G 19 35.40 24.80 2.02
N THR G 20 35.97 25.97 1.73
CA THR G 20 37.34 26.06 1.23
C THR G 20 38.32 25.50 2.29
N GLU G 21 38.12 25.90 3.55
CA GLU G 21 38.97 25.37 4.64
C GLU G 21 38.88 23.86 4.76
N THR G 22 37.67 23.30 4.77
CA THR G 22 37.57 21.87 4.84
C THR G 22 38.34 21.18 3.69
N THR G 23 38.12 21.68 2.48
CA THR G 23 38.74 21.09 1.28
C THR G 23 40.29 21.15 1.40
N GLN G 24 40.82 22.32 1.75
CA GLN G 24 42.27 22.46 1.88
C GLN G 24 42.84 21.62 3.03
N ARG G 25 42.17 21.58 4.18
CA ARG G 25 42.67 20.75 5.29
C ARG G 25 42.66 19.26 4.87
N LEU G 26 41.59 18.81 4.22
CA LEU G 26 41.51 17.39 3.85
C LEU G 26 42.55 17.05 2.79
N THR G 27 42.82 17.99 1.87
CA THR G 27 43.93 17.83 0.92
C THR G 27 45.26 17.63 1.65
N LYS G 28 45.52 18.49 2.62
N LYS G 28 45.53 18.47 2.63
CA LYS G 28 46.78 18.39 3.39
CA LYS G 28 46.78 18.36 3.37
C LYS G 28 46.87 17.08 4.17
C LYS G 28 46.88 17.08 4.18
N LEU G 29 45.78 16.69 4.80
CA LEU G 29 45.76 15.44 5.58
C LEU G 29 45.86 14.18 4.71
N LEU G 30 45.32 14.25 3.50
CA LEU G 30 45.49 13.12 2.55
C LEU G 30 46.95 13.00 2.09
N THR G 31 47.55 14.12 1.73
CA THR G 31 48.87 14.07 1.11
C THR G 31 49.99 13.95 2.15
N ASN G 32 49.66 14.17 3.43
CA ASN G 32 50.66 14.06 4.50
C ASN G 32 50.16 13.09 5.55
N SER G 33 49.58 11.98 5.16
CA SER G 33 48.93 11.08 6.12
C SER G 33 49.93 10.07 6.74
N PRO G 34 49.76 9.74 8.04
CA PRO G 34 50.51 8.62 8.67
C PRO G 34 49.88 7.26 8.34
N ILE G 35 48.76 7.24 7.61
CA ILE G 35 48.24 5.96 7.19
C ILE G 35 49.24 5.30 6.22
N PRO G 36 49.57 4.00 6.45
CA PRO G 36 50.50 3.32 5.57
C PRO G 36 50.01 3.46 4.11
N THR G 37 50.91 3.65 3.14
CA THR G 37 50.48 3.86 1.77
C THR G 37 49.43 2.85 1.25
N GLU G 38 49.65 1.57 1.57
CA GLU G 38 48.79 0.48 1.03
C GLU G 38 47.41 0.47 1.65
N GLU G 39 47.21 1.27 2.71
CA GLU G 39 45.88 1.31 3.37
C GLU G 39 45.13 2.54 3.01
N LEU G 40 45.72 3.45 2.25
CA LEU G 40 44.98 4.69 1.91
C LEU G 40 43.68 4.38 1.19
N VAL G 41 43.74 3.48 0.19
CA VAL G 41 42.52 3.17 -0.58
C VAL G 41 41.51 2.35 0.19
N ASN G 42 41.83 2.02 1.43
CA ASN G 42 40.86 1.39 2.38
C ASN G 42 40.27 2.37 3.38
N ASN G 43 40.61 3.65 3.24
CA ASN G 43 40.12 4.67 4.18
C ASN G 43 39.77 5.99 3.50
N LEU G 44 39.43 5.92 2.21
CA LEU G 44 39.15 7.19 1.46
C LEU G 44 38.00 8.07 2.05
N PRO G 45 36.99 7.46 2.74
CA PRO G 45 35.92 8.31 3.29
C PRO G 45 36.44 9.30 4.33
N LEU G 46 37.63 9.08 4.90
CA LEU G 46 38.21 10.10 5.78
C LEU G 46 38.30 11.43 5.03
N PHE G 47 38.52 11.38 3.70
CA PHE G 47 38.84 12.60 2.95
C PHE G 47 37.70 13.08 2.05
N LEU G 48 36.56 12.37 2.17
CA LEU G 48 35.41 12.57 1.30
C LEU G 48 34.39 13.41 2.02
N ARG G 49 34.38 14.70 1.71
CA ARG G 49 33.57 15.65 2.49
C ARG G 49 32.11 15.63 2.04
N ARG G 50 31.26 16.22 2.85
CA ARG G 50 29.82 16.28 2.60
C ARG G 50 29.46 16.56 1.14
N HIS G 51 30.00 17.63 0.55
CA HIS G 51 29.60 18.01 -0.82
C HIS G 51 29.88 16.87 -1.81
N GLN G 52 31.02 16.21 -1.66
CA GLN G 52 31.40 15.11 -2.59
C GLN G 52 30.67 13.82 -2.23
N MSE G 53 30.46 13.57 -0.94
CA MSE G 53 29.63 12.43 -0.54
C MSE G 53 28.27 12.57 -1.16
O MSE G 53 27.65 11.56 -1.58
CB MSE G 53 29.51 12.38 1.02
CG MSE G 53 28.56 11.28 1.53
SE MSE G 53 29.04 9.47 1.06
CE MSE G 53 30.17 9.14 2.59
N THR G 54 27.72 13.78 -1.17
CA THR G 54 26.35 14.00 -1.70
C THR G 54 26.33 13.61 -3.20
N ASP G 55 27.41 13.98 -3.93
CA ASP G 55 27.47 13.69 -5.35
C ASP G 55 27.44 12.17 -5.52
N LEU G 56 28.21 11.45 -4.68
CA LEU G 56 28.29 9.98 -4.79
C LEU G 56 26.90 9.36 -4.54
N LEU G 57 26.25 9.82 -3.47
CA LEU G 57 24.93 9.26 -3.13
C LEU G 57 23.92 9.58 -4.25
N SER G 58 24.06 10.74 -4.92
CA SER G 58 23.12 11.03 -6.02
C SER G 58 23.40 10.14 -7.22
N MSE G 59 24.66 9.89 -7.57
CA MSE G 59 24.93 8.94 -8.69
C MSE G 59 24.39 7.56 -8.38
O MSE G 59 23.84 6.88 -9.25
CB MSE G 59 26.43 8.87 -9.01
CG MSE G 59 27.05 10.16 -9.53
SE MSE G 59 26.11 11.06 -10.96
CE MSE G 59 25.29 12.46 -9.92
N ASP G 60 24.54 7.14 -7.10
CA ASP G 60 23.98 5.86 -6.67
C ASP G 60 22.47 5.82 -6.81
N ALA G 61 21.76 6.91 -6.46
CA ALA G 61 20.30 6.96 -6.60
C ALA G 61 19.89 6.88 -8.05
N LEU G 62 20.63 7.55 -8.96
CA LEU G 62 20.28 7.47 -10.38
C LEU G 62 20.49 6.07 -10.92
N TYR G 63 21.63 5.47 -10.58
CA TYR G 63 21.95 4.13 -11.05
C TYR G 63 20.91 3.14 -10.52
N ARG G 64 20.53 3.24 -9.24
CA ARG G 64 19.54 2.30 -8.73
C ARG G 64 18.21 2.39 -9.50
N GLN G 65 17.90 3.56 -10.07
CA GLN G 65 16.65 3.71 -10.83
C GLN G 65 16.66 3.03 -12.17
N VAL G 66 17.83 2.63 -12.64
CA VAL G 66 17.89 1.98 -13.98
C VAL G 66 18.39 0.54 -13.93
N LEU G 67 18.40 -0.07 -12.73
CA LEU G 67 18.82 -1.47 -12.59
C LEU G 67 17.88 -2.44 -13.34
N ASP G 68 16.64 -2.02 -13.57
CA ASP G 68 15.73 -2.80 -14.36
C ASP G 68 15.50 -2.25 -15.78
N VAL G 69 16.42 -1.43 -16.26
CA VAL G 69 16.31 -0.85 -17.60
C VAL G 69 17.51 -1.34 -18.43
N PRO G 70 17.30 -1.89 -19.66
CA PRO G 70 18.46 -2.29 -20.46
C PRO G 70 19.30 -1.11 -20.95
N GLY G 71 20.49 -1.42 -21.44
CA GLY G 71 21.33 -0.39 -22.04
C GLY G 71 22.52 0.11 -21.26
N VAL G 72 23.07 1.19 -21.76
CA VAL G 72 24.36 1.70 -21.30
C VAL G 72 24.23 2.97 -20.48
N ILE G 73 25.33 3.37 -19.84
CA ILE G 73 25.39 4.61 -19.07
C ILE G 73 26.27 5.57 -19.86
N MSE G 74 25.78 6.76 -20.15
CA MSE G 74 26.62 7.75 -20.84
C MSE G 74 26.77 9.00 -19.96
O MSE G 74 25.82 9.47 -19.36
CB MSE G 74 26.06 8.19 -22.19
CG MSE G 74 25.97 7.03 -23.15
SE MSE G 74 25.30 7.64 -24.88
CE MSE G 74 25.70 6.06 -25.87
N GLU G 75 27.99 9.56 -19.92
CA GLU G 75 28.23 10.91 -19.32
C GLU G 75 28.75 11.78 -20.42
N PHE G 76 28.10 12.91 -20.62
CA PHE G 76 28.61 13.95 -21.53
C PHE G 76 29.23 15.04 -20.68
N GLY G 77 30.57 15.11 -20.70
CA GLY G 77 31.32 16.02 -19.85
C GLY G 77 31.89 15.26 -18.64
N VAL G 78 33.14 14.82 -18.76
CA VAL G 78 33.77 13.86 -17.83
C VAL G 78 34.80 14.56 -16.94
N ARG G 79 35.53 15.55 -17.46
CA ARG G 79 36.70 16.09 -16.80
C ARG G 79 37.63 15.05 -16.26
N PHE G 80 37.88 15.00 -14.95
CA PHE G 80 38.82 14.01 -14.42
C PHE G 80 38.19 12.63 -14.23
N GLY G 81 36.86 12.54 -14.38
CA GLY G 81 36.17 11.27 -14.33
C GLY G 81 35.51 10.91 -13.02
N ARG G 82 35.25 11.90 -12.14
CA ARG G 82 34.58 11.64 -10.87
C ARG G 82 33.39 10.70 -10.99
N HIS G 83 32.50 11.01 -11.93
CA HIS G 83 31.26 10.19 -12.05
C HIS G 83 31.54 8.81 -12.66
N LEU G 84 32.51 8.75 -13.60
CA LEU G 84 32.83 7.44 -14.22
C LEU G 84 33.41 6.48 -13.21
N GLY G 85 34.29 6.98 -12.32
CA GLY G 85 34.83 6.11 -11.25
C GLY G 85 33.68 5.61 -10.36
N THR G 86 32.75 6.51 -10.05
CA THR G 86 31.59 6.14 -9.25
C THR G 86 30.74 5.05 -9.91
N PHE G 87 30.43 5.26 -11.19
CA PHE G 87 29.65 4.26 -11.90
C PHE G 87 30.38 2.91 -12.05
N ALA G 88 31.70 2.95 -12.23
CA ALA G 88 32.43 1.69 -12.34
C ALA G 88 32.36 0.86 -11.05
N ALA G 89 32.49 1.52 -9.91
CA ALA G 89 32.36 0.82 -8.63
C ALA G 89 30.94 0.36 -8.38
N LEU G 90 29.97 1.22 -8.70
CA LEU G 90 28.56 0.84 -8.46
C LEU G 90 28.13 -0.31 -9.37
N ARG G 91 28.69 -0.35 -10.57
CA ARG G 91 28.38 -1.46 -11.47
C ARG G 91 28.87 -2.78 -10.86
N GLY G 92 30.00 -2.72 -10.17
CA GLY G 92 30.50 -3.83 -9.38
C GLY G 92 29.51 -4.26 -8.31
N VAL G 93 29.03 -3.26 -7.54
CA VAL G 93 28.08 -3.55 -6.46
C VAL G 93 26.80 -4.21 -6.94
N TYR G 94 26.24 -3.67 -8.02
CA TYR G 94 24.87 -4.00 -8.39
C TYR G 94 24.78 -5.01 -9.55
N GLU G 95 25.79 -5.07 -10.40
CA GLU G 95 25.66 -5.81 -11.69
C GLU G 95 26.87 -6.67 -12.07
N PRO G 96 27.29 -7.56 -11.14
CA PRO G 96 28.44 -8.44 -11.50
C PRO G 96 28.18 -9.23 -12.78
N TYR G 97 26.91 -9.57 -13.08
CA TYR G 97 26.69 -10.47 -14.19
C TYR G 97 26.17 -9.74 -15.43
N ASN G 98 26.33 -8.42 -15.49
CA ASN G 98 25.88 -7.67 -16.68
C ASN G 98 27.04 -7.04 -17.48
N PRO G 99 27.55 -7.79 -18.47
CA PRO G 99 28.66 -7.31 -19.24
C PRO G 99 28.23 -6.35 -20.33
N LEU G 100 26.91 -6.12 -20.46
CA LEU G 100 26.39 -5.21 -21.49
C LEU G 100 26.23 -3.79 -20.95
N ARG G 101 26.36 -3.62 -19.64
CA ARG G 101 26.22 -2.27 -19.09
C ARG G 101 27.54 -1.52 -19.29
N ARG G 102 27.72 -1.00 -20.47
CA ARG G 102 28.90 -0.25 -20.82
C ARG G 102 28.78 1.13 -20.23
N ILE G 103 29.90 1.69 -19.77
CA ILE G 103 29.99 3.07 -19.32
C ILE G 103 30.75 3.84 -20.38
N VAL G 104 30.14 4.86 -20.97
CA VAL G 104 30.75 5.64 -22.03
C VAL G 104 30.86 7.10 -21.60
N GLY G 105 32.06 7.65 -21.63
CA GLY G 105 32.32 9.02 -21.22
C GLY G 105 32.82 9.82 -22.38
N PHE G 106 32.16 10.95 -22.68
CA PHE G 106 32.53 11.78 -23.80
C PHE G 106 33.07 13.10 -23.32
N ASP G 107 34.22 13.53 -23.87
CA ASP G 107 34.70 14.85 -23.51
C ASP G 107 35.75 15.22 -24.61
N THR G 108 36.03 16.51 -24.80
CA THR G 108 37.23 16.92 -25.52
C THR G 108 38.50 16.56 -24.73
N PHE G 109 38.37 16.56 -23.40
CA PHE G 109 39.48 16.47 -22.45
C PHE G 109 40.44 17.66 -22.58
N THR G 110 40.01 18.70 -23.29
CA THR G 110 40.78 19.93 -23.38
C THR G 110 39.90 21.11 -23.10
N GLY G 111 38.84 20.86 -22.36
CA GLY G 111 37.98 21.93 -21.91
C GLY G 111 36.97 22.37 -22.97
N PHE G 112 36.22 23.42 -22.67
CA PHE G 112 35.17 23.85 -23.60
C PHE G 112 35.78 24.16 -24.96
N PRO G 113 35.13 23.66 -26.01
N PRO G 113 35.24 23.60 -26.05
CA PRO G 113 35.23 24.35 -27.29
CA PRO G 113 35.93 23.81 -27.35
C PRO G 113 34.70 25.78 -27.17
C PRO G 113 35.46 25.11 -28.04
N ASP G 114 34.78 26.52 -28.26
N ASP G 114 34.34 25.66 -27.57
CA ASP G 114 34.17 27.85 -28.27
CA ASP G 114 33.83 26.98 -27.97
C ASP G 114 32.67 27.78 -27.88
C ASP G 114 32.73 27.36 -26.99
N VAL G 115 32.34 28.64 -26.93
CA VAL G 115 31.05 28.87 -26.27
C VAL G 115 30.10 29.73 -27.07
N ASN G 116 28.81 29.63 -26.74
CA ASN G 116 27.78 30.47 -27.34
C ASN G 116 27.56 31.72 -26.46
N ASP G 117 27.11 32.81 -27.07
CA ASP G 117 26.80 34.01 -26.28
C ASP G 117 25.86 33.71 -25.07
N VAL G 118 24.88 32.82 -25.22
CA VAL G 118 24.00 32.51 -24.10
C VAL G 118 24.74 31.84 -22.93
N ASP G 119 25.93 31.26 -23.16
CA ASP G 119 26.68 30.66 -22.07
C ASP G 119 27.57 31.67 -21.33
N ARG G 120 27.68 32.89 -21.86
N ARG G 120 27.70 32.87 -21.89
CA ARG G 120 28.64 33.86 -21.35
CA ARG G 120 28.63 33.86 -21.36
C ARG G 120 28.02 34.71 -20.24
C ARG G 120 27.93 34.70 -20.28
N VAL G 121 27.59 34.06 -19.17
CA VAL G 121 26.92 34.76 -18.06
C VAL G 121 27.97 35.11 -17.01
N GLY G 122 28.83 34.14 -16.69
CA GLY G 122 29.89 34.33 -15.72
C GLY G 122 31.27 34.36 -16.34
N PRO G 123 32.30 34.49 -15.52
CA PRO G 123 33.66 34.71 -16.04
C PRO G 123 34.39 33.41 -16.40
N THR G 124 33.74 32.25 -16.22
CA THR G 124 34.47 30.98 -16.50
C THR G 124 33.98 30.39 -17.79
N ALA G 125 33.15 31.10 -18.53
CA ALA G 125 32.66 30.60 -19.84
C ALA G 125 33.63 30.99 -20.99
N TYR G 126 34.71 30.24 -21.11
CA TYR G 126 35.75 30.55 -22.11
C TYR G 126 36.31 29.25 -22.66
N GLN G 127 36.83 29.33 -23.89
N GLN G 127 36.81 29.31 -23.90
CA GLN G 127 37.40 28.15 -24.53
CA GLN G 127 37.33 28.11 -24.52
C GLN G 127 38.52 27.59 -23.67
C GLN G 127 38.50 27.58 -23.68
N GLY G 128 38.52 26.27 -23.44
CA GLY G 128 39.58 25.64 -22.64
C GLY G 128 39.25 25.49 -21.15
N ARG G 129 38.17 26.09 -20.67
CA ARG G 129 37.85 25.93 -19.27
C ARG G 129 37.55 24.45 -19.01
N PHE G 130 38.10 23.96 -17.89
CA PHE G 130 38.00 22.57 -17.42
C PHE G 130 38.94 21.60 -18.20
N ALA G 131 39.89 22.13 -19.00
CA ALA G 131 40.88 21.25 -19.60
C ALA G 131 41.58 20.38 -18.53
N VAL G 132 41.83 19.14 -18.90
CA VAL G 132 42.60 18.27 -18.04
C VAL G 132 44.01 18.02 -18.70
N PRO G 133 44.98 17.51 -17.94
CA PRO G 133 46.33 17.43 -18.53
C PRO G 133 46.45 16.61 -19.81
N GLY G 134 47.48 16.93 -20.58
CA GLY G 134 47.79 16.15 -21.75
C GLY G 134 47.91 14.68 -21.44
N GLY G 135 47.25 13.88 -22.26
CA GLY G 135 47.28 12.42 -22.10
C GLY G 135 46.45 11.88 -20.94
N TYR G 136 45.61 12.75 -20.39
CA TYR G 136 44.78 12.33 -19.25
C TYR G 136 43.87 11.12 -19.56
N PRO G 137 43.29 11.08 -20.79
CA PRO G 137 42.37 9.98 -21.03
C PRO G 137 43.03 8.62 -20.87
N ALA G 138 44.33 8.46 -21.22
CA ALA G 138 44.98 7.19 -20.95
C ALA G 138 45.03 6.85 -19.46
N TYR G 139 45.29 7.87 -18.64
CA TYR G 139 45.29 7.63 -17.21
C TYR G 139 43.92 7.21 -16.68
N LEU G 140 42.88 7.92 -17.12
CA LEU G 140 41.52 7.63 -16.66
C LEU G 140 41.15 6.22 -17.14
N LYS G 141 41.51 5.84 -18.35
CA LYS G 141 41.25 4.48 -18.79
C LYS G 141 42.04 3.46 -17.96
N GLU G 142 43.25 3.82 -17.51
CA GLU G 142 44.01 2.90 -16.64
C GLU G 142 43.29 2.73 -15.29
N VAL G 143 42.70 3.82 -14.79
CA VAL G 143 41.91 3.73 -13.54
C VAL G 143 40.70 2.82 -13.74
N LEU G 144 39.98 3.03 -14.83
CA LEU G 144 38.79 2.19 -15.07
C LEU G 144 39.19 0.74 -15.27
N ASP G 145 40.30 0.52 -15.99
CA ASP G 145 40.79 -0.86 -16.16
C ASP G 145 41.17 -1.48 -14.82
N ALA G 146 41.62 -0.66 -13.88
CA ALA G 146 42.02 -1.22 -12.58
C ALA G 146 40.77 -1.70 -11.84
N HIS G 147 39.62 -0.98 -11.93
CA HIS G 147 38.39 -1.47 -11.28
C HIS G 147 37.95 -2.77 -12.02
N GLU G 148 37.98 -2.74 -13.34
CA GLU G 148 37.46 -3.87 -14.18
C GLU G 148 38.24 -5.18 -14.01
N CYS G 149 39.49 -5.11 -13.61
N CYS G 149 39.50 -5.07 -13.61
N CYS G 149 39.49 -5.05 -13.60
CA CYS G 149 40.23 -6.36 -13.54
CA CYS G 149 40.31 -6.25 -13.36
CA CYS G 149 40.37 -6.18 -13.37
C CYS G 149 39.74 -7.28 -12.43
C CYS G 149 39.56 -7.26 -12.54
C CYS G 149 39.76 -7.22 -12.44
N SER G 150 38.94 -6.77 -11.48
CA SER G 150 38.34 -7.66 -10.51
C SER G 150 36.83 -7.78 -10.69
N ASP G 151 36.32 -7.31 -11.81
CA ASP G 151 34.89 -7.54 -12.11
C ASP G 151 34.69 -9.02 -12.52
N PHE G 152 33.51 -9.54 -12.21
CA PHE G 152 33.19 -10.88 -12.64
C PHE G 152 33.35 -11.04 -14.16
N PHE G 153 32.97 -10.01 -14.91
CA PHE G 153 33.14 -10.02 -16.38
C PHE G 153 34.37 -9.22 -16.82
N GLY G 154 35.38 -9.15 -15.95
CA GLY G 154 36.64 -8.52 -16.32
C GLY G 154 37.35 -9.00 -17.59
N HIS G 155 37.02 -10.19 -18.06
CA HIS G 155 37.55 -10.70 -19.32
C HIS G 155 36.91 -10.07 -20.59
N VAL G 156 35.78 -9.37 -20.43
CA VAL G 156 35.13 -8.70 -21.55
C VAL G 156 35.63 -7.26 -21.61
N THR G 157 36.24 -6.89 -22.74
CA THR G 157 36.79 -5.55 -22.90
C THR G 157 35.74 -4.55 -23.44
N GLN G 158 36.12 -3.27 -23.54
N GLN G 158 36.11 -3.27 -23.51
CA GLN G 158 35.22 -2.19 -23.97
CA GLN G 158 35.21 -2.20 -23.98
C GLN G 158 33.95 -2.10 -23.10
C GLN G 158 33.96 -2.06 -23.14
N ARG G 159 34.08 -2.46 -21.83
N ARG G 159 34.03 -2.42 -21.86
CA ARG G 159 32.99 -2.21 -20.87
CA ARG G 159 32.93 -2.10 -20.95
C ARG G 159 33.06 -0.77 -20.35
C ARG G 159 33.03 -0.71 -20.35
N SER G 160 34.22 -0.13 -20.51
N SER G 160 34.17 -0.06 -20.50
CA SER G 160 34.33 1.31 -20.31
CA SER G 160 34.29 1.39 -20.24
C SER G 160 34.95 1.88 -21.57
C SER G 160 35.05 2.03 -21.40
N VAL G 161 34.40 2.98 -22.06
CA VAL G 161 34.92 3.60 -23.29
C VAL G 161 34.99 5.08 -23.08
N LEU G 162 36.14 5.68 -23.29
CA LEU G 162 36.28 7.14 -23.32
C LEU G 162 36.36 7.61 -24.79
N VAL G 163 35.42 8.49 -25.16
CA VAL G 163 35.31 9.02 -26.53
C VAL G 163 35.81 10.46 -26.56
N GLU G 164 36.95 10.70 -27.22
CA GLU G 164 37.61 11.99 -27.17
C GLU G 164 37.21 12.86 -28.37
N GLY G 165 36.84 14.11 -28.08
CA GLY G 165 36.52 15.10 -29.06
C GLY G 165 35.24 15.84 -28.77
N ASP G 166 34.77 16.60 -29.76
CA ASP G 166 33.55 17.43 -29.60
C ASP G 166 32.30 16.57 -29.75
N VAL G 167 31.46 16.55 -28.71
CA VAL G 167 30.25 15.69 -28.73
C VAL G 167 29.35 15.90 -29.94
N ARG G 168 29.41 17.07 -30.56
CA ARG G 168 28.58 17.34 -31.74
C ARG G 168 28.91 16.35 -32.84
N GLU G 169 30.17 15.90 -32.86
CA GLU G 169 30.60 14.92 -33.88
C GLU G 169 30.65 13.52 -33.24
N THR G 170 31.17 13.45 -32.03
CA THR G 170 31.48 12.12 -31.49
C THR G 170 30.28 11.34 -31.02
N VAL G 171 29.23 12.02 -30.54
CA VAL G 171 28.09 11.28 -30.04
C VAL G 171 27.32 10.66 -31.23
N PRO G 172 27.05 11.46 -32.30
CA PRO G 172 26.42 10.79 -33.45
C PRO G 172 27.26 9.67 -34.04
N ARG G 173 28.59 9.85 -34.05
N ARG G 173 28.59 9.85 -34.05
CA ARG G 173 29.44 8.82 -34.60
CA ARG G 173 29.43 8.79 -34.61
C ARG G 173 29.39 7.56 -33.74
C ARG G 173 29.42 7.55 -33.74
N TYR G 174 29.45 7.74 -32.42
CA TYR G 174 29.40 6.60 -31.53
C TYR G 174 28.09 5.83 -31.77
N LEU G 175 26.99 6.54 -31.87
CA LEU G 175 25.72 5.89 -32.04
C LEU G 175 25.61 5.15 -33.40
N ALA G 176 26.12 5.78 -34.45
CA ALA G 176 26.14 5.12 -35.77
C ALA G 176 26.96 3.82 -35.75
N GLU G 177 28.06 3.83 -34.99
CA GLU G 177 28.94 2.63 -34.87
C GLU G 177 28.40 1.58 -33.91
N ASN G 178 27.37 1.92 -33.13
CA ASN G 178 26.82 1.06 -32.09
C ASN G 178 25.29 0.98 -32.18
N PRO G 179 24.78 0.37 -33.29
CA PRO G 179 23.32 0.30 -33.47
C PRO G 179 22.61 -0.60 -32.46
N GLN G 180 23.35 -1.34 -31.64
CA GLN G 180 22.74 -2.11 -30.54
C GLN G 180 22.38 -1.26 -29.35
N THR G 181 22.76 0.02 -29.38
CA THR G 181 22.69 0.85 -28.17
C THR G 181 21.25 1.02 -27.68
N VAL G 182 21.06 0.80 -26.36
CA VAL G 182 19.90 1.37 -25.66
C VAL G 182 20.56 2.24 -24.58
N ILE G 183 20.03 3.44 -24.33
CA ILE G 183 20.61 4.30 -23.30
C ILE G 183 19.74 4.20 -22.04
N ALA G 184 20.31 3.63 -20.97
CA ALA G 184 19.59 3.54 -19.71
C ALA G 184 19.71 4.81 -18.93
N LEU G 185 20.89 5.42 -18.85
CA LEU G 185 21.12 6.63 -18.04
C LEU G 185 21.98 7.57 -18.89
N ALA G 186 21.47 8.78 -19.13
CA ALA G 186 22.22 9.80 -19.85
C ALA G 186 22.48 10.97 -18.95
N TYR G 187 23.75 11.20 -18.63
CA TYR G 187 24.11 12.21 -17.63
C TYR G 187 24.76 13.43 -18.35
N PHE G 188 24.02 14.54 -18.43
CA PHE G 188 24.44 15.75 -19.10
C PHE G 188 25.21 16.69 -18.17
N ASP G 189 26.50 16.85 -18.43
CA ASP G 189 27.38 17.70 -17.62
C ASP G 189 28.31 18.48 -18.49
N LEU G 190 27.74 19.04 -19.59
CA LEU G 190 28.52 19.82 -20.56
C LEU G 190 28.52 21.29 -20.32
N ASP G 191 27.56 21.75 -19.49
CA ASP G 191 27.30 23.17 -19.18
C ASP G 191 26.79 23.99 -20.32
N LEU G 192 27.24 23.73 -21.54
CA LEU G 192 27.02 24.67 -22.65
C LEU G 192 25.78 24.31 -23.46
N TYR G 193 25.13 25.35 -24.00
CA TYR G 193 23.97 25.24 -24.84
C TYR G 193 24.10 24.39 -26.11
N GLU G 194 25.02 24.72 -26.97
CA GLU G 194 25.11 24.02 -28.29
C GLU G 194 25.33 22.49 -28.21
N PRO G 195 26.32 22.05 -27.41
CA PRO G 195 26.49 20.60 -27.36
C PRO G 195 25.38 19.91 -26.63
N THR G 196 24.77 20.56 -25.63
CA THR G 196 23.66 19.92 -24.94
C THR G 196 22.53 19.67 -25.94
N LYS G 197 22.20 20.70 -26.72
CA LYS G 197 21.11 20.57 -27.68
C LYS G 197 21.40 19.44 -28.70
N ALA G 198 22.64 19.43 -29.21
CA ALA G 198 23.00 18.44 -30.25
C ALA G 198 22.91 17.02 -29.68
N VAL G 199 23.36 16.85 -28.43
CA VAL G 199 23.35 15.53 -27.85
C VAL G 199 21.95 15.09 -27.51
N LEU G 200 21.11 15.97 -26.93
CA LEU G 200 19.71 15.62 -26.69
C LEU G 200 19.03 15.15 -27.99
N GLU G 201 19.29 15.84 -29.10
CA GLU G 201 18.68 15.46 -30.37
C GLU G 201 19.16 14.07 -30.79
N ALA G 202 20.46 13.82 -30.59
CA ALA G 202 21.07 12.58 -31.06
C ALA G 202 20.62 11.37 -30.27
N ILE G 203 20.44 11.52 -28.96
CA ILE G 203 20.19 10.32 -28.16
C ILE G 203 18.75 9.84 -28.16
N ARG G 204 17.84 10.69 -28.63
CA ARG G 204 16.41 10.41 -28.47
C ARG G 204 15.98 9.03 -28.98
N PRO G 205 16.43 8.57 -30.19
CA PRO G 205 15.93 7.29 -30.67
C PRO G 205 16.43 6.08 -29.85
N TYR G 206 17.36 6.30 -28.90
CA TYR G 206 17.95 5.18 -28.18
C TYR G 206 17.47 5.07 -26.75
N LEU G 207 16.57 5.95 -26.37
CA LEU G 207 15.96 5.94 -25.02
C LEU G 207 14.73 5.00 -25.03
N THR G 208 14.48 4.38 -23.89
CA THR G 208 13.20 3.67 -23.70
C THR G 208 12.38 4.39 -22.66
N LYS G 209 11.12 3.99 -22.51
CA LYS G 209 10.34 4.56 -21.39
C LYS G 209 10.94 3.99 -20.11
N GLY G 210 11.34 4.84 -19.17
CA GLY G 210 12.10 4.41 -18.00
C GLY G 210 13.53 4.83 -18.00
N SER G 211 14.07 5.13 -19.19
CA SER G 211 15.46 5.65 -19.24
C SER G 211 15.52 6.94 -18.43
N ILE G 212 16.66 7.18 -17.80
CA ILE G 212 16.81 8.42 -17.01
C ILE G 212 17.71 9.40 -17.79
N VAL G 213 17.25 10.65 -17.88
CA VAL G 213 18.04 11.73 -18.46
C VAL G 213 18.27 12.73 -17.34
N ALA G 214 19.53 13.04 -17.02
CA ALA G 214 19.81 13.89 -15.86
C ALA G 214 20.69 15.06 -16.30
N PHE G 215 20.57 16.18 -15.61
CA PHE G 215 21.28 17.42 -15.91
C PHE G 215 21.97 17.93 -14.69
N ASP G 216 23.24 18.32 -14.83
CA ASP G 216 24.03 18.74 -13.66
C ASP G 216 23.82 20.21 -13.33
N GLU G 217 23.35 21.00 -14.30
N GLU G 217 23.42 21.02 -14.31
CA GLU G 217 23.25 22.46 -14.07
CA GLU G 217 23.25 22.48 -14.10
C GLU G 217 22.01 23.07 -14.69
C GLU G 217 22.03 23.02 -14.80
N LEU G 218 20.89 22.35 -14.68
CA LEU G 218 19.73 22.75 -15.45
C LEU G 218 19.24 24.14 -15.07
N ASP G 219 19.24 24.41 -13.77
CA ASP G 219 18.61 25.65 -13.27
C ASP G 219 19.59 26.63 -12.62
N ASN G 220 20.87 26.48 -12.97
CA ASN G 220 21.90 27.36 -12.47
C ASN G 220 22.05 28.63 -13.28
N PRO G 221 21.89 29.79 -12.66
CA PRO G 221 22.06 31.06 -13.39
C PRO G 221 23.36 31.21 -14.17
N LYS G 222 24.45 30.61 -13.66
CA LYS G 222 25.76 30.70 -14.37
C LYS G 222 25.75 29.95 -15.72
N TRP G 223 24.92 28.89 -15.83
CA TRP G 223 24.99 27.97 -17.00
C TRP G 223 23.54 27.71 -17.50
N PRO G 224 22.92 28.70 -18.20
CA PRO G 224 21.56 28.48 -18.62
C PRO G 224 21.45 27.59 -19.90
N GLY G 225 22.57 27.12 -20.45
CA GLY G 225 22.55 26.38 -21.70
C GLY G 225 21.72 25.11 -21.68
N GLU G 226 21.74 24.32 -20.60
CA GLU G 226 20.95 23.09 -20.56
C GLU G 226 19.45 23.41 -20.59
N ASN G 227 18.99 24.40 -19.83
CA ASN G 227 17.60 24.82 -19.84
C ASN G 227 17.24 25.34 -21.25
N ILE G 228 18.02 26.26 -21.83
CA ILE G 228 17.70 26.82 -23.14
C ILE G 228 17.62 25.65 -24.17
N ALA G 229 18.50 24.68 -24.01
CA ALA G 229 18.49 23.49 -24.90
C ALA G 229 17.23 22.64 -24.68
N MSE G 230 16.93 22.32 -23.42
N MSE G 230 16.92 22.35 -23.42
CA MSE G 230 15.74 21.58 -23.11
CA MSE G 230 15.74 21.57 -23.13
C MSE G 230 14.49 22.27 -23.64
C MSE G 230 14.46 22.25 -23.61
O MSE G 230 13.65 21.62 -24.26
O MSE G 230 13.56 21.60 -24.13
CB MSE G 230 15.63 21.37 -21.62
CB MSE G 230 15.64 21.26 -21.64
CG MSE G 230 16.33 20.13 -21.18
CG MSE G 230 14.35 20.54 -21.35
SE MSE G 230 15.39 18.47 -21.79
SE MSE G 230 14.44 19.09 -20.03
CE MSE G 230 13.60 18.70 -21.11
CE MSE G 230 13.21 17.81 -20.87
N ARG G 231 14.40 23.57 -23.47
CA ARG G 231 13.20 24.30 -23.91
C ARG G 231 13.06 24.31 -25.42
N LYS G 232 14.20 24.34 -26.12
CA LYS G 232 14.20 24.28 -27.58
C LYS G 232 13.85 22.89 -28.14
N VAL G 233 14.38 21.83 -27.53
CA VAL G 233 14.23 20.49 -28.09
C VAL G 233 12.96 19.78 -27.64
N LEU G 234 12.66 19.85 -26.35
CA LEU G 234 11.56 19.06 -25.77
C LEU G 234 10.48 19.87 -25.04
N GLY G 235 10.89 20.99 -24.40
CA GLY G 235 10.04 21.64 -23.42
C GLY G 235 10.22 21.17 -22.01
N LEU G 236 10.20 22.08 -21.05
CA LEU G 236 10.48 21.70 -19.66
C LEU G 236 9.39 20.83 -19.09
N ASP G 237 8.19 20.81 -19.71
CA ASP G 237 7.14 19.94 -19.23
C ASP G 237 6.91 18.72 -20.16
N HIS G 238 7.86 18.39 -21.02
CA HIS G 238 7.79 17.16 -21.79
C HIS G 238 7.69 15.95 -20.84
N ALA G 239 8.48 15.98 -19.77
CA ALA G 239 8.50 14.91 -18.77
C ALA G 239 8.65 15.59 -17.42
N PRO G 240 8.51 14.83 -16.32
CA PRO G 240 8.59 15.41 -14.96
C PRO G 240 10.04 15.52 -14.48
N LEU G 241 10.54 16.74 -14.40
CA LEU G 241 11.92 16.95 -13.85
C LEU G 241 11.84 16.90 -12.32
N ARG G 242 12.82 16.21 -11.74
CA ARG G 242 12.81 15.98 -10.31
C ARG G 242 14.20 16.28 -9.75
N LEU G 243 14.23 16.64 -8.45
CA LEU G 243 15.44 16.66 -7.64
C LEU G 243 15.42 15.44 -6.73
N LEU G 244 16.60 15.03 -6.25
CA LEU G 244 16.70 14.23 -5.04
C LEU G 244 16.59 15.27 -3.92
N PRO G 245 15.61 15.13 -3.01
CA PRO G 245 15.34 16.17 -2.01
C PRO G 245 16.57 16.66 -1.26
N GLY G 246 16.69 17.98 -1.17
CA GLY G 246 17.79 18.54 -0.39
C GLY G 246 19.02 18.87 -1.25
N ARG G 247 18.99 18.46 -2.52
CA ARG G 247 20.18 18.65 -3.39
C ARG G 247 19.79 19.46 -4.60
N PRO G 248 20.48 20.57 -4.87
CA PRO G 248 20.01 21.43 -5.98
C PRO G 248 20.19 20.76 -7.35
N ALA G 249 21.13 19.79 -7.46
CA ALA G 249 21.40 19.06 -8.71
C ALA G 249 21.79 17.62 -8.27
N PRO G 250 21.54 16.64 -9.14
CA PRO G 250 21.08 16.80 -10.52
C PRO G 250 19.56 16.99 -10.60
N ALA G 251 19.11 17.48 -11.75
CA ALA G 251 17.71 17.41 -12.07
C ALA G 251 17.54 16.29 -13.04
N TYR G 252 16.51 15.46 -12.90
CA TYR G 252 16.44 14.25 -13.73
C TYR G 252 15.01 13.90 -14.08
N LEU G 253 14.85 13.26 -15.23
CA LEU G 253 13.51 12.87 -15.66
C LEU G 253 13.52 11.42 -16.07
N ARG G 254 12.36 10.78 -15.97
N ARG G 254 12.37 10.77 -15.93
CA ARG G 254 12.19 9.40 -16.42
CA ARG G 254 12.16 9.43 -16.44
C ARG G 254 11.45 9.47 -17.76
C ARG G 254 11.50 9.58 -17.80
N TRP G 255 12.16 9.06 -18.83
CA TRP G 255 11.65 9.22 -20.18
C TRP G 255 10.28 8.57 -20.27
N GLY G 256 9.32 9.31 -20.83
CA GLY G 256 7.98 8.77 -21.02
C GLY G 256 6.97 9.06 -19.93
N ASP G 257 7.46 9.57 -18.78
CA ASP G 257 6.55 9.83 -17.65
C ASP G 257 5.83 11.17 -17.84
N GLN H 7 -43.05 -19.67 24.82
CA GLN H 7 -41.96 -19.58 23.85
C GLN H 7 -42.37 -19.22 22.41
N ASP H 8 -41.89 -18.05 21.99
CA ASP H 8 -42.14 -17.52 20.67
C ASP H 8 -41.19 -18.21 19.65
N LEU H 9 -41.69 -19.17 18.89
CA LEU H 9 -40.82 -19.79 17.88
C LEU H 9 -40.42 -18.81 16.77
N ARG H 10 -41.14 -17.70 16.68
CA ARG H 10 -40.78 -16.71 15.64
C ARG H 10 -39.47 -15.96 15.93
N ALA H 11 -38.94 -16.04 17.16
CA ALA H 11 -37.66 -15.39 17.52
C ALA H 11 -36.44 -16.19 17.09
N PHE H 12 -36.70 -17.43 16.64
CA PHE H 12 -35.67 -18.25 15.99
C PHE H 12 -35.63 -18.00 14.50
N VAL H 13 -34.45 -18.13 13.94
CA VAL H 13 -34.34 -18.01 12.49
C VAL H 13 -35.22 -19.07 11.82
N HIS H 14 -35.99 -18.66 10.81
CA HIS H 14 -36.89 -19.59 10.10
C HIS H 14 -37.16 -18.99 8.75
N ASP H 15 -37.52 -19.83 7.78
CA ASP H 15 -37.82 -19.41 6.43
C ASP H 15 -39.06 -18.52 6.35
N SER H 16 -38.96 -17.46 5.52
CA SER H 16 -40.12 -16.62 5.20
C SER H 16 -41.03 -17.47 4.28
N PRO H 17 -42.29 -17.04 4.13
CA PRO H 17 -43.12 -17.81 3.17
C PRO H 17 -42.52 -17.74 1.74
N GLU H 18 -41.84 -16.62 1.44
CA GLU H 18 -41.21 -16.50 0.08
C GLU H 18 -40.03 -17.43 -0.13
N GLU H 19 -39.22 -17.61 0.92
CA GLU H 19 -38.08 -18.54 0.85
C GLU H 19 -38.59 -19.98 0.70
N THR H 20 -39.66 -20.32 1.42
CA THR H 20 -40.29 -21.63 1.26
C THR H 20 -40.83 -21.80 -0.15
N GLU H 21 -41.44 -20.75 -0.71
CA GLU H 21 -41.98 -20.84 -2.10
C GLU H 21 -40.83 -21.03 -3.09
N THR H 22 -39.74 -20.26 -3.00
CA THR H 22 -38.58 -20.45 -3.87
C THR H 22 -38.10 -21.89 -3.84
N THR H 23 -37.97 -22.42 -2.65
CA THR H 23 -37.38 -23.72 -2.42
C THR H 23 -38.27 -24.78 -3.01
N GLN H 24 -39.58 -24.69 -2.72
CA GLN H 24 -40.52 -25.65 -3.26
C GLN H 24 -40.63 -25.56 -4.79
N ARG H 25 -40.65 -24.35 -5.33
CA ARG H 25 -40.68 -24.21 -6.80
C ARG H 25 -39.47 -24.83 -7.45
N LEU H 26 -38.29 -24.56 -6.90
CA LEU H 26 -37.05 -25.05 -7.56
C LEU H 26 -36.96 -26.56 -7.47
N THR H 27 -37.49 -27.13 -6.36
CA THR H 27 -37.54 -28.57 -6.22
C THR H 27 -38.40 -29.17 -7.34
N LYS H 28 -39.57 -28.57 -7.61
N LYS H 28 -39.57 -28.58 -7.59
CA LYS H 28 -40.48 -29.10 -8.65
CA LYS H 28 -40.47 -29.10 -8.62
C LYS H 28 -39.83 -28.96 -10.02
C LYS H 28 -39.86 -28.93 -10.02
N LEU H 29 -39.17 -27.82 -10.21
CA LEU H 29 -38.59 -27.51 -11.52
C LEU H 29 -37.37 -28.42 -11.79
N LEU H 30 -36.70 -28.88 -10.73
CA LEU H 30 -35.53 -29.74 -10.86
C LEU H 30 -36.02 -31.15 -11.23
N THR H 31 -37.06 -31.57 -10.53
CA THR H 31 -37.50 -32.96 -10.64
C THR H 31 -38.41 -33.16 -11.84
N ASN H 32 -38.93 -32.07 -12.40
CA ASN H 32 -39.77 -32.16 -13.62
C ASN H 32 -39.19 -31.35 -14.77
N SER H 33 -37.90 -31.47 -14.97
CA SER H 33 -37.20 -30.61 -15.88
C SER H 33 -37.19 -31.15 -17.31
N PRO H 34 -37.42 -30.24 -18.31
CA PRO H 34 -37.23 -30.63 -19.71
C PRO H 34 -35.74 -30.64 -20.15
N ILE H 35 -34.80 -30.28 -19.28
CA ILE H 35 -33.39 -30.45 -19.57
C ILE H 35 -33.09 -31.98 -19.75
N PRO H 36 -32.38 -32.37 -20.84
CA PRO H 36 -32.01 -33.78 -20.97
C PRO H 36 -31.30 -34.27 -19.73
N THR H 37 -31.54 -35.51 -19.33
CA THR H 37 -31.00 -36.05 -18.09
C THR H 37 -29.51 -35.82 -17.96
N GLU H 38 -28.77 -36.06 -19.05
CA GLU H 38 -27.29 -35.97 -19.02
C GLU H 38 -26.78 -34.53 -18.96
N GLU H 39 -27.67 -33.55 -19.16
CA GLU H 39 -27.27 -32.10 -19.00
C GLU H 39 -27.63 -31.49 -17.64
N LEU H 40 -28.37 -32.19 -16.79
CA LEU H 40 -28.74 -31.63 -15.48
C LEU H 40 -27.51 -31.18 -14.71
N VAL H 41 -26.46 -32.03 -14.66
CA VAL H 41 -25.25 -31.69 -13.87
C VAL H 41 -24.41 -30.60 -14.51
N ASN H 42 -24.85 -30.11 -15.68
CA ASN H 42 -24.18 -28.94 -16.33
C ASN H 42 -24.98 -27.64 -16.17
N ASN H 43 -26.05 -27.73 -15.39
CA ASN H 43 -26.93 -26.59 -15.23
C ASN H 43 -27.50 -26.46 -13.81
N LEU H 44 -26.78 -27.02 -12.83
CA LEU H 44 -27.24 -26.98 -11.43
C LEU H 44 -27.47 -25.58 -10.83
N PRO H 45 -26.72 -24.57 -11.28
CA PRO H 45 -27.02 -23.22 -10.76
C PRO H 45 -28.44 -22.72 -11.02
N LEU H 46 -29.12 -23.29 -12.00
CA LEU H 46 -30.54 -23.01 -12.16
C LEU H 46 -31.31 -23.22 -10.84
N PHE H 47 -30.89 -24.19 -10.03
CA PHE H 47 -31.69 -24.63 -8.90
C PHE H 47 -31.08 -24.26 -7.56
N LEU H 48 -30.00 -23.49 -7.63
CA LEU H 48 -29.16 -23.11 -6.50
C LEU H 48 -29.54 -21.69 -6.07
N ARG H 49 -30.44 -21.60 -5.07
CA ARG H 49 -30.99 -20.32 -4.67
C ARG H 49 -29.98 -19.51 -3.81
N ARG H 50 -30.26 -18.22 -3.63
CA ARG H 50 -29.40 -17.30 -2.87
C ARG H 50 -28.87 -17.88 -1.55
N HIS H 51 -29.76 -18.41 -0.70
CA HIS H 51 -29.30 -18.91 0.58
C HIS H 51 -28.23 -20.03 0.44
N GLN H 52 -28.44 -20.97 -0.50
CA GLN H 52 -27.43 -22.02 -0.72
C GLN H 52 -26.20 -21.57 -1.50
N MSE H 53 -26.39 -20.67 -2.47
CA MSE H 53 -25.25 -20.03 -3.13
C MSE H 53 -24.34 -19.32 -2.11
O MSE H 53 -23.08 -19.39 -2.22
CB MSE H 53 -25.75 -19.04 -4.20
CG MSE H 53 -24.61 -18.14 -4.75
SE MSE H 53 -23.32 -19.20 -5.82
CE MSE H 53 -24.23 -19.03 -7.51
N THR H 54 -24.96 -18.66 -1.12
CA THR H 54 -24.18 -18.00 -0.09
C THR H 54 -23.30 -18.98 0.68
N ASP H 55 -23.86 -20.13 1.02
CA ASP H 55 -23.13 -21.16 1.74
C ASP H 55 -21.92 -21.59 0.91
N LEU H 56 -22.15 -21.77 -0.38
CA LEU H 56 -21.08 -22.21 -1.28
C LEU H 56 -19.94 -21.16 -1.30
N LEU H 57 -20.31 -19.90 -1.48
CA LEU H 57 -19.32 -18.81 -1.54
C LEU H 57 -18.56 -18.72 -0.20
N SER H 58 -19.26 -18.90 0.92
CA SER H 58 -18.56 -18.91 2.17
C SER H 58 -17.58 -20.08 2.34
N MSE H 59 -17.99 -21.30 1.96
CA MSE H 59 -17.00 -22.39 1.99
C MSE H 59 -15.74 -22.07 1.11
O MSE H 59 -14.60 -22.38 1.50
CB MSE H 59 -17.61 -23.75 1.57
CG MSE H 59 -18.74 -24.29 2.53
SE MSE H 59 -18.32 -24.25 4.42
CE MSE H 59 -19.25 -22.66 4.89
N ASP H 60 -16.00 -21.50 -0.05
CA ASP H 60 -14.90 -21.07 -0.92
C ASP H 60 -14.00 -20.03 -0.27
N ALA H 61 -14.60 -19.06 0.45
CA ALA H 61 -13.79 -18.05 1.13
C ALA H 61 -12.95 -18.69 2.20
N LEU H 62 -13.49 -19.66 2.95
CA LEU H 62 -12.70 -20.30 4.01
C LEU H 62 -11.56 -21.13 3.39
N TYR H 63 -11.86 -21.87 2.31
CA TYR H 63 -10.85 -22.72 1.71
C TYR H 63 -9.75 -21.80 1.16
N ARG H 64 -10.12 -20.69 0.52
CA ARG H 64 -9.05 -19.83 -0.03
C ARG H 64 -8.09 -19.32 1.06
N GLN H 65 -8.59 -19.17 2.30
CA GLN H 65 -7.75 -18.72 3.39
C GLN H 65 -6.74 -19.73 3.88
N VAL H 66 -6.88 -21.00 3.47
CA VAL H 66 -5.91 -22.01 3.91
C VAL H 66 -5.09 -22.64 2.78
N LEU H 67 -5.13 -22.03 1.59
CA LEU H 67 -4.37 -22.57 0.47
C LEU H 67 -2.85 -22.50 0.73
N ASP H 68 -2.43 -21.60 1.63
CA ASP H 68 -1.04 -21.59 2.06
C ASP H 68 -0.79 -22.19 3.42
N VAL H 69 -1.69 -23.07 3.90
CA VAL H 69 -1.53 -23.70 5.23
C VAL H 69 -1.53 -25.21 5.00
N PRO H 70 -0.55 -25.95 5.57
CA PRO H 70 -0.51 -27.41 5.41
C PRO H 70 -1.68 -28.07 6.12
N GLY H 71 -1.98 -29.33 5.82
CA GLY H 71 -2.93 -30.08 6.64
C GLY H 71 -4.22 -30.42 5.93
N VAL H 72 -5.16 -30.87 6.73
CA VAL H 72 -6.39 -31.47 6.25
C VAL H 72 -7.59 -30.56 6.52
N ILE H 73 -8.71 -30.87 5.88
CA ILE H 73 -9.97 -30.18 6.13
C ILE H 73 -10.85 -31.16 6.88
N MSE H 74 -11.37 -30.75 8.02
CA MSE H 74 -12.30 -31.59 8.78
C MSE H 74 -13.66 -30.87 8.94
O MSE H 74 -13.73 -29.69 9.23
CB MSE H 74 -11.78 -31.88 10.22
CG MSE H 74 -10.53 -32.75 10.21
SE MSE H 74 -9.98 -33.12 12.00
CE MSE H 74 -8.62 -34.43 11.52
N GLU H 75 -14.74 -31.63 8.77
CA GLU H 75 -16.09 -31.12 9.12
C GLU H 75 -16.65 -32.03 10.17
N PHE H 76 -17.08 -31.39 11.26
CA PHE H 76 -17.74 -32.12 12.36
C PHE H 76 -19.23 -31.83 12.24
N GLY H 77 -20.00 -32.82 11.78
CA GLY H 77 -21.41 -32.63 11.47
C GLY H 77 -21.62 -32.46 9.97
N VAL H 78 -21.91 -33.60 9.32
CA VAL H 78 -21.96 -33.69 7.87
C VAL H 78 -23.35 -33.76 7.29
N ARG H 79 -24.26 -34.41 8.00
CA ARG H 79 -25.61 -34.67 7.48
C ARG H 79 -25.55 -35.27 6.06
N PHE H 80 -26.13 -34.63 5.04
CA PHE H 80 -26.11 -35.25 3.69
C PHE H 80 -24.84 -34.98 2.93
N GLY H 81 -23.97 -34.13 3.48
CA GLY H 81 -22.66 -33.89 2.87
C GLY H 81 -22.54 -32.64 2.04
N ARG H 82 -23.48 -31.70 2.15
CA ARG H 82 -23.41 -30.43 1.43
C ARG H 82 -21.98 -29.84 1.37
N HIS H 83 -21.37 -29.62 2.54
CA HIS H 83 -20.06 -28.97 2.54
C HIS H 83 -18.96 -29.91 2.05
N LEU H 84 -19.11 -31.23 2.26
CA LEU H 84 -18.04 -32.15 1.76
C LEU H 84 -18.00 -32.15 0.23
N GLY H 85 -19.16 -32.14 -0.42
CA GLY H 85 -19.21 -32.02 -1.88
C GLY H 85 -18.59 -30.73 -2.37
N THR H 86 -18.89 -29.64 -1.68
CA THR H 86 -18.28 -28.35 -1.98
C THR H 86 -16.75 -28.41 -1.86
N PHE H 87 -16.25 -28.89 -0.72
CA PHE H 87 -14.80 -29.03 -0.54
C PHE H 87 -14.10 -29.94 -1.56
N ALA H 88 -14.77 -31.03 -1.93
CA ALA H 88 -14.21 -31.90 -2.96
C ALA H 88 -14.03 -31.20 -4.30
N ALA H 89 -15.05 -30.42 -4.70
CA ALA H 89 -14.94 -29.70 -5.97
C ALA H 89 -13.90 -28.59 -5.86
N LEU H 90 -13.92 -27.85 -4.75
CA LEU H 90 -12.95 -26.78 -4.60
C LEU H 90 -11.53 -27.27 -4.60
N ARG H 91 -11.30 -28.44 -3.99
CA ARG H 91 -9.95 -29.01 -3.94
C ARG H 91 -9.46 -29.28 -5.35
N GLY H 92 -10.39 -29.63 -6.24
CA GLY H 92 -10.05 -29.81 -7.64
C GLY H 92 -9.71 -28.47 -8.26
N VAL H 93 -10.49 -27.44 -7.98
CA VAL H 93 -10.19 -26.12 -8.56
C VAL H 93 -8.80 -25.60 -8.15
N TYR H 94 -8.46 -25.71 -6.87
CA TYR H 94 -7.28 -25.02 -6.32
C TYR H 94 -6.09 -25.90 -6.14
N GLU H 95 -6.26 -27.19 -5.97
CA GLU H 95 -5.13 -28.08 -5.52
C GLU H 95 -5.04 -29.42 -6.26
N PRO H 96 -4.97 -29.38 -7.57
CA PRO H 96 -4.75 -30.59 -8.32
C PRO H 96 -3.53 -31.37 -7.83
N TYR H 97 -2.47 -30.67 -7.42
CA TYR H 97 -1.22 -31.36 -7.11
C TYR H 97 -1.00 -31.61 -5.61
N ASN H 98 -2.05 -31.47 -4.81
CA ASN H 98 -1.93 -31.73 -3.37
C ASN H 98 -2.70 -32.98 -2.90
N PRO H 99 -2.06 -34.15 -2.88
CA PRO H 99 -2.72 -35.39 -2.47
C PRO H 99 -2.78 -35.52 -0.93
N LEU H 100 -2.18 -34.55 -0.19
CA LEU H 100 -2.18 -34.62 1.27
C LEU H 100 -3.37 -33.86 1.87
N ARG H 101 -4.07 -33.07 1.05
CA ARG H 101 -5.27 -32.34 1.50
C ARG H 101 -6.46 -33.28 1.60
N ARG H 102 -6.45 -34.08 2.65
CA ARG H 102 -7.56 -35.00 2.95
C ARG H 102 -8.78 -34.21 3.45
N ILE H 103 -9.95 -34.66 3.05
CA ILE H 103 -11.22 -34.15 3.56
C ILE H 103 -11.79 -35.23 4.46
N VAL H 104 -12.01 -34.89 5.73
CA VAL H 104 -12.51 -35.85 6.71
C VAL H 104 -13.84 -35.38 7.32
N GLY H 105 -14.89 -36.15 7.16
CA GLY H 105 -16.19 -35.78 7.66
C GLY H 105 -16.62 -36.71 8.77
N PHE H 106 -16.98 -36.14 9.90
CA PHE H 106 -17.40 -36.94 11.06
C PHE H 106 -18.89 -36.76 11.32
N ASP H 107 -19.59 -37.86 11.57
CA ASP H 107 -20.99 -37.76 11.97
C ASP H 107 -21.43 -39.11 12.51
N THR H 108 -22.49 -39.17 13.32
CA THR H 108 -23.11 -40.44 13.61
C THR H 108 -23.84 -40.94 12.34
N PHE H 109 -24.33 -39.97 11.52
CA PHE H 109 -25.23 -40.20 10.39
C PHE H 109 -26.58 -40.78 10.88
N THR H 110 -26.85 -40.70 12.17
CA THR H 110 -28.16 -41.08 12.74
C THR H 110 -28.68 -39.97 13.60
N GLY H 111 -28.18 -38.78 13.35
CA GLY H 111 -28.68 -37.58 14.04
C GLY H 111 -28.03 -37.40 15.40
N PHE H 112 -28.53 -36.42 16.15
CA PHE H 112 -27.95 -36.10 17.44
C PHE H 112 -27.96 -37.34 18.33
N PRO H 113 -26.81 -37.72 18.94
N PRO H 113 -26.84 -37.59 19.01
CA PRO H 113 -26.90 -38.97 19.71
CA PRO H 113 -26.99 -38.40 20.22
C PRO H 113 -27.39 -38.80 21.17
C PRO H 113 -27.81 -37.59 21.28
N ASP H 114 -27.41 -37.55 21.61
N ASP H 114 -28.04 -38.16 22.47
CA ASP H 114 -27.87 -37.17 22.93
CA ASP H 114 -28.55 -37.42 23.61
C ASP H 114 -27.91 -35.65 22.95
C ASP H 114 -27.86 -36.06 23.85
N VAL H 115 -28.70 -35.05 23.85
CA VAL H 115 -28.48 -33.63 24.02
C VAL H 115 -28.29 -33.23 25.47
N ASN H 116 -27.66 -32.08 25.69
CA ASN H 116 -27.47 -31.54 27.03
C ASN H 116 -28.62 -30.52 27.28
N ASP H 117 -28.92 -30.28 28.53
CA ASP H 117 -29.97 -29.32 28.88
C ASP H 117 -29.70 -27.95 28.22
N VAL H 118 -28.43 -27.54 28.11
CA VAL H 118 -28.14 -26.22 27.50
C VAL H 118 -28.51 -26.16 26.02
N ASP H 119 -28.63 -27.32 25.37
CA ASP H 119 -28.97 -27.33 23.94
C ASP H 119 -30.46 -27.29 23.77
N ARG H 120 -31.23 -27.49 24.85
N ARG H 120 -31.21 -27.53 24.85
CA ARG H 120 -32.69 -27.62 24.71
CA ARG H 120 -32.66 -27.54 24.79
C ARG H 120 -33.47 -26.28 24.71
C ARG H 120 -33.20 -26.11 24.89
N VAL H 121 -33.12 -25.38 23.79
CA VAL H 121 -33.71 -24.04 23.74
C VAL H 121 -34.94 -24.10 22.83
N GLY H 122 -34.79 -24.72 21.64
CA GLY H 122 -35.93 -24.88 20.77
C GLY H 122 -36.41 -26.34 20.63
N PRO H 123 -37.44 -26.55 19.79
CA PRO H 123 -38.14 -27.84 19.69
C PRO H 123 -37.45 -28.90 18.81
N THR H 124 -36.29 -28.55 18.26
CA THR H 124 -35.60 -29.58 17.43
C THR H 124 -34.38 -30.19 18.11
N ALA H 125 -34.17 -29.80 19.37
CA ALA H 125 -33.05 -30.41 20.14
C ALA H 125 -33.46 -31.75 20.74
N TYR H 126 -33.46 -32.80 19.94
CA TYR H 126 -33.83 -34.12 20.40
C TYR H 126 -32.95 -35.16 19.74
N GLN H 127 -32.79 -36.28 20.44
CA GLN H 127 -31.99 -37.40 19.93
C GLN H 127 -32.54 -37.87 18.55
N GLY H 128 -31.65 -37.95 17.58
CA GLY H 128 -31.97 -38.43 16.26
C GLY H 128 -32.28 -37.33 15.25
N ARG H 129 -32.40 -36.06 15.70
CA ARG H 129 -32.65 -34.93 14.79
C ARG H 129 -31.45 -34.93 13.79
N PHE H 130 -31.78 -34.80 12.51
CA PHE H 130 -30.83 -34.71 11.37
C PHE H 130 -30.36 -36.09 10.91
N ALA H 131 -30.95 -37.16 11.45
CA ALA H 131 -30.68 -38.52 10.97
C ALA H 131 -30.78 -38.57 9.43
N VAL H 132 -29.86 -39.28 8.82
CA VAL H 132 -29.98 -39.55 7.38
C VAL H 132 -30.21 -41.06 7.14
N PRO H 133 -30.63 -41.45 5.95
CA PRO H 133 -31.10 -42.85 5.78
C PRO H 133 -30.05 -43.91 6.09
N GLY H 134 -30.46 -45.13 6.50
CA GLY H 134 -29.51 -46.23 6.65
C GLY H 134 -28.80 -46.43 5.32
N GLY H 135 -27.49 -46.65 5.38
CA GLY H 135 -26.68 -46.81 4.17
C GLY H 135 -26.24 -45.49 3.50
N TYR H 136 -26.64 -44.37 4.10
CA TYR H 136 -26.29 -43.09 3.50
C TYR H 136 -24.77 -42.87 3.38
N PRO H 137 -23.99 -43.23 4.40
CA PRO H 137 -22.54 -42.98 4.26
C PRO H 137 -21.95 -43.68 3.02
N ALA H 138 -22.41 -44.91 2.68
CA ALA H 138 -21.92 -45.58 1.50
C ALA H 138 -22.27 -44.76 0.21
N TYR H 139 -23.45 -44.16 0.15
CA TYR H 139 -23.81 -43.33 -0.98
C TYR H 139 -22.96 -42.05 -1.05
N LEU H 140 -22.76 -41.40 0.10
CA LEU H 140 -21.95 -40.19 0.14
C LEU H 140 -20.55 -40.53 -0.31
N LYS H 141 -20.03 -41.70 0.11
CA LYS H 141 -18.70 -42.10 -0.32
C LYS H 141 -18.69 -42.30 -1.84
N GLU H 142 -19.81 -42.81 -2.39
CA GLU H 142 -19.85 -42.98 -3.87
C GLU H 142 -19.75 -41.62 -4.57
N VAL H 143 -20.41 -40.63 -3.99
CA VAL H 143 -20.41 -39.27 -4.53
C VAL H 143 -19.00 -38.66 -4.48
N LEU H 144 -18.38 -38.77 -3.32
CA LEU H 144 -17.01 -38.27 -3.19
C LEU H 144 -16.05 -39.02 -4.13
N ASP H 145 -16.16 -40.34 -4.25
CA ASP H 145 -15.30 -41.11 -5.15
C ASP H 145 -15.56 -40.68 -6.62
N ALA H 146 -16.79 -40.28 -6.97
CA ALA H 146 -17.08 -39.78 -8.33
C ALA H 146 -16.34 -38.51 -8.66
N HIS H 147 -16.22 -37.61 -7.68
CA HIS H 147 -15.40 -36.43 -7.88
C HIS H 147 -13.94 -36.80 -8.07
N GLU H 148 -13.48 -37.72 -7.24
CA GLU H 148 -12.03 -38.04 -7.12
C GLU H 148 -11.50 -38.80 -8.34
N CYS H 149 -12.39 -39.45 -9.08
N CYS H 149 -12.43 -39.44 -9.04
N CYS H 149 -12.43 -39.42 -9.05
CA CYS H 149 -11.90 -40.25 -10.18
CA CYS H 149 -12.13 -40.19 -10.26
CA CYS H 149 -12.11 -40.20 -10.21
C CYS H 149 -11.48 -39.39 -11.40
C CYS H 149 -11.29 -39.32 -11.18
C CYS H 149 -11.37 -39.36 -11.28
N SER H 150 -11.70 -38.07 -11.35
CA SER H 150 -11.06 -37.17 -12.31
C SER H 150 -10.06 -36.20 -11.65
N ASP H 151 -9.66 -36.49 -10.40
CA ASP H 151 -8.63 -35.68 -9.77
C ASP H 151 -7.28 -36.03 -10.39
N PHE H 152 -6.38 -35.03 -10.47
CA PHE H 152 -5.01 -35.33 -10.91
C PHE H 152 -4.37 -36.42 -10.05
N PHE H 153 -4.65 -36.40 -8.72
CA PHE H 153 -4.14 -37.47 -7.83
C PHE H 153 -5.22 -38.48 -7.49
N GLY H 154 -6.10 -38.74 -8.46
CA GLY H 154 -7.18 -39.69 -8.21
C GLY H 154 -6.73 -41.14 -7.96
N HIS H 155 -5.46 -41.45 -8.26
CA HIS H 155 -4.91 -42.77 -7.95
C HIS H 155 -4.56 -42.91 -6.46
N VAL H 156 -4.58 -41.81 -5.67
CA VAL H 156 -4.25 -41.92 -4.25
C VAL H 156 -5.56 -42.05 -3.49
N THR H 157 -5.72 -43.14 -2.75
CA THR H 157 -6.97 -43.37 -2.03
C THR H 157 -6.98 -42.66 -0.66
N GLN H 158 -8.11 -42.76 0.03
CA GLN H 158 -8.22 -42.14 1.36
C GLN H 158 -7.99 -40.63 1.34
N ARG H 159 -8.34 -39.96 0.23
N ARG H 159 -8.30 -39.97 0.23
CA ARG H 159 -8.30 -38.52 0.24
CA ARG H 159 -8.20 -38.52 0.26
C ARG H 159 -9.60 -37.91 0.76
C ARG H 159 -9.50 -37.88 0.71
N SER H 160 -10.67 -38.69 0.75
N SER H 160 -10.55 -38.70 0.84
CA SER H 160 -11.92 -38.35 1.44
CA SER H 160 -11.80 -38.29 1.51
C SER H 160 -12.24 -39.48 2.39
C SER H 160 -12.29 -39.43 2.37
N VAL H 161 -12.56 -39.12 3.63
CA VAL H 161 -12.83 -40.14 4.62
C VAL H 161 -14.05 -39.77 5.39
N LEU H 162 -14.97 -40.72 5.51
CA LEU H 162 -16.17 -40.58 6.32
C LEU H 162 -16.00 -41.39 7.57
N VAL H 163 -15.99 -40.73 8.71
CA VAL H 163 -15.80 -41.41 10.00
C VAL H 163 -17.14 -41.44 10.76
N GLU H 164 -17.68 -42.64 10.94
CA GLU H 164 -19.02 -42.83 11.49
C GLU H 164 -18.96 -43.08 12.97
N GLY H 165 -19.75 -42.30 13.72
CA GLY H 165 -19.83 -42.52 15.15
C GLY H 165 -19.88 -41.21 15.92
N ASP H 166 -19.89 -41.32 17.25
CA ASP H 166 -19.95 -40.12 18.11
C ASP H 166 -18.57 -39.48 18.11
N VAL H 167 -18.47 -38.19 17.77
CA VAL H 167 -17.16 -37.50 17.70
C VAL H 167 -16.38 -37.50 19.01
N ARG H 168 -17.05 -37.64 20.14
CA ARG H 168 -16.37 -37.75 21.43
C ARG H 168 -15.38 -38.92 21.42
N GLU H 169 -15.75 -39.96 20.68
CA GLU H 169 -14.83 -41.13 20.56
C GLU H 169 -14.06 -41.11 19.23
N THR H 170 -14.74 -40.77 18.14
CA THR H 170 -14.13 -40.97 16.83
C THR H 170 -13.09 -39.92 16.50
N VAL H 171 -13.20 -38.69 17.02
CA VAL H 171 -12.17 -37.68 16.70
C VAL H 171 -10.85 -37.99 17.41
N PRO H 172 -10.89 -38.28 18.72
CA PRO H 172 -9.62 -38.67 19.36
C PRO H 172 -9.02 -39.92 18.71
N ARG H 173 -9.86 -40.88 18.33
N ARG H 173 -9.86 -40.88 18.34
CA ARG H 173 -9.34 -42.09 17.71
CA ARG H 173 -9.34 -42.10 17.70
C ARG H 173 -8.70 -41.80 16.35
C ARG H 173 -8.70 -41.80 16.34
N TYR H 174 -9.36 -40.97 15.53
CA TYR H 174 -8.82 -40.61 14.26
C TYR H 174 -7.44 -39.95 14.45
N LEU H 175 -7.36 -38.99 15.36
CA LEU H 175 -6.10 -38.30 15.58
C LEU H 175 -4.98 -39.24 16.06
N ALA H 176 -5.30 -40.15 16.98
CA ALA H 176 -4.31 -41.12 17.45
C ALA H 176 -3.78 -42.02 16.31
N GLU H 177 -4.68 -42.31 15.38
CA GLU H 177 -4.35 -43.16 14.22
C GLU H 177 -3.60 -42.38 13.14
N ASN H 178 -3.60 -41.04 13.23
CA ASN H 178 -3.04 -40.20 12.18
C ASN H 178 -2.12 -39.14 12.75
N PRO H 179 -0.97 -39.57 13.31
CA PRO H 179 -0.07 -38.63 14.01
C PRO H 179 0.63 -37.65 13.03
N GLN H 180 0.49 -37.85 11.72
CA GLN H 180 0.95 -36.90 10.71
C GLN H 180 0.01 -35.69 10.59
N THR H 181 -1.16 -35.73 11.29
CA THR H 181 -2.17 -34.71 11.01
C THR H 181 -1.72 -33.28 11.33
N VAL H 182 -1.94 -32.38 10.37
CA VAL H 182 -2.06 -30.96 10.67
C VAL H 182 -3.47 -30.59 10.22
N ILE H 183 -4.16 -29.78 11.01
CA ILE H 183 -5.51 -29.37 10.60
C ILE H 183 -5.44 -27.97 10.02
N ALA H 184 -5.75 -27.83 8.72
CA ALA H 184 -5.78 -26.51 8.11
C ALA H 184 -7.09 -25.80 8.35
N LEU H 185 -8.19 -26.55 8.20
CA LEU H 185 -9.54 -25.98 8.35
C LEU H 185 -10.41 -26.94 9.17
N ALA H 186 -10.97 -26.45 10.28
CA ALA H 186 -11.83 -27.23 11.14
C ALA H 186 -13.21 -26.57 11.15
N TYR H 187 -14.19 -27.27 10.61
CA TYR H 187 -15.53 -26.71 10.46
C TYR H 187 -16.49 -27.38 11.43
N PHE H 188 -16.88 -26.60 12.44
CA PHE H 188 -17.77 -27.11 13.45
C PHE H 188 -19.25 -26.89 13.12
N ASP H 189 -19.94 -28.00 12.88
CA ASP H 189 -21.37 -27.95 12.57
C ASP H 189 -22.11 -29.02 13.27
N LEU H 190 -21.85 -29.16 14.58
CA LEU H 190 -22.51 -30.18 15.45
C LEU H 190 -23.72 -29.66 16.21
N ASP H 191 -23.81 -28.33 16.32
CA ASP H 191 -24.87 -27.62 17.09
C ASP H 191 -24.77 -27.75 18.61
N LEU H 192 -24.39 -28.95 19.07
CA LEU H 192 -24.47 -29.32 20.49
C LEU H 192 -23.24 -28.96 21.31
N TYR H 193 -23.46 -28.58 22.57
CA TYR H 193 -22.42 -28.22 23.52
C TYR H 193 -21.34 -29.29 23.74
N GLU H 194 -21.76 -30.47 24.18
CA GLU H 194 -20.76 -31.50 24.65
C GLU H 194 -19.80 -31.97 23.52
N PRO H 195 -20.31 -32.36 22.35
CA PRO H 195 -19.37 -32.78 21.31
C PRO H 195 -18.52 -31.63 20.79
N THR H 196 -19.05 -30.40 20.76
CA THR H 196 -18.25 -29.26 20.36
C THR H 196 -17.09 -29.08 21.30
N LYS H 197 -17.38 -29.09 22.58
CA LYS H 197 -16.31 -28.94 23.57
C LYS H 197 -15.23 -30.06 23.46
N ALA H 198 -15.69 -31.32 23.33
CA ALA H 198 -14.77 -32.46 23.24
C ALA H 198 -13.87 -32.32 22.01
N VAL H 199 -14.45 -31.87 20.88
CA VAL H 199 -13.64 -31.83 19.67
C VAL H 199 -12.69 -30.63 19.74
N LEU H 200 -13.14 -29.49 20.28
CA LEU H 200 -12.22 -28.33 20.40
C LEU H 200 -11.00 -28.73 21.19
N GLU H 201 -11.26 -29.47 22.25
CA GLU H 201 -10.14 -29.97 23.11
C GLU H 201 -9.17 -30.86 22.35
N ALA H 202 -9.72 -31.77 21.57
CA ALA H 202 -8.93 -32.80 20.89
C ALA H 202 -8.11 -32.24 19.76
N ILE H 203 -8.65 -31.30 19.01
CA ILE H 203 -7.92 -30.80 17.82
C ILE H 203 -6.81 -29.81 18.09
N ARG H 204 -6.77 -29.24 19.30
CA ARG H 204 -5.85 -28.17 19.56
C ARG H 204 -4.36 -28.43 19.25
N PRO H 205 -3.82 -29.63 19.63
CA PRO H 205 -2.39 -29.86 19.30
C PRO H 205 -2.05 -29.99 17.81
N TYR H 206 -3.08 -30.01 16.95
CA TYR H 206 -2.84 -30.25 15.51
C TYR H 206 -3.07 -29.00 14.66
N LEU H 207 -3.37 -27.88 15.31
CA LEU H 207 -3.55 -26.59 14.62
C LEU H 207 -2.21 -25.88 14.52
N THR H 208 -2.01 -25.11 13.45
CA THR H 208 -0.84 -24.20 13.39
C THR H 208 -1.36 -22.77 13.43
N LYS H 209 -0.46 -21.81 13.61
CA LYS H 209 -0.91 -20.41 13.48
C LYS H 209 -1.30 -20.22 12.02
N GLY H 210 -2.53 -19.76 11.77
CA GLY H 210 -3.02 -19.60 10.41
C GLY H 210 -4.11 -20.62 10.13
N SER H 211 -4.15 -21.71 10.90
CA SER H 211 -5.27 -22.66 10.73
C SER H 211 -6.59 -21.93 10.97
N ILE H 212 -7.63 -22.35 10.24
CA ILE H 212 -8.95 -21.69 10.44
C ILE H 212 -9.87 -22.60 11.21
N VAL H 213 -10.51 -22.06 12.25
CA VAL H 213 -11.53 -22.75 12.99
C VAL H 213 -12.84 -21.98 12.78
N ALA H 214 -13.86 -22.66 12.27
CA ALA H 214 -15.10 -22.02 11.89
C ALA H 214 -16.29 -22.68 12.58
N PHE H 215 -17.29 -21.85 12.89
CA PHE H 215 -18.50 -22.33 13.59
C PHE H 215 -19.75 -21.98 12.81
N ASP H 216 -20.67 -22.92 12.67
CA ASP H 216 -21.85 -22.67 11.87
C ASP H 216 -22.98 -21.99 12.63
N GLU H 217 -22.94 -22.04 13.96
N GLU H 217 -22.96 -22.09 13.96
CA GLU H 217 -24.08 -21.53 14.77
CA GLU H 217 -24.08 -21.55 14.80
C GLU H 217 -23.64 -20.87 16.07
C GLU H 217 -23.59 -20.94 16.10
N LEU H 218 -22.45 -20.24 16.05
CA LEU H 218 -21.82 -19.73 17.25
C LEU H 218 -22.72 -18.78 18.06
N ASP H 219 -23.47 -17.91 17.39
CA ASP H 219 -24.24 -16.88 18.09
C ASP H 219 -25.75 -16.98 17.79
N ASN H 220 -26.17 -18.18 17.51
CA ASN H 220 -27.60 -18.40 17.22
C ASN H 220 -28.32 -18.78 18.55
N PRO H 221 -29.36 -17.99 18.95
CA PRO H 221 -30.11 -18.28 20.17
C PRO H 221 -30.61 -19.73 20.27
N LYS H 222 -30.90 -20.37 19.13
CA LYS H 222 -31.42 -21.72 19.17
C LYS H 222 -30.35 -22.74 19.59
N TRP H 223 -29.06 -22.47 19.31
CA TRP H 223 -28.01 -23.45 19.52
C TRP H 223 -26.82 -22.76 20.20
N PRO H 224 -26.92 -22.54 21.53
CA PRO H 224 -25.87 -21.83 22.27
C PRO H 224 -24.69 -22.74 22.59
N GLY H 225 -24.77 -24.03 22.23
CA GLY H 225 -23.71 -24.94 22.64
C GLY H 225 -22.29 -24.60 22.18
N GLU H 226 -22.13 -24.14 20.95
CA GLU H 226 -20.75 -23.78 20.40
C GLU H 226 -20.17 -22.62 21.18
N ASN H 227 -21.02 -21.64 21.51
CA ASN H 227 -20.59 -20.51 22.32
C ASN H 227 -20.21 -20.94 23.72
N ILE H 228 -21.08 -21.69 24.37
CA ILE H 228 -20.79 -22.20 25.71
C ILE H 228 -19.51 -23.01 25.69
N ALA H 229 -19.32 -23.86 24.68
CA ALA H 229 -18.08 -24.60 24.57
C ALA H 229 -16.85 -23.68 24.39
N MSE H 230 -16.94 -22.74 23.45
N MSE H 230 -16.94 -22.74 23.46
CA MSE H 230 -15.86 -21.78 23.27
CA MSE H 230 -15.85 -21.77 23.27
C MSE H 230 -15.50 -21.07 24.57
C MSE H 230 -15.50 -21.00 24.52
O MSE H 230 -14.34 -21.01 24.96
O MSE H 230 -14.32 -20.80 24.81
CB MSE H 230 -16.25 -20.71 22.22
CB MSE H 230 -16.18 -20.79 22.11
CG MSE H 230 -15.32 -19.53 22.19
CG MSE H 230 -15.84 -21.44 20.77
SE MSE H 230 -13.89 -19.70 20.93
SE MSE H 230 -13.88 -21.37 20.53
CE MSE H 230 -14.99 -19.13 19.43
CE MSE H 230 -13.69 -19.58 19.80
N ARG H 231 -16.51 -20.55 25.26
CA ARG H 231 -16.23 -19.78 26.47
C ARG H 231 -15.56 -20.65 27.51
N LYS H 232 -15.89 -21.96 27.52
CA LYS H 232 -15.30 -22.86 28.50
C LYS H 232 -13.86 -23.24 28.13
N VAL H 233 -13.60 -23.49 26.84
CA VAL H 233 -12.34 -24.08 26.46
C VAL H 233 -11.30 -22.99 26.18
N LEU H 234 -11.68 -21.91 25.48
CA LEU H 234 -10.70 -20.92 25.04
C LEU H 234 -10.98 -19.51 25.49
N GLY H 235 -12.27 -19.15 25.54
CA GLY H 235 -12.66 -17.76 25.66
C GLY H 235 -12.94 -17.14 24.33
N LEU H 236 -13.99 -16.31 24.29
CA LEU H 236 -14.40 -15.72 23.00
C LEU H 236 -13.40 -14.71 22.48
N ASP H 237 -12.50 -14.20 23.36
CA ASP H 237 -11.44 -13.29 22.88
C ASP H 237 -10.07 -13.93 22.84
N HIS H 238 -10.02 -15.26 22.79
CA HIS H 238 -8.75 -15.96 22.62
C HIS H 238 -8.14 -15.60 21.25
N ALA H 239 -9.00 -15.53 20.23
CA ALA H 239 -8.59 -15.12 18.87
C ALA H 239 -9.69 -14.25 18.34
N PRO H 240 -9.46 -13.60 17.21
CA PRO H 240 -10.48 -12.70 16.66
C PRO H 240 -11.52 -13.45 15.84
N LEU H 241 -12.75 -13.51 16.37
CA LEU H 241 -13.86 -14.13 15.60
C LEU H 241 -14.35 -13.16 14.52
N ARG H 242 -14.62 -13.70 13.32
CA ARG H 242 -15.03 -12.85 12.21
C ARG H 242 -16.19 -13.44 11.47
N LEU H 243 -16.95 -12.58 10.81
CA LEU H 243 -17.92 -13.03 9.79
C LEU H 243 -17.40 -12.66 8.45
N LEU H 244 -17.93 -13.33 7.43
CA LEU H 244 -17.88 -12.79 6.06
C LEU H 244 -19.00 -11.75 5.95
N PRO H 245 -18.67 -10.49 5.65
CA PRO H 245 -19.71 -9.44 5.78
C PRO H 245 -21.01 -9.74 5.05
N GLY H 246 -22.11 -9.53 5.74
CA GLY H 246 -23.42 -9.76 5.17
C GLY H 246 -23.98 -11.10 5.50
N ARG H 247 -23.18 -11.93 6.13
CA ARG H 247 -23.59 -13.35 6.36
C ARG H 247 -23.52 -13.68 7.86
N PRO H 248 -24.63 -14.16 8.45
CA PRO H 248 -24.65 -14.33 9.92
C PRO H 248 -23.70 -15.45 10.36
N ALA H 249 -23.43 -16.38 9.44
CA ALA H 249 -22.56 -17.54 9.69
C ALA H 249 -21.89 -17.85 8.37
N PRO H 250 -20.69 -18.46 8.43
CA PRO H 250 -20.02 -18.94 9.66
C PRO H 250 -19.29 -17.82 10.43
N ALA H 251 -18.91 -18.10 11.69
CA ALA H 251 -18.03 -17.23 12.42
C ALA H 251 -16.73 -18.00 12.42
N TYR H 252 -15.59 -17.36 12.16
CA TYR H 252 -14.34 -18.09 12.01
C TYR H 252 -13.20 -17.28 12.63
N LEU H 253 -12.21 -17.99 13.12
CA LEU H 253 -11.01 -17.39 13.62
C LEU H 253 -9.79 -17.99 12.98
N ARG H 254 -8.73 -17.19 12.90
N ARG H 254 -8.72 -17.20 12.97
CA ARG H 254 -7.40 -17.63 12.44
CA ARG H 254 -7.43 -17.64 12.47
C ARG H 254 -6.62 -17.94 13.70
C ARG H 254 -6.56 -17.94 13.67
N TRP H 255 -6.21 -19.21 13.86
CA TRP H 255 -5.52 -19.64 15.08
C TRP H 255 -4.26 -18.84 15.27
N GLY H 256 -4.09 -18.32 16.48
CA GLY H 256 -2.89 -17.58 16.81
C GLY H 256 -3.01 -16.07 16.63
N ASP H 257 -4.12 -15.61 16.01
CA ASP H 257 -4.23 -14.19 15.76
C ASP H 257 -4.75 -13.46 16.99
N GLN I 7 39.58 -5.46 -34.98
CA GLN I 7 38.43 -6.01 -34.25
C GLN I 7 38.79 -6.98 -33.10
N ASP I 8 38.57 -6.48 -31.90
CA ASP I 8 38.84 -7.23 -30.67
C ASP I 8 37.66 -8.15 -30.33
N LEU I 9 37.83 -9.47 -30.54
CA LEU I 9 36.76 -10.39 -30.15
C LEU I 9 36.53 -10.42 -28.63
N ARG I 10 37.46 -9.88 -27.88
CA ARG I 10 37.27 -9.90 -26.41
C ARG I 10 36.22 -8.92 -25.96
N ALA I 11 35.80 -8.01 -26.86
CA ALA I 11 34.76 -7.01 -26.50
C ALA I 11 33.37 -7.59 -26.67
N PHE I 12 33.27 -8.79 -27.23
CA PHE I 12 31.99 -9.52 -27.24
C PHE I 12 31.88 -10.35 -25.94
N VAL I 13 30.65 -10.55 -25.47
CA VAL I 13 30.42 -11.48 -24.37
C VAL I 13 31.00 -12.87 -24.71
N HIS I 14 31.77 -13.44 -23.79
CA HIS I 14 32.32 -14.76 -24.00
C HIS I 14 32.60 -15.40 -22.64
N ASP I 15 32.71 -16.73 -22.61
CA ASP I 15 32.96 -17.42 -21.38
C ASP I 15 34.36 -17.16 -20.81
N SER I 16 34.41 -16.88 -19.50
CA SER I 16 35.68 -16.91 -18.81
C SER I 16 36.26 -18.34 -18.76
N PRO I 17 37.57 -18.44 -18.48
CA PRO I 17 38.14 -19.79 -18.35
C PRO I 17 37.43 -20.58 -17.28
N GLU I 18 36.97 -19.90 -16.22
CA GLU I 18 36.31 -20.62 -15.13
C GLU I 18 34.93 -21.09 -15.49
N GLU I 19 34.20 -20.30 -16.30
CA GLU I 19 32.88 -20.71 -16.83
C GLU I 19 33.06 -21.95 -17.72
N THR I 20 34.08 -21.90 -18.57
CA THR I 20 34.37 -23.05 -19.39
C THR I 20 34.70 -24.28 -18.54
N GLU I 21 35.53 -24.11 -17.51
CA GLU I 21 35.87 -25.21 -16.58
C GLU I 21 34.68 -25.81 -15.88
N THR I 22 33.80 -24.94 -15.38
CA THR I 22 32.57 -25.43 -14.74
C THR I 22 31.77 -26.26 -15.72
N THR I 23 31.56 -25.73 -16.92
CA THR I 23 30.74 -26.41 -17.91
C THR I 23 31.36 -27.77 -18.27
N GLN I 24 32.66 -27.82 -18.50
CA GLN I 24 33.27 -29.06 -18.94
C GLN I 24 33.25 -30.06 -17.79
N ARG I 25 33.51 -29.60 -16.54
CA ARG I 25 33.44 -30.52 -15.41
C ARG I 25 32.07 -31.10 -15.22
N LEU I 26 31.04 -30.25 -15.29
CA LEU I 26 29.67 -30.75 -15.09
C LEU I 26 29.27 -31.73 -16.21
N THR I 27 29.71 -31.44 -17.43
CA THR I 27 29.46 -32.41 -18.50
C THR I 27 30.07 -33.78 -18.18
N LYS I 28 31.32 -33.78 -17.75
CA LYS I 28 31.99 -35.04 -17.42
C LYS I 28 31.30 -35.79 -16.26
N LEU I 29 30.91 -35.03 -15.23
CA LEU I 29 30.25 -35.61 -14.06
C LEU I 29 28.83 -36.12 -14.38
N LEU I 30 28.16 -35.49 -15.35
CA LEU I 30 26.82 -35.97 -15.76
C LEU I 30 27.00 -37.25 -16.55
N THR I 31 27.99 -37.29 -17.46
CA THR I 31 28.08 -38.43 -18.38
C THR I 31 28.81 -39.59 -17.74
N ASN I 32 29.51 -39.33 -16.64
CA ASN I 32 30.20 -40.42 -15.88
C ASN I 32 29.72 -40.48 -14.43
N SER I 33 28.43 -40.54 -14.24
CA SER I 33 27.84 -40.39 -12.91
C SER I 33 27.58 -41.73 -12.26
N PRO I 34 27.84 -41.83 -10.94
CA PRO I 34 27.43 -43.01 -10.17
C PRO I 34 25.96 -43.00 -9.79
N ILE I 35 25.23 -41.95 -10.12
CA ILE I 35 23.80 -41.94 -9.86
C ILE I 35 23.19 -43.03 -10.77
N PRO I 36 22.35 -43.92 -10.19
CA PRO I 36 21.63 -44.91 -11.03
C PRO I 36 20.95 -44.22 -12.20
N THR I 37 20.93 -44.86 -13.37
CA THR I 37 20.40 -44.21 -14.54
C THR I 37 18.99 -43.64 -14.34
N GLU I 38 18.13 -44.42 -13.67
CA GLU I 38 16.70 -44.05 -13.49
C GLU I 38 16.50 -42.86 -12.51
N GLU I 39 17.58 -42.45 -11.83
CA GLU I 39 17.49 -41.30 -10.87
C GLU I 39 18.13 -40.07 -11.44
N LEU I 40 18.82 -40.14 -12.58
CA LEU I 40 19.40 -38.88 -13.15
C LEU I 40 18.35 -37.78 -13.29
N VAL I 41 17.17 -38.10 -13.84
CA VAL I 41 16.17 -37.04 -14.08
C VAL I 41 15.48 -36.57 -12.77
N ASN I 42 15.84 -37.19 -11.65
CA ASN I 42 15.45 -36.67 -10.34
C ASN I 42 16.52 -35.82 -9.66
N ASN I 43 17.65 -35.60 -10.33
CA ASN I 43 18.78 -34.88 -9.75
C ASN I 43 19.48 -33.93 -10.70
N LEU I 44 18.78 -33.44 -11.71
CA LEU I 44 19.38 -32.60 -12.73
C LEU I 44 19.96 -31.27 -12.23
N PRO I 45 19.41 -30.69 -11.14
CA PRO I 45 20.04 -29.46 -10.63
C PRO I 45 21.52 -29.66 -10.25
N LEU I 46 21.96 -30.89 -9.99
CA LEU I 46 23.40 -31.09 -9.77
C LEU I 46 24.23 -30.50 -10.92
N PHE I 47 23.66 -30.51 -12.14
CA PHE I 47 24.42 -30.20 -13.32
C PHE I 47 24.03 -28.89 -13.97
N LEU I 48 23.13 -28.17 -13.29
CA LEU I 48 22.54 -26.94 -13.80
C LEU I 48 23.29 -25.74 -13.19
N ARG I 49 24.25 -25.19 -13.93
CA ARG I 49 25.08 -24.14 -13.37
C ARG I 49 24.39 -22.79 -13.32
N ARG I 50 25.00 -21.86 -12.59
CA ARG I 50 24.44 -20.51 -12.40
C ARG I 50 23.90 -19.91 -13.71
N HIS I 51 24.71 -19.87 -14.77
CA HIS I 51 24.27 -19.19 -16.00
C HIS I 51 22.96 -19.77 -16.54
N GLN I 52 22.87 -21.11 -16.54
CA GLN I 52 21.66 -21.76 -17.04
C GLN I 52 20.51 -21.70 -16.04
N MSE I 53 20.80 -21.80 -14.76
CA MSE I 53 19.76 -21.59 -13.73
C MSE I 53 19.11 -20.21 -13.89
O MSE I 53 17.90 -20.04 -13.71
CB MSE I 53 20.36 -21.71 -12.35
CG MSE I 53 19.40 -21.33 -11.21
SE MSE I 53 17.83 -22.47 -11.04
CE MSE I 53 18.61 -23.78 -9.91
N THR I 54 19.94 -19.22 -14.22
CA THR I 54 19.44 -17.85 -14.39
C THR I 54 18.46 -17.80 -15.57
N ASP I 55 18.80 -18.47 -16.66
CA ASP I 55 17.88 -18.52 -17.77
C ASP I 55 16.53 -19.12 -17.36
N LEU I 56 16.60 -20.21 -16.62
CA LEU I 56 15.37 -20.88 -16.14
C LEU I 56 14.50 -19.89 -15.30
N LEU I 57 15.13 -19.22 -14.35
CA LEU I 57 14.43 -18.29 -13.49
C LEU I 57 13.84 -17.15 -14.31
N SER I 58 14.56 -16.67 -15.33
CA SER I 58 14.02 -15.63 -16.18
C SER I 58 12.83 -16.10 -16.96
N MSE I 59 12.88 -17.30 -17.55
CA MSE I 59 11.68 -17.80 -18.25
C MSE I 59 10.48 -17.93 -17.30
O MSE I 59 9.32 -17.60 -17.68
CB MSE I 59 11.96 -19.14 -18.91
CG MSE I 59 13.04 -19.08 -20.02
SE MSE I 59 12.79 -17.71 -21.39
CE MSE I 59 14.10 -16.42 -20.64
N ASP I 60 10.74 -18.35 -16.06
CA ASP I 60 9.69 -18.42 -15.05
C ASP I 60 9.11 -17.05 -14.72
N ALA I 61 9.95 -16.02 -14.64
CA ALA I 61 9.47 -14.68 -14.38
C ALA I 61 8.57 -14.18 -15.51
N LEU I 62 8.99 -14.42 -16.76
CA LEU I 62 8.16 -14.01 -17.90
C LEU I 62 6.80 -14.74 -17.92
N TYR I 63 6.84 -16.05 -17.71
CA TYR I 63 5.63 -16.84 -17.67
C TYR I 63 4.70 -16.33 -16.57
N ARG I 64 5.24 -16.10 -15.38
CA ARG I 64 4.37 -15.67 -14.29
C ARG I 64 3.65 -14.36 -14.62
N GLN I 65 4.26 -13.51 -15.44
CA GLN I 65 3.61 -12.26 -15.83
C GLN I 65 2.45 -12.37 -16.80
N VAL I 66 2.32 -13.53 -17.42
CA VAL I 66 1.19 -13.69 -18.35
C VAL I 66 0.16 -14.75 -17.88
N LEU I 67 0.24 -15.18 -16.62
CA LEU I 67 -0.74 -16.15 -16.11
C LEU I 67 -2.18 -15.59 -16.11
N ASP I 68 -2.35 -14.27 -16.12
CA ASP I 68 -3.69 -13.70 -16.27
C ASP I 68 -3.91 -13.08 -17.66
N VAL I 69 -3.17 -13.55 -18.68
CA VAL I 69 -3.35 -13.04 -20.05
C VAL I 69 -3.71 -14.24 -20.95
N PRO I 70 -4.75 -14.11 -21.76
CA PRO I 70 -5.11 -15.26 -22.62
C PRO I 70 -4.08 -15.46 -23.71
N GLY I 71 -4.12 -16.61 -24.36
CA GLY I 71 -3.30 -16.77 -25.56
C GLY I 71 -2.17 -17.76 -25.42
N VAL I 72 -1.30 -17.74 -26.43
CA VAL I 72 -0.30 -18.76 -26.54
C VAL I 72 1.10 -18.18 -26.25
N ILE I 73 2.06 -19.08 -26.13
CA ILE I 73 3.48 -18.73 -25.97
C ILE I 73 4.19 -19.07 -27.24
N MSE I 74 4.91 -18.11 -27.81
CA MSE I 74 5.72 -18.35 -29.02
C MSE I 74 7.18 -18.06 -28.79
O MSE I 74 7.53 -17.03 -28.18
CB MSE I 74 5.27 -17.47 -30.17
CG MSE I 74 3.87 -17.78 -30.60
SE MSE I 74 3.37 -16.70 -32.17
CE MSE I 74 1.72 -17.64 -32.50
N GLU I 75 8.05 -18.95 -29.28
CA GLU I 75 9.49 -18.63 -29.31
C GLU I 75 9.92 -18.64 -30.75
N PHE I 76 10.60 -17.57 -31.14
CA PHE I 76 11.21 -17.49 -32.47
C PHE I 76 12.71 -17.69 -32.32
N GLY I 77 13.17 -18.87 -32.75
CA GLY I 77 14.58 -19.27 -32.55
C GLY I 77 14.65 -20.28 -31.39
N VAL I 78 14.61 -21.57 -31.73
CA VAL I 78 14.46 -22.65 -30.73
C VAL I 78 15.77 -23.39 -30.48
N ARG I 79 16.56 -23.60 -31.54
CA ARG I 79 17.76 -24.41 -31.47
C ARG I 79 17.41 -25.78 -30.87
N PHE I 80 18.04 -26.20 -29.76
CA PHE I 80 17.75 -27.57 -29.24
C PHE I 80 16.48 -27.60 -28.39
N GLY I 81 15.94 -26.41 -28.09
CA GLY I 81 14.66 -26.35 -27.38
C GLY I 81 14.72 -26.03 -25.88
N ARG I 82 15.84 -25.51 -25.40
CA ARG I 82 16.02 -25.15 -23.97
C ARG I 82 14.79 -24.46 -23.40
N HIS I 83 14.34 -23.41 -24.08
CA HIS I 83 13.23 -22.63 -23.55
C HIS I 83 11.90 -23.36 -23.68
N LEU I 84 11.73 -24.16 -24.74
CA LEU I 84 10.46 -24.89 -24.92
C LEU I 84 10.27 -25.95 -23.81
N GLY I 85 11.34 -26.64 -23.44
CA GLY I 85 11.33 -27.59 -22.33
C GLY I 85 10.94 -26.86 -21.06
N THR I 86 11.57 -25.71 -20.82
CA THR I 86 11.26 -24.90 -19.62
C THR I 86 9.76 -24.49 -19.62
N PHE I 87 9.28 -24.00 -20.74
CA PHE I 87 7.86 -23.63 -20.80
C PHE I 87 6.92 -24.82 -20.61
N ALA I 88 7.25 -25.99 -21.13
CA ALA I 88 6.39 -27.15 -20.98
C ALA I 88 6.27 -27.59 -19.51
N ALA I 89 7.39 -27.60 -18.81
CA ALA I 89 7.32 -27.86 -17.35
C ALA I 89 6.58 -26.80 -16.57
N LEU I 90 6.82 -25.56 -16.89
CA LEU I 90 6.18 -24.47 -16.16
C LEU I 90 4.68 -24.44 -16.39
N ARG I 91 4.27 -24.84 -17.58
CA ARG I 91 2.86 -24.92 -17.88
C ARG I 91 2.21 -25.98 -16.99
N GLY I 92 2.95 -27.04 -16.70
CA GLY I 92 2.42 -28.03 -15.78
C GLY I 92 2.34 -27.45 -14.36
N VAL I 93 3.37 -26.75 -13.90
CA VAL I 93 3.33 -26.15 -12.54
C VAL I 93 2.15 -25.19 -12.41
N TYR I 94 1.93 -24.31 -13.40
CA TYR I 94 0.97 -23.19 -13.19
C TYR I 94 -0.41 -23.38 -13.78
N GLU I 95 -0.53 -24.22 -14.83
CA GLU I 95 -1.76 -24.25 -15.64
C GLU I 95 -2.22 -25.68 -16.02
N PRO I 96 -2.41 -26.57 -15.03
CA PRO I 96 -2.94 -27.90 -15.31
C PRO I 96 -4.25 -27.82 -16.09
N TYR I 97 -5.05 -26.77 -15.86
CA TYR I 97 -6.40 -26.70 -16.46
C TYR I 97 -6.55 -25.84 -17.70
N ASN I 98 -5.43 -25.43 -18.27
CA ASN I 98 -5.47 -24.52 -19.46
C ASN I 98 -4.95 -25.28 -20.70
N PRO I 99 -5.84 -25.97 -21.40
CA PRO I 99 -5.45 -26.64 -22.65
C PRO I 99 -5.28 -25.72 -23.83
N LEU I 100 -5.57 -24.44 -23.63
CA LEU I 100 -5.46 -23.47 -24.73
C LEU I 100 -4.07 -22.79 -24.76
N ARG I 101 -3.27 -22.97 -23.71
CA ARG I 101 -1.94 -22.39 -23.69
C ARG I 101 -1.01 -23.22 -24.52
N ARG I 102 -1.06 -23.01 -25.82
CA ARG I 102 -0.21 -23.71 -26.75
C ARG I 102 1.21 -23.12 -26.63
N ILE I 103 2.21 -23.97 -26.81
CA ILE I 103 3.61 -23.51 -26.93
C ILE I 103 4.00 -23.74 -28.38
N VAL I 104 4.38 -22.67 -29.08
CA VAL I 104 4.75 -22.78 -30.53
C VAL I 104 6.20 -22.33 -30.70
N GLY I 105 7.03 -23.24 -31.22
CA GLY I 105 8.42 -22.92 -31.42
C GLY I 105 8.71 -22.88 -32.93
N PHE I 106 9.34 -21.81 -33.40
CA PHE I 106 9.65 -21.60 -34.83
C PHE I 106 11.14 -21.62 -35.07
N ASP I 107 11.59 -22.45 -36.01
CA ASP I 107 13.02 -22.39 -36.37
C ASP I 107 13.18 -23.06 -37.73
N THR I 108 14.29 -22.75 -38.40
CA THR I 108 14.62 -23.53 -39.58
C THR I 108 15.07 -24.93 -39.17
N PHE I 109 15.68 -25.02 -37.98
CA PHE I 109 16.35 -26.18 -37.45
C PHE I 109 17.62 -26.52 -38.26
N THR I 110 18.01 -25.60 -39.12
CA THR I 110 19.23 -25.74 -39.94
C THR I 110 20.07 -24.51 -39.83
N GLY I 111 19.84 -23.75 -38.76
CA GLY I 111 20.64 -22.55 -38.51
C GLY I 111 20.22 -21.35 -39.34
N PHE I 112 20.98 -20.27 -39.20
CA PHE I 112 20.58 -19.01 -39.79
C PHE I 112 20.43 -19.25 -41.32
N PRO I 113 19.32 -18.82 -41.94
N PRO I 113 19.36 -18.69 -41.88
CA PRO I 113 19.13 -19.17 -43.39
CA PRO I 113 19.37 -18.44 -43.32
C PRO I 113 19.78 -18.14 -44.35
C PRO I 113 20.44 -17.40 -43.66
N ASP I 114 20.04 -16.97 -43.78
N ASP I 114 20.60 -17.02 -44.92
CA ASP I 114 20.76 -15.92 -44.45
CA ASP I 114 21.48 -15.89 -45.18
C ASP I 114 21.19 -14.91 -43.43
C ASP I 114 21.12 -14.64 -44.31
N VAL I 115 22.16 -14.06 -43.78
CA VAL I 115 22.26 -12.90 -42.88
C VAL I 115 22.35 -11.59 -43.64
N ASN I 116 21.99 -10.52 -42.94
CA ASN I 116 22.06 -9.18 -43.50
C ASN I 116 23.43 -8.58 -43.11
N ASP I 117 23.91 -7.61 -43.89
CA ASP I 117 25.17 -6.90 -43.53
C ASP I 117 25.12 -6.32 -42.08
N VAL I 118 23.96 -5.86 -41.59
CA VAL I 118 23.94 -5.30 -40.25
C VAL I 118 24.19 -6.36 -39.20
N ASP I 119 23.97 -7.63 -39.54
CA ASP I 119 24.23 -8.72 -38.59
C ASP I 119 25.69 -9.17 -38.57
N ARG I 120 26.51 -8.70 -39.53
N ARG I 120 26.48 -8.74 -39.56
CA ARG I 120 27.89 -9.24 -39.68
CA ARG I 120 27.87 -9.21 -39.70
C ARG I 120 28.87 -8.45 -38.84
C ARG I 120 28.81 -8.36 -38.85
N VAL I 121 28.64 -8.43 -37.54
CA VAL I 121 29.49 -7.73 -36.60
C VAL I 121 30.60 -8.65 -36.11
N GLY I 122 30.24 -9.86 -35.71
CA GLY I 122 31.28 -10.81 -35.26
C GLY I 122 31.40 -12.04 -36.16
N PRO I 123 32.18 -13.03 -35.70
CA PRO I 123 32.56 -14.09 -36.67
C PRO I 123 31.58 -15.27 -36.81
N THR I 124 30.46 -15.22 -36.09
CA THR I 124 29.51 -16.34 -36.06
C THR I 124 28.26 -15.98 -36.81
N ALA I 125 28.29 -14.85 -37.50
CA ALA I 125 27.10 -14.45 -38.25
C ALA I 125 27.26 -15.04 -39.68
N TYR I 126 26.96 -16.32 -39.80
CA TYR I 126 27.06 -16.98 -41.11
C TYR I 126 25.90 -17.94 -41.31
N GLN I 127 25.53 -18.19 -42.57
N GLN I 127 25.56 -18.20 -42.56
CA GLN I 127 24.45 -19.13 -42.86
CA GLN I 127 24.49 -19.14 -42.88
C GLN I 127 24.76 -20.48 -42.23
C GLN I 127 24.75 -20.53 -42.29
N GLY I 128 23.76 -21.07 -41.57
CA GLY I 128 23.91 -22.36 -40.93
C GLY I 128 24.41 -22.33 -39.50
N ARG I 129 24.81 -21.16 -38.99
CA ARG I 129 25.21 -21.10 -37.57
C ARG I 129 23.99 -21.52 -36.72
N PHE I 130 24.25 -22.32 -35.69
CA PHE I 130 23.24 -22.91 -34.79
C PHE I 130 22.39 -24.05 -35.36
N ALA I 131 22.79 -24.55 -36.54
CA ALA I 131 22.13 -25.75 -37.05
C ALA I 131 22.10 -26.86 -35.98
N VAL I 132 21.02 -27.62 -35.96
CA VAL I 132 20.93 -28.78 -35.09
C VAL I 132 20.83 -30.02 -36.00
N PRO I 133 21.02 -31.21 -35.42
CA PRO I 133 21.14 -32.38 -36.30
C PRO I 133 19.93 -32.69 -37.17
N GLY I 134 20.18 -33.41 -38.26
CA GLY I 134 19.07 -33.88 -39.10
C GLY I 134 18.03 -34.66 -38.31
N GLY I 135 16.76 -34.34 -38.53
CA GLY I 135 15.69 -35.04 -37.83
C GLY I 135 15.49 -34.60 -36.38
N TYR I 136 16.20 -33.54 -35.98
CA TYR I 136 16.10 -33.03 -34.60
C TYR I 136 14.67 -32.70 -34.17
N PRO I 137 13.88 -32.06 -35.05
CA PRO I 137 12.51 -31.72 -34.64
C PRO I 137 11.68 -32.90 -34.15
N ALA I 138 11.82 -34.07 -34.75
CA ALA I 138 11.06 -35.18 -34.25
C ALA I 138 11.52 -35.56 -32.81
N TYR I 139 12.81 -35.47 -32.52
CA TYR I 139 13.28 -35.72 -31.18
C TYR I 139 12.74 -34.69 -30.20
N LEU I 140 12.75 -33.43 -30.58
CA LEU I 140 12.26 -32.40 -29.65
C LEU I 140 10.75 -32.58 -29.42
N LYS I 141 10.05 -32.96 -30.48
CA LYS I 141 8.62 -33.23 -30.34
C LYS I 141 8.41 -34.41 -29.41
N GLU I 142 9.28 -35.42 -29.48
CA GLU I 142 9.16 -36.60 -28.55
C GLU I 142 9.40 -36.20 -27.08
N VAL I 143 10.37 -35.32 -26.89
CA VAL I 143 10.62 -34.73 -25.57
C VAL I 143 9.39 -33.98 -25.04
N LEU I 144 8.83 -33.11 -25.86
CA LEU I 144 7.65 -32.37 -25.44
C LEU I 144 6.44 -33.29 -25.20
N ASP I 145 6.26 -34.31 -26.03
CA ASP I 145 5.23 -35.30 -25.82
C ASP I 145 5.44 -36.07 -24.50
N ALA I 146 6.70 -36.22 -24.06
CA ALA I 146 7.00 -36.99 -22.86
C ALA I 146 6.50 -36.15 -21.67
N HIS I 147 6.75 -34.83 -21.67
CA HIS I 147 6.17 -33.95 -20.64
C HIS I 147 4.64 -34.02 -20.65
N GLU I 148 4.09 -33.93 -21.86
CA GLU I 148 2.63 -33.79 -21.99
C GLU I 148 1.86 -35.05 -21.60
N CYS I 149 2.49 -36.23 -21.60
N CYS I 149 2.52 -36.21 -21.63
N CYS I 149 2.51 -36.22 -21.63
CA CYS I 149 1.68 -37.40 -21.32
CA CYS I 149 1.93 -37.49 -21.26
CA CYS I 149 1.85 -37.46 -21.23
C CYS I 149 1.27 -37.51 -19.85
C CYS I 149 1.26 -37.45 -19.89
C CYS I 149 1.14 -37.29 -19.91
N SER I 150 1.85 -36.69 -18.98
CA SER I 150 1.36 -36.63 -17.63
C SER I 150 0.70 -35.28 -17.31
N ASP I 151 0.37 -34.49 -18.33
CA ASP I 151 -0.42 -33.25 -18.08
C ASP I 151 -1.87 -33.64 -17.84
N PHE I 152 -2.55 -32.83 -17.02
CA PHE I 152 -3.98 -33.04 -16.80
C PHE I 152 -4.74 -33.02 -18.14
N PHE I 153 -4.31 -32.14 -19.06
CA PHE I 153 -4.90 -32.15 -20.41
C PHE I 153 -4.07 -32.87 -21.47
N GLY I 154 -3.34 -33.90 -21.03
CA GLY I 154 -2.54 -34.71 -21.95
C GLY I 154 -3.29 -35.36 -23.10
N HIS I 155 -4.61 -35.47 -22.98
CA HIS I 155 -5.42 -36.03 -24.04
C HIS I 155 -5.66 -35.06 -25.22
N VAL I 156 -5.34 -33.77 -25.02
CA VAL I 156 -5.50 -32.78 -26.05
C VAL I 156 -4.20 -32.62 -26.80
N THR I 157 -4.23 -32.86 -28.12
CA THR I 157 -3.01 -32.77 -28.88
C THR I 157 -2.75 -31.37 -29.40
N GLN I 158 -1.61 -31.22 -30.05
N GLN I 158 -1.58 -31.20 -30.01
CA GLN I 158 -1.18 -29.89 -30.58
CA GLN I 158 -1.20 -29.88 -30.58
C GLN I 158 -1.17 -28.82 -29.48
C GLN I 158 -1.04 -28.75 -29.56
N ARG I 159 -0.73 -29.21 -28.28
N ARG I 159 -0.77 -29.11 -28.31
CA ARG I 159 -0.52 -28.25 -27.21
CA ARG I 159 -0.51 -28.12 -27.28
C ARG I 159 0.91 -27.74 -27.29
C ARG I 159 0.94 -27.68 -27.30
N SER I 160 1.77 -28.49 -28.00
N SER I 160 1.78 -28.44 -28.02
CA SER I 160 3.09 -28.02 -28.37
CA SER I 160 3.13 -27.98 -28.38
C SER I 160 3.22 -28.22 -29.88
C SER I 160 3.40 -28.27 -29.84
N VAL I 161 3.75 -27.20 -30.55
CA VAL I 161 3.86 -27.22 -32.02
C VAL I 161 5.19 -26.71 -32.47
N LEU I 162 5.91 -27.52 -33.25
CA LEU I 162 7.18 -27.06 -33.83
C LEU I 162 6.93 -26.72 -35.29
N VAL I 163 7.23 -25.50 -35.66
CA VAL I 163 6.94 -25.03 -37.01
C VAL I 163 8.32 -24.85 -37.72
N GLU I 164 8.59 -25.68 -38.72
CA GLU I 164 9.92 -25.71 -39.38
C GLU I 164 9.93 -24.84 -40.62
N GLY I 165 10.96 -23.99 -40.69
CA GLY I 165 11.21 -23.17 -41.84
C GLY I 165 11.55 -21.75 -41.49
N ASP I 166 11.59 -20.90 -42.52
CA ASP I 166 12.01 -19.51 -42.29
C ASP I 166 10.81 -18.75 -41.75
N VAL I 167 10.99 -18.11 -40.58
CA VAL I 167 9.86 -17.38 -39.95
C VAL I 167 9.25 -16.29 -40.84
N ARG I 168 9.99 -15.75 -41.81
CA ARG I 168 9.39 -14.77 -42.72
C ARG I 168 8.18 -15.33 -43.46
N GLU I 169 8.21 -16.63 -43.73
CA GLU I 169 7.05 -17.31 -44.34
C GLU I 169 6.20 -18.04 -43.29
N THR I 170 6.83 -18.71 -42.33
CA THR I 170 6.08 -19.63 -41.45
C THR I 170 5.27 -18.92 -40.40
N VAL I 171 5.72 -17.75 -39.96
CA VAL I 171 4.92 -17.07 -38.95
C VAL I 171 3.61 -16.48 -39.53
N PRO I 172 3.69 -15.78 -40.68
CA PRO I 172 2.42 -15.34 -41.29
C PRO I 172 1.50 -16.52 -41.63
N ARG I 173 2.07 -17.62 -42.09
N ARG I 173 2.06 -17.63 -42.08
CA ARG I 173 1.27 -18.80 -42.42
CA ARG I 173 1.22 -18.77 -42.41
C ARG I 173 0.61 -19.39 -41.17
C ARG I 173 0.59 -19.41 -41.16
N TYR I 174 1.38 -19.57 -40.10
CA TYR I 174 0.80 -20.05 -38.86
C TYR I 174 -0.36 -19.16 -38.37
N LEU I 175 -0.13 -17.85 -38.36
CA LEU I 175 -1.18 -16.94 -37.96
C LEU I 175 -2.43 -17.02 -38.86
N ALA I 176 -2.22 -17.09 -40.16
CA ALA I 176 -3.36 -17.20 -41.07
C ALA I 176 -4.19 -18.50 -40.83
N GLU I 177 -3.48 -19.58 -40.53
CA GLU I 177 -4.12 -20.89 -40.21
C GLU I 177 -4.73 -20.95 -38.82
N ASN I 178 -4.42 -19.96 -37.99
CA ASN I 178 -4.88 -19.92 -36.57
C ASN I 178 -5.47 -18.59 -36.17
N PRO I 179 -6.64 -18.25 -36.75
CA PRO I 179 -7.28 -16.95 -36.51
C PRO I 179 -7.83 -16.79 -35.06
N GLN I 180 -7.81 -17.86 -34.26
CA GLN I 180 -8.18 -17.78 -32.85
C GLN I 180 -7.01 -17.24 -31.98
N THR I 181 -5.85 -17.03 -32.60
CA THR I 181 -4.64 -16.78 -31.81
C THR I 181 -4.71 -15.47 -31.04
N VAL I 182 -4.38 -15.56 -29.75
CA VAL I 182 -3.93 -14.40 -29.01
C VAL I 182 -2.53 -14.77 -28.57
N ILE I 183 -1.63 -13.82 -28.60
CA ILE I 183 -0.26 -14.09 -28.17
C ILE I 183 -0.05 -13.51 -26.80
N ALA I 184 0.21 -14.37 -25.80
CA ALA I 184 0.43 -13.91 -24.47
C ALA I 184 1.90 -13.55 -24.26
N LEU I 185 2.78 -14.36 -24.80
CA LEU I 185 4.24 -14.21 -24.59
C LEU I 185 4.93 -14.50 -25.92
N ALA I 186 5.67 -13.53 -26.43
CA ALA I 186 6.42 -13.68 -27.67
C ALA I 186 7.89 -13.49 -27.33
N TYR I 187 8.64 -14.58 -27.48
CA TYR I 187 10.05 -14.59 -27.08
C TYR I 187 10.97 -14.56 -28.33
N PHE I 188 11.61 -13.44 -28.57
CA PHE I 188 12.46 -13.28 -29.77
C PHE I 188 13.89 -13.69 -29.51
N ASP I 189 14.31 -14.76 -30.17
CA ASP I 189 15.68 -15.29 -30.00
C ASP I 189 16.23 -15.71 -31.37
N LEU I 190 16.01 -14.85 -32.38
CA LEU I 190 16.49 -15.17 -33.78
C LEU I 190 17.83 -14.54 -34.08
N ASP I 191 18.22 -13.54 -33.27
CA ASP I 191 19.48 -12.75 -33.39
C ASP I 191 19.51 -11.81 -34.60
N LEU I 192 18.92 -12.22 -35.72
CA LEU I 192 19.11 -11.50 -36.99
C LEU I 192 18.06 -10.42 -37.21
N TYR I 193 18.49 -9.36 -37.86
CA TYR I 193 17.63 -8.21 -38.21
C TYR I 193 16.36 -8.52 -39.00
N GLU I 194 16.51 -9.15 -40.17
CA GLU I 194 15.37 -9.24 -41.10
C GLU I 194 14.24 -10.11 -40.55
N PRO I 195 14.54 -11.31 -40.00
CA PRO I 195 13.41 -12.09 -39.51
C PRO I 195 12.81 -11.48 -38.25
N THR I 196 13.61 -10.81 -37.40
CA THR I 196 13.03 -10.09 -36.27
C THR I 196 12.00 -9.04 -36.69
N LYS I 197 12.38 -8.22 -37.67
CA LYS I 197 11.50 -7.18 -38.17
C LYS I 197 10.20 -7.80 -38.75
N ALA I 198 10.34 -8.82 -39.61
CA ALA I 198 9.19 -9.47 -40.22
C ALA I 198 8.23 -10.05 -39.17
N VAL I 199 8.78 -10.66 -38.13
CA VAL I 199 7.94 -11.30 -37.14
C VAL I 199 7.29 -10.28 -36.23
N LEU I 200 8.01 -9.22 -35.86
CA LEU I 200 7.40 -8.15 -35.07
C LEU I 200 6.18 -7.58 -35.77
N GLU I 201 6.30 -7.38 -37.09
CA GLU I 201 5.20 -6.82 -37.87
C GLU I 201 4.04 -7.81 -37.92
N ALA I 202 4.36 -9.08 -38.10
CA ALA I 202 3.29 -10.09 -38.24
C ALA I 202 2.47 -10.32 -36.94
N ILE I 203 3.15 -10.25 -35.80
CA ILE I 203 2.45 -10.64 -34.55
C ILE I 203 1.59 -9.55 -33.95
N ARG I 204 1.74 -8.32 -34.45
CA ARG I 204 1.12 -7.15 -33.80
C ARG I 204 -0.41 -7.26 -33.61
N PRO I 205 -1.15 -7.69 -34.66
CA PRO I 205 -2.62 -7.79 -34.49
C PRO I 205 -3.10 -8.82 -33.46
N TYR I 206 -2.18 -9.66 -32.95
CA TYR I 206 -2.59 -10.77 -32.08
C TYR I 206 -2.18 -10.54 -30.62
N LEU I 207 -1.51 -9.43 -30.36
CA LEU I 207 -1.16 -9.02 -28.98
C LEU I 207 -2.31 -8.34 -28.27
N THR I 208 -2.36 -8.43 -26.94
CA THR I 208 -3.32 -7.61 -26.18
C THR I 208 -2.52 -6.70 -25.28
N LYS I 209 -3.15 -5.66 -24.69
CA LYS I 209 -2.42 -4.91 -23.69
C LYS I 209 -2.15 -5.86 -22.53
N GLY I 210 -0.87 -5.96 -22.13
CA GLY I 210 -0.47 -6.93 -21.13
C GLY I 210 0.29 -8.12 -21.69
N SER I 211 0.19 -8.36 -23.01
CA SER I 211 1.08 -9.36 -23.59
C SER I 211 2.53 -8.94 -23.37
N ILE I 212 3.38 -9.95 -23.20
CA ILE I 212 4.78 -9.69 -23.04
C ILE I 212 5.56 -9.98 -24.33
N VAL I 213 6.38 -9.03 -24.77
CA VAL I 213 7.31 -9.24 -25.92
C VAL I 213 8.72 -9.15 -25.34
N ALA I 214 9.49 -10.22 -25.50
CA ALA I 214 10.84 -10.29 -24.94
C ALA I 214 11.90 -10.54 -26.01
N PHE I 215 13.11 -10.00 -25.77
CA PHE I 215 14.22 -10.11 -26.70
C PHE I 215 15.41 -10.68 -26.02
N ASP I 216 16.10 -11.62 -26.68
CA ASP I 216 17.23 -12.30 -26.00
C ASP I 216 18.56 -11.54 -26.18
N GLU I 217 18.65 -10.68 -27.21
N GLU I 217 18.66 -10.70 -27.20
CA GLU I 217 19.92 -10.00 -27.53
CA GLU I 217 19.93 -9.99 -27.50
C GLU I 217 19.74 -8.55 -27.91
C GLU I 217 19.68 -8.57 -27.96
N LEU I 218 18.78 -7.87 -27.29
CA LEU I 218 18.38 -6.55 -27.75
C LEU I 218 19.54 -5.54 -27.81
N ASP I 219 20.39 -5.57 -26.79
CA ASP I 219 21.42 -4.56 -26.65
C ASP I 219 22.84 -5.14 -26.72
N ASN I 220 22.97 -6.30 -27.38
CA ASN I 220 24.26 -6.97 -27.48
C ASN I 220 25.01 -6.45 -28.72
N PRO I 221 26.24 -5.95 -28.55
CA PRO I 221 26.96 -5.41 -29.70
C PRO I 221 27.13 -6.44 -30.84
N LYS I 222 27.15 -7.74 -30.52
CA LYS I 222 27.40 -8.79 -31.54
C LYS I 222 26.16 -8.95 -32.44
N TRP I 223 24.98 -8.64 -31.90
CA TRP I 223 23.72 -8.88 -32.58
C TRP I 223 22.82 -7.65 -32.48
N PRO I 224 23.11 -6.62 -33.31
CA PRO I 224 22.31 -5.39 -33.23
C PRO I 224 20.97 -5.52 -34.00
N GLY I 225 20.69 -6.65 -34.66
CA GLY I 225 19.49 -6.72 -35.50
C GLY I 225 18.14 -6.58 -34.78
N GLU I 226 18.00 -7.07 -33.54
CA GLU I 226 16.69 -6.88 -32.80
C GLU I 226 16.48 -5.38 -32.52
N ASN I 227 17.55 -4.67 -32.13
CA ASN I 227 17.48 -3.25 -31.87
C ASN I 227 17.12 -2.49 -33.13
N ILE I 228 17.86 -2.77 -34.22
CA ILE I 228 17.63 -2.08 -35.50
C ILE I 228 16.18 -2.34 -35.91
N ALA I 229 15.72 -3.57 -35.72
CA ALA I 229 14.32 -3.92 -36.06
C ALA I 229 13.31 -3.18 -35.18
N MSE I 230 13.57 -3.15 -33.88
N MSE I 230 13.55 -3.16 -33.87
CA MSE I 230 12.68 -2.43 -32.93
CA MSE I 230 12.63 -2.45 -32.97
C MSE I 230 12.59 -0.94 -33.29
C MSE I 230 12.58 -0.95 -33.31
O MSE I 230 11.52 -0.35 -33.29
O MSE I 230 11.51 -0.33 -33.31
CB MSE I 230 13.20 -2.61 -31.52
CB MSE I 230 13.02 -2.64 -31.53
CG MSE I 230 12.51 -3.74 -30.81
CG MSE I 230 12.25 -1.71 -30.61
SE MSE I 230 10.59 -3.57 -30.55
SE MSE I 230 11.44 -2.60 -29.06
CE MSE I 230 10.35 -2.06 -29.34
CE MSE I 230 13.01 -3.57 -28.42
N ARG I 231 13.74 -0.36 -33.59
CA ARG I 231 13.77 1.05 -33.91
C ARG I 231 13.03 1.36 -35.22
N LYS I 232 13.03 0.41 -36.15
CA LYS I 232 12.30 0.62 -37.38
C LYS I 232 10.79 0.41 -37.23
N VAL I 233 10.38 -0.59 -36.45
CA VAL I 233 8.99 -0.97 -36.42
C VAL I 233 8.18 -0.16 -35.40
N LEU I 234 8.73 -0.02 -34.18
CA LEU I 234 8.01 0.61 -33.09
C LEU I 234 8.69 1.83 -32.47
N GLY I 235 10.02 1.80 -32.43
CA GLY I 235 10.76 2.79 -31.62
C GLY I 235 11.05 2.20 -30.23
N LEU I 236 12.23 2.49 -29.69
CA LEU I 236 12.62 1.92 -28.40
C LEU I 236 11.81 2.48 -27.24
N ASP I 237 11.13 3.62 -27.46
CA ASP I 237 10.27 4.19 -26.42
C ASP I 237 8.77 3.99 -26.70
N HIS I 238 8.43 3.08 -27.62
CA HIS I 238 7.03 2.68 -27.83
C HIS I 238 6.37 2.15 -26.53
N ALA I 239 7.15 1.38 -25.81
CA ALA I 239 6.76 0.78 -24.54
C ALA I 239 7.99 0.79 -23.63
N PRO I 240 7.81 0.50 -22.32
CA PRO I 240 8.96 0.46 -21.42
C PRO I 240 9.71 -0.86 -21.48
N LEU I 241 10.92 -0.85 -22.01
CA LEU I 241 11.76 -2.05 -22.02
C LEU I 241 12.39 -2.24 -20.64
N ARG I 242 12.38 -3.47 -20.16
CA ARG I 242 12.89 -3.77 -18.81
C ARG I 242 13.79 -4.95 -18.80
N LEU I 243 14.74 -4.93 -17.86
CA LEU I 243 15.47 -6.13 -17.45
C LEU I 243 14.85 -6.71 -16.20
N LEU I 244 15.09 -8.00 -15.96
CA LEU I 244 15.06 -8.58 -14.61
C LEU I 244 16.38 -8.19 -13.95
N PRO I 245 16.35 -7.45 -12.83
CA PRO I 245 17.62 -6.93 -12.31
C PRO I 245 18.72 -7.96 -12.16
N GLY I 246 19.92 -7.53 -12.52
CA GLY I 246 21.12 -8.34 -12.42
C GLY I 246 21.38 -9.20 -13.65
N ARG I 247 20.47 -9.21 -14.60
CA ARG I 247 20.55 -10.10 -15.77
C ARG I 247 20.56 -9.25 -17.03
N PRO I 248 21.57 -9.41 -17.88
CA PRO I 248 21.65 -8.54 -19.07
C PRO I 248 20.55 -8.81 -20.11
N ALA I 249 19.97 -10.01 -20.10
CA ALA I 249 18.89 -10.40 -21.02
C ALA I 249 18.04 -11.38 -20.19
N PRO I 250 16.72 -11.48 -20.49
CA PRO I 250 16.10 -10.82 -21.64
C PRO I 250 15.75 -9.35 -21.34
N ALA I 251 15.49 -8.61 -22.39
CA ALA I 251 14.85 -7.32 -22.27
C ALA I 251 13.40 -7.54 -22.70
N TYR I 252 12.45 -7.03 -21.95
CA TYR I 252 11.04 -7.36 -22.25
C TYR I 252 10.17 -6.12 -22.02
N LEU I 253 9.06 -6.08 -22.72
CA LEU I 253 8.08 -4.98 -22.55
C LEU I 253 6.68 -5.58 -22.38
N ARG I 254 5.81 -4.84 -21.70
N ARG I 254 5.82 -4.85 -21.68
CA ARG I 254 4.41 -5.20 -21.55
CA ARG I 254 4.41 -5.17 -21.56
C ARG I 254 3.65 -4.36 -22.57
C ARG I 254 3.70 -4.34 -22.63
N TRP I 255 3.04 -5.02 -23.57
CA TRP I 255 2.40 -4.31 -24.65
C TRP I 255 1.36 -3.31 -24.11
N GLY I 256 1.41 -2.09 -24.61
CA GLY I 256 0.46 -1.07 -24.23
C GLY I 256 0.90 -0.22 -23.03
N ASP I 257 1.98 -0.58 -22.37
CA ASP I 257 2.45 0.20 -21.22
C ASP I 257 3.22 1.48 -21.62
N GLN J 7 -8.79 -34.29 -40.38
CA GLN J 7 -8.31 -33.49 -39.25
C GLN J 7 -8.38 -34.22 -37.92
N ASP J 8 -7.48 -33.82 -37.03
CA ASP J 8 -7.33 -34.54 -35.77
C ASP J 8 -8.27 -33.89 -34.72
N LEU J 9 -9.35 -34.58 -34.40
CA LEU J 9 -10.30 -33.96 -33.47
C LEU J 9 -9.72 -33.91 -32.06
N ARG J 10 -8.61 -34.61 -31.84
CA ARG J 10 -8.02 -34.58 -30.48
C ARG J 10 -7.33 -33.26 -30.16
N ALA J 11 -7.10 -32.41 -31.16
CA ALA J 11 -6.48 -31.10 -30.96
C ALA J 11 -7.47 -30.07 -30.48
N PHE J 12 -8.77 -30.42 -30.51
CA PHE J 12 -9.80 -29.60 -29.85
C PHE J 12 -9.96 -30.01 -28.39
N VAL J 13 -10.37 -29.06 -27.57
CA VAL J 13 -10.65 -29.40 -26.15
C VAL J 13 -11.78 -30.44 -26.11
N HIS J 14 -11.62 -31.48 -25.29
CA HIS J 14 -12.64 -32.53 -25.18
C HIS J 14 -12.42 -33.20 -23.85
N ASP J 15 -13.48 -33.84 -23.33
CA ASP J 15 -13.42 -34.51 -22.03
C ASP J 15 -12.48 -35.71 -22.03
N SER J 16 -11.70 -35.88 -20.96
CA SER J 16 -10.91 -37.08 -20.75
C SER J 16 -11.92 -38.17 -20.42
N PRO J 17 -11.51 -39.46 -20.52
CA PRO J 17 -12.39 -40.55 -20.08
C PRO J 17 -12.79 -40.41 -18.57
N GLU J 18 -11.85 -39.86 -17.78
CA GLU J 18 -12.18 -39.62 -16.32
C GLU J 18 -13.19 -38.52 -16.11
N GLU J 19 -13.11 -37.44 -16.89
CA GLU J 19 -14.15 -36.35 -16.77
C GLU J 19 -15.52 -36.92 -17.19
N THR J 20 -15.58 -37.69 -18.26
CA THR J 20 -16.80 -38.34 -18.62
C THR J 20 -17.34 -39.24 -17.52
N GLU J 21 -16.46 -40.04 -16.89
CA GLU J 21 -16.88 -40.97 -15.79
C GLU J 21 -17.40 -40.15 -14.61
N THR J 22 -16.69 -39.11 -14.14
CA THR J 22 -17.24 -38.23 -13.09
C THR J 22 -18.65 -37.75 -13.43
N THR J 23 -18.83 -37.32 -14.66
CA THR J 23 -20.05 -36.62 -15.04
C THR J 23 -21.17 -37.64 -15.04
N GLN J 24 -20.92 -38.81 -15.65
CA GLN J 24 -21.94 -39.86 -15.70
C GLN J 24 -22.25 -40.43 -14.34
N ARG J 25 -21.23 -40.58 -13.49
CA ARG J 25 -21.53 -41.06 -12.11
C ARG J 25 -22.39 -40.10 -11.32
N LEU J 26 -22.04 -38.82 -11.40
CA LEU J 26 -22.81 -37.83 -10.62
C LEU J 26 -24.20 -37.70 -11.15
N THR J 27 -24.39 -37.86 -12.48
CA THR J 27 -25.75 -37.83 -13.03
C THR J 27 -26.55 -38.99 -12.44
N LYS J 28 -25.94 -40.15 -12.36
CA LYS J 28 -26.66 -41.32 -11.86
C LYS J 28 -26.98 -41.16 -10.34
N LEU J 29 -26.03 -40.58 -9.63
CA LEU J 29 -26.15 -40.41 -8.20
C LEU J 29 -27.20 -39.32 -7.87
N LEU J 30 -27.39 -38.38 -8.79
CA LEU J 30 -28.36 -37.31 -8.56
C LEU J 30 -29.76 -37.87 -8.79
N THR J 31 -29.90 -38.67 -9.85
CA THR J 31 -31.21 -39.10 -10.28
C THR J 31 -31.66 -40.32 -9.51
N ASN J 32 -30.74 -40.97 -8.80
CA ASN J 32 -31.09 -42.13 -7.97
C ASN J 32 -30.67 -41.89 -6.53
N SER J 33 -30.92 -40.71 -6.05
CA SER J 33 -30.45 -40.33 -4.73
C SER J 33 -31.40 -40.75 -3.59
N PRO J 34 -30.81 -41.24 -2.45
CA PRO J 34 -31.56 -41.52 -1.23
C PRO J 34 -31.84 -40.21 -0.42
N ILE J 35 -31.26 -39.07 -0.82
CA ILE J 35 -31.67 -37.77 -0.24
C ILE J 35 -33.16 -37.57 -0.44
N PRO J 36 -33.90 -37.17 0.63
CA PRO J 36 -35.33 -36.86 0.46
C PRO J 36 -35.52 -35.80 -0.60
N THR J 37 -36.61 -35.88 -1.33
CA THR J 37 -36.78 -35.06 -2.52
C THR J 37 -36.66 -33.59 -2.19
N GLU J 38 -37.24 -33.19 -1.06
CA GLU J 38 -37.26 -31.78 -0.69
C GLU J 38 -35.90 -31.29 -0.18
N GLU J 39 -34.94 -32.21 0.03
CA GLU J 39 -33.59 -31.79 0.49
C GLU J 39 -32.57 -31.71 -0.67
N LEU J 40 -32.94 -32.18 -1.86
CA LEU J 40 -31.99 -32.15 -3.02
C LEU J 40 -31.46 -30.76 -3.26
N VAL J 41 -32.36 -29.76 -3.28
CA VAL J 41 -31.89 -28.37 -3.56
C VAL J 41 -31.11 -27.76 -2.40
N ASN J 42 -30.91 -28.51 -1.30
CA ASN J 42 -30.05 -28.02 -0.19
C ASN J 42 -28.69 -28.73 -0.19
N ASN J 43 -28.46 -29.56 -1.21
CA ASN J 43 -27.25 -30.37 -1.26
C ASN J 43 -26.67 -30.47 -2.68
N LEU J 44 -26.97 -29.50 -3.56
CA LEU J 44 -26.53 -29.55 -4.99
C LEU J 44 -24.99 -29.59 -5.17
N PRO J 45 -24.25 -29.02 -4.22
CA PRO J 45 -22.78 -29.14 -4.41
C PRO J 45 -22.26 -30.60 -4.42
N LEU J 46 -23.03 -31.53 -3.89
CA LEU J 46 -22.64 -32.93 -4.01
C LEU J 46 -22.45 -33.32 -5.50
N PHE J 47 -23.20 -32.66 -6.38
CA PHE J 47 -23.23 -33.08 -7.77
C PHE J 47 -22.52 -32.10 -8.75
N LEU J 48 -21.89 -31.08 -8.18
CA LEU J 48 -21.27 -29.96 -8.86
C LEU J 48 -19.80 -30.20 -8.97
N ARG J 49 -19.37 -30.73 -10.13
CA ARG J 49 -17.97 -31.15 -10.28
C ARG J 49 -17.05 -29.96 -10.57
N ARG J 50 -15.75 -30.19 -10.41
CA ARG J 50 -14.72 -29.15 -10.58
C ARG J 50 -14.94 -28.24 -11.80
N HIS J 51 -15.13 -28.84 -13.00
CA HIS J 51 -15.33 -28.01 -14.16
C HIS J 51 -16.50 -27.02 -14.03
N GLN J 52 -17.64 -27.52 -13.56
CA GLN J 52 -18.80 -26.62 -13.37
C GLN J 52 -18.68 -25.67 -12.18
N MSE J 53 -18.05 -26.15 -11.10
CA MSE J 53 -17.72 -25.24 -10.02
C MSE J 53 -16.83 -24.08 -10.46
O MSE J 53 -17.00 -22.92 -10.01
CB MSE J 53 -17.02 -26.03 -8.89
CG MSE J 53 -16.49 -25.11 -7.79
SE MSE J 53 -17.85 -24.18 -6.73
CE MSE J 53 -18.10 -25.59 -5.42
N THR J 54 -15.87 -24.37 -11.34
CA THR J 54 -15.01 -23.33 -11.87
C THR J 54 -15.81 -22.26 -12.64
N ASP J 55 -16.79 -22.71 -13.41
CA ASP J 55 -17.62 -21.78 -14.14
C ASP J 55 -18.33 -20.86 -13.17
N LEU J 56 -18.91 -21.44 -12.11
CA LEU J 56 -19.64 -20.69 -11.10
C LEU J 56 -18.73 -19.63 -10.45
N LEU J 57 -17.51 -20.03 -10.09
CA LEU J 57 -16.57 -19.10 -9.44
C LEU J 57 -16.16 -17.96 -10.40
N SER J 58 -16.00 -18.27 -11.70
CA SER J 58 -15.69 -17.26 -12.64
C SER J 58 -16.84 -16.28 -12.85
N MSE J 59 -18.08 -16.78 -12.94
CA MSE J 59 -19.18 -15.85 -13.02
C MSE J 59 -19.25 -14.91 -11.80
O MSE J 59 -19.54 -13.72 -11.94
CB MSE J 59 -20.53 -16.56 -13.22
CG MSE J 59 -20.70 -17.35 -14.57
SE MSE J 59 -20.24 -16.39 -16.18
CE MSE J 59 -18.42 -17.09 -16.35
N ASP J 60 -19.00 -15.49 -10.62
CA ASP J 60 -18.99 -14.70 -9.39
C ASP J 60 -17.87 -13.65 -9.46
N ALA J 61 -16.68 -14.01 -10.00
CA ALA J 61 -15.59 -13.04 -10.12
C ALA J 61 -15.96 -11.91 -11.04
N LEU J 62 -16.61 -12.21 -12.16
CA LEU J 62 -16.99 -11.14 -13.07
C LEU J 62 -18.07 -10.25 -12.43
N TYR J 63 -19.09 -10.87 -11.79
CA TYR J 63 -20.12 -10.08 -11.14
C TYR J 63 -19.52 -9.16 -10.06
N ARG J 64 -18.60 -9.68 -9.26
CA ARG J 64 -18.00 -8.82 -8.23
C ARG J 64 -17.26 -7.60 -8.82
N GLN J 65 -16.76 -7.70 -10.06
CA GLN J 65 -16.07 -6.61 -10.70
C GLN J 65 -16.99 -5.48 -11.14
N VAL J 66 -18.31 -5.72 -11.21
CA VAL J 66 -19.23 -4.66 -11.62
C VAL J 66 -20.21 -4.23 -10.53
N LEU J 67 -19.96 -4.60 -9.28
CA LEU J 67 -20.86 -4.20 -8.19
C LEU J 67 -20.83 -2.67 -7.98
N ASP J 68 -19.76 -2.01 -8.43
CA ASP J 68 -19.74 -0.55 -8.43
C ASP J 68 -19.95 0.10 -9.78
N VAL J 69 -20.56 -0.64 -10.72
CA VAL J 69 -20.82 -0.07 -12.06
C VAL J 69 -22.36 -0.15 -12.31
N PRO J 70 -22.97 0.95 -12.77
CA PRO J 70 -24.41 0.96 -13.06
C PRO J 70 -24.73 0.04 -14.24
N GLY J 71 -26.00 -0.33 -14.38
CA GLY J 71 -26.46 -0.99 -15.59
C GLY J 71 -26.84 -2.43 -15.40
N VAL J 72 -27.01 -3.08 -16.55
CA VAL J 72 -27.58 -4.37 -16.59
C VAL J 72 -26.54 -5.45 -16.92
N ILE J 73 -26.92 -6.71 -16.77
CA ILE J 73 -26.10 -7.85 -17.13
C ILE J 73 -26.75 -8.50 -18.34
N MSE J 74 -26.01 -8.70 -19.41
CA MSE J 74 -26.55 -9.35 -20.59
C MSE J 74 -25.69 -10.61 -20.90
O MSE J 74 -24.46 -10.57 -20.84
CB MSE J 74 -26.46 -8.45 -21.82
CG MSE J 74 -27.35 -7.21 -21.72
SE MSE J 74 -27.26 -6.17 -23.35
CE MSE J 74 -28.75 -5.03 -22.85
N GLU J 75 -26.34 -11.69 -21.29
CA GLU J 75 -25.64 -12.86 -21.85
C GLU J 75 -26.16 -13.06 -23.24
N PHE J 76 -25.20 -13.19 -24.18
CA PHE J 76 -25.55 -13.53 -25.55
C PHE J 76 -25.18 -14.96 -25.78
N GLY J 77 -26.19 -15.84 -25.88
CA GLY J 77 -25.99 -17.26 -25.94
C GLY J 77 -26.27 -17.89 -24.57
N VAL J 78 -27.51 -18.35 -24.39
CA VAL J 78 -28.02 -18.81 -23.09
C VAL J 78 -28.10 -20.31 -22.96
N ARG J 79 -28.50 -20.97 -24.02
CA ARG J 79 -28.72 -22.44 -24.01
C ARG J 79 -29.71 -22.79 -22.87
N PHE J 80 -29.38 -23.66 -21.93
CA PHE J 80 -30.34 -24.03 -20.87
C PHE J 80 -30.39 -23.01 -19.75
N GLY J 81 -29.46 -22.04 -19.74
CA GLY J 81 -29.54 -20.95 -18.75
C GLY J 81 -28.56 -21.09 -17.60
N ARG J 82 -27.56 -21.94 -17.70
CA ARG J 82 -26.54 -22.07 -16.65
C ARG J 82 -26.09 -20.74 -16.04
N HIS J 83 -25.67 -19.82 -16.89
CA HIS J 83 -25.16 -18.58 -16.36
C HIS J 83 -26.25 -17.68 -15.84
N LEU J 84 -27.44 -17.72 -16.46
CA LEU J 84 -28.54 -16.82 -15.96
C LEU J 84 -28.97 -17.24 -14.56
N GLY J 85 -29.03 -18.55 -14.30
CA GLY J 85 -29.30 -19.03 -12.93
C GLY J 85 -28.27 -18.55 -11.95
N THR J 86 -27.03 -18.65 -12.35
CA THR J 86 -25.92 -18.19 -11.52
C THR J 86 -26.06 -16.70 -11.22
N PHE J 87 -26.28 -15.89 -12.25
CA PHE J 87 -26.47 -14.46 -12.03
C PHE J 87 -27.68 -14.10 -11.16
N ALA J 88 -28.78 -14.85 -11.32
CA ALA J 88 -29.96 -14.60 -10.52
C ALA J 88 -29.67 -14.82 -9.05
N ALA J 89 -28.94 -15.89 -8.74
CA ALA J 89 -28.62 -16.15 -7.32
C ALA J 89 -27.59 -15.14 -6.79
N LEU J 90 -26.56 -14.83 -7.57
CA LEU J 90 -25.55 -13.89 -7.12
C LEU J 90 -26.17 -12.50 -6.89
N ARG J 91 -27.13 -12.11 -7.73
CA ARG J 91 -27.77 -10.83 -7.57
C ARG J 91 -28.47 -10.80 -6.22
N GLY J 92 -29.00 -11.93 -5.76
CA GLY J 92 -29.60 -11.99 -4.42
C GLY J 92 -28.51 -11.84 -3.37
N VAL J 93 -27.38 -12.55 -3.55
CA VAL J 93 -26.30 -12.40 -2.60
C VAL J 93 -25.77 -10.98 -2.43
N TYR J 94 -25.56 -10.26 -3.54
CA TYR J 94 -24.82 -8.99 -3.52
C TYR J 94 -25.71 -7.76 -3.58
N GLU J 95 -26.90 -7.85 -4.17
CA GLU J 95 -27.67 -6.63 -4.47
C GLU J 95 -29.19 -6.76 -4.18
N PRO J 96 -29.54 -7.09 -2.95
CA PRO J 96 -30.93 -7.08 -2.56
C PRO J 96 -31.64 -5.79 -2.90
N TYR J 97 -30.95 -4.64 -2.83
CA TYR J 97 -31.63 -3.37 -2.93
C TYR J 97 -31.48 -2.73 -4.31
N ASN J 98 -31.06 -3.51 -5.32
CA ASN J 98 -30.90 -2.96 -6.67
C ASN J 98 -31.91 -3.58 -7.66
N PRO J 99 -33.06 -2.92 -7.83
CA PRO J 99 -34.08 -3.43 -8.77
C PRO J 99 -33.77 -3.04 -10.25
N LEU J 100 -32.68 -2.27 -10.46
CA LEU J 100 -32.31 -1.81 -11.81
C LEU J 100 -31.36 -2.81 -12.46
N ARG J 101 -30.77 -3.70 -11.67
CA ARG J 101 -29.84 -4.70 -12.20
C ARG J 101 -30.62 -5.81 -12.90
N ARG J 102 -31.06 -5.51 -14.13
CA ARG J 102 -31.77 -6.45 -14.96
C ARG J 102 -30.78 -7.50 -15.50
N ILE J 103 -31.23 -8.73 -15.62
CA ILE J 103 -30.49 -9.80 -16.31
C ILE J 103 -31.24 -10.08 -17.59
N VAL J 104 -30.56 -9.88 -18.72
CA VAL J 104 -31.19 -10.12 -20.03
C VAL J 104 -30.41 -11.20 -20.83
N GLY J 105 -31.12 -12.21 -21.25
CA GLY J 105 -30.52 -13.35 -21.89
C GLY J 105 -31.06 -13.45 -23.31
N PHE J 106 -30.16 -13.46 -24.28
CA PHE J 106 -30.55 -13.53 -25.67
C PHE J 106 -30.20 -14.87 -26.26
N ASP J 107 -31.14 -15.44 -27.01
CA ASP J 107 -30.82 -16.66 -27.73
C ASP J 107 -31.92 -16.94 -28.75
N THR J 108 -31.60 -17.72 -29.78
CA THR J 108 -32.68 -18.22 -30.61
C THR J 108 -33.49 -19.26 -29.82
N PHE J 109 -32.78 -19.97 -28.92
CA PHE J 109 -33.24 -21.17 -28.22
C PHE J 109 -33.54 -22.32 -29.20
N THR J 110 -33.12 -22.17 -30.44
CA THR J 110 -33.23 -23.27 -31.39
C THR J 110 -31.87 -23.56 -31.98
N GLY J 111 -30.83 -23.14 -31.28
CA GLY J 111 -29.46 -23.43 -31.76
C GLY J 111 -28.95 -22.42 -32.77
N PHE J 112 -27.73 -22.67 -33.26
CA PHE J 112 -27.14 -21.73 -34.20
C PHE J 112 -28.05 -21.49 -35.40
N PRO J 113 -28.21 -20.22 -35.77
N PRO J 113 -28.36 -20.22 -35.75
CA PRO J 113 -28.54 -19.92 -37.17
CA PRO J 113 -29.32 -20.04 -36.86
C PRO J 113 -27.44 -20.48 -38.12
C PRO J 113 -28.69 -20.09 -38.27
N ASP J 114 -27.62 -20.28 -39.43
N ASP J 114 -27.37 -19.93 -38.32
CA ASP J 114 -26.55 -20.58 -40.38
CA ASP J 114 -26.57 -20.08 -39.55
C ASP J 114 -25.26 -19.86 -39.99
C ASP J 114 -25.13 -20.17 -39.08
N VAL J 115 -24.21 -20.65 -39.96
CA VAL J 115 -22.82 -20.35 -39.61
C VAL J 115 -22.06 -19.73 -40.79
N ASN J 116 -20.93 -19.09 -40.50
CA ASN J 116 -20.00 -18.54 -41.50
C ASN J 116 -18.89 -19.57 -41.75
N ASP J 117 -18.28 -19.52 -42.94
CA ASP J 117 -17.17 -20.40 -43.25
C ASP J 117 -16.08 -20.32 -42.17
N VAL J 118 -15.82 -19.15 -41.59
CA VAL J 118 -14.76 -19.05 -40.59
C VAL J 118 -15.11 -19.83 -39.30
N ASP J 119 -16.39 -20.12 -39.07
CA ASP J 119 -16.77 -20.87 -37.85
C ASP J 119 -16.64 -22.40 -38.08
N ARG J 120 -16.47 -22.80 -39.34
N ARG J 120 -16.44 -22.85 -39.33
CA ARG J 120 -16.45 -24.20 -39.69
CA ARG J 120 -16.53 -24.26 -39.67
C ARG J 120 -15.02 -24.74 -39.54
C ARG J 120 -15.19 -25.04 -39.47
N VAL J 121 -14.60 -24.93 -38.29
CA VAL J 121 -13.29 -25.49 -38.05
C VAL J 121 -13.49 -26.94 -37.59
N GLY J 122 -14.47 -27.14 -36.69
CA GLY J 122 -14.80 -28.47 -36.21
C GLY J 122 -16.19 -28.96 -36.64
N PRO J 123 -16.54 -30.19 -36.22
CA PRO J 123 -17.72 -30.89 -36.74
C PRO J 123 -19.03 -30.49 -36.07
N THR J 124 -18.95 -29.54 -35.17
CA THR J 124 -20.20 -29.11 -34.48
C THR J 124 -20.74 -27.76 -34.91
N ALA J 125 -20.08 -27.13 -35.88
CA ALA J 125 -20.52 -25.83 -36.38
C ALA J 125 -21.55 -26.06 -37.49
N TYR J 126 -22.79 -26.27 -37.08
CA TYR J 126 -23.90 -26.49 -37.97
C TYR J 126 -25.16 -25.84 -37.44
N GLN J 127 -26.05 -25.50 -38.35
N GLN J 127 -26.06 -25.51 -38.35
CA GLN J 127 -27.31 -24.89 -37.97
CA GLN J 127 -27.33 -24.91 -38.00
C GLN J 127 -28.06 -25.82 -37.00
C GLN J 127 -28.09 -25.81 -37.02
N GLY J 128 -28.58 -25.23 -35.93
CA GLY J 128 -29.33 -25.98 -34.94
C GLY J 128 -28.53 -26.56 -33.78
N ARG J 129 -27.20 -26.50 -33.85
CA ARG J 129 -26.36 -27.01 -32.76
C ARG J 129 -26.71 -26.17 -31.51
N PHE J 130 -26.91 -26.86 -30.39
CA PHE J 130 -27.25 -26.29 -29.05
C PHE J 130 -28.71 -25.96 -28.93
N ALA J 131 -29.53 -26.40 -29.88
CA ALA J 131 -30.98 -26.25 -29.75
C ALA J 131 -31.48 -26.80 -28.41
N VAL J 132 -32.45 -26.12 -27.82
CA VAL J 132 -33.08 -26.60 -26.58
C VAL J 132 -34.56 -26.87 -26.88
N PRO J 133 -35.24 -27.65 -26.01
CA PRO J 133 -36.56 -28.15 -26.43
C PRO J 133 -37.55 -27.06 -26.71
N GLY J 134 -38.56 -27.35 -27.55
CA GLY J 134 -39.72 -26.48 -27.71
C GLY J 134 -40.34 -26.13 -26.34
N GLY J 135 -40.60 -24.85 -26.14
CA GLY J 135 -41.14 -24.34 -24.90
C GLY J 135 -40.13 -24.16 -23.75
N TYR J 136 -38.86 -24.38 -24.04
CA TYR J 136 -37.82 -24.20 -23.05
C TYR J 136 -37.78 -22.78 -22.41
N PRO J 137 -37.92 -21.73 -23.24
CA PRO J 137 -37.86 -20.38 -22.63
C PRO J 137 -38.93 -20.19 -21.55
N ALA J 138 -40.17 -20.72 -21.74
CA ALA J 138 -41.15 -20.64 -20.66
C ALA J 138 -40.70 -21.31 -19.37
N TYR J 139 -40.07 -22.47 -19.49
CA TYR J 139 -39.52 -23.15 -18.31
C TYR J 139 -38.38 -22.36 -17.64
N LEU J 140 -37.45 -21.83 -18.44
CA LEU J 140 -36.35 -21.05 -17.91
C LEU J 140 -36.91 -19.82 -17.20
N LYS J 141 -37.99 -19.25 -17.78
CA LYS J 141 -38.61 -18.09 -17.16
C LYS J 141 -39.21 -18.49 -15.80
N GLU J 142 -39.81 -19.70 -15.75
CA GLU J 142 -40.38 -20.16 -14.44
C GLU J 142 -39.28 -20.34 -13.40
N VAL J 143 -38.12 -20.84 -13.82
CA VAL J 143 -36.96 -20.96 -12.89
C VAL J 143 -36.49 -19.60 -12.41
N LEU J 144 -36.30 -18.67 -13.33
CA LEU J 144 -35.91 -17.33 -12.90
C LEU J 144 -36.95 -16.64 -12.00
N ASP J 145 -38.25 -16.76 -12.31
CA ASP J 145 -39.28 -16.21 -11.46
C ASP J 145 -39.26 -16.90 -10.08
N ALA J 146 -38.87 -18.18 -10.02
CA ALA J 146 -38.78 -18.86 -8.70
C ALA J 146 -37.73 -18.24 -7.78
N HIS J 147 -36.56 -17.90 -8.35
CA HIS J 147 -35.54 -17.17 -7.60
C HIS J 147 -36.08 -15.83 -7.17
N GLU J 148 -36.72 -15.15 -8.10
CA GLU J 148 -37.18 -13.75 -7.88
C GLU J 148 -38.29 -13.59 -6.84
N CYS J 149 -39.06 -14.63 -6.58
N CYS J 149 -39.04 -14.67 -6.63
N CYS J 149 -39.02 -14.67 -6.63
CA CYS J 149 -40.15 -14.46 -5.64
CA CYS J 149 -40.08 -14.73 -5.62
CA CYS J 149 -40.10 -14.69 -5.68
C CYS J 149 -39.68 -14.38 -4.17
C CYS J 149 -39.60 -14.18 -4.29
C CYS J 149 -39.66 -14.34 -4.23
N SER J 150 -38.40 -14.60 -3.91
CA SER J 150 -37.85 -14.33 -2.58
C SER J 150 -36.81 -13.20 -2.63
N ASP J 151 -36.75 -12.46 -3.72
CA ASP J 151 -35.91 -11.27 -3.76
C ASP J 151 -36.54 -10.14 -2.94
N PHE J 152 -35.68 -9.31 -2.35
CA PHE J 152 -36.21 -8.11 -1.70
C PHE J 152 -37.08 -7.30 -2.62
N PHE J 153 -36.66 -7.12 -3.86
CA PHE J 153 -37.49 -6.39 -4.84
C PHE J 153 -38.26 -7.34 -5.75
N GLY J 154 -38.72 -8.48 -5.18
CA GLY J 154 -39.49 -9.47 -5.95
C GLY J 154 -40.80 -8.93 -6.53
N HIS J 155 -41.27 -7.77 -5.99
CA HIS J 155 -42.52 -7.16 -6.49
C HIS J 155 -42.27 -6.38 -7.80
N VAL J 156 -40.99 -6.17 -8.18
CA VAL J 156 -40.71 -5.48 -9.42
C VAL J 156 -40.50 -6.51 -10.53
N THR J 157 -41.29 -6.44 -11.62
CA THR J 157 -41.23 -7.42 -12.69
C THR J 157 -40.20 -6.98 -13.73
N GLN J 158 -39.99 -7.87 -14.70
N GLN J 158 -39.92 -7.88 -14.67
CA GLN J 158 -38.99 -7.69 -15.75
CA GLN J 158 -38.99 -7.60 -15.77
C GLN J 158 -37.62 -7.41 -15.18
C GLN J 158 -37.56 -7.41 -15.31
N ARG J 159 -37.25 -8.08 -14.06
N ARG J 159 -37.21 -7.97 -14.14
CA ARG J 159 -35.87 -8.01 -13.66
CA ARG J 159 -35.83 -7.86 -13.73
C ARG J 159 -35.04 -9.10 -14.33
C ARG J 159 -34.99 -9.00 -14.26
N SER J 160 -35.71 -10.13 -14.84
N SER J 160 -35.65 -9.94 -14.91
CA SER J 160 -35.06 -11.15 -15.69
CA SER J 160 -34.98 -10.93 -15.75
C SER J 160 -35.84 -11.23 -17.00
C SER J 160 -35.83 -11.05 -16.99
N VAL J 161 -35.16 -11.05 -18.13
CA VAL J 161 -35.85 -10.99 -19.42
C VAL J 161 -35.14 -11.94 -20.38
N LEU J 162 -35.94 -12.78 -21.03
CA LEU J 162 -35.44 -13.69 -22.05
C LEU J 162 -35.89 -13.17 -23.40
N VAL J 163 -34.93 -12.82 -24.25
CA VAL J 163 -35.21 -12.28 -25.59
C VAL J 163 -34.96 -13.37 -26.62
N GLU J 164 -36.02 -13.82 -27.28
CA GLU J 164 -35.96 -14.92 -28.25
C GLU J 164 -35.79 -14.42 -29.67
N GLY J 165 -34.78 -14.98 -30.31
CA GLY J 165 -34.53 -14.68 -31.72
C GLY J 165 -33.07 -14.47 -32.06
N ASP J 166 -32.81 -14.08 -33.29
CA ASP J 166 -31.43 -13.88 -33.74
C ASP J 166 -30.92 -12.54 -33.19
N VAL J 167 -29.81 -12.58 -32.44
CA VAL J 167 -29.27 -11.35 -31.87
C VAL J 167 -28.98 -10.23 -32.84
N ARG J 168 -28.72 -10.56 -34.11
CA ARG J 168 -28.51 -9.52 -35.12
C ARG J 168 -29.69 -8.57 -35.17
N GLU J 169 -30.89 -9.12 -34.96
CA GLU J 169 -32.12 -8.29 -34.94
C GLU J 169 -32.54 -7.95 -33.48
N THR J 170 -32.41 -8.90 -32.56
CA THR J 170 -33.01 -8.69 -31.24
C THR J 170 -32.21 -7.79 -30.34
N VAL J 171 -30.88 -7.71 -30.52
CA VAL J 171 -30.10 -6.88 -29.59
C VAL J 171 -30.30 -5.39 -29.97
N PRO J 172 -30.18 -5.05 -31.27
CA PRO J 172 -30.50 -3.64 -31.61
C PRO J 172 -31.93 -3.25 -31.24
N ARG J 173 -32.90 -4.16 -31.39
N ARG J 173 -32.89 -4.16 -31.39
CA ARG J 173 -34.29 -3.83 -31.04
CA ARG J 173 -34.28 -3.84 -31.04
C ARG J 173 -34.42 -3.62 -29.54
C ARG J 173 -34.41 -3.62 -29.53
N TYR J 174 -33.82 -4.51 -28.73
CA TYR J 174 -33.88 -4.34 -27.29
C TYR J 174 -33.28 -2.98 -26.86
N LEU J 175 -32.12 -2.62 -27.42
CA LEU J 175 -31.47 -1.35 -27.06
C LEU J 175 -32.35 -0.16 -27.47
N ALA J 176 -32.95 -0.23 -28.68
CA ALA J 176 -33.82 0.86 -29.12
C ALA J 176 -35.02 1.05 -28.20
N GLU J 177 -35.54 -0.07 -27.67
CA GLU J 177 -36.72 -0.05 -26.76
C GLU J 177 -36.33 0.33 -25.34
N ASN J 178 -35.00 0.36 -25.06
CA ASN J 178 -34.56 0.57 -23.68
C ASN J 178 -33.46 1.62 -23.62
N PRO J 179 -33.79 2.89 -23.91
CA PRO J 179 -32.75 3.95 -24.05
C PRO J 179 -32.18 4.34 -22.65
N GLN J 180 -32.72 3.80 -21.57
CA GLN J 180 -32.13 3.94 -20.23
C GLN J 180 -30.92 3.02 -20.04
N THR J 181 -30.66 2.11 -20.99
CA THR J 181 -29.71 1.04 -20.71
C THR J 181 -28.28 1.57 -20.49
N VAL J 182 -27.66 1.08 -19.42
CA VAL J 182 -26.21 1.05 -19.30
C VAL J 182 -25.85 -0.43 -19.19
N ILE J 183 -24.77 -0.88 -19.84
CA ILE J 183 -24.43 -2.29 -19.73
C ILE J 183 -23.23 -2.41 -18.79
N ALA J 184 -23.43 -3.10 -17.66
CA ALA J 184 -22.36 -3.28 -16.70
C ALA J 184 -21.53 -4.48 -17.07
N LEU J 185 -22.18 -5.58 -17.49
CA LEU J 185 -21.46 -6.79 -17.85
C LEU J 185 -22.09 -7.39 -19.10
N ALA J 186 -21.27 -7.61 -20.12
CA ALA J 186 -21.70 -8.21 -21.36
C ALA J 186 -20.96 -9.51 -21.56
N TYR J 187 -21.69 -10.62 -21.50
CA TYR J 187 -21.09 -11.95 -21.57
C TYR J 187 -21.36 -12.59 -22.94
N PHE J 188 -20.32 -12.69 -23.76
CA PHE J 188 -20.43 -13.24 -25.10
C PHE J 188 -20.20 -14.74 -25.11
N ASP J 189 -21.26 -15.49 -25.46
CA ASP J 189 -21.17 -16.94 -25.52
C ASP J 189 -21.95 -17.43 -26.71
N LEU J 190 -21.77 -16.73 -27.84
CA LEU J 190 -22.46 -17.10 -29.11
C LEU J 190 -21.66 -18.09 -29.98
N ASP J 191 -20.35 -18.11 -29.76
CA ASP J 191 -19.34 -18.91 -30.51
C ASP J 191 -19.08 -18.35 -31.91
N LEU J 192 -20.13 -17.87 -32.59
CA LEU J 192 -20.06 -17.58 -34.03
C LEU J 192 -19.58 -16.15 -34.34
N TYR J 193 -18.85 -16.02 -35.45
CA TYR J 193 -18.29 -14.73 -35.88
C TYR J 193 -19.34 -13.63 -36.11
N GLU J 194 -20.31 -13.90 -37.00
CA GLU J 194 -21.26 -12.82 -37.41
C GLU J 194 -22.09 -12.21 -36.26
N PRO J 195 -22.73 -13.05 -35.42
CA PRO J 195 -23.52 -12.44 -34.35
C PRO J 195 -22.63 -11.75 -33.30
N THR J 196 -21.42 -12.29 -33.06
CA THR J 196 -20.52 -11.60 -32.12
C THR J 196 -20.17 -10.23 -32.65
N LYS J 197 -19.79 -10.16 -33.92
CA LYS J 197 -19.47 -8.87 -34.49
C LYS J 197 -20.66 -7.87 -34.40
N ALA J 198 -21.83 -8.37 -34.79
CA ALA J 198 -23.01 -7.51 -34.76
C ALA J 198 -23.34 -7.01 -33.34
N VAL J 199 -23.23 -7.88 -32.34
CA VAL J 199 -23.59 -7.46 -30.99
C VAL J 199 -22.51 -6.51 -30.44
N LEU J 200 -21.20 -6.74 -30.78
CA LEU J 200 -20.14 -5.86 -30.25
C LEU J 200 -20.38 -4.45 -30.78
N GLU J 201 -20.81 -4.35 -32.04
CA GLU J 201 -21.07 -3.02 -32.63
C GLU J 201 -22.26 -2.34 -31.94
N ALA J 202 -23.30 -3.10 -31.70
CA ALA J 202 -24.51 -2.55 -31.10
C ALA J 202 -24.34 -2.09 -29.69
N ILE J 203 -23.66 -2.87 -28.87
CA ILE J 203 -23.59 -2.49 -27.42
C ILE J 203 -22.63 -1.37 -27.08
N ARG J 204 -21.75 -0.99 -28.01
CA ARG J 204 -20.69 -0.03 -27.68
C ARG J 204 -21.17 1.34 -27.05
N PRO J 205 -22.28 1.94 -27.57
CA PRO J 205 -22.69 3.22 -27.00
C PRO J 205 -23.30 3.09 -25.58
N TYR J 206 -23.44 1.87 -25.08
CA TYR J 206 -24.11 1.68 -23.79
C TYR J 206 -23.15 1.22 -22.70
N LEU J 207 -21.86 1.11 -23.03
CA LEU J 207 -20.84 0.73 -22.05
C LEU J 207 -20.28 1.97 -21.41
N THR J 208 -19.84 1.86 -20.16
CA THR J 208 -19.05 2.94 -19.52
C THR J 208 -17.63 2.47 -19.26
N LYS J 209 -16.72 3.37 -18.91
CA LYS J 209 -15.39 2.89 -18.49
C LYS J 209 -15.61 2.09 -17.22
N GLY J 210 -15.08 0.86 -17.20
CA GLY J 210 -15.31 -0.02 -16.10
C GLY J 210 -16.30 -1.12 -16.39
N SER J 211 -17.15 -0.95 -17.42
CA SER J 211 -17.99 -2.08 -17.85
C SER J 211 -17.12 -3.28 -18.25
N ILE J 212 -17.64 -4.47 -18.02
CA ILE J 212 -16.84 -5.67 -18.34
C ILE J 212 -17.39 -6.34 -19.54
N VAL J 213 -16.54 -6.61 -20.50
CA VAL J 213 -16.92 -7.40 -21.71
C VAL J 213 -16.13 -8.72 -21.64
N ALA J 214 -16.84 -9.85 -21.62
CA ALA J 214 -16.24 -11.15 -21.46
C ALA J 214 -16.59 -12.07 -22.62
N PHE J 215 -15.66 -12.96 -22.96
CA PHE J 215 -15.80 -13.89 -24.09
C PHE J 215 -15.57 -15.30 -23.59
N ASP J 216 -16.45 -16.21 -23.98
CA ASP J 216 -16.36 -17.56 -23.45
C ASP J 216 -15.40 -18.44 -24.30
N GLU J 217 -15.10 -18.04 -25.53
N GLU J 217 -15.14 -18.05 -25.53
CA GLU J 217 -14.25 -18.89 -26.41
CA GLU J 217 -14.29 -18.88 -26.42
C GLU J 217 -13.28 -18.08 -27.27
C GLU J 217 -13.36 -18.02 -27.30
N LEU J 218 -12.77 -16.98 -26.72
CA LEU J 218 -11.99 -16.03 -27.50
C LEU J 218 -10.78 -16.64 -28.28
N ASP J 219 -10.06 -17.56 -27.61
CA ASP J 219 -8.83 -18.11 -28.14
C ASP J 219 -8.90 -19.63 -28.33
N ASN J 220 -10.09 -20.11 -28.54
CA ASN J 220 -10.26 -21.55 -28.76
C ASN J 220 -10.17 -21.85 -30.27
N PRO J 221 -9.25 -22.75 -30.68
CA PRO J 221 -9.15 -23.10 -32.10
C PRO J 221 -10.45 -23.55 -32.75
N LYS J 222 -11.33 -24.17 -31.99
CA LYS J 222 -12.59 -24.64 -32.58
C LYS J 222 -13.53 -23.49 -32.98
N TRP J 223 -13.44 -22.37 -32.28
CA TRP J 223 -14.39 -21.25 -32.44
C TRP J 223 -13.62 -19.93 -32.52
N PRO J 224 -13.03 -19.63 -33.69
CA PRO J 224 -12.24 -18.39 -33.83
C PRO J 224 -13.13 -17.15 -34.08
N GLY J 225 -14.45 -17.33 -34.19
CA GLY J 225 -15.28 -16.20 -34.55
C GLY J 225 -15.25 -14.98 -33.60
N GLU J 226 -15.17 -15.18 -32.28
CA GLU J 226 -15.09 -14.00 -31.32
C GLU J 226 -13.80 -13.25 -31.59
N ASN J 227 -12.72 -14.01 -31.80
CA ASN J 227 -11.41 -13.40 -32.08
C ASN J 227 -11.48 -12.60 -33.38
N ILE J 228 -11.92 -13.26 -34.44
CA ILE J 228 -12.03 -12.58 -35.74
C ILE J 228 -12.90 -11.30 -35.61
N ALA J 229 -14.00 -11.44 -34.88
CA ALA J 229 -14.87 -10.26 -34.63
C ALA J 229 -14.14 -9.14 -33.85
N MSE J 230 -13.50 -9.50 -32.74
N MSE J 230 -13.50 -9.52 -32.76
CA MSE J 230 -12.75 -8.51 -31.98
CA MSE J 230 -12.74 -8.56 -31.97
C MSE J 230 -11.69 -7.83 -32.83
C MSE J 230 -11.73 -7.84 -32.85
O MSE J 230 -11.52 -6.62 -32.77
O MSE J 230 -11.64 -6.62 -32.82
CB MSE J 230 -12.07 -9.17 -30.78
CB MSE J 230 -12.01 -9.27 -30.82
CG MSE J 230 -12.96 -9.23 -29.56
CG MSE J 230 -10.94 -8.43 -30.16
SE MSE J 230 -13.31 -7.45 -28.84
SE MSE J 230 -11.64 -7.58 -28.58
CE MSE J 230 -11.71 -6.97 -27.70
CE MSE J 230 -13.26 -6.80 -29.37
N ARG J 231 -10.99 -8.59 -33.67
CA ARG J 231 -9.91 -7.98 -34.46
C ARG J 231 -10.49 -7.03 -35.51
N LYS J 232 -11.71 -7.31 -35.95
CA LYS J 232 -12.36 -6.47 -36.94
C LYS J 232 -12.91 -5.22 -36.31
N VAL J 233 -13.59 -5.38 -35.17
CA VAL J 233 -14.33 -4.25 -34.59
C VAL J 233 -13.43 -3.34 -33.75
N LEU J 234 -12.56 -3.92 -32.90
CA LEU J 234 -11.83 -3.11 -31.93
C LEU J 234 -10.33 -3.24 -31.99
N GLY J 235 -9.86 -4.44 -32.32
CA GLY J 235 -8.44 -4.76 -32.14
C GLY J 235 -8.24 -5.47 -30.82
N LEU J 236 -7.37 -6.46 -30.82
CA LEU J 236 -7.13 -7.24 -29.60
C LEU J 236 -6.39 -6.42 -28.55
N ASP J 237 -5.74 -5.31 -28.98
CA ASP J 237 -5.08 -4.47 -27.99
C ASP J 237 -5.83 -3.16 -27.73
N HIS J 238 -7.15 -3.14 -28.05
CA HIS J 238 -7.94 -1.97 -27.75
C HIS J 238 -8.02 -1.76 -26.25
N ALA J 239 -8.16 -2.89 -25.52
CA ALA J 239 -8.20 -2.91 -24.05
C ALA J 239 -7.41 -4.13 -23.59
N PRO J 240 -7.13 -4.26 -22.31
CA PRO J 240 -6.35 -5.40 -21.85
C PRO J 240 -7.21 -6.63 -21.59
N LEU J 241 -7.05 -7.65 -22.45
CA LEU J 241 -7.76 -8.90 -22.21
C LEU J 241 -7.08 -9.69 -21.09
N ARG J 242 -7.90 -10.31 -20.23
CA ARG J 242 -7.41 -11.01 -19.06
C ARG J 242 -8.05 -12.33 -18.89
N LEU J 243 -7.34 -13.24 -18.23
CA LEU J 243 -7.94 -14.45 -17.70
C LEU J 243 -8.04 -14.35 -16.24
N LEU J 244 -8.95 -15.12 -15.65
CA LEU J 244 -8.82 -15.51 -14.22
C LEU J 244 -7.76 -16.65 -14.14
N PRO J 245 -6.65 -16.39 -13.41
CA PRO J 245 -5.58 -17.37 -13.52
C PRO J 245 -5.97 -18.83 -13.29
N GLY J 246 -5.47 -19.72 -14.14
CA GLY J 246 -5.75 -21.13 -14.01
C GLY J 246 -6.90 -21.55 -14.88
N ARG J 247 -7.58 -20.59 -15.49
CA ARG J 247 -8.83 -20.90 -16.23
C ARG J 247 -8.70 -20.42 -17.67
N PRO J 248 -8.89 -21.30 -18.66
CA PRO J 248 -8.67 -20.87 -20.06
C PRO J 248 -9.70 -19.86 -20.54
N ALA J 249 -10.87 -19.84 -19.91
CA ALA J 249 -11.96 -18.94 -20.26
C ALA J 249 -12.72 -18.65 -18.94
N PRO J 250 -13.39 -17.49 -18.82
CA PRO J 250 -13.54 -16.47 -19.89
C PRO J 250 -12.30 -15.55 -20.03
N ALA J 251 -12.24 -14.87 -21.18
CA ALA J 251 -11.27 -13.83 -21.33
C ALA J 251 -12.11 -12.58 -21.19
N TYR J 252 -11.62 -11.56 -20.48
CA TYR J 252 -12.46 -10.40 -20.22
C TYR J 252 -11.63 -9.12 -20.21
N LEU J 253 -12.27 -8.01 -20.55
CA LEU J 253 -11.64 -6.73 -20.54
C LEU J 253 -12.50 -5.75 -19.80
N ARG J 254 -11.86 -4.74 -19.24
N ARG J 254 -11.86 -4.74 -19.22
CA ARG J 254 -12.55 -3.63 -18.58
CA ARG J 254 -12.54 -3.62 -18.58
C ARG J 254 -12.55 -2.48 -19.57
C ARG J 254 -12.54 -2.50 -19.61
N TRP J 255 -13.72 -2.05 -20.00
CA TRP J 255 -13.83 -1.06 -21.02
C TRP J 255 -13.12 0.22 -20.61
N GLY J 256 -12.35 0.76 -21.56
CA GLY J 256 -11.61 1.97 -21.27
C GLY J 256 -10.20 1.78 -20.70
N ASP J 257 -9.86 0.54 -20.30
CA ASP J 257 -8.55 0.34 -19.68
C ASP J 257 -7.44 0.22 -20.74
N SAH K . -28.14 7.30 24.30
CA SAH K . -29.14 8.43 24.52
CB SAH K . -28.77 9.21 25.78
CG SAH K . -28.78 8.35 27.08
SD SAH K . -28.98 9.41 28.52
C SAH K . -29.13 9.34 23.33
O SAH K . -29.88 10.31 23.22
OXT SAH K . -28.38 9.07 22.37
C5' SAH K . -28.37 8.38 29.84
C4' SAH K . -29.33 7.22 30.19
O4' SAH K . -28.64 6.31 31.03
C3' SAH K . -30.60 7.68 30.92
O3' SAH K . -31.73 7.37 30.08
C2' SAH K . -30.53 6.83 32.18
O2' SAH K . -31.82 6.43 32.72
C1' SAH K . -29.64 5.63 31.79
N9 SAH K . -29.03 5.03 32.96
C8 SAH K . -28.11 5.59 33.79
N7 SAH K . -27.80 4.72 34.79
C5 SAH K . -28.57 3.60 34.61
C6 SAH K . -28.76 2.34 35.30
N6 SAH K . -28.04 2.09 36.44
N1 SAH K . -29.58 1.43 34.71
C2 SAH K . -30.30 1.67 33.59
N3 SAH K . -30.21 2.84 32.93
C4 SAH K . -29.36 3.80 33.40
N GLU L . -24.27 12.20 26.62
CA GLU L . -25.45 13.03 26.22
C GLU L . -25.08 13.96 25.02
O GLU L . -25.91 14.73 24.51
CB GLU L . -25.99 13.83 27.42
CG GLU L . -24.99 14.94 27.94
CD GLU L . -25.57 15.78 29.09
OE1 GLU L . -26.81 15.99 29.15
OE2 GLU L . -24.78 16.21 29.96
OXT GLU L . -23.94 13.98 24.51
NA NA M . -21.21 12.97 24.30
C1 EDO N . -22.03 10.32 20.03
O1 EDO N . -22.42 11.39 19.18
C2 EDO N . -21.25 11.02 21.14
O2 EDO N . -22.15 11.74 22.00
N SAH O . 0.38 37.83 -0.76
CA SAH O . 0.00 38.97 0.13
CB SAH O . -1.28 39.68 -0.31
CG SAH O . -1.12 40.37 -1.68
SD SAH O . -2.42 41.56 -1.91
C SAH O . -0.21 38.38 1.52
O SAH O . -0.50 39.15 2.50
OXT SAH O . 0.01 37.18 1.75
C5' SAH O . -2.48 41.77 -3.69
C4' SAH O . -1.18 42.37 -4.31
O4' SAH O . -1.23 42.21 -5.73
C3' SAH O . -1.15 43.89 -4.04
O3' SAH O . 0.00 44.23 -3.23
C2' SAH O . -1.12 44.48 -5.44
O2' SAH O . -0.32 45.68 -5.59
C1' SAH O . -0.55 43.31 -6.28
N9 SAH O . -0.91 43.43 -7.71
C8 SAH O . -2.14 43.37 -8.28
N7 SAH O . -1.97 43.60 -9.61
C5 SAH O . -0.66 43.81 -9.88
C6 SAH O . 0.10 44.08 -11.09
N6 SAH O . -0.53 44.25 -12.28
N1 SAH O . 1.44 44.19 -10.94
C2 SAH O . 2.06 44.03 -9.73
N3 SAH O . 1.42 43.85 -8.57
C4 SAH O . 0.04 43.66 -8.64
N GLU P . -6.32 37.44 -0.77
CA GLU P . -6.15 38.25 0.48
C GLU P . -6.57 37.40 1.69
O GLU P . -6.96 36.22 1.52
CB GLU P . -7.00 39.55 0.45
CG GLU P . -8.52 39.27 0.33
CD GLU P . -9.38 40.55 0.21
OE1 GLU P . -8.93 41.64 0.62
OE2 GLU P . -10.54 40.42 -0.20
OXT GLU P . -6.57 37.83 2.86
NA NA Q . -7.64 33.79 0.11
C1 EDO R . -3.69 30.79 1.93
O1 EDO R . -3.87 31.29 3.24
C2 EDO R . -4.98 31.23 1.18
O2 EDO R . -5.26 32.64 1.33
N SAH S . 8.25 25.41 26.88
CA SAH S . 8.94 26.75 26.98
CB SAH S . 10.29 26.68 27.72
CG SAH S . 10.15 26.15 29.14
SD SAH S . 11.66 26.57 30.07
C SAH S . 9.14 27.28 25.60
O SAH S . 9.70 28.38 25.43
OXT SAH S . 8.76 26.59 24.62
C5' SAH S . 11.55 25.42 31.42
C4' SAH S . 10.45 25.77 32.45
O4' SAH S . 10.31 24.64 33.34
C3' SAH S . 10.78 26.98 33.31
O3' SAH S . 9.78 28.02 33.10
C2' SAH S . 10.68 26.39 34.72
O2' SAH S . 10.17 27.29 35.73
C1' SAH S . 9.82 25.13 34.55
N9 SAH S . 10.01 24.18 35.66
C8 SAH S . 11.14 23.44 35.93
N7 SAH S . 10.98 22.71 37.03
C5 SAH S . 9.70 22.95 37.48
C6 SAH S . 8.87 22.48 38.60
N6 SAH S . 9.42 21.62 39.51
N1 SAH S . 7.57 22.92 38.66
C2 SAH S . 7.03 23.80 37.78
N3 SAH S . 7.76 24.33 36.75
C4 SAH S . 9.06 23.90 36.56
N GLU T . 14.69 23.70 26.07
CA GLU T . 14.90 25.16 25.71
C GLU T . 15.22 25.31 24.21
O GLU T . 15.16 24.30 23.49
CB GLU T . 15.99 25.83 26.58
CG GLU T . 17.38 25.22 26.42
CD GLU T . 18.43 25.86 27.34
OE1 GLU T . 18.34 27.06 27.69
OE2 GLU T . 19.41 25.16 27.65
OXT GLU T . 15.54 26.43 23.71
NA NA U . 15.28 21.51 22.82
C1 EDO V . 12.35 21.15 20.69
O1 EDO V . 12.88 22.27 21.43
C2 EDO V . 10.98 21.53 20.07
O2 EDO V . 11.19 22.61 19.15
C1 EDO W . 6.63 45.15 19.13
O1 EDO W . 7.46 45.95 19.96
C2 EDO W . 5.67 46.14 18.50
O2 EDO W . 4.80 45.31 17.74
N SAH X . -33.94 16.10 -5.23
CA SAH X . -35.32 15.91 -4.74
CB SAH X . -36.24 15.33 -5.83
CG SAH X . -36.31 16.12 -7.15
SD SAH X . -37.85 15.78 -8.01
C SAH X . -35.27 15.01 -3.53
O SAH X . -36.33 14.73 -2.90
OXT SAH X . -34.15 14.53 -3.13
C5' SAH X . -37.47 16.46 -9.64
C4' SAH X . -37.51 17.99 -9.67
O4' SAH X . -36.93 18.40 -10.91
C3' SAH X . -38.94 18.56 -9.59
O3' SAH X . -39.07 19.35 -8.40
C2' SAH X . -39.01 19.37 -10.88
O2' SAH X . -39.77 20.55 -10.77
C1' SAH X . -37.51 19.64 -11.21
N9 SAH X . -37.30 20.01 -12.63
C8 SAH X . -37.53 19.18 -13.68
N7 SAH X . -37.28 19.85 -14.83
C5 SAH X . -36.95 21.13 -14.50
C6 SAH X . -36.59 22.33 -15.24
N6 SAH X . -36.61 22.32 -16.59
N1 SAH X . -36.28 23.44 -14.51
C2 SAH X . -36.30 23.47 -13.15
N3 SAH X . -36.69 22.41 -12.42
C4 SAH X . -36.97 21.23 -13.06
N GLU Y . -35.79 10.38 -8.35
CA GLU Y . -36.80 10.35 -7.23
C GLU Y . -36.54 9.17 -6.29
O GLU Y . -37.34 8.90 -5.35
CB GLU Y . -38.27 10.30 -7.77
CG GLU Y . -38.52 9.11 -8.69
CD GLU Y . -39.97 8.99 -9.17
OE1 GLU Y . -40.91 9.57 -8.59
OE2 GLU Y . -40.20 8.24 -10.11
OXT GLU Y . -35.53 8.48 -6.43
NA NA Z . -33.21 7.40 -7.72
C1 EDO AA . -29.84 8.91 -4.05
O1 EDO AA . -30.53 8.39 -2.93
C2 EDO AA . -30.41 8.24 -5.29
O2 EDO AA . -31.82 8.48 -5.41
C1 EDO BA . -43.91 16.70 14.06
O1 EDO BA . -44.74 17.34 15.04
C2 EDO BA . -44.68 16.75 12.77
O2 EDO BA . -46.07 16.51 13.01
N SAH CA . 16.94 -34.22 0.00
CA SAH CA . 17.01 -35.45 -0.86
CB SAH CA . 16.22 -36.66 -0.31
CG SAH CA . 16.62 -37.14 1.10
SD SAH CA . 16.14 -38.84 1.39
C SAH CA . 16.44 -35.06 -2.17
O SAH CA . 16.41 -35.90 -3.11
OXT SAH CA . 16.04 -33.90 -2.35
C5' SAH CA . 16.30 -38.97 3.21
C4' SAH CA . 17.77 -39.03 3.65
O4' SAH CA . 17.76 -38.83 5.06
C3' SAH CA . 18.46 -40.38 3.33
O3' SAH CA . 19.59 -40.15 2.43
C2' SAH CA . 18.85 -40.81 4.73
O2' SAH CA . 20.09 -41.53 4.75
C1' SAH CA . 18.91 -39.49 5.53
N9 SAH CA . 18.83 -39.69 7.02
C8 SAH CA . 17.78 -40.21 7.68
N7 SAH CA . 18.08 -40.33 8.98
C5 SAH CA . 19.33 -39.92 9.16
C6 SAH CA . 20.25 -39.79 10.28
N6 SAH CA . 19.89 -40.18 11.54
N1 SAH CA . 21.47 -39.28 9.99
C2 SAH CA . 21.90 -38.93 8.77
N3 SAH CA . 21.10 -39.03 7.68
C4 SAH CA . 19.84 -39.50 7.85
N GLU DA . 10.75 -36.90 0.77
CA GLU DA . 11.19 -37.53 -0.56
C GLU DA . 10.35 -37.05 -1.75
O GLU DA . 9.44 -36.22 -1.56
CB GLU DA . 11.12 -39.08 -0.51
CG GLU DA . 9.69 -39.60 -0.27
CD GLU DA . 9.60 -41.13 -0.23
OE1 GLU DA . 10.35 -41.82 -0.95
OE2 GLU DA . 8.70 -41.62 0.46
OXT GLU DA . 10.55 -37.48 -2.91
NA NA EA . 7.88 -34.29 -0.07
C1 EDO FA . 9.97 -29.93 -1.98
O1 EDO FA . 9.93 -30.30 -3.35
C2 EDO FA . 9.04 -30.93 -1.29
O2 EDO FA . 9.48 -32.25 -1.43
N SAH GA . 36.19 -0.30 11.93
CA SAH GA . 37.57 -0.38 11.32
CB SAH GA . 38.24 -1.70 11.62
CG SAH GA . 38.42 -1.99 13.14
SD SAH GA . 39.64 -3.30 13.27
C SAH GA . 37.41 -0.16 9.83
O SAH GA . 36.28 0.08 9.34
OXT SAH GA . 38.41 -0.15 9.07
C5' SAH GA . 39.31 -3.82 14.96
C4' SAH GA . 39.70 -2.79 16.05
O4' SAH GA . 39.12 -3.27 17.25
C3' SAH GA . 41.21 -2.74 16.27
O3' SAH GA . 41.62 -1.40 15.98
C2' SAH GA . 41.36 -3.11 17.71
O2' SAH GA . 42.37 -2.38 18.44
C1' SAH GA . 39.98 -2.78 18.28
N9 SAH GA . 39.71 -3.49 19.55
C8 SAH GA . 39.61 -4.84 19.68
N7 SAH GA . 39.39 -5.11 20.99
C5 SAH GA . 39.43 -3.96 21.67
C6 SAH GA . 39.27 -3.61 23.10
N6 SAH GA . 39.15 -4.58 24.03
N1 SAH GA . 39.26 -2.31 23.39
C2 SAH GA . 39.42 -1.32 22.44
N3 SAH GA . 39.65 -1.57 21.12
C4 SAH GA . 39.59 -2.89 20.73
N GLU HA . 36.37 -6.68 9.94
CA GLU HA . 37.47 -6.19 9.05
C GLU HA . 37.04 -6.25 7.58
O GLU HA . 35.88 -6.56 7.29
CB GLU HA . 38.81 -6.97 9.27
CG GLU HA . 38.66 -8.49 9.00
CD GLU HA . 39.98 -9.26 9.15
OE1 GLU HA . 41.07 -8.65 9.05
OE2 GLU HA . 39.92 -10.48 9.31
OXT GLU HA . 37.82 -6.02 6.64
NA NA IA . 33.24 -7.69 7.69
C1 EDO JA . 30.90 -4.80 6.80
O1 EDO JA . 32.31 -5.04 6.94
C2 EDO JA . 30.61 -3.33 6.48
O2 EDO JA . 31.19 -3.09 5.20
C1 EDO KA . 49.20 10.28 -2.14
O1 EDO KA . 48.30 9.25 -1.67
C2 EDO KA . 48.22 11.46 -2.27
O2 EDO KA . 48.93 12.46 -3.01
N SAH LA . 31.35 15.44 -14.77
CA SAH LA . 32.60 16.17 -14.27
CB SAH LA . 32.66 17.70 -14.69
CG SAH LA . 32.42 17.81 -16.25
SD SAH LA . 33.08 18.05 -17.89
C SAH LA . 32.68 15.93 -12.79
O SAH LA . 31.77 15.25 -12.24
OXT SAH LA . 33.67 16.39 -12.16
C5' SAH LA . 32.29 19.74 -18.19
C4' SAH LA . 33.11 19.12 -19.21
O4' SAH LA . 32.28 19.35 -20.36
C3' SAH LA . 34.49 19.72 -19.58
O3' SAH LA . 35.49 18.68 -19.27
C2' SAH LA . 34.30 20.06 -21.03
O2' SAH LA . 35.51 19.89 -21.78
C1' SAH LA . 33.12 19.18 -21.48
N9 SAH LA . 32.47 19.68 -22.72
C8 SAH LA . 31.78 20.85 -22.87
N7 SAH LA . 31.40 21.05 -24.13
C5 SAH LA . 31.88 19.93 -24.82
C6 SAH LA . 31.80 19.50 -26.21
N6 SAH LA . 31.20 20.27 -27.17
N1 SAH LA . 32.38 18.30 -26.47
C2 SAH LA . 33.01 17.51 -25.58
N3 SAH LA . 33.14 17.89 -24.27
C4 SAH LA . 32.58 19.06 -23.88
N GLU MA . 28.99 21.32 -12.77
CA GLU MA . 30.24 21.39 -11.96
C GLU MA . 29.94 21.26 -10.47
O GLU MA . 28.77 21.03 -10.11
CB GLU MA . 31.09 22.68 -12.23
CG GLU MA . 30.31 23.99 -11.97
CD GLU MA . 31.17 25.24 -12.17
OE1 GLU MA . 32.43 25.17 -12.13
OE2 GLU MA . 30.57 26.33 -12.30
OXT GLU MA . 30.84 21.35 -9.61
NA NA NA . 25.91 20.93 -10.23
C1 EDO OA . 25.52 16.03 -8.94
O1 EDO OA . 26.23 15.94 -7.72
C2 EDO OA . 25.29 17.52 -9.18
O2 EDO OA . 26.56 18.11 -9.43
N SAH PA . -22.96 -29.60 7.67
CA SAH PA . -24.32 -30.09 7.29
CB SAH PA . -25.36 -29.99 8.42
CG SAH PA . -24.93 -30.70 9.75
SD SAH PA . -26.38 -30.99 10.79
C SAH PA . -24.77 -29.28 6.12
O SAH PA . -23.98 -28.45 5.64
OXT SAH PA . -25.95 -29.44 5.64
C5' SAH PA . -25.60 -31.43 12.35
C4' SAH PA . -25.00 -32.82 12.37
O4' SAH PA . -24.19 -32.93 13.55
C3' SAH PA . -26.03 -33.98 12.45
O3' SAH PA . -25.87 -34.79 11.24
C2' SAH PA . -25.65 -34.70 13.73
O2' SAH PA . -25.83 -36.09 13.66
C1' SAH PA . -24.16 -34.29 13.87
N9 SAH PA . -23.72 -34.50 15.26
C8 SAH PA . -24.18 -33.82 16.34
N7 SAH PA . -23.61 -34.30 17.44
C5 SAH PA . -22.78 -35.29 17.08
C6 SAH PA . -21.88 -36.22 17.79
N6 SAH PA . -21.72 -36.20 19.14
N1 SAH PA . -21.16 -37.06 17.00
C2 SAH PA . -21.30 -37.15 15.65
N3 SAH PA . -22.14 -36.37 14.94
C4 SAH PA . -22.85 -35.43 15.63
N GLU QA . -26.88 -25.23 11.05
CA GLU QA . -27.85 -25.70 10.01
C GLU QA . -28.20 -24.56 9.04
O GLU QA . -29.16 -24.67 8.23
CB GLU QA . -29.14 -26.19 10.68
CG GLU QA . -29.85 -25.12 11.59
CD GLU QA . -31.16 -25.62 12.25
OE1 GLU QA . -31.75 -26.65 11.83
OE2 GLU QA . -31.59 -24.94 13.19
OXT GLU QA . -27.54 -23.50 9.07
NA NA RA . -25.82 -21.49 10.15
C1 EDO SA . -22.46 -21.44 6.36
O1 EDO SA . -23.35 -21.16 5.31
C2 EDO SA . -23.25 -20.97 7.58
O2 EDO SA . -24.30 -21.89 7.84
N GLU TA . 21.43 -15.79 -27.61
CA GLU TA . 22.22 -17.02 -27.24
C GLU TA . 22.69 -17.01 -25.77
O GLU TA . 22.43 -16.07 -25.01
CB GLU TA . 23.41 -17.23 -28.21
CG GLU TA . 24.45 -16.08 -28.18
CD GLU TA . 25.60 -16.30 -29.19
OE1 GLU TA . 26.24 -15.30 -29.56
OE2 GLU TA . 25.86 -17.45 -29.62
OXT GLU TA . 23.37 -17.94 -25.29
NA NA UA . 21.23 -13.54 -24.31
C1 EDO VA . 18.62 -14.50 -21.96
O1 EDO VA . 19.43 -15.24 -22.87
C2 EDO VA . 17.57 -15.39 -21.34
O2 EDO VA . 18.32 -16.10 -20.34
N SAH WA . 16.36 -20.17 -27.92
CA SAH WA . 17.55 -21.09 -28.07
CB SAH WA . 18.64 -20.38 -28.89
CG SAH WA . 18.22 -20.01 -30.36
SD SAH WA . 19.65 -19.77 -31.37
C SAH WA . 18.11 -21.44 -26.72
O SAH WA . 19.04 -22.25 -26.57
OXT SAH WA . 17.56 -20.96 -25.75
C5' SAH WA . 18.98 -18.79 -32.73
C4' SAH WA . 18.04 -19.62 -33.65
O4' SAH WA . 17.39 -18.68 -34.52
C3' SAH WA . 18.76 -20.65 -34.57
O3' SAH WA . 18.32 -21.94 -34.24
C2' SAH WA . 18.33 -20.13 -35.95
O2' SAH WA . 18.20 -21.23 -36.89
C1' SAH WA . 17.02 -19.43 -35.70
N9 SAH WA . 16.71 -18.47 -36.77
C8 SAH WA . 17.34 -17.34 -37.13
N7 SAH WA . 16.81 -16.72 -38.24
C5 SAH WA . 15.74 -17.54 -38.55
C6 SAH WA . 14.72 -17.48 -39.62
N6 SAH WA . 14.74 -16.48 -40.52
N1 SAH WA . 13.78 -18.42 -39.49
C2 SAH WA . 13.73 -19.42 -38.63
N3 SAH WA . 14.69 -19.58 -37.66
C4 SAH WA . 15.65 -18.63 -37.61
C1 EDO XA . 25.01 -38.79 -20.92
O1 EDO XA . 24.76 -39.95 -21.71
C2 EDO XA . 23.77 -38.44 -20.13
O2 EDO XA . 23.44 -39.59 -19.33
N SAH YA . -24.13 -19.84 -21.98
CA SAH YA . -24.50 -21.28 -22.16
CB SAH YA . -23.99 -21.92 -23.45
CG SAH YA . -24.38 -21.13 -24.74
SD SAH YA . -24.22 -22.19 -26.20
C SAH YA . -24.03 -22.07 -20.97
O SAH YA . -23.38 -21.50 -20.08
OXT SAH YA . -24.26 -23.32 -20.89
C5' SAH YA . -24.24 -20.98 -27.53
C4' SAH YA . -25.62 -20.37 -27.78
O4' SAH YA . -25.46 -19.25 -28.68
C3' SAH YA . -26.64 -21.33 -28.48
O3' SAH YA . -27.76 -21.57 -27.58
C2' SAH YA . -26.99 -20.60 -29.76
O2' SAH YA . -28.31 -20.85 -30.18
C1' SAH YA . -26.70 -19.16 -29.37
N9 SAH YA . -26.52 -18.34 -30.59
C8 SAH YA . -25.50 -18.47 -31.51
N7 SAH YA . -25.69 -17.56 -32.50
C5 SAH YA . -26.85 -16.89 -32.22
C6 SAH YA . -27.62 -15.83 -32.89
N6 SAH YA . -27.20 -15.29 -34.05
N1 SAH YA . -28.69 -15.37 -32.19
C2 SAH YA . -29.16 -15.90 -31.05
N3 SAH YA . -28.50 -16.89 -30.42
C4 SAH YA . -27.36 -17.39 -30.96
N GLU ZA . -18.68 -22.61 -24.87
CA GLU ZA . -19.27 -23.90 -24.38
C GLU ZA . -18.41 -24.52 -23.26
O GLU ZA . -18.70 -25.65 -22.77
CB GLU ZA . -19.39 -24.90 -25.54
CG GLU ZA . -18.05 -25.48 -26.06
CD GLU ZA . -18.25 -26.44 -27.26
OE1 GLU ZA . -17.30 -26.54 -28.06
OE2 GLU ZA . -19.33 -27.09 -27.41
OXT GLU ZA . -17.40 -23.92 -22.82
NA NA AB . -15.31 -21.91 -22.69
C1 EDO BB . -33.56 -35.09 -10.59
O1 EDO BB . -33.68 -36.08 -11.63
C2 EDO BB . -34.62 -35.37 -9.53
O2 EDO BB . -34.11 -36.34 -8.60
C1 EDO CB . -15.80 -20.16 -19.57
O1 EDO CB . -16.53 -21.18 -20.25
C2 EDO CB . -16.57 -19.70 -18.33
O2 EDO CB . -16.64 -20.87 -17.52
#